data_2LUL
#
_entry.id   2LUL
#
loop_
_entity.id
_entity.type
_entity.pdbx_description
1 polymer 'Tyrosine-protein kinase Tec'
2 non-polymer 'ZINC ION'
#
_entity_poly.entity_id   1
_entity_poly.type   'polypeptide(L)'
_entity_poly.pdbx_seq_one_letter_code
;MGHHHHHHSHMNFNTILEEILIKRSQQKKKTSPLNYKERLFVLTKSMLTYYEGRAEKKYRKGFIDVSKIKCVEIVKNDDG
VIPCQNKYPFQVVHDANTLYIFAPSPQSRDLWVKKLKEEIKNNNNIMIKYHPKFWTDGSYQCCRQTEKLAPGCEKYNLFE
SSIR
;
_entity_poly.pdbx_strand_id   A
#
# COMPACT_ATOMS: atom_id res chain seq x y z
N MET A 1 -18.28 25.86 -18.10
CA MET A 1 -16.80 25.92 -18.23
C MET A 1 -16.17 24.57 -17.86
N GLY A 2 -14.86 24.44 -18.13
CA GLY A 2 -14.09 23.26 -17.73
C GLY A 2 -14.39 22.04 -18.58
N HIS A 3 -14.48 22.24 -19.91
CA HIS A 3 -14.81 21.17 -20.88
C HIS A 3 -13.83 21.18 -22.06
N HIS A 4 -12.84 20.29 -21.96
CA HIS A 4 -11.90 19.96 -23.05
C HIS A 4 -11.08 18.72 -22.64
N HIS A 5 -10.47 18.05 -23.63
CA HIS A 5 -9.67 16.83 -23.40
C HIS A 5 -8.21 17.19 -23.05
N HIS A 6 -7.52 16.24 -22.40
CA HIS A 6 -6.10 16.39 -22.00
C HIS A 6 -5.46 14.99 -21.87
N HIS A 7 -5.91 14.05 -22.73
CA HIS A 7 -5.41 12.68 -22.74
C HIS A 7 -4.11 12.57 -23.56
N HIS A 8 -3.10 11.97 -22.95
CA HIS A 8 -1.85 11.57 -23.61
C HIS A 8 -1.44 10.19 -23.08
N SER A 9 -0.88 9.35 -23.95
CA SER A 9 -0.56 7.96 -23.62
C SER A 9 0.77 7.89 -22.83
N HIS A 10 0.67 8.17 -21.52
CA HIS A 10 1.79 7.93 -20.58
C HIS A 10 1.66 6.50 -20.07
N MET A 11 2.05 5.55 -20.94
CA MET A 11 1.97 4.12 -20.66
C MET A 11 3.11 3.67 -19.74
N ASN A 12 2.78 2.82 -18.76
CA ASN A 12 3.78 2.20 -17.89
C ASN A 12 4.43 1.00 -18.59
N PHE A 13 5.57 0.55 -18.07
CA PHE A 13 6.34 -0.58 -18.65
C PHE A 13 5.71 -1.93 -18.24
N ASN A 14 6.46 -3.04 -18.42
CA ASN A 14 5.95 -4.42 -18.21
C ASN A 14 5.29 -4.56 -16.81
N THR A 15 3.97 -4.76 -16.81
CA THR A 15 3.16 -4.83 -15.58
C THR A 15 3.14 -6.26 -15.00
N ILE A 16 3.17 -6.32 -13.68
CA ILE A 16 3.01 -7.56 -12.91
C ILE A 16 1.51 -7.83 -12.71
N LEU A 17 0.77 -6.76 -12.34
CA LEU A 17 -0.65 -6.86 -11.92
C LEU A 17 -1.29 -5.47 -11.87
N GLU A 18 -2.52 -5.35 -12.42
CA GLU A 18 -3.32 -4.11 -12.39
C GLU A 18 -4.75 -4.42 -11.88
N GLU A 19 -5.33 -3.44 -11.15
CA GLU A 19 -6.65 -3.60 -10.49
C GLU A 19 -7.22 -2.24 -10.07
N ILE A 20 -8.54 -2.14 -10.01
CA ILE A 20 -9.26 -0.96 -9.51
C ILE A 20 -9.29 -1.02 -7.97
N LEU A 21 -8.30 -0.37 -7.33
CA LEU A 21 -8.11 -0.40 -5.86
C LEU A 21 -8.53 0.92 -5.22
N ILE A 22 -8.75 0.90 -3.89
CA ILE A 22 -9.17 2.09 -3.12
C ILE A 22 -8.04 2.56 -2.19
N LYS A 23 -7.53 3.76 -2.44
CA LYS A 23 -6.51 4.41 -1.61
C LYS A 23 -7.18 5.22 -0.49
N ARG A 24 -6.97 4.81 0.77
CA ARG A 24 -7.35 5.62 1.93
C ARG A 24 -6.21 6.61 2.22
N SER A 25 -6.43 7.88 1.87
CA SER A 25 -5.44 8.94 2.08
C SER A 25 -5.39 9.34 3.56
N GLN A 26 -4.18 9.26 4.15
CA GLN A 26 -3.90 9.67 5.53
C GLN A 26 -3.95 11.21 5.63
N GLN A 27 -5.00 11.72 6.29
CA GLN A 27 -5.19 13.16 6.53
C GLN A 27 -4.28 13.66 7.68
N LYS A 28 -4.13 14.99 7.80
CA LYS A 28 -3.32 15.61 8.87
C LYS A 28 -3.64 17.11 8.95
N LYS A 29 -4.50 17.49 9.93
CA LYS A 29 -4.86 18.89 10.34
C LYS A 29 -5.24 19.84 9.16
N LYS A 30 -5.61 19.28 8.00
CA LYS A 30 -6.01 20.06 6.80
C LYS A 30 -7.44 19.69 6.38
N THR A 31 -7.92 20.33 5.30
CA THR A 31 -9.27 20.07 4.76
C THR A 31 -9.29 18.76 3.92
N SER A 32 -9.18 17.64 4.64
CA SER A 32 -9.17 16.28 4.05
C SER A 32 -9.78 15.29 5.07
N PRO A 33 -10.78 14.45 4.66
CA PRO A 33 -11.21 13.29 5.46
C PRO A 33 -10.32 12.06 5.19
N LEU A 34 -10.66 10.91 5.81
CA LEU A 34 -10.07 9.61 5.45
C LEU A 34 -10.70 9.16 4.14
N ASN A 35 -10.27 9.80 3.05
CA ASN A 35 -10.92 9.70 1.74
C ASN A 35 -10.62 8.32 1.14
N TYR A 36 -11.68 7.61 0.73
CA TYR A 36 -11.60 6.32 0.05
C TYR A 36 -11.69 6.60 -1.45
N LYS A 37 -10.53 6.53 -2.14
CA LYS A 37 -10.41 6.96 -3.53
C LYS A 37 -10.11 5.76 -4.42
N GLU A 38 -11.13 5.34 -5.17
CA GLU A 38 -11.08 4.15 -6.01
C GLU A 38 -10.50 4.51 -7.38
N ARG A 39 -9.23 4.14 -7.61
CA ARG A 39 -8.48 4.45 -8.85
C ARG A 39 -7.99 3.15 -9.51
N LEU A 40 -7.38 3.29 -10.69
CA LEU A 40 -6.71 2.18 -11.38
C LEU A 40 -5.23 2.15 -10.95
N PHE A 41 -4.86 1.11 -10.20
CA PHE A 41 -3.48 0.86 -9.74
C PHE A 41 -2.81 -0.18 -10.63
N VAL A 42 -1.64 0.15 -11.16
CA VAL A 42 -0.77 -0.78 -11.89
C VAL A 42 0.56 -0.95 -11.13
N LEU A 43 0.99 -2.20 -10.96
CA LEU A 43 2.26 -2.57 -10.32
C LEU A 43 3.25 -3.00 -11.39
N THR A 44 4.43 -2.37 -11.38
CA THR A 44 5.60 -2.78 -12.18
C THR A 44 6.77 -2.99 -11.20
N LYS A 45 7.84 -3.66 -11.68
CA LYS A 45 9.03 -3.95 -10.85
C LYS A 45 9.73 -2.66 -10.36
N SER A 46 9.51 -1.54 -11.07
CA SER A 46 10.12 -0.26 -10.71
C SER A 46 9.21 0.57 -9.79
N MET A 47 7.89 0.60 -10.08
CA MET A 47 6.94 1.52 -9.40
C MET A 47 5.51 0.95 -9.33
N LEU A 48 4.83 1.25 -8.22
CA LEU A 48 3.38 1.14 -8.07
C LEU A 48 2.78 2.53 -8.33
N THR A 49 2.00 2.65 -9.40
CA THR A 49 1.46 3.94 -9.86
C THR A 49 -0.04 3.82 -10.14
N TYR A 50 -0.83 4.78 -9.63
CA TYR A 50 -2.29 4.82 -9.86
C TYR A 50 -2.65 5.86 -10.93
N TYR A 51 -3.92 5.84 -11.36
CA TYR A 51 -4.40 6.62 -12.52
C TYR A 51 -5.69 7.36 -12.17
N GLU A 52 -5.65 8.69 -12.39
CA GLU A 52 -6.78 9.60 -12.18
C GLU A 52 -6.72 10.77 -13.19
N GLY A 53 -7.29 10.52 -14.38
CA GLY A 53 -7.46 11.55 -15.40
C GLY A 53 -8.63 12.45 -15.07
N ARG A 54 -8.44 13.28 -14.03
CA ARG A 54 -9.47 14.18 -13.51
C ARG A 54 -9.67 15.38 -14.46
N ALA A 55 -10.89 15.50 -15.02
CA ALA A 55 -11.29 16.62 -15.91
C ALA A 55 -12.10 17.65 -15.10
N GLU A 56 -11.50 18.07 -13.97
CA GLU A 56 -12.12 18.96 -12.98
C GLU A 56 -11.00 19.54 -12.09
N LYS A 57 -10.37 18.66 -11.30
CA LYS A 57 -9.32 19.04 -10.33
C LYS A 57 -7.93 18.71 -10.91
N LYS A 58 -6.91 19.50 -10.52
CA LYS A 58 -5.50 19.17 -10.77
C LYS A 58 -4.98 18.19 -9.68
N TYR A 59 -5.72 17.09 -9.52
CA TYR A 59 -5.56 16.11 -8.44
C TYR A 59 -4.16 15.43 -8.49
N ARG A 60 -3.69 15.05 -7.30
CA ARG A 60 -2.30 14.61 -7.07
C ARG A 60 -2.05 13.20 -7.64
N LYS A 61 -1.28 13.16 -8.74
CA LYS A 61 -0.85 11.91 -9.40
C LYS A 61 0.48 11.45 -8.79
N GLY A 62 0.38 10.87 -7.59
CA GLY A 62 1.53 10.33 -6.89
C GLY A 62 1.90 8.93 -7.34
N PHE A 63 3.01 8.42 -6.80
CA PHE A 63 3.55 7.10 -7.13
C PHE A 63 4.50 6.66 -6.02
N ILE A 64 4.63 5.35 -5.86
CA ILE A 64 5.49 4.72 -4.85
C ILE A 64 6.47 3.84 -5.60
N ASP A 65 7.76 3.94 -5.27
CA ASP A 65 8.78 3.03 -5.78
C ASP A 65 8.78 1.78 -4.89
N VAL A 66 9.04 0.63 -5.50
CA VAL A 66 9.09 -0.66 -4.78
C VAL A 66 10.20 -0.63 -3.70
N SER A 67 11.27 0.13 -3.98
CA SER A 67 12.42 0.31 -3.08
C SER A 67 12.09 1.17 -1.84
N LYS A 68 11.03 2.01 -1.96
CA LYS A 68 10.56 2.86 -0.86
C LYS A 68 9.83 2.03 0.20
N ILE A 69 9.26 0.90 -0.25
CA ILE A 69 8.44 0.02 0.59
C ILE A 69 9.31 -0.68 1.66
N LYS A 70 8.79 -0.71 2.89
CA LYS A 70 9.47 -1.27 4.07
C LYS A 70 8.74 -2.53 4.59
N CYS A 71 7.46 -2.67 4.24
CA CYS A 71 6.60 -3.78 4.69
C CYS A 71 5.31 -3.81 3.85
N VAL A 72 4.89 -5.01 3.40
CA VAL A 72 3.56 -5.25 2.82
C VAL A 72 2.94 -6.49 3.46
N GLU A 73 1.72 -6.32 3.99
CA GLU A 73 0.90 -7.37 4.59
C GLU A 73 -0.57 -7.08 4.34
N ILE A 74 -1.42 -8.08 4.64
CA ILE A 74 -2.85 -7.88 4.78
C ILE A 74 -3.14 -7.07 6.06
N VAL A 75 -4.28 -6.37 6.13
CA VAL A 75 -4.65 -5.63 7.35
C VAL A 75 -5.58 -6.52 8.18
N LYS A 76 -5.02 -7.13 9.21
CA LYS A 76 -5.79 -7.88 10.21
C LYS A 76 -6.53 -6.84 11.08
N ASN A 77 -7.80 -6.63 10.73
CA ASN A 77 -8.62 -5.52 11.23
C ASN A 77 -9.10 -5.80 12.67
N ASP A 78 -8.80 -4.84 13.56
CA ASP A 78 -9.12 -4.92 15.00
C ASP A 78 -10.56 -4.47 15.26
N ASP A 79 -11.12 -3.73 14.30
CA ASP A 79 -12.48 -3.17 14.35
C ASP A 79 -13.54 -4.25 14.03
N GLY A 80 -14.82 -3.88 14.15
CA GLY A 80 -15.93 -4.76 13.78
C GLY A 80 -16.20 -4.70 12.29
N VAL A 81 -16.56 -3.51 11.80
CA VAL A 81 -16.96 -3.28 10.39
C VAL A 81 -15.80 -2.64 9.60
N ILE A 82 -15.67 -3.03 8.31
CA ILE A 82 -14.79 -2.33 7.35
C ILE A 82 -15.57 -1.12 6.76
N PRO A 83 -15.06 0.14 6.94
CA PRO A 83 -15.82 1.38 6.59
C PRO A 83 -16.17 1.49 5.09
N CYS A 84 -15.19 1.17 4.23
CA CYS A 84 -15.28 1.36 2.77
C CYS A 84 -16.21 0.33 2.12
N GLN A 85 -16.67 0.65 0.89
CA GLN A 85 -17.54 -0.23 0.08
C GLN A 85 -16.81 -1.54 -0.28
N ASN A 86 -15.48 -1.43 -0.48
CA ASN A 86 -14.58 -2.56 -0.71
C ASN A 86 -14.01 -3.00 0.63
N LYS A 87 -13.65 -4.29 0.70
CA LYS A 87 -13.28 -4.96 1.95
C LYS A 87 -12.07 -5.86 1.74
N TYR A 88 -11.52 -6.34 2.87
CA TYR A 88 -10.22 -7.03 2.94
C TYR A 88 -9.11 -6.09 2.40
N PRO A 89 -8.71 -5.05 3.20
CA PRO A 89 -7.64 -4.12 2.80
C PRO A 89 -6.25 -4.72 3.05
N PHE A 90 -5.27 -4.23 2.30
CA PHE A 90 -3.85 -4.47 2.57
C PHE A 90 -3.14 -3.16 2.82
N GLN A 91 -1.93 -3.25 3.37
CA GLN A 91 -1.14 -2.09 3.79
C GLN A 91 0.26 -2.14 3.17
N VAL A 92 0.74 -0.96 2.77
CA VAL A 92 2.05 -0.76 2.16
C VAL A 92 2.75 0.35 2.95
N VAL A 93 3.67 -0.04 3.85
CA VAL A 93 4.54 0.90 4.55
C VAL A 93 5.62 1.35 3.56
N HIS A 94 5.89 2.65 3.52
CA HIS A 94 6.94 3.22 2.65
C HIS A 94 7.63 4.39 3.36
N ASP A 95 8.58 5.02 2.64
CA ASP A 95 9.46 6.10 3.13
C ASP A 95 8.73 7.19 3.93
N ALA A 96 7.51 7.55 3.49
CA ALA A 96 6.73 8.61 4.10
C ALA A 96 5.89 8.08 5.27
N ASN A 97 4.95 7.18 4.97
CA ASN A 97 3.94 6.71 5.95
C ASN A 97 3.47 5.29 5.61
N THR A 98 2.57 4.75 6.45
CA THR A 98 1.90 3.48 6.18
C THR A 98 0.59 3.76 5.40
N LEU A 99 0.60 3.42 4.10
CA LEU A 99 -0.57 3.59 3.22
C LEU A 99 -1.52 2.38 3.37
N TYR A 100 -2.83 2.63 3.20
CA TYR A 100 -3.88 1.59 3.33
C TYR A 100 -4.75 1.57 2.08
N ILE A 101 -4.77 0.41 1.42
CA ILE A 101 -5.45 0.20 0.13
C ILE A 101 -6.49 -0.94 0.26
N PHE A 102 -7.78 -0.61 0.08
CA PHE A 102 -8.88 -1.57 0.10
C PHE A 102 -9.05 -2.22 -1.28
N ALA A 103 -9.06 -3.56 -1.30
CA ALA A 103 -9.24 -4.34 -2.53
C ALA A 103 -10.74 -4.64 -2.75
N PRO A 104 -11.22 -4.72 -4.04
CA PRO A 104 -12.64 -5.09 -4.35
C PRO A 104 -13.01 -6.45 -3.74
N SER A 105 -12.09 -7.41 -3.89
CA SER A 105 -12.27 -8.79 -3.42
C SER A 105 -11.05 -9.23 -2.57
N PRO A 106 -11.23 -10.25 -1.66
CA PRO A 106 -10.08 -10.93 -0.97
C PRO A 106 -9.16 -11.70 -1.95
N GLN A 107 -9.61 -11.83 -3.22
CA GLN A 107 -8.84 -12.45 -4.31
C GLN A 107 -7.76 -11.47 -4.76
N SER A 108 -8.22 -10.21 -4.96
CA SER A 108 -7.38 -9.09 -5.35
C SER A 108 -6.33 -8.83 -4.27
N ARG A 109 -6.79 -8.65 -3.01
CA ARG A 109 -5.92 -8.43 -1.84
C ARG A 109 -4.80 -9.49 -1.76
N ASP A 110 -5.20 -10.77 -1.87
CA ASP A 110 -4.30 -11.93 -1.74
C ASP A 110 -3.15 -11.84 -2.74
N LEU A 111 -3.51 -11.62 -4.01
CA LEU A 111 -2.54 -11.60 -5.12
C LEU A 111 -1.65 -10.33 -5.05
N TRP A 112 -2.23 -9.19 -4.64
CA TRP A 112 -1.49 -7.91 -4.49
C TRP A 112 -0.44 -7.98 -3.38
N VAL A 113 -0.85 -8.37 -2.14
CA VAL A 113 0.08 -8.55 -0.99
C VAL A 113 1.23 -9.47 -1.39
N LYS A 114 0.85 -10.59 -2.01
CA LYS A 114 1.76 -11.63 -2.49
C LYS A 114 2.83 -11.07 -3.43
N LYS A 115 2.40 -10.44 -4.54
CA LYS A 115 3.29 -9.92 -5.58
C LYS A 115 4.18 -8.78 -5.06
N LEU A 116 3.64 -7.94 -4.17
CA LEU A 116 4.40 -6.85 -3.54
C LEU A 116 5.54 -7.42 -2.66
N LYS A 117 5.21 -8.41 -1.80
CA LYS A 117 6.21 -9.16 -1.00
C LYS A 117 7.30 -9.81 -1.89
N GLU A 118 6.85 -10.41 -3.01
CA GLU A 118 7.74 -11.05 -4.00
C GLU A 118 8.70 -10.05 -4.66
N GLU A 119 8.33 -8.76 -4.67
CA GLU A 119 9.19 -7.69 -5.19
C GLU A 119 10.12 -7.13 -4.11
N ILE A 120 9.55 -6.83 -2.94
CA ILE A 120 10.26 -6.10 -1.87
C ILE A 120 11.20 -7.04 -1.08
N LYS A 121 11.15 -8.35 -1.37
CA LYS A 121 12.01 -9.35 -0.71
C LYS A 121 13.51 -9.09 -0.96
N ASN A 122 13.83 -8.40 -2.07
CA ASN A 122 15.22 -8.09 -2.45
C ASN A 122 15.66 -6.70 -1.96
N ASN A 123 14.74 -5.94 -1.33
CA ASN A 123 15.05 -4.63 -0.74
C ASN A 123 15.78 -4.80 0.59
N ASN A 124 16.74 -3.90 0.86
CA ASN A 124 17.40 -3.79 2.18
C ASN A 124 16.69 -2.71 3.03
N ASN A 125 15.51 -2.27 2.57
CA ASN A 125 14.71 -1.21 3.23
C ASN A 125 13.59 -1.84 4.09
N ILE A 126 13.60 -3.16 4.22
CA ILE A 126 12.50 -3.92 4.83
C ILE A 126 12.70 -4.02 6.33
N MET A 127 11.70 -3.57 7.09
CA MET A 127 11.62 -3.75 8.54
C MET A 127 11.28 -5.22 8.83
N ILE A 128 12.02 -5.81 9.78
CA ILE A 128 11.86 -7.22 10.18
C ILE A 128 10.54 -7.42 11.00
N LYS A 129 9.90 -6.28 11.37
CA LYS A 129 8.60 -6.24 12.06
C LYS A 129 7.67 -5.26 11.28
N TYR A 130 6.34 -5.45 11.41
CA TYR A 130 5.31 -4.57 10.79
C TYR A 130 4.23 -4.20 11.82
N HIS A 131 3.31 -3.31 11.43
CA HIS A 131 2.15 -2.91 12.24
C HIS A 131 0.87 -3.59 11.71
N PRO A 132 0.19 -4.44 12.54
CA PRO A 132 -1.03 -5.19 12.14
C PRO A 132 -2.31 -4.32 11.95
N LYS A 133 -2.47 -3.27 12.79
CA LYS A 133 -3.71 -2.45 12.85
C LYS A 133 -3.64 -1.24 11.90
N PHE A 134 -4.72 -0.42 11.90
CA PHE A 134 -4.84 0.78 11.05
C PHE A 134 -4.06 1.97 11.65
N TRP A 135 -2.86 2.21 11.12
CA TRP A 135 -2.08 3.43 11.38
C TRP A 135 -2.80 4.66 10.78
N THR A 136 -3.64 5.26 11.61
CA THR A 136 -4.22 6.57 11.39
C THR A 136 -3.53 7.54 12.38
N ASP A 137 -3.29 8.80 11.98
CA ASP A 137 -2.43 9.74 12.72
C ASP A 137 -2.92 9.98 14.18
N GLY A 138 -2.04 9.68 15.16
CA GLY A 138 -2.29 9.92 16.59
C GLY A 138 -3.42 9.06 17.19
N SER A 139 -3.83 8.01 16.47
CA SER A 139 -4.97 7.15 16.85
C SER A 139 -4.52 5.96 17.73
N TYR A 140 -5.48 5.28 18.34
CA TYR A 140 -5.22 4.10 19.16
C TYR A 140 -5.22 2.83 18.28
N GLN A 141 -4.09 2.62 17.58
CA GLN A 141 -3.84 1.38 16.81
C GLN A 141 -3.12 0.35 17.72
N CYS A 142 -2.43 -0.62 17.11
CA CYS A 142 -1.76 -1.73 17.82
C CYS A 142 -0.85 -1.27 18.98
N CYS A 143 0.24 -0.57 18.64
CA CYS A 143 1.25 -0.13 19.62
C CYS A 143 0.96 1.27 20.20
N ARG A 144 -0.01 1.99 19.57
CA ARG A 144 -0.38 3.39 19.91
C ARG A 144 0.84 4.34 19.78
N GLN A 145 1.74 4.00 18.83
CA GLN A 145 2.98 4.75 18.55
C GLN A 145 2.87 5.57 17.25
N THR A 146 1.66 5.63 16.68
CA THR A 146 1.40 6.30 15.39
C THR A 146 1.65 7.83 15.48
N GLU A 147 2.88 8.20 15.11
CA GLU A 147 3.33 9.58 14.99
C GLU A 147 4.33 9.59 13.83
N LYS A 148 5.40 8.81 14.00
CA LYS A 148 6.47 8.65 13.00
C LYS A 148 6.69 7.14 12.81
N LEU A 149 7.35 6.74 11.71
CA LEU A 149 7.51 5.31 11.32
C LEU A 149 8.20 4.49 12.41
N ALA A 150 7.40 3.85 13.28
CA ALA A 150 7.88 2.88 14.26
C ALA A 150 8.29 1.59 13.51
N PRO A 151 9.37 0.86 13.96
CA PRO A 151 9.92 -0.31 13.22
C PRO A 151 9.08 -1.60 13.37
N GLY A 152 7.78 -1.47 13.72
CA GLY A 152 6.85 -2.60 13.77
C GLY A 152 6.70 -3.19 15.17
N CYS A 153 5.45 -3.50 15.57
CA CYS A 153 5.15 -4.10 16.89
C CYS A 153 5.00 -5.64 16.79
N GLU A 154 4.43 -6.13 15.68
CA GLU A 154 4.32 -7.59 15.40
C GLU A 154 5.42 -7.99 14.41
N LYS A 155 5.84 -9.25 14.45
CA LYS A 155 6.94 -9.77 13.62
C LYS A 155 6.49 -9.95 12.16
N TYR A 156 7.32 -9.47 11.24
CA TYR A 156 7.06 -9.55 9.80
C TYR A 156 7.84 -10.73 9.18
N ASN A 157 7.09 -11.71 8.66
CA ASN A 157 7.64 -12.79 7.84
C ASN A 157 7.66 -12.31 6.39
N LEU A 158 8.80 -11.73 5.97
CA LEU A 158 9.01 -11.26 4.58
C LEU A 158 8.81 -12.43 3.61
N PHE A 159 9.48 -13.55 3.93
CA PHE A 159 9.27 -14.84 3.26
C PHE A 159 8.36 -15.70 4.15
N GLU A 160 7.04 -15.58 3.95
CA GLU A 160 6.04 -16.38 4.67
C GLU A 160 5.67 -17.62 3.83
N SER A 161 5.72 -18.81 4.45
CA SER A 161 5.38 -20.07 3.79
C SER A 161 3.84 -20.26 3.74
N SER A 162 3.22 -19.80 2.66
CA SER A 162 1.77 -19.95 2.39
C SER A 162 1.41 -21.42 2.08
N ILE A 163 2.46 -22.23 1.82
CA ILE A 163 2.39 -23.66 1.48
C ILE A 163 1.55 -24.46 2.52
N ARG A 164 0.57 -25.22 2.01
CA ARG A 164 -0.29 -26.09 2.82
C ARG A 164 0.39 -27.47 2.99
N MET A 1 33.97 2.01 -17.53
CA MET A 1 33.60 2.22 -16.12
C MET A 1 33.24 3.70 -15.90
N GLY A 2 32.00 3.95 -15.46
CA GLY A 2 31.49 5.30 -15.25
C GLY A 2 30.00 5.37 -15.56
N HIS A 3 29.18 5.76 -14.55
CA HIS A 3 27.71 5.80 -14.67
C HIS A 3 27.26 6.87 -15.70
N HIS A 4 26.14 6.60 -16.37
CA HIS A 4 25.58 7.49 -17.39
C HIS A 4 24.12 7.80 -17.02
N HIS A 5 23.95 8.60 -15.94
CA HIS A 5 22.64 8.97 -15.42
C HIS A 5 22.00 10.06 -16.31
N HIS A 6 20.88 9.72 -16.95
CA HIS A 6 20.18 10.59 -17.91
C HIS A 6 18.79 10.99 -17.37
N HIS A 7 18.02 11.69 -18.23
CA HIS A 7 16.59 12.01 -17.99
C HIS A 7 15.76 10.73 -17.75
N HIS A 8 14.59 10.88 -17.09
CA HIS A 8 13.67 9.75 -16.86
C HIS A 8 13.10 9.29 -18.22
N SER A 9 13.10 7.98 -18.46
CA SER A 9 12.46 7.37 -19.63
C SER A 9 10.99 7.07 -19.30
N HIS A 10 10.19 6.83 -20.35
CA HIS A 10 8.78 6.42 -20.21
C HIS A 10 8.74 4.92 -19.86
N MET A 11 8.03 4.57 -18.77
CA MET A 11 7.97 3.19 -18.24
C MET A 11 7.05 2.28 -19.12
N ASN A 12 7.55 1.93 -20.32
CA ASN A 12 6.86 1.08 -21.30
C ASN A 12 7.22 -0.39 -21.04
N PHE A 13 6.87 -0.87 -19.83
CA PHE A 13 7.11 -2.25 -19.39
C PHE A 13 5.79 -3.00 -19.28
N ASN A 14 5.88 -4.33 -19.22
CA ASN A 14 4.72 -5.20 -19.00
C ASN A 14 4.38 -5.17 -17.50
N THR A 15 3.19 -4.61 -17.17
CA THR A 15 2.71 -4.50 -15.78
C THR A 15 2.54 -5.90 -15.14
N ILE A 16 3.06 -6.04 -13.91
CA ILE A 16 2.94 -7.27 -13.11
C ILE A 16 1.46 -7.53 -12.75
N LEU A 17 0.76 -6.44 -12.37
CA LEU A 17 -0.65 -6.51 -11.96
C LEU A 17 -1.25 -5.09 -11.90
N GLU A 18 -2.45 -4.92 -12.46
CA GLU A 18 -3.24 -3.68 -12.32
C GLU A 18 -4.62 -4.04 -11.76
N GLU A 19 -5.20 -3.10 -11.00
CA GLU A 19 -6.54 -3.27 -10.40
C GLU A 19 -7.09 -1.93 -9.91
N ILE A 20 -8.43 -1.82 -9.89
CA ILE A 20 -9.12 -0.74 -9.24
C ILE A 20 -9.17 -1.05 -7.72
N LEU A 21 -8.15 -0.55 -7.01
CA LEU A 21 -8.00 -0.67 -5.55
C LEU A 21 -8.33 0.68 -4.93
N ILE A 22 -8.87 0.67 -3.71
CA ILE A 22 -9.22 1.89 -2.99
C ILE A 22 -8.14 2.27 -1.98
N LYS A 23 -7.63 3.50 -2.11
CA LYS A 23 -6.66 4.12 -1.19
C LYS A 23 -7.42 4.91 -0.11
N ARG A 24 -6.95 4.84 1.15
CA ARG A 24 -7.50 5.68 2.23
C ARG A 24 -6.81 7.06 2.20
N SER A 25 -7.54 8.10 2.59
CA SER A 25 -7.03 9.46 2.67
C SER A 25 -6.44 9.66 4.07
N GLN A 26 -5.17 10.05 4.14
CA GLN A 26 -4.43 10.22 5.41
C GLN A 26 -4.19 11.71 5.69
N GLN A 27 -4.32 12.10 6.96
CA GLN A 27 -4.00 13.45 7.42
C GLN A 27 -3.43 13.38 8.83
N LYS A 28 -2.78 14.46 9.26
CA LYS A 28 -2.43 14.68 10.67
C LYS A 28 -3.43 15.69 11.24
N LYS A 29 -3.36 16.92 10.71
CA LYS A 29 -4.36 17.98 10.91
C LYS A 29 -4.45 18.78 9.61
N LYS A 30 -5.14 18.20 8.61
CA LYS A 30 -5.27 18.78 7.25
C LYS A 30 -6.75 18.86 6.85
N THR A 31 -7.04 19.61 5.78
CA THR A 31 -8.37 19.64 5.13
C THR A 31 -8.43 18.47 4.11
N SER A 32 -8.25 17.25 4.63
CA SER A 32 -8.23 16.00 3.85
C SER A 32 -8.83 14.88 4.72
N PRO A 33 -10.20 14.89 4.95
CA PRO A 33 -10.89 13.91 5.83
C PRO A 33 -10.62 12.45 5.41
N LEU A 34 -10.67 11.53 6.40
CA LEU A 34 -10.31 10.10 6.21
C LEU A 34 -11.38 9.42 5.33
N ASN A 35 -11.26 9.62 4.01
CA ASN A 35 -12.21 9.12 3.00
C ASN A 35 -11.60 7.95 2.24
N TYR A 36 -12.43 7.25 1.45
CA TYR A 36 -12.02 6.11 0.63
C TYR A 36 -12.05 6.54 -0.83
N LYS A 37 -10.95 6.32 -1.55
CA LYS A 37 -10.75 6.83 -2.91
C LYS A 37 -10.46 5.69 -3.90
N GLU A 38 -11.29 5.63 -4.94
CA GLU A 38 -11.21 4.62 -5.98
C GLU A 38 -10.05 4.96 -6.94
N ARG A 39 -9.03 4.08 -6.98
CA ARG A 39 -7.77 4.31 -7.72
C ARG A 39 -7.43 3.10 -8.62
N LEU A 40 -6.81 3.37 -9.77
CA LEU A 40 -6.22 2.33 -10.62
C LEU A 40 -4.72 2.18 -10.28
N PHE A 41 -4.42 1.23 -9.36
CA PHE A 41 -3.04 0.88 -9.03
C PHE A 41 -2.45 -0.03 -10.12
N VAL A 42 -1.45 0.48 -10.83
CA VAL A 42 -0.67 -0.26 -11.83
C VAL A 42 0.72 -0.56 -11.24
N LEU A 43 1.06 -1.84 -11.14
CA LEU A 43 2.32 -2.31 -10.55
C LEU A 43 3.29 -2.71 -11.68
N THR A 44 4.40 -1.99 -11.77
CA THR A 44 5.59 -2.41 -12.53
C THR A 44 6.67 -2.78 -11.52
N LYS A 45 7.71 -3.48 -11.98
CA LYS A 45 8.85 -3.90 -11.12
C LYS A 45 9.69 -2.71 -10.62
N SER A 46 9.45 -1.53 -11.21
CA SER A 46 10.14 -0.29 -10.83
C SER A 46 9.28 0.56 -9.87
N MET A 47 7.96 0.65 -10.14
CA MET A 47 7.04 1.56 -9.41
C MET A 47 5.59 1.03 -9.35
N LEU A 48 4.97 1.20 -8.17
CA LEU A 48 3.52 1.06 -7.97
C LEU A 48 2.90 2.47 -8.02
N THR A 49 2.21 2.78 -9.13
CA THR A 49 1.55 4.08 -9.34
C THR A 49 0.03 3.90 -9.21
N TYR A 50 -0.70 4.95 -8.76
CA TYR A 50 -2.18 4.91 -8.69
C TYR A 50 -2.78 6.16 -9.35
N TYR A 51 -3.76 5.95 -10.25
CA TYR A 51 -4.42 7.04 -11.02
C TYR A 51 -5.86 7.28 -10.55
N GLU A 52 -6.29 8.56 -10.62
CA GLU A 52 -7.63 9.01 -10.24
C GLU A 52 -8.45 9.43 -11.47
N GLY A 53 -9.80 9.37 -11.33
CA GLY A 53 -10.73 9.81 -12.40
C GLY A 53 -11.12 11.28 -12.29
N ARG A 54 -10.18 12.12 -11.79
CA ARG A 54 -10.37 13.58 -11.67
C ARG A 54 -10.09 14.26 -13.03
N ALA A 55 -11.00 15.18 -13.43
CA ALA A 55 -11.06 15.75 -14.80
C ALA A 55 -9.82 16.57 -15.21
N GLU A 56 -9.09 17.09 -14.20
CA GLU A 56 -7.89 17.92 -14.44
C GLU A 56 -6.67 17.29 -13.73
N LYS A 57 -6.69 17.25 -12.37
CA LYS A 57 -5.61 16.73 -11.53
C LYS A 57 -5.96 17.05 -10.05
N LYS A 58 -5.61 18.30 -9.63
CA LYS A 58 -5.67 18.84 -8.24
C LYS A 58 -5.30 17.81 -7.14
N TYR A 59 -6.23 16.89 -6.85
CA TYR A 59 -6.06 15.82 -5.86
C TYR A 59 -4.83 14.94 -6.24
N ARG A 60 -3.84 14.96 -5.34
CA ARG A 60 -2.50 14.39 -5.56
C ARG A 60 -2.52 12.85 -5.64
N LYS A 61 -1.79 12.32 -6.63
CA LYS A 61 -1.38 10.91 -6.68
C LYS A 61 0.12 10.79 -6.42
N GLY A 62 0.61 9.56 -6.35
CA GLY A 62 2.03 9.29 -6.19
C GLY A 62 2.42 7.96 -6.81
N PHE A 63 3.54 7.93 -7.55
CA PHE A 63 4.23 6.68 -7.88
C PHE A 63 5.21 6.34 -6.75
N ILE A 64 5.30 5.05 -6.44
CA ILE A 64 6.05 4.52 -5.29
C ILE A 64 7.14 3.60 -5.81
N ASP A 65 8.40 3.89 -5.45
CA ASP A 65 9.55 3.05 -5.83
C ASP A 65 9.46 1.71 -5.09
N VAL A 66 9.50 0.60 -5.85
CA VAL A 66 9.48 -0.77 -5.30
C VAL A 66 10.71 -1.01 -4.37
N SER A 67 11.83 -0.33 -4.70
CA SER A 67 13.07 -0.36 -3.89
C SER A 67 12.89 0.39 -2.53
N LYS A 68 11.98 1.38 -2.49
CA LYS A 68 11.72 2.21 -1.28
C LYS A 68 10.65 1.59 -0.36
N ILE A 69 9.95 0.54 -0.83
CA ILE A 69 8.94 -0.16 -0.02
C ILE A 69 9.64 -1.04 1.03
N LYS A 70 9.41 -0.70 2.31
CA LYS A 70 10.03 -1.37 3.46
C LYS A 70 9.20 -2.59 3.94
N CYS A 71 7.93 -2.68 3.51
CA CYS A 71 7.01 -3.77 3.94
C CYS A 71 5.69 -3.72 3.18
N VAL A 72 5.15 -4.90 2.82
CA VAL A 72 3.76 -5.07 2.32
C VAL A 72 3.15 -6.30 3.00
N GLU A 73 2.04 -6.08 3.71
CA GLU A 73 1.27 -7.17 4.34
C GLU A 73 -0.16 -6.69 4.57
N ILE A 74 -1.06 -7.64 4.86
CA ILE A 74 -2.47 -7.37 5.17
C ILE A 74 -2.63 -6.45 6.40
N VAL A 75 -3.78 -5.78 6.48
CA VAL A 75 -4.13 -4.93 7.63
C VAL A 75 -5.24 -5.66 8.42
N LYS A 76 -4.88 -6.13 9.61
CA LYS A 76 -5.82 -6.76 10.55
C LYS A 76 -6.84 -5.70 11.02
N ASN A 77 -8.03 -5.71 10.41
CA ASN A 77 -9.15 -4.84 10.83
C ASN A 77 -9.95 -5.55 11.94
N ASP A 78 -10.65 -4.74 12.73
CA ASP A 78 -11.27 -5.13 14.01
C ASP A 78 -12.79 -4.86 13.96
N ASP A 79 -13.42 -4.49 15.10
CA ASP A 79 -14.83 -4.03 15.14
C ASP A 79 -15.02 -2.77 14.27
N GLY A 80 -13.90 -2.06 14.02
CA GLY A 80 -13.84 -1.03 13.00
C GLY A 80 -14.07 -1.62 11.61
N VAL A 81 -15.35 -1.82 11.28
CA VAL A 81 -15.80 -2.36 9.99
C VAL A 81 -15.59 -1.30 8.90
N ILE A 82 -15.00 -1.71 7.77
CA ILE A 82 -14.70 -0.81 6.65
C ILE A 82 -16.01 -0.38 5.95
N PRO A 83 -16.41 0.94 6.01
CA PRO A 83 -17.59 1.46 5.28
C PRO A 83 -17.24 1.83 3.81
N CYS A 84 -16.67 0.84 3.10
CA CYS A 84 -16.23 0.96 1.71
C CYS A 84 -16.64 -0.31 0.94
N GLN A 85 -16.74 -0.19 -0.40
CA GLN A 85 -17.14 -1.32 -1.28
C GLN A 85 -16.00 -2.37 -1.37
N ASN A 86 -14.74 -1.90 -1.27
CA ASN A 86 -13.55 -2.77 -1.28
C ASN A 86 -13.25 -3.28 0.14
N LYS A 87 -12.99 -4.59 0.23
CA LYS A 87 -12.78 -5.34 1.49
C LYS A 87 -11.36 -5.96 1.50
N TYR A 88 -10.96 -6.49 2.66
CA TYR A 88 -9.62 -7.10 2.87
C TYR A 88 -8.50 -6.08 2.57
N PRO A 89 -8.24 -5.14 3.53
CA PRO A 89 -7.18 -4.13 3.37
C PRO A 89 -5.77 -4.73 3.42
N PHE A 90 -4.86 -4.17 2.64
CA PHE A 90 -3.42 -4.44 2.75
C PHE A 90 -2.66 -3.12 2.67
N GLN A 91 -1.57 -3.04 3.42
CA GLN A 91 -0.76 -1.82 3.54
C GLN A 91 0.53 -1.97 2.73
N VAL A 92 1.05 -0.83 2.28
CA VAL A 92 2.35 -0.72 1.63
C VAL A 92 3.12 0.36 2.39
N VAL A 93 3.99 -0.06 3.32
CA VAL A 93 4.87 0.87 4.03
C VAL A 93 5.95 1.29 3.03
N HIS A 94 5.71 2.45 2.40
CA HIS A 94 6.66 3.04 1.45
C HIS A 94 7.60 4.00 2.20
N ASP A 95 8.39 4.78 1.45
CA ASP A 95 9.43 5.65 1.99
C ASP A 95 8.91 6.61 3.08
N ALA A 96 7.90 7.42 2.71
CA ALA A 96 7.34 8.47 3.58
C ALA A 96 6.57 7.88 4.78
N ASN A 97 5.51 7.12 4.50
CA ASN A 97 4.60 6.59 5.55
C ASN A 97 4.01 5.23 5.14
N THR A 98 3.13 4.71 6.00
CA THR A 98 2.35 3.50 5.73
C THR A 98 1.09 3.85 4.89
N LEU A 99 1.04 3.34 3.66
CA LEU A 99 -0.11 3.49 2.76
C LEU A 99 -1.14 2.41 3.09
N TYR A 100 -2.44 2.75 3.07
CA TYR A 100 -3.53 1.80 3.35
C TYR A 100 -4.41 1.65 2.11
N ILE A 101 -4.37 0.43 1.54
CA ILE A 101 -5.10 0.05 0.32
C ILE A 101 -6.19 -0.98 0.68
N PHE A 102 -7.25 -1.07 -0.15
CA PHE A 102 -8.39 -1.99 0.03
C PHE A 102 -8.64 -2.73 -1.30
N ALA A 103 -8.74 -4.07 -1.26
CA ALA A 103 -8.91 -4.91 -2.46
C ALA A 103 -10.40 -5.11 -2.81
N PRO A 104 -10.78 -5.29 -4.12
CA PRO A 104 -12.20 -5.58 -4.49
C PRO A 104 -12.65 -6.99 -4.06
N SER A 105 -11.69 -7.93 -4.01
CA SER A 105 -11.97 -9.36 -3.72
C SER A 105 -10.93 -9.93 -2.72
N PRO A 106 -11.30 -11.00 -1.91
CA PRO A 106 -10.36 -11.67 -0.97
C PRO A 106 -9.15 -12.33 -1.69
N GLN A 107 -9.34 -12.71 -2.96
CA GLN A 107 -8.30 -13.40 -3.75
C GLN A 107 -7.36 -12.35 -4.38
N SER A 108 -7.93 -11.15 -4.67
CA SER A 108 -7.19 -10.01 -5.23
C SER A 108 -6.19 -9.49 -4.21
N ARG A 109 -6.64 -9.39 -2.94
CA ARG A 109 -5.79 -9.05 -1.79
C ARG A 109 -4.57 -9.99 -1.69
N ASP A 110 -4.85 -11.31 -1.74
CA ASP A 110 -3.82 -12.37 -1.61
C ASP A 110 -2.76 -12.26 -2.73
N LEU A 111 -3.26 -11.98 -3.95
CA LEU A 111 -2.41 -11.85 -5.15
C LEU A 111 -1.51 -10.60 -5.04
N TRP A 112 -2.13 -9.46 -4.68
CA TRP A 112 -1.44 -8.16 -4.55
C TRP A 112 -0.35 -8.17 -3.48
N VAL A 113 -0.66 -8.69 -2.26
CA VAL A 113 0.32 -8.75 -1.16
C VAL A 113 1.52 -9.60 -1.58
N LYS A 114 1.22 -10.76 -2.18
CA LYS A 114 2.24 -11.71 -2.70
C LYS A 114 3.18 -11.04 -3.72
N LYS A 115 2.58 -10.40 -4.75
CA LYS A 115 3.36 -9.76 -5.83
C LYS A 115 4.29 -8.69 -5.28
N LEU A 116 3.70 -7.75 -4.52
CA LEU A 116 4.41 -6.62 -3.91
C LEU A 116 5.56 -7.10 -2.99
N LYS A 117 5.22 -7.87 -1.93
CA LYS A 117 6.22 -8.30 -0.92
C LYS A 117 7.32 -9.22 -1.50
N GLU A 118 6.98 -10.03 -2.51
CA GLU A 118 7.98 -10.92 -3.16
C GLU A 118 8.80 -10.22 -4.27
N GLU A 119 8.36 -9.04 -4.74
CA GLU A 119 9.27 -8.17 -5.54
C GLU A 119 10.25 -7.46 -4.60
N ILE A 120 9.73 -6.91 -3.48
CA ILE A 120 10.52 -6.10 -2.54
C ILE A 120 11.37 -6.98 -1.59
N LYS A 121 11.17 -8.33 -1.62
CA LYS A 121 11.92 -9.26 -0.72
C LYS A 121 13.43 -9.23 -1.02
N ASN A 122 13.76 -8.84 -2.28
CA ASN A 122 15.15 -8.72 -2.77
C ASN A 122 15.85 -7.47 -2.17
N ASN A 123 15.04 -6.51 -1.66
CA ASN A 123 15.54 -5.28 -1.00
C ASN A 123 16.11 -5.61 0.40
N ASN A 124 16.95 -4.69 0.90
CA ASN A 124 17.53 -4.76 2.25
C ASN A 124 16.86 -3.72 3.17
N ASN A 125 15.68 -3.20 2.73
CA ASN A 125 14.91 -2.15 3.45
C ASN A 125 13.80 -2.78 4.29
N ILE A 126 13.68 -4.12 4.23
CA ILE A 126 12.52 -4.84 4.75
C ILE A 126 12.56 -4.86 6.26
N MET A 127 11.51 -4.29 6.88
CA MET A 127 11.35 -4.27 8.33
C MET A 127 10.92 -5.66 8.79
N ILE A 128 11.54 -6.14 9.87
CA ILE A 128 11.29 -7.48 10.45
C ILE A 128 9.89 -7.49 11.16
N LYS A 129 9.34 -6.29 11.39
CA LYS A 129 8.03 -6.07 12.02
C LYS A 129 7.20 -5.09 11.13
N TYR A 130 5.88 -5.02 11.34
CA TYR A 130 4.99 -4.02 10.68
C TYR A 130 3.88 -3.54 11.65
N HIS A 131 3.10 -2.54 11.21
CA HIS A 131 1.96 -1.98 11.96
C HIS A 131 0.62 -2.52 11.39
N PRO A 132 0.05 -3.62 11.98
CA PRO A 132 -1.06 -4.39 11.38
C PRO A 132 -2.44 -3.70 11.42
N LYS A 133 -2.57 -2.59 12.17
CA LYS A 133 -3.84 -1.84 12.28
C LYS A 133 -3.77 -0.56 11.42
N PHE A 134 -4.76 0.33 11.55
CA PHE A 134 -4.81 1.60 10.81
C PHE A 134 -4.25 2.73 11.67
N TRP A 135 -3.18 3.40 11.18
CA TRP A 135 -2.65 4.63 11.78
C TRP A 135 -3.70 5.76 11.69
N THR A 136 -4.49 5.87 12.76
CA THR A 136 -5.60 6.82 12.87
C THR A 136 -5.48 7.53 14.22
N ASP A 137 -5.25 8.85 14.18
CA ASP A 137 -5.07 9.69 15.36
C ASP A 137 -6.27 9.62 16.32
N GLY A 138 -6.09 8.94 17.48
CA GLY A 138 -7.13 8.83 18.52
C GLY A 138 -7.71 7.42 18.65
N SER A 139 -7.48 6.57 17.64
CA SER A 139 -8.01 5.18 17.62
C SER A 139 -7.06 4.22 18.38
N TYR A 140 -7.63 3.08 18.83
CA TYR A 140 -6.86 1.97 19.45
C TYR A 140 -6.03 1.25 18.37
N GLN A 141 -4.91 1.89 17.98
CA GLN A 141 -4.07 1.45 16.86
C GLN A 141 -3.19 0.24 17.25
N CYS A 142 -2.26 -0.08 16.34
CA CYS A 142 -1.29 -1.16 16.49
C CYS A 142 -0.43 -1.00 17.78
N CYS A 143 0.40 0.05 17.82
CA CYS A 143 1.12 0.46 19.05
C CYS A 143 0.62 1.84 19.54
N ARG A 144 -0.54 2.28 18.99
CA ARG A 144 -1.19 3.58 19.32
C ARG A 144 -0.39 4.78 18.75
N GLN A 145 0.72 4.49 18.03
CA GLN A 145 1.62 5.50 17.46
C GLN A 145 1.16 5.90 16.05
N THR A 146 1.31 7.18 15.74
CA THR A 146 1.02 7.76 14.42
C THR A 146 1.83 9.07 14.24
N GLU A 147 2.64 9.41 15.27
CA GLU A 147 3.40 10.68 15.34
C GLU A 147 4.55 10.69 14.33
N LYS A 148 5.22 9.52 14.18
CA LYS A 148 6.32 9.33 13.22
C LYS A 148 6.51 7.80 12.96
N LEU A 149 7.41 7.45 12.01
CA LEU A 149 7.67 6.06 11.59
C LEU A 149 8.31 5.24 12.73
N ALA A 150 7.98 3.94 12.72
CA ALA A 150 8.58 2.96 13.62
C ALA A 150 8.85 1.67 12.80
N PRO A 151 9.93 0.87 13.13
CA PRO A 151 10.26 -0.39 12.41
C PRO A 151 9.12 -1.46 12.45
N GLY A 152 8.12 -1.23 13.30
CA GLY A 152 6.92 -2.05 13.38
C GLY A 152 6.68 -2.56 14.80
N CYS A 153 5.41 -2.63 15.20
CA CYS A 153 5.03 -3.00 16.58
C CYS A 153 4.81 -4.52 16.70
N GLU A 154 4.12 -5.08 15.71
CA GLU A 154 3.80 -6.51 15.65
C GLU A 154 4.71 -7.16 14.61
N LYS A 155 5.03 -8.45 14.80
CA LYS A 155 5.98 -9.20 13.96
C LYS A 155 5.51 -9.29 12.49
N TYR A 156 6.45 -9.13 11.55
CA TYR A 156 6.21 -9.35 10.11
C TYR A 156 7.02 -10.57 9.64
N ASN A 157 6.32 -11.64 9.26
CA ASN A 157 6.93 -12.80 8.61
C ASN A 157 6.80 -12.64 7.09
N LEU A 158 7.89 -12.13 6.47
CA LEU A 158 7.98 -11.89 5.01
C LEU A 158 7.65 -13.17 4.21
N PHE A 159 8.19 -14.31 4.68
CA PHE A 159 7.98 -15.64 4.08
C PHE A 159 7.03 -16.47 4.98
N GLU A 160 7.54 -16.87 6.16
CA GLU A 160 6.83 -17.72 7.14
C GLU A 160 7.49 -17.53 8.52
N SER A 161 6.69 -17.72 9.58
CA SER A 161 7.09 -17.53 11.00
C SER A 161 8.35 -18.33 11.38
N SER A 162 8.51 -19.50 10.73
CA SER A 162 9.62 -20.44 10.93
C SER A 162 11.01 -19.77 10.76
N ILE A 163 11.10 -18.89 9.76
CA ILE A 163 12.36 -18.26 9.33
C ILE A 163 12.25 -16.73 9.43
N ARG A 164 13.13 -16.07 10.23
CA ARG A 164 13.21 -14.60 10.30
C ARG A 164 14.69 -14.17 10.55
N MET A 1 26.93 4.67 5.78
CA MET A 1 26.70 5.83 4.92
C MET A 1 26.76 5.41 3.43
N GLY A 2 25.83 5.95 2.64
CA GLY A 2 25.76 5.69 1.21
C GLY A 2 24.36 5.90 0.68
N HIS A 3 23.83 7.13 0.86
CA HIS A 3 22.48 7.51 0.37
C HIS A 3 22.58 8.11 -1.04
N HIS A 4 23.42 7.49 -1.91
CA HIS A 4 23.63 7.95 -3.28
C HIS A 4 22.36 7.77 -4.12
N HIS A 5 21.90 8.87 -4.73
CA HIS A 5 20.73 8.87 -5.61
C HIS A 5 21.14 8.43 -7.02
N HIS A 6 21.07 7.12 -7.27
CA HIS A 6 21.00 6.59 -8.64
C HIS A 6 19.54 6.76 -9.07
N HIS A 7 19.30 7.71 -10.00
CA HIS A 7 17.94 8.00 -10.46
C HIS A 7 17.39 6.78 -11.20
N HIS A 8 16.36 6.15 -10.60
CA HIS A 8 15.67 5.01 -11.21
C HIS A 8 14.94 5.55 -12.44
N SER A 9 15.31 5.02 -13.63
CA SER A 9 14.85 5.52 -14.93
C SER A 9 13.31 5.64 -14.93
N HIS A 10 12.81 6.90 -14.99
CA HIS A 10 11.38 7.22 -14.90
C HIS A 10 10.67 6.89 -16.23
N MET A 11 10.52 5.57 -16.44
CA MET A 11 9.79 4.96 -17.54
C MET A 11 8.85 3.93 -16.93
N ASN A 12 7.72 3.67 -17.57
CA ASN A 12 6.79 2.63 -17.12
C ASN A 12 7.30 1.25 -17.59
N PHE A 13 7.91 0.51 -16.66
CA PHE A 13 8.39 -0.86 -16.91
C PHE A 13 7.18 -1.81 -17.04
N ASN A 14 7.38 -2.96 -17.71
CA ASN A 14 6.30 -3.96 -17.93
C ASN A 14 5.74 -4.43 -16.57
N THR A 15 4.40 -4.42 -16.46
CA THR A 15 3.69 -4.59 -15.18
C THR A 15 3.81 -6.02 -14.63
N ILE A 16 3.48 -6.13 -13.35
CA ILE A 16 3.46 -7.38 -12.57
C ILE A 16 2.00 -7.74 -12.27
N LEU A 17 1.20 -6.68 -12.06
CA LEU A 17 -0.22 -6.77 -11.65
C LEU A 17 -0.81 -5.35 -11.61
N GLU A 18 -2.05 -5.20 -12.11
CA GLU A 18 -2.81 -3.93 -12.02
C GLU A 18 -4.30 -4.22 -11.77
N GLU A 19 -4.92 -3.39 -10.93
CA GLU A 19 -6.34 -3.57 -10.51
C GLU A 19 -6.92 -2.24 -10.00
N ILE A 20 -8.25 -2.13 -10.06
CA ILE A 20 -9.01 -0.95 -9.63
C ILE A 20 -9.28 -1.07 -8.11
N LEU A 21 -8.40 -0.45 -7.30
CA LEU A 21 -8.43 -0.54 -5.83
C LEU A 21 -8.88 0.81 -5.23
N ILE A 22 -9.31 0.81 -3.95
CA ILE A 22 -9.68 2.04 -3.22
C ILE A 22 -8.52 2.50 -2.32
N LYS A 23 -8.14 3.78 -2.44
CA LYS A 23 -7.10 4.39 -1.59
C LYS A 23 -7.78 5.12 -0.40
N ARG A 24 -7.19 4.97 0.80
CA ARG A 24 -7.60 5.77 1.96
C ARG A 24 -6.84 7.11 1.89
N SER A 25 -7.59 8.21 1.91
CA SER A 25 -7.11 9.54 1.49
C SER A 25 -7.40 10.60 2.58
N GLN A 26 -6.58 11.68 2.56
CA GLN A 26 -6.63 12.83 3.51
C GLN A 26 -5.91 12.48 4.82
N GLN A 27 -6.01 13.41 5.82
CA GLN A 27 -5.34 13.36 7.14
C GLN A 27 -3.79 13.19 7.04
N LYS A 28 -3.09 14.32 6.91
CA LYS A 28 -1.64 14.38 7.07
C LYS A 28 -1.34 15.02 8.43
N LYS A 29 -1.27 14.16 9.47
CA LYS A 29 -1.01 14.55 10.87
C LYS A 29 -2.08 15.57 11.37
N LYS A 30 -3.31 15.42 10.84
CA LYS A 30 -4.45 16.31 11.12
C LYS A 30 -5.70 15.47 11.26
N THR A 31 -6.58 15.82 12.22
CA THR A 31 -7.86 15.12 12.42
C THR A 31 -8.84 15.51 11.29
N SER A 32 -8.65 14.82 10.16
CA SER A 32 -9.42 15.02 8.94
C SER A 32 -10.13 13.69 8.60
N PRO A 33 -11.46 13.74 8.28
CA PRO A 33 -12.23 12.54 7.85
C PRO A 33 -11.58 11.81 6.64
N LEU A 34 -11.77 10.50 6.59
CA LEU A 34 -11.17 9.62 5.58
C LEU A 34 -11.95 9.70 4.25
N ASN A 35 -11.29 10.20 3.19
CA ASN A 35 -11.84 10.17 1.82
C ASN A 35 -11.45 8.82 1.19
N TYR A 36 -12.32 8.29 0.31
CA TYR A 36 -12.10 7.02 -0.40
C TYR A 36 -12.36 7.24 -1.89
N LYS A 37 -11.50 6.66 -2.73
CA LYS A 37 -11.63 6.78 -4.19
C LYS A 37 -11.08 5.50 -4.84
N GLU A 38 -11.78 5.02 -5.88
CA GLU A 38 -11.52 3.69 -6.48
C GLU A 38 -10.93 3.89 -7.90
N ARG A 39 -9.61 3.71 -8.02
CA ARG A 39 -8.83 4.07 -9.23
C ARG A 39 -7.85 2.94 -9.60
N LEU A 40 -7.12 3.11 -10.72
CA LEU A 40 -6.23 2.07 -11.28
C LEU A 40 -4.84 2.16 -10.64
N PHE A 41 -4.50 1.13 -9.85
CA PHE A 41 -3.16 0.93 -9.29
C PHE A 41 -2.39 -0.02 -10.21
N VAL A 42 -1.30 0.45 -10.79
CA VAL A 42 -0.41 -0.35 -11.65
C VAL A 42 0.91 -0.60 -10.91
N LEU A 43 1.27 -1.86 -10.72
CA LEU A 43 2.55 -2.27 -10.13
C LEU A 43 3.49 -2.68 -11.26
N THR A 44 4.48 -1.83 -11.55
CA THR A 44 5.52 -2.14 -12.53
C THR A 44 6.72 -2.76 -11.81
N LYS A 45 7.70 -3.26 -12.59
CA LYS A 45 8.92 -3.90 -12.06
C LYS A 45 9.91 -2.89 -11.41
N SER A 46 9.52 -1.60 -11.37
CA SER A 46 10.30 -0.53 -10.74
C SER A 46 9.49 0.29 -9.72
N MET A 47 8.19 0.54 -10.01
CA MET A 47 7.37 1.47 -9.21
C MET A 47 5.88 1.01 -9.14
N LEU A 48 5.26 1.16 -7.94
CA LEU A 48 3.82 0.99 -7.73
C LEU A 48 3.16 2.38 -7.82
N THR A 49 2.52 2.65 -8.96
CA THR A 49 1.98 3.97 -9.31
C THR A 49 0.45 3.91 -9.48
N TYR A 50 -0.27 4.78 -8.76
CA TYR A 50 -1.73 4.89 -8.84
C TYR A 50 -2.13 6.14 -9.66
N TYR A 51 -3.04 5.95 -10.62
CA TYR A 51 -3.56 7.02 -11.49
C TYR A 51 -4.99 7.37 -11.09
N GLU A 52 -5.24 8.67 -10.89
CA GLU A 52 -6.47 9.18 -10.27
C GLU A 52 -6.80 10.58 -10.79
N GLY A 53 -8.10 10.94 -10.68
CA GLY A 53 -8.61 12.23 -11.16
C GLY A 53 -9.57 12.87 -10.17
N ARG A 54 -9.63 14.22 -10.24
CA ARG A 54 -10.51 15.05 -9.40
C ARG A 54 -10.62 16.46 -10.02
N ALA A 55 -11.69 17.19 -9.64
CA ALA A 55 -11.99 18.53 -10.16
C ALA A 55 -10.98 19.57 -9.61
N GLU A 56 -11.01 19.76 -8.28
CA GLU A 56 -10.16 20.78 -7.61
C GLU A 56 -9.97 20.47 -6.10
N LYS A 57 -10.80 19.54 -5.56
CA LYS A 57 -10.68 19.10 -4.15
C LYS A 57 -9.30 18.43 -3.98
N LYS A 58 -8.57 18.84 -2.92
CA LYS A 58 -7.17 18.47 -2.70
C LYS A 58 -7.03 16.94 -2.43
N TYR A 59 -6.69 16.22 -3.51
CA TYR A 59 -6.53 14.76 -3.50
C TYR A 59 -5.07 14.43 -3.88
N ARG A 60 -4.39 13.66 -3.00
CA ARG A 60 -2.94 13.46 -3.03
C ARG A 60 -2.49 12.58 -4.22
N LYS A 61 -1.93 13.24 -5.24
CA LYS A 61 -1.30 12.55 -6.38
C LYS A 61 0.09 12.08 -5.97
N GLY A 62 0.43 10.83 -6.30
CA GLY A 62 1.77 10.31 -6.06
C GLY A 62 2.01 8.96 -6.70
N PHE A 63 3.14 8.38 -6.28
CA PHE A 63 3.67 7.12 -6.77
C PHE A 63 4.66 6.60 -5.73
N ILE A 64 4.91 5.31 -5.73
CA ILE A 64 5.85 4.66 -4.78
C ILE A 64 6.83 3.80 -5.59
N ASP A 65 8.11 3.81 -5.21
CA ASP A 65 9.15 2.95 -5.82
C ASP A 65 9.26 1.64 -5.02
N VAL A 66 9.52 0.52 -5.72
CA VAL A 66 9.53 -0.85 -5.13
C VAL A 66 10.67 -1.03 -4.11
N SER A 67 11.82 -0.36 -4.34
CA SER A 67 12.95 -0.38 -3.40
C SER A 67 12.69 0.50 -2.16
N LYS A 68 11.60 1.31 -2.22
CA LYS A 68 11.17 2.13 -1.07
C LYS A 68 10.14 1.36 -0.23
N ILE A 69 9.41 0.44 -0.87
CA ILE A 69 8.40 -0.40 -0.21
C ILE A 69 9.09 -1.41 0.74
N LYS A 70 9.21 -1.02 2.00
CA LYS A 70 9.94 -1.79 3.03
C LYS A 70 9.13 -2.99 3.56
N CYS A 71 7.80 -2.98 3.31
CA CYS A 71 6.88 -4.01 3.83
C CYS A 71 5.52 -3.90 3.13
N VAL A 72 4.93 -5.07 2.76
CA VAL A 72 3.50 -5.18 2.36
C VAL A 72 2.91 -6.45 2.97
N GLU A 73 1.83 -6.26 3.74
CA GLU A 73 1.04 -7.36 4.29
C GLU A 73 -0.39 -6.85 4.50
N ILE A 74 -1.30 -7.79 4.83
CA ILE A 74 -2.70 -7.48 5.10
C ILE A 74 -2.85 -6.60 6.36
N VAL A 75 -4.00 -5.92 6.48
CA VAL A 75 -4.35 -5.15 7.68
C VAL A 75 -5.32 -6.03 8.49
N LYS A 76 -4.95 -6.33 9.74
CA LYS A 76 -5.75 -7.22 10.61
C LYS A 76 -7.05 -6.52 11.02
N ASN A 77 -8.13 -6.84 10.29
CA ASN A 77 -9.47 -6.33 10.54
C ASN A 77 -10.11 -7.15 11.68
N ASP A 78 -9.90 -6.66 12.90
CA ASP A 78 -10.46 -7.25 14.13
C ASP A 78 -11.67 -6.43 14.59
N ASP A 79 -11.65 -5.14 14.20
CA ASP A 79 -12.68 -4.16 14.55
C ASP A 79 -13.99 -4.47 13.80
N GLY A 80 -13.86 -5.03 12.58
CA GLY A 80 -15.01 -5.37 11.75
C GLY A 80 -15.47 -4.22 10.86
N VAL A 81 -15.35 -2.99 11.39
CA VAL A 81 -15.76 -1.77 10.71
C VAL A 81 -14.84 -1.49 9.51
N ILE A 82 -15.28 -1.90 8.32
CA ILE A 82 -14.66 -1.51 7.04
C ILE A 82 -15.55 -0.45 6.37
N PRO A 83 -15.19 0.86 6.51
CA PRO A 83 -15.96 1.99 5.92
C PRO A 83 -15.65 2.15 4.41
N CYS A 84 -16.08 1.14 3.62
CA CYS A 84 -15.75 1.00 2.19
C CYS A 84 -16.55 -0.17 1.59
N GLN A 85 -16.80 -0.13 0.26
CA GLN A 85 -17.46 -1.25 -0.46
C GLN A 85 -16.46 -2.41 -0.63
N ASN A 86 -15.18 -2.04 -0.80
CA ASN A 86 -14.07 -2.98 -0.85
C ASN A 86 -13.62 -3.29 0.58
N LYS A 87 -13.14 -4.51 0.79
CA LYS A 87 -12.90 -5.07 2.12
C LYS A 87 -11.73 -6.05 2.08
N TYR A 88 -11.23 -6.42 3.27
CA TYR A 88 -9.96 -7.13 3.45
C TYR A 88 -8.82 -6.30 2.81
N PRO A 89 -8.48 -5.12 3.42
CA PRO A 89 -7.45 -4.23 2.85
C PRO A 89 -6.02 -4.71 3.18
N PHE A 90 -5.08 -4.29 2.34
CA PHE A 90 -3.65 -4.47 2.58
C PHE A 90 -3.01 -3.09 2.75
N GLN A 91 -1.72 -3.07 3.07
CA GLN A 91 -0.98 -1.83 3.36
C GLN A 91 0.43 -1.90 2.78
N VAL A 92 0.94 -0.71 2.40
CA VAL A 92 2.25 -0.53 1.76
C VAL A 92 3.06 0.41 2.66
N VAL A 93 3.99 -0.16 3.43
CA VAL A 93 4.86 0.60 4.33
C VAL A 93 6.14 0.97 3.56
N HIS A 94 6.20 2.22 3.10
CA HIS A 94 7.35 2.77 2.36
C HIS A 94 8.16 3.69 3.30
N ASP A 95 9.16 4.42 2.74
CA ASP A 95 10.04 5.34 3.52
C ASP A 95 9.23 6.42 4.25
N ALA A 96 8.21 6.95 3.55
CA ALA A 96 7.22 7.86 4.15
C ALA A 96 6.15 7.04 4.95
N ASN A 97 4.99 7.65 5.23
CA ASN A 97 3.91 7.01 6.02
C ASN A 97 3.31 5.78 5.29
N THR A 98 2.65 4.90 6.06
CA THR A 98 2.02 3.68 5.53
C THR A 98 0.74 4.02 4.73
N LEU A 99 0.67 3.52 3.47
CA LEU A 99 -0.50 3.68 2.60
C LEU A 99 -1.47 2.50 2.84
N TYR A 100 -2.78 2.79 2.86
CA TYR A 100 -3.84 1.78 3.11
C TYR A 100 -4.76 1.66 1.90
N ILE A 101 -4.79 0.45 1.31
CA ILE A 101 -5.45 0.18 0.03
C ILE A 101 -6.47 -0.98 0.20
N PHE A 102 -7.75 -0.68 -0.04
CA PHE A 102 -8.86 -1.65 0.06
C PHE A 102 -9.00 -2.42 -1.26
N ALA A 103 -8.88 -3.76 -1.16
CA ALA A 103 -9.00 -4.67 -2.30
C ALA A 103 -10.47 -5.09 -2.52
N PRO A 104 -10.96 -5.26 -3.81
CA PRO A 104 -12.36 -5.63 -4.12
C PRO A 104 -12.80 -6.98 -3.49
N SER A 105 -11.82 -7.86 -3.27
CA SER A 105 -12.05 -9.18 -2.67
C SER A 105 -10.83 -9.58 -1.79
N PRO A 106 -11.01 -10.57 -0.84
CA PRO A 106 -9.86 -11.19 -0.10
C PRO A 106 -8.87 -11.94 -1.04
N GLN A 107 -9.30 -12.13 -2.31
CA GLN A 107 -8.53 -12.84 -3.33
C GLN A 107 -7.54 -11.86 -3.99
N SER A 108 -8.07 -10.64 -4.28
CA SER A 108 -7.29 -9.51 -4.80
C SER A 108 -6.23 -9.10 -3.76
N ARG A 109 -6.68 -8.98 -2.49
CA ARG A 109 -5.81 -8.76 -1.32
C ARG A 109 -4.59 -9.68 -1.32
N ASP A 110 -4.85 -11.01 -1.35
CA ASP A 110 -3.82 -12.05 -1.27
C ASP A 110 -2.81 -11.91 -2.43
N LEU A 111 -3.33 -11.64 -3.63
CA LEU A 111 -2.54 -11.57 -4.87
C LEU A 111 -1.62 -10.33 -4.87
N TRP A 112 -2.15 -9.17 -4.44
CA TRP A 112 -1.38 -7.92 -4.31
C TRP A 112 -0.28 -8.03 -3.25
N VAL A 113 -0.63 -8.55 -2.05
CA VAL A 113 0.34 -8.79 -0.97
C VAL A 113 1.45 -9.72 -1.47
N LYS A 114 1.04 -10.77 -2.23
CA LYS A 114 1.94 -11.77 -2.81
C LYS A 114 2.99 -11.10 -3.71
N LYS A 115 2.52 -10.45 -4.79
CA LYS A 115 3.39 -9.83 -5.80
C LYS A 115 4.38 -8.84 -5.17
N LEU A 116 3.84 -7.94 -4.33
CA LEU A 116 4.60 -6.88 -3.66
C LEU A 116 5.72 -7.47 -2.76
N LYS A 117 5.35 -8.36 -1.79
CA LYS A 117 6.34 -8.97 -0.87
C LYS A 117 7.43 -9.78 -1.61
N GLU A 118 7.05 -10.44 -2.72
CA GLU A 118 8.01 -11.21 -3.55
C GLU A 118 9.03 -10.30 -4.25
N GLU A 119 8.60 -9.11 -4.68
CA GLU A 119 9.47 -8.17 -5.42
C GLU A 119 10.39 -7.37 -4.48
N ILE A 120 9.86 -7.03 -3.29
CA ILE A 120 10.58 -6.18 -2.32
C ILE A 120 11.56 -7.00 -1.46
N LYS A 121 11.44 -8.35 -1.48
CA LYS A 121 12.34 -9.23 -0.70
C LYS A 121 13.68 -9.38 -1.42
N ASN A 122 13.71 -9.01 -2.72
CA ASN A 122 14.95 -8.91 -3.52
C ASN A 122 15.85 -7.79 -2.99
N ASN A 123 15.25 -6.84 -2.24
CA ASN A 123 15.94 -5.64 -1.70
C ASN A 123 16.48 -5.91 -0.28
N ASN A 124 17.19 -4.92 0.28
CA ASN A 124 17.69 -4.94 1.68
C ASN A 124 16.95 -3.90 2.55
N ASN A 125 15.75 -3.51 2.09
CA ASN A 125 14.95 -2.44 2.71
C ASN A 125 13.93 -3.02 3.70
N ILE A 126 13.90 -4.35 3.84
CA ILE A 126 12.81 -5.06 4.54
C ILE A 126 12.86 -4.78 6.05
N MET A 127 11.83 -4.08 6.52
CA MET A 127 11.56 -3.91 7.94
C MET A 127 10.81 -5.17 8.39
N ILE A 128 11.41 -5.90 9.34
CA ILE A 128 10.95 -7.24 9.75
C ILE A 128 9.69 -7.12 10.67
N LYS A 129 9.26 -5.88 10.96
CA LYS A 129 8.03 -5.57 11.72
C LYS A 129 7.17 -4.57 10.91
N TYR A 130 5.85 -4.70 11.04
CA TYR A 130 4.86 -3.80 10.40
C TYR A 130 3.80 -3.38 11.44
N HIS A 131 2.90 -2.47 11.05
CA HIS A 131 1.78 -2.01 11.89
C HIS A 131 0.46 -2.67 11.43
N PRO A 132 -0.10 -3.67 12.20
CA PRO A 132 -1.27 -4.49 11.78
C PRO A 132 -2.63 -3.76 11.78
N LYS A 133 -2.66 -2.52 12.27
CA LYS A 133 -3.90 -1.70 12.31
C LYS A 133 -3.83 -0.55 11.30
N PHE A 134 -4.86 0.31 11.33
CA PHE A 134 -4.94 1.50 10.49
C PHE A 134 -4.31 2.67 11.25
N TRP A 135 -3.18 3.18 10.74
CA TRP A 135 -2.51 4.37 11.27
C TRP A 135 -3.34 5.64 10.98
N THR A 136 -4.37 5.83 11.81
CA THR A 136 -5.16 7.04 11.85
C THR A 136 -4.54 7.98 12.90
N ASP A 137 -4.53 9.29 12.62
CA ASP A 137 -3.77 10.29 13.37
C ASP A 137 -4.10 10.30 14.89
N GLY A 138 -3.17 9.70 15.68
CA GLY A 138 -3.25 9.70 17.14
C GLY A 138 -4.37 8.83 17.72
N SER A 139 -5.01 8.03 16.85
CA SER A 139 -6.15 7.19 17.21
C SER A 139 -5.69 5.81 17.75
N TYR A 140 -6.67 4.93 18.04
CA TYR A 140 -6.40 3.55 18.44
C TYR A 140 -5.82 2.74 17.26
N GLN A 141 -4.50 2.87 17.13
CA GLN A 141 -3.69 2.04 16.24
C GLN A 141 -3.33 0.74 16.99
N CYS A 142 -2.36 0.00 16.45
CA CYS A 142 -1.80 -1.17 17.10
C CYS A 142 -0.88 -0.75 18.26
N CYS A 143 0.08 0.11 17.95
CA CYS A 143 1.03 0.68 18.93
C CYS A 143 0.52 2.03 19.46
N ARG A 144 -0.58 2.54 18.86
CA ARG A 144 -1.19 3.86 19.20
C ARG A 144 -0.19 5.03 19.05
N GLN A 145 0.80 4.87 18.14
CA GLN A 145 1.87 5.87 17.95
C GLN A 145 1.39 7.11 17.16
N THR A 146 1.55 7.09 15.80
CA THR A 146 1.52 8.32 14.96
C THR A 146 2.61 9.34 15.45
N GLU A 147 3.62 8.78 16.15
CA GLU A 147 4.70 9.55 16.78
C GLU A 147 5.72 9.97 15.73
N LYS A 148 6.18 8.99 14.94
CA LYS A 148 7.23 9.17 13.94
C LYS A 148 7.05 8.10 12.85
N LEU A 149 8.05 7.96 11.96
CA LEU A 149 8.12 6.84 11.02
C LEU A 149 8.56 5.59 11.81
N ALA A 150 7.60 4.96 12.49
CA ALA A 150 7.86 3.84 13.41
C ALA A 150 8.20 2.55 12.63
N PRO A 151 9.27 1.79 13.04
CA PRO A 151 9.71 0.58 12.32
C PRO A 151 8.86 -0.69 12.60
N GLY A 152 7.62 -0.50 13.08
CA GLY A 152 6.67 -1.60 13.30
C GLY A 152 6.62 -2.04 14.76
N CYS A 153 5.64 -2.91 15.06
CA CYS A 153 5.41 -3.44 16.42
C CYS A 153 5.03 -4.92 16.37
N GLU A 154 4.33 -5.32 15.30
CA GLU A 154 3.96 -6.73 15.04
C GLU A 154 4.92 -7.31 14.01
N LYS A 155 5.35 -8.57 14.16
CA LYS A 155 6.37 -9.16 13.26
C LYS A 155 5.75 -9.53 11.89
N TYR A 156 6.52 -9.27 10.86
CA TYR A 156 6.16 -9.39 9.44
C TYR A 156 6.74 -10.70 8.87
N ASN A 157 5.86 -11.61 8.39
CA ASN A 157 6.28 -12.93 7.89
C ASN A 157 6.63 -12.83 6.40
N LEU A 158 7.91 -12.56 6.10
CA LEU A 158 8.42 -12.52 4.72
C LEU A 158 8.82 -13.92 4.26
N PHE A 159 9.47 -14.69 5.16
CA PHE A 159 9.89 -16.08 4.90
C PHE A 159 9.11 -17.02 5.81
N GLU A 160 7.85 -17.25 5.41
CA GLU A 160 6.93 -18.19 6.08
C GLU A 160 6.94 -19.51 5.29
N SER A 161 7.95 -20.35 5.55
CA SER A 161 8.13 -21.65 4.90
C SER A 161 7.72 -22.78 5.87
N SER A 162 6.96 -23.75 5.34
CA SER A 162 6.43 -24.89 6.12
C SER A 162 7.57 -25.89 6.44
N ILE A 163 8.03 -25.85 7.69
CA ILE A 163 9.12 -26.73 8.16
C ILE A 163 8.54 -27.99 8.82
N ARG A 164 8.97 -29.15 8.30
CA ARG A 164 8.55 -30.48 8.80
C ARG A 164 9.23 -30.79 10.15
N MET A 1 16.02 25.68 -2.17
CA MET A 1 15.48 25.48 -3.53
C MET A 1 16.28 24.42 -4.27
N GLY A 2 15.58 23.61 -5.08
CA GLY A 2 16.17 22.51 -5.82
C GLY A 2 15.13 21.45 -6.12
N HIS A 3 14.51 20.92 -5.03
CA HIS A 3 13.47 19.86 -5.07
C HIS A 3 13.96 18.61 -5.83
N HIS A 4 14.66 17.72 -5.10
CA HIS A 4 15.02 16.40 -5.64
C HIS A 4 13.74 15.57 -5.82
N HIS A 5 13.27 15.48 -7.07
CA HIS A 5 12.00 14.81 -7.43
C HIS A 5 12.25 13.73 -8.49
N HIS A 6 11.20 12.97 -8.80
CA HIS A 6 11.26 11.93 -9.85
C HIS A 6 11.01 12.56 -11.22
N HIS A 7 11.99 12.43 -12.15
CA HIS A 7 11.73 12.71 -13.57
C HIS A 7 10.89 11.55 -14.12
N HIS A 8 9.57 11.63 -13.90
CA HIS A 8 8.63 10.54 -14.18
C HIS A 8 8.40 10.41 -15.69
N SER A 9 9.33 9.70 -16.34
CA SER A 9 9.27 9.38 -17.75
C SER A 9 8.42 8.12 -17.93
N HIS A 10 7.64 8.06 -19.02
CA HIS A 10 6.79 6.90 -19.31
C HIS A 10 7.66 5.68 -19.67
N MET A 11 7.32 4.52 -19.08
CA MET A 11 8.08 3.26 -19.25
C MET A 11 7.10 2.10 -19.51
N ASN A 12 6.95 1.75 -20.80
CA ASN A 12 6.00 0.72 -21.25
C ASN A 12 6.65 -0.67 -21.18
N PHE A 13 6.81 -1.18 -19.95
CA PHE A 13 7.27 -2.56 -19.69
C PHE A 13 6.09 -3.41 -19.21
N ASN A 14 6.30 -4.73 -19.19
CA ASN A 14 5.25 -5.69 -18.82
C ASN A 14 4.89 -5.53 -17.34
N THR A 15 3.72 -4.94 -17.09
CA THR A 15 3.20 -4.70 -15.73
C THR A 15 3.00 -6.03 -14.97
N ILE A 16 3.32 -6.02 -13.67
CA ILE A 16 3.13 -7.16 -12.77
C ILE A 16 1.64 -7.44 -12.59
N LEU A 17 0.86 -6.37 -12.33
CA LEU A 17 -0.60 -6.45 -12.10
C LEU A 17 -1.25 -5.05 -12.13
N GLU A 18 -2.49 -4.98 -12.66
CA GLU A 18 -3.32 -3.75 -12.62
C GLU A 18 -4.74 -4.12 -12.15
N GLU A 19 -5.33 -3.25 -11.31
CA GLU A 19 -6.69 -3.46 -10.77
C GLU A 19 -7.24 -2.15 -10.16
N ILE A 20 -8.58 -2.05 -10.09
CA ILE A 20 -9.30 -0.93 -9.49
C ILE A 20 -9.31 -1.11 -7.95
N LEU A 21 -8.37 -0.43 -7.27
CA LEU A 21 -8.22 -0.48 -5.80
C LEU A 21 -8.65 0.85 -5.16
N ILE A 22 -9.20 0.77 -3.93
CA ILE A 22 -9.58 1.96 -3.13
C ILE A 22 -8.46 2.26 -2.09
N LYS A 23 -8.34 3.53 -1.67
CA LYS A 23 -7.30 4.00 -0.75
C LYS A 23 -7.93 4.82 0.39
N ARG A 24 -7.36 4.69 1.59
CA ARG A 24 -7.55 5.69 2.64
C ARG A 24 -6.51 6.79 2.38
N SER A 25 -6.96 8.05 2.33
CA SER A 25 -6.11 9.19 1.97
C SER A 25 -5.16 9.54 3.13
N GLN A 26 -3.90 9.85 2.77
CA GLN A 26 -2.83 10.11 3.75
C GLN A 26 -3.10 11.42 4.53
N GLN A 27 -2.73 11.42 5.81
CA GLN A 27 -3.04 12.49 6.76
C GLN A 27 -2.17 13.74 6.49
N LYS A 28 -2.73 14.94 6.77
CA LYS A 28 -1.96 16.22 6.73
C LYS A 28 -1.79 16.78 8.15
N LYS A 29 -2.71 16.39 9.05
CA LYS A 29 -2.73 16.81 10.48
C LYS A 29 -3.37 15.69 11.33
N LYS A 30 -3.72 14.56 10.66
CA LYS A 30 -4.42 13.38 11.24
C LYS A 30 -5.90 13.66 11.50
N THR A 31 -6.20 14.81 12.13
CA THR A 31 -7.53 15.43 12.03
C THR A 31 -7.63 16.04 10.61
N SER A 32 -7.96 15.16 9.65
CA SER A 32 -7.86 15.42 8.21
C SER A 32 -9.00 14.65 7.48
N PRO A 33 -9.37 15.03 6.21
CA PRO A 33 -10.35 14.27 5.43
C PRO A 33 -9.76 12.91 4.97
N LEU A 34 -9.91 11.88 5.82
CA LEU A 34 -9.43 10.52 5.56
C LEU A 34 -10.54 9.70 4.87
N ASN A 35 -10.83 10.07 3.62
CA ASN A 35 -11.87 9.43 2.81
C ASN A 35 -11.27 8.28 1.99
N TYR A 36 -12.17 7.39 1.56
CA TYR A 36 -11.80 6.17 0.83
C TYR A 36 -12.19 6.35 -0.63
N LYS A 37 -11.18 6.59 -1.48
CA LYS A 37 -11.38 6.98 -2.89
C LYS A 37 -10.78 5.91 -3.83
N GLU A 38 -11.49 5.68 -4.94
CA GLU A 38 -11.25 4.54 -5.86
C GLU A 38 -10.36 5.00 -7.03
N ARG A 39 -9.43 4.12 -7.48
CA ARG A 39 -8.47 4.42 -8.59
C ARG A 39 -7.99 3.12 -9.26
N LEU A 40 -7.32 3.27 -10.44
CA LEU A 40 -6.72 2.16 -11.18
C LEU A 40 -5.21 2.16 -10.91
N PHE A 41 -4.75 1.15 -10.17
CA PHE A 41 -3.32 0.94 -9.90
C PHE A 41 -2.67 0.17 -11.05
N VAL A 42 -1.43 0.55 -11.37
CA VAL A 42 -0.56 -0.18 -12.30
C VAL A 42 0.78 -0.43 -11.59
N LEU A 43 1.10 -1.71 -11.37
CA LEU A 43 2.30 -2.13 -10.63
C LEU A 43 3.38 -2.60 -11.60
N THR A 44 4.52 -1.93 -11.57
CA THR A 44 5.76 -2.34 -12.26
C THR A 44 6.84 -2.63 -11.21
N LYS A 45 7.95 -3.26 -11.62
CA LYS A 45 9.05 -3.61 -10.71
C LYS A 45 9.80 -2.37 -10.20
N SER A 46 9.64 -1.23 -10.88
CA SER A 46 10.29 0.02 -10.48
C SER A 46 9.36 0.87 -9.60
N MET A 47 8.04 0.92 -9.95
CA MET A 47 7.07 1.85 -9.30
C MET A 47 5.65 1.28 -9.26
N LEU A 48 4.93 1.65 -8.20
CA LEU A 48 3.48 1.46 -8.08
C LEU A 48 2.81 2.83 -8.30
N THR A 49 2.19 3.02 -9.47
CA THR A 49 1.55 4.30 -9.85
C THR A 49 0.07 4.09 -10.20
N TYR A 50 -0.83 4.89 -9.58
CA TYR A 50 -2.27 4.85 -9.88
C TYR A 50 -2.68 6.07 -10.74
N TYR A 51 -3.53 5.80 -11.75
CA TYR A 51 -4.01 6.81 -12.71
C TYR A 51 -5.47 7.18 -12.44
N GLU A 52 -5.83 8.40 -12.86
CA GLU A 52 -7.16 8.99 -12.68
C GLU A 52 -7.69 9.66 -13.96
N GLY A 53 -9.04 9.76 -14.05
CA GLY A 53 -9.72 10.52 -15.11
C GLY A 53 -10.22 11.87 -14.61
N ARG A 54 -9.47 12.46 -13.67
CA ARG A 54 -9.85 13.73 -13.01
C ARG A 54 -9.33 14.92 -13.83
N ALA A 55 -10.25 15.59 -14.55
CA ALA A 55 -9.92 16.74 -15.42
C ALA A 55 -9.64 18.00 -14.59
N GLU A 56 -10.67 18.48 -13.85
CA GLU A 56 -10.59 19.75 -13.11
C GLU A 56 -9.90 19.53 -11.75
N LYS A 57 -10.53 18.68 -10.91
CA LYS A 57 -10.03 18.36 -9.56
C LYS A 57 -8.83 17.42 -9.67
N LYS A 58 -7.63 18.01 -9.82
CA LYS A 58 -6.38 17.26 -10.05
C LYS A 58 -6.01 16.41 -8.83
N TYR A 59 -5.94 15.10 -9.06
CA TYR A 59 -5.80 14.08 -8.01
C TYR A 59 -4.34 13.96 -7.55
N ARG A 60 -4.13 13.66 -6.25
CA ARG A 60 -2.81 13.38 -5.69
C ARG A 60 -2.26 12.05 -6.29
N LYS A 61 -1.30 12.15 -7.23
CA LYS A 61 -0.57 10.98 -7.74
C LYS A 61 0.62 10.69 -6.82
N GLY A 62 0.29 10.15 -5.64
CA GLY A 62 1.28 9.77 -4.64
C GLY A 62 1.82 8.39 -4.95
N PHE A 63 2.68 8.32 -5.98
CA PHE A 63 3.23 7.05 -6.47
C PHE A 63 4.48 6.71 -5.68
N ILE A 64 4.75 5.41 -5.57
CA ILE A 64 5.76 4.86 -4.65
C ILE A 64 6.79 4.08 -5.48
N ASP A 65 8.08 4.20 -5.14
CA ASP A 65 9.12 3.33 -5.73
C ASP A 65 9.07 2.01 -4.96
N VAL A 66 9.16 0.87 -5.66
CA VAL A 66 9.14 -0.46 -5.03
C VAL A 66 10.36 -0.66 -4.07
N SER A 67 11.46 0.05 -4.38
CA SER A 67 12.69 0.03 -3.58
C SER A 67 12.51 0.81 -2.25
N LYS A 68 11.52 1.72 -2.21
CA LYS A 68 11.22 2.55 -1.02
C LYS A 68 10.31 1.79 -0.04
N ILE A 69 9.67 0.72 -0.53
CA ILE A 69 8.71 -0.07 0.27
C ILE A 69 9.47 -0.97 1.26
N LYS A 70 9.18 -0.77 2.56
CA LYS A 70 9.82 -1.49 3.67
C LYS A 70 8.94 -2.64 4.20
N CYS A 71 7.62 -2.58 3.93
CA CYS A 71 6.64 -3.60 4.39
C CYS A 71 5.33 -3.51 3.58
N VAL A 72 4.80 -4.68 3.14
CA VAL A 72 3.42 -4.82 2.63
C VAL A 72 2.80 -6.10 3.21
N GLU A 73 1.65 -5.95 3.89
CA GLU A 73 0.82 -7.10 4.29
C GLU A 73 -0.61 -6.61 4.64
N ILE A 74 -1.54 -7.56 4.77
CA ILE A 74 -2.95 -7.30 5.08
C ILE A 74 -3.11 -6.64 6.47
N VAL A 75 -4.24 -5.94 6.65
CA VAL A 75 -4.52 -5.15 7.86
C VAL A 75 -5.74 -5.73 8.57
N LYS A 76 -5.62 -5.99 9.88
CA LYS A 76 -6.75 -6.39 10.72
C LYS A 76 -7.44 -5.14 11.29
N ASN A 77 -8.75 -5.23 11.46
CA ASN A 77 -9.64 -4.10 11.77
C ASN A 77 -9.50 -3.62 13.23
N ASP A 78 -9.58 -2.30 13.41
CA ASP A 78 -9.77 -1.63 14.73
C ASP A 78 -10.77 -0.47 14.55
N ASP A 79 -10.69 0.17 13.37
CA ASP A 79 -11.68 1.15 12.86
C ASP A 79 -13.10 0.58 12.92
N GLY A 80 -14.11 1.46 13.13
CA GLY A 80 -15.50 1.07 13.42
C GLY A 80 -16.09 0.04 12.45
N VAL A 81 -16.39 0.50 11.23
CA VAL A 81 -16.90 -0.36 10.14
C VAL A 81 -16.15 0.00 8.85
N ILE A 82 -15.79 -1.01 8.03
CA ILE A 82 -15.16 -0.79 6.72
C ILE A 82 -16.12 0.00 5.79
N PRO A 83 -15.81 1.30 5.50
CA PRO A 83 -16.69 2.20 4.74
C PRO A 83 -16.32 2.19 3.23
N CYS A 84 -16.04 0.98 2.75
CA CYS A 84 -15.47 0.73 1.43
C CYS A 84 -16.09 -0.54 0.84
N GLN A 85 -16.37 -0.53 -0.48
CA GLN A 85 -16.95 -1.70 -1.19
C GLN A 85 -15.88 -2.81 -1.33
N ASN A 86 -14.62 -2.40 -1.50
CA ASN A 86 -13.46 -3.31 -1.62
C ASN A 86 -13.18 -3.99 -0.25
N LYS A 87 -12.97 -5.32 -0.27
CA LYS A 87 -12.97 -6.15 0.96
C LYS A 87 -11.58 -6.72 1.26
N TYR A 88 -11.23 -6.79 2.56
CA TYR A 88 -9.89 -7.17 3.05
C TYR A 88 -8.79 -6.19 2.55
N PRO A 89 -8.44 -5.15 3.35
CA PRO A 89 -7.38 -4.20 2.98
C PRO A 89 -5.97 -4.74 3.25
N PHE A 90 -5.00 -4.12 2.59
CA PHE A 90 -3.59 -4.25 2.88
C PHE A 90 -2.98 -2.85 3.04
N GLN A 91 -1.72 -2.80 3.44
CA GLN A 91 -1.01 -1.52 3.64
C GLN A 91 0.38 -1.59 3.04
N VAL A 92 0.92 -0.42 2.73
CA VAL A 92 2.26 -0.25 2.17
C VAL A 92 3.00 0.74 3.08
N VAL A 93 3.88 0.21 3.95
CA VAL A 93 4.78 1.02 4.77
C VAL A 93 6.04 1.25 3.94
N HIS A 94 6.37 2.51 3.65
CA HIS A 94 7.46 2.86 2.74
C HIS A 94 8.26 4.05 3.32
N ASP A 95 9.13 4.64 2.47
CA ASP A 95 9.90 5.88 2.76
C ASP A 95 9.01 6.95 3.44
N ALA A 96 7.88 7.26 2.82
CA ALA A 96 6.86 8.16 3.38
C ALA A 96 5.77 7.34 4.14
N ASN A 97 4.71 8.03 4.61
CA ASN A 97 3.69 7.43 5.51
C ASN A 97 2.89 6.29 4.83
N THR A 98 2.33 5.41 5.66
CA THR A 98 1.67 4.17 5.22
C THR A 98 0.33 4.44 4.49
N LEU A 99 0.19 3.86 3.29
CA LEU A 99 -1.02 3.96 2.46
C LEU A 99 -1.84 2.67 2.62
N TYR A 100 -3.10 2.79 3.06
CA TYR A 100 -4.01 1.66 3.30
C TYR A 100 -4.88 1.42 2.06
N ILE A 101 -4.53 0.38 1.30
CA ILE A 101 -5.15 0.08 -0.01
C ILE A 101 -6.11 -1.13 0.11
N PHE A 102 -7.40 -0.88 -0.12
CA PHE A 102 -8.46 -1.90 -0.11
C PHE A 102 -8.56 -2.57 -1.49
N ALA A 103 -8.51 -3.91 -1.54
CA ALA A 103 -8.63 -4.68 -2.79
C ALA A 103 -10.07 -5.22 -2.96
N PRO A 104 -10.61 -5.29 -4.23
CA PRO A 104 -12.05 -5.64 -4.53
C PRO A 104 -12.61 -6.84 -3.73
N SER A 105 -11.81 -7.89 -3.65
CA SER A 105 -12.20 -9.17 -3.04
C SER A 105 -11.11 -9.65 -2.06
N PRO A 106 -11.47 -10.50 -1.03
CA PRO A 106 -10.48 -11.26 -0.23
C PRO A 106 -9.58 -12.18 -1.09
N GLN A 107 -9.94 -12.35 -2.38
CA GLN A 107 -9.12 -13.05 -3.38
C GLN A 107 -8.11 -12.07 -3.99
N SER A 108 -8.61 -10.88 -4.35
CA SER A 108 -7.83 -9.81 -5.01
C SER A 108 -6.64 -9.36 -4.16
N ARG A 109 -6.89 -9.24 -2.83
CA ARG A 109 -5.85 -8.84 -1.86
C ARG A 109 -4.73 -9.88 -1.81
N ASP A 110 -5.10 -11.16 -1.94
CA ASP A 110 -4.15 -12.29 -1.85
C ASP A 110 -3.12 -12.20 -2.98
N LEU A 111 -3.61 -11.85 -4.18
CA LEU A 111 -2.78 -11.71 -5.38
C LEU A 111 -1.84 -10.48 -5.24
N TRP A 112 -2.42 -9.33 -4.85
CA TRP A 112 -1.66 -8.05 -4.70
C TRP A 112 -0.56 -8.13 -3.63
N VAL A 113 -0.93 -8.57 -2.42
CA VAL A 113 0.01 -8.69 -1.28
C VAL A 113 1.15 -9.65 -1.64
N LYS A 114 0.78 -10.77 -2.31
CA LYS A 114 1.76 -11.76 -2.83
C LYS A 114 2.82 -11.11 -3.73
N LYS A 115 2.36 -10.38 -4.75
CA LYS A 115 3.25 -9.72 -5.74
C LYS A 115 4.20 -8.74 -5.05
N LEU A 116 3.64 -7.92 -4.14
CA LEU A 116 4.37 -6.85 -3.44
C LEU A 116 5.45 -7.42 -2.50
N LYS A 117 5.09 -8.41 -1.65
CA LYS A 117 6.05 -9.17 -0.80
C LYS A 117 7.22 -9.76 -1.63
N GLU A 118 6.87 -10.43 -2.75
CA GLU A 118 7.85 -11.08 -3.64
C GLU A 118 8.70 -10.06 -4.44
N GLU A 119 8.23 -8.81 -4.52
CA GLU A 119 9.04 -7.70 -5.07
C GLU A 119 10.02 -7.16 -4.02
N ILE A 120 9.51 -6.92 -2.80
CA ILE A 120 10.27 -6.22 -1.75
C ILE A 120 11.25 -7.16 -1.02
N LYS A 121 11.19 -8.47 -1.31
CA LYS A 121 12.16 -9.44 -0.74
C LYS A 121 13.55 -9.29 -1.40
N ASN A 122 13.58 -8.56 -2.52
CA ASN A 122 14.80 -8.20 -3.24
C ASN A 122 15.36 -6.84 -2.74
N ASN A 123 14.69 -6.24 -1.72
CA ASN A 123 15.13 -4.97 -1.09
C ASN A 123 15.82 -5.27 0.25
N ASN A 124 16.69 -4.34 0.69
CA ASN A 124 17.45 -4.46 1.95
C ASN A 124 16.95 -3.44 3.00
N ASN A 125 15.83 -2.75 2.70
CA ASN A 125 15.26 -1.69 3.56
C ASN A 125 14.10 -2.26 4.42
N ILE A 126 13.94 -3.58 4.37
CA ILE A 126 12.73 -4.25 4.89
C ILE A 126 12.72 -4.27 6.42
N MET A 127 11.63 -3.75 6.98
CA MET A 127 11.38 -3.76 8.41
C MET A 127 11.02 -5.19 8.83
N ILE A 128 11.85 -5.77 9.72
CA ILE A 128 11.66 -7.14 10.23
C ILE A 128 10.38 -7.23 11.06
N LYS A 129 9.91 -6.06 11.54
CA LYS A 129 8.67 -5.90 12.31
C LYS A 129 7.83 -4.78 11.65
N TYR A 130 6.51 -4.96 11.65
CA TYR A 130 5.51 -4.04 11.07
C TYR A 130 4.36 -3.86 12.09
N HIS A 131 3.38 -3.02 11.73
CA HIS A 131 2.16 -2.84 12.52
C HIS A 131 0.99 -3.54 11.81
N PRO A 132 0.20 -4.42 12.52
CA PRO A 132 -0.91 -5.17 11.90
C PRO A 132 -2.23 -4.36 11.83
N LYS A 133 -2.30 -3.25 12.59
CA LYS A 133 -3.51 -2.43 12.73
C LYS A 133 -3.44 -1.20 11.78
N PHE A 134 -4.39 -0.27 11.95
CA PHE A 134 -4.43 1.01 11.22
C PHE A 134 -3.73 2.08 12.10
N TRP A 135 -3.03 3.04 11.45
CA TRP A 135 -2.40 4.19 12.14
C TRP A 135 -3.42 5.33 12.34
N THR A 136 -4.67 4.97 12.64
CA THR A 136 -5.70 5.92 13.03
C THR A 136 -5.35 6.43 14.44
N ASP A 137 -5.29 7.76 14.62
CA ASP A 137 -4.91 8.39 15.91
C ASP A 137 -5.78 7.85 17.08
N GLY A 138 -5.13 7.56 18.22
CA GLY A 138 -5.79 6.88 19.34
C GLY A 138 -6.11 5.45 18.97
N SER A 139 -7.42 5.13 18.83
CA SER A 139 -7.93 3.86 18.26
C SER A 139 -7.49 2.61 19.07
N TYR A 140 -7.77 1.42 18.51
CA TYR A 140 -7.25 0.16 19.03
C TYR A 140 -6.02 -0.24 18.19
N GLN A 141 -5.03 0.67 18.18
CA GLN A 141 -3.71 0.43 17.55
C GLN A 141 -2.94 -0.63 18.37
N CYS A 142 -1.94 -1.22 17.70
CA CYS A 142 -1.09 -2.27 18.27
C CYS A 142 -0.18 -1.71 19.37
N CYS A 143 0.76 -0.84 18.97
CA CYS A 143 1.70 -0.18 19.90
C CYS A 143 1.20 1.22 20.31
N ARG A 144 0.12 1.69 19.63
CA ARG A 144 -0.47 3.04 19.83
C ARG A 144 0.47 4.16 19.30
N GLN A 145 1.55 3.74 18.59
CA GLN A 145 2.53 4.65 18.00
C GLN A 145 2.14 4.95 16.54
N THR A 146 1.89 6.22 16.26
CA THR A 146 1.44 6.69 14.94
C THR A 146 2.23 7.94 14.51
N GLU A 147 3.10 8.44 15.41
CA GLU A 147 3.73 9.81 15.36
C GLU A 147 4.24 10.20 13.95
N LYS A 148 4.90 9.25 13.28
CA LYS A 148 5.34 9.40 11.87
C LYS A 148 5.56 8.00 11.27
N LEU A 149 6.67 7.36 11.65
CA LEU A 149 7.00 5.98 11.24
C LEU A 149 7.45 5.23 12.51
N ALA A 150 6.50 4.51 13.11
CA ALA A 150 6.73 3.74 14.33
C ALA A 150 7.65 2.53 14.03
N PRO A 151 8.54 2.11 15.01
CA PRO A 151 9.62 1.11 14.79
C PRO A 151 9.14 -0.26 14.24
N GLY A 152 7.88 -0.61 14.53
CA GLY A 152 7.34 -1.94 14.23
C GLY A 152 7.36 -2.80 15.47
N CYS A 153 6.17 -3.09 16.02
CA CYS A 153 6.03 -3.90 17.24
C CYS A 153 5.86 -5.40 16.90
N GLU A 154 5.05 -5.68 15.88
CA GLU A 154 4.58 -7.05 15.56
C GLU A 154 5.49 -7.63 14.48
N LYS A 155 5.97 -8.89 14.64
CA LYS A 155 6.97 -9.46 13.70
C LYS A 155 6.35 -9.68 12.30
N TYR A 156 7.08 -9.22 11.30
CA TYR A 156 6.70 -9.30 9.88
C TYR A 156 7.33 -10.54 9.24
N ASN A 157 6.52 -11.35 8.54
CA ASN A 157 7.01 -12.45 7.70
C ASN A 157 7.25 -11.89 6.29
N LEU A 158 8.35 -12.30 5.66
CA LEU A 158 8.65 -11.89 4.27
C LEU A 158 8.64 -13.15 3.39
N PHE A 159 9.46 -14.14 3.79
CA PHE A 159 9.46 -15.48 3.21
C PHE A 159 8.57 -16.39 4.06
N GLU A 160 8.56 -16.13 5.39
CA GLU A 160 7.76 -16.84 6.42
C GLU A 160 8.32 -18.23 6.74
N SER A 161 8.32 -19.10 5.72
CA SER A 161 8.90 -20.44 5.82
C SER A 161 10.44 -20.34 5.83
N SER A 162 11.08 -21.15 6.68
CA SER A 162 12.53 -21.18 6.82
C SER A 162 13.18 -21.72 5.52
N ILE A 163 13.75 -20.79 4.73
CA ILE A 163 14.40 -21.08 3.45
C ILE A 163 15.70 -21.86 3.70
N ARG A 164 15.74 -23.11 3.21
CA ARG A 164 16.91 -23.98 3.34
C ARG A 164 17.69 -23.98 2.01
N MET A 1 9.07 -33.39 -26.99
CA MET A 1 7.75 -33.46 -27.68
C MET A 1 7.19 -32.05 -27.94
N GLY A 2 7.52 -31.08 -27.05
CA GLY A 2 7.00 -29.71 -27.17
C GLY A 2 7.86 -28.70 -26.44
N HIS A 3 8.18 -27.58 -27.11
CA HIS A 3 8.92 -26.43 -26.54
C HIS A 3 8.37 -25.12 -27.13
N HIS A 4 8.96 -23.97 -26.73
CA HIS A 4 8.57 -22.65 -27.25
C HIS A 4 8.87 -22.55 -28.76
N HIS A 5 7.79 -22.48 -29.56
CA HIS A 5 7.87 -22.31 -31.03
C HIS A 5 8.47 -20.92 -31.36
N HIS A 6 8.01 -19.92 -30.59
CA HIS A 6 8.46 -18.54 -30.70
C HIS A 6 8.77 -18.03 -29.28
N HIS A 7 10.05 -17.71 -29.02
CA HIS A 7 10.49 -17.13 -27.73
C HIS A 7 9.82 -15.76 -27.50
N HIS A 8 9.71 -15.34 -26.23
CA HIS A 8 9.02 -14.08 -25.88
C HIS A 8 9.76 -12.88 -26.53
N SER A 9 9.07 -12.21 -27.47
CA SER A 9 9.56 -11.02 -28.16
C SER A 9 9.88 -9.90 -27.16
N HIS A 10 10.94 -9.11 -27.45
CA HIS A 10 11.32 -7.94 -26.63
C HIS A 10 10.17 -6.92 -26.62
N MET A 11 9.31 -7.04 -25.59
CA MET A 11 8.11 -6.22 -25.44
C MET A 11 8.45 -4.89 -24.75
N ASN A 12 7.55 -3.92 -24.88
CA ASN A 12 7.61 -2.62 -24.18
C ASN A 12 7.35 -2.79 -22.65
N PHE A 13 6.99 -1.70 -21.96
CA PHE A 13 6.64 -1.71 -20.53
C PHE A 13 5.36 -2.53 -20.27
N ASN A 14 5.56 -3.83 -20.03
CA ASN A 14 4.51 -4.76 -19.59
C ASN A 14 4.48 -4.75 -18.06
N THR A 15 3.38 -4.26 -17.48
CA THR A 15 3.22 -4.17 -16.02
C THR A 15 3.02 -5.56 -15.40
N ILE A 16 3.30 -5.66 -14.08
CA ILE A 16 3.14 -6.91 -13.32
C ILE A 16 1.64 -7.20 -13.11
N LEU A 17 0.96 -6.23 -12.50
CA LEU A 17 -0.44 -6.36 -12.09
C LEU A 17 -1.10 -4.98 -12.06
N GLU A 18 -2.43 -4.97 -12.30
CA GLU A 18 -3.28 -3.77 -12.18
C GLU A 18 -4.69 -4.19 -11.76
N GLU A 19 -5.36 -3.32 -10.98
CA GLU A 19 -6.75 -3.52 -10.51
C GLU A 19 -7.30 -2.19 -9.98
N ILE A 20 -8.63 -2.04 -10.02
CA ILE A 20 -9.33 -0.85 -9.50
C ILE A 20 -9.52 -0.99 -7.98
N LEU A 21 -8.58 -0.42 -7.20
CA LEU A 21 -8.58 -0.50 -5.73
C LEU A 21 -8.98 0.86 -5.12
N ILE A 22 -9.38 0.84 -3.84
CA ILE A 22 -9.75 2.04 -3.08
C ILE A 22 -8.55 2.49 -2.23
N LYS A 23 -8.47 3.78 -1.91
CA LYS A 23 -7.39 4.35 -1.08
C LYS A 23 -8.00 5.18 0.05
N ARG A 24 -7.45 5.03 1.28
CA ARG A 24 -7.69 5.97 2.38
C ARG A 24 -6.47 6.89 2.51
N SER A 25 -6.71 8.18 2.77
CA SER A 25 -5.65 9.15 3.05
C SER A 25 -5.09 8.94 4.47
N GLN A 26 -3.77 8.71 4.55
CA GLN A 26 -3.03 8.65 5.82
C GLN A 26 -2.60 10.06 6.25
N GLN A 27 -2.41 10.26 7.58
CA GLN A 27 -2.02 11.59 8.14
C GLN A 27 -1.56 11.49 9.60
N LYS A 28 -0.85 12.54 10.03
CA LYS A 28 -0.48 12.81 11.42
C LYS A 28 -1.39 13.96 11.93
N LYS A 29 -2.68 13.63 12.14
CA LYS A 29 -3.75 14.51 12.71
C LYS A 29 -4.04 15.81 11.89
N LYS A 30 -3.33 16.02 10.77
CA LYS A 30 -3.43 17.27 9.97
C LYS A 30 -4.42 17.12 8.82
N THR A 31 -4.64 18.23 8.09
CA THR A 31 -5.60 18.31 6.98
C THR A 31 -5.25 17.30 5.84
N SER A 32 -5.93 16.16 5.89
CA SER A 32 -5.90 15.14 4.85
C SER A 32 -7.22 14.35 4.99
N PRO A 33 -8.24 14.60 4.09
CA PRO A 33 -9.59 13.99 4.21
C PRO A 33 -9.55 12.45 4.28
N LEU A 34 -10.33 11.85 5.20
CA LEU A 34 -10.46 10.38 5.34
C LEU A 34 -11.36 9.80 4.21
N ASN A 35 -11.04 10.19 2.97
CA ASN A 35 -11.83 9.87 1.78
C ASN A 35 -11.38 8.51 1.22
N TYR A 36 -12.37 7.66 0.95
CA TYR A 36 -12.17 6.35 0.32
C TYR A 36 -12.45 6.50 -1.18
N LYS A 37 -11.36 6.51 -1.96
CA LYS A 37 -11.39 6.89 -3.38
C LYS A 37 -10.84 5.74 -4.26
N GLU A 38 -11.57 5.42 -5.32
CA GLU A 38 -11.41 4.17 -6.10
C GLU A 38 -10.83 4.47 -7.48
N ARG A 39 -9.65 3.89 -7.78
CA ARG A 39 -8.93 4.10 -9.03
C ARG A 39 -7.95 2.94 -9.35
N LEU A 40 -7.28 3.04 -10.51
CA LEU A 40 -6.45 1.96 -11.08
C LEU A 40 -5.04 1.98 -10.46
N PHE A 41 -4.78 1.05 -9.53
CA PHE A 41 -3.43 0.82 -8.98
C PHE A 41 -2.66 -0.10 -9.94
N VAL A 42 -1.44 0.31 -10.33
CA VAL A 42 -0.58 -0.42 -11.27
C VAL A 42 0.79 -0.63 -10.64
N LEU A 43 1.22 -1.89 -10.52
CA LEU A 43 2.54 -2.27 -10.02
C LEU A 43 3.45 -2.67 -11.19
N THR A 44 4.49 -1.87 -11.42
CA THR A 44 5.54 -2.17 -12.40
C THR A 44 6.82 -2.58 -11.66
N LYS A 45 7.88 -2.92 -12.42
CA LYS A 45 9.17 -3.38 -11.89
C LYS A 45 9.97 -2.27 -11.17
N SER A 46 9.51 -1.00 -11.28
CA SER A 46 10.22 0.16 -10.69
C SER A 46 9.34 0.90 -9.67
N MET A 47 8.02 1.01 -9.93
CA MET A 47 7.10 1.81 -9.09
C MET A 47 5.69 1.19 -9.02
N LEU A 48 5.04 1.37 -7.87
CA LEU A 48 3.59 1.17 -7.70
C LEU A 48 2.92 2.55 -7.85
N THR A 49 2.37 2.80 -9.04
CA THR A 49 1.76 4.08 -9.41
C THR A 49 0.26 3.87 -9.68
N TYR A 50 -0.60 4.70 -9.07
CA TYR A 50 -2.05 4.63 -9.28
C TYR A 50 -2.55 5.84 -10.07
N TYR A 51 -3.33 5.54 -11.13
CA TYR A 51 -3.93 6.51 -12.04
C TYR A 51 -5.45 6.54 -11.80
N GLU A 52 -6.04 7.73 -11.87
CA GLU A 52 -7.49 7.92 -11.71
C GLU A 52 -8.15 8.10 -13.08
N GLY A 53 -9.48 7.87 -13.15
CA GLY A 53 -10.27 8.07 -14.36
C GLY A 53 -10.60 9.54 -14.63
N ARG A 54 -9.60 10.44 -14.46
CA ARG A 54 -9.69 11.86 -14.78
C ARG A 54 -8.64 12.15 -15.86
N ALA A 55 -9.10 12.61 -17.04
CA ALA A 55 -8.21 12.91 -18.20
C ALA A 55 -7.65 14.35 -18.11
N GLU A 56 -7.29 14.78 -16.88
CA GLU A 56 -6.85 16.14 -16.58
C GLU A 56 -5.99 16.14 -15.27
N LYS A 57 -5.01 17.07 -15.23
CA LYS A 57 -3.96 17.11 -14.18
C LYS A 57 -4.46 17.70 -12.84
N LYS A 58 -5.78 17.91 -12.71
CA LYS A 58 -6.39 18.52 -11.51
C LYS A 58 -6.23 17.63 -10.27
N TYR A 59 -6.23 16.30 -10.49
CA TYR A 59 -6.33 15.30 -9.42
C TYR A 59 -4.94 14.96 -8.84
N ARG A 60 -4.93 14.59 -7.55
CA ARG A 60 -3.71 14.22 -6.81
C ARG A 60 -3.47 12.71 -6.93
N LYS A 61 -2.47 12.33 -7.73
CA LYS A 61 -2.04 10.93 -7.91
C LYS A 61 -0.60 10.76 -7.39
N GLY A 62 -0.42 9.80 -6.48
CA GLY A 62 0.89 9.45 -5.94
C GLY A 62 1.51 8.25 -6.65
N PHE A 63 2.74 7.94 -6.23
CA PHE A 63 3.53 6.82 -6.75
C PHE A 63 4.62 6.47 -5.72
N ILE A 64 4.88 5.16 -5.57
CA ILE A 64 5.82 4.64 -4.57
C ILE A 64 6.87 3.80 -5.30
N ASP A 65 8.14 4.00 -4.98
CA ASP A 65 9.24 3.21 -5.55
C ASP A 65 9.34 1.87 -4.79
N VAL A 66 9.63 0.78 -5.51
CA VAL A 66 9.65 -0.59 -4.96
C VAL A 66 10.71 -0.74 -3.84
N SER A 67 11.92 -0.19 -4.05
CA SER A 67 13.03 -0.33 -3.07
C SER A 67 12.87 0.63 -1.86
N LYS A 68 11.86 1.54 -1.93
CA LYS A 68 11.49 2.40 -0.79
C LYS A 68 10.52 1.69 0.16
N ILE A 69 9.82 0.66 -0.37
CA ILE A 69 8.84 -0.14 0.39
C ILE A 69 9.57 -1.01 1.44
N LYS A 70 9.24 -0.79 2.73
CA LYS A 70 9.87 -1.46 3.87
C LYS A 70 9.09 -2.73 4.30
N CYS A 71 7.81 -2.84 3.88
CA CYS A 71 6.92 -3.93 4.33
C CYS A 71 5.58 -3.88 3.56
N VAL A 72 5.01 -5.06 3.26
CA VAL A 72 3.64 -5.18 2.69
C VAL A 72 2.93 -6.37 3.36
N GLU A 73 1.79 -6.07 3.99
CA GLU A 73 0.96 -7.05 4.70
C GLU A 73 -0.49 -6.54 4.71
N ILE A 74 -1.44 -7.38 5.15
CA ILE A 74 -2.84 -6.95 5.34
C ILE A 74 -2.99 -6.14 6.64
N VAL A 75 -4.14 -5.45 6.76
CA VAL A 75 -4.49 -4.69 7.95
C VAL A 75 -5.64 -5.42 8.67
N LYS A 76 -5.39 -5.80 9.92
CA LYS A 76 -6.40 -6.44 10.76
C LYS A 76 -7.43 -5.38 11.22
N ASN A 77 -8.60 -5.38 10.56
CA ASN A 77 -9.73 -4.51 10.94
C ASN A 77 -10.18 -4.85 12.37
N ASP A 78 -9.84 -3.98 13.32
CA ASP A 78 -10.09 -4.18 14.75
C ASP A 78 -11.49 -3.67 15.11
N ASP A 79 -11.97 -2.67 14.34
CA ASP A 79 -13.29 -2.05 14.52
C ASP A 79 -14.40 -2.91 13.87
N GLY A 80 -15.60 -2.33 13.72
CA GLY A 80 -16.76 -3.05 13.22
C GLY A 80 -16.92 -2.99 11.71
N VAL A 81 -16.82 -1.77 11.14
CA VAL A 81 -17.27 -1.48 9.76
C VAL A 81 -16.09 -1.02 8.87
N ILE A 82 -15.82 -1.76 7.79
CA ILE A 82 -15.04 -1.25 6.65
C ILE A 82 -15.94 -0.26 5.86
N PRO A 83 -15.63 1.07 5.86
CA PRO A 83 -16.50 2.11 5.25
C PRO A 83 -16.27 2.30 3.72
N CYS A 84 -16.12 1.17 3.02
CA CYS A 84 -16.00 1.13 1.55
C CYS A 84 -16.39 -0.27 1.04
N GLN A 85 -16.76 -0.36 -0.26
CA GLN A 85 -17.27 -1.60 -0.88
C GLN A 85 -16.21 -2.73 -0.86
N ASN A 86 -14.92 -2.34 -0.84
CA ASN A 86 -13.80 -3.28 -0.78
C ASN A 86 -13.48 -3.61 0.70
N LYS A 87 -13.79 -4.85 1.10
CA LYS A 87 -13.83 -5.27 2.52
C LYS A 87 -12.48 -5.83 3.03
N TYR A 88 -11.44 -5.86 2.19
CA TYR A 88 -10.12 -6.41 2.56
C TYR A 88 -9.00 -5.36 2.38
N PRO A 89 -8.70 -4.55 3.45
CA PRO A 89 -7.58 -3.58 3.41
C PRO A 89 -6.21 -4.27 3.55
N PHE A 90 -5.27 -3.87 2.69
CA PHE A 90 -3.85 -4.19 2.83
C PHE A 90 -3.05 -2.89 2.80
N GLN A 91 -1.94 -2.87 3.54
CA GLN A 91 -1.10 -1.69 3.70
C GLN A 91 0.26 -1.91 3.01
N VAL A 92 0.80 -0.80 2.48
CA VAL A 92 2.11 -0.74 1.85
C VAL A 92 2.96 0.24 2.64
N VAL A 93 3.83 -0.27 3.52
CA VAL A 93 4.72 0.56 4.33
C VAL A 93 5.93 0.93 3.48
N HIS A 94 6.27 2.21 3.44
CA HIS A 94 7.39 2.75 2.66
C HIS A 94 8.10 3.83 3.48
N ASP A 95 9.21 4.37 2.94
CA ASP A 95 10.10 5.31 3.65
C ASP A 95 9.35 6.52 4.23
N ALA A 96 8.53 7.17 3.39
CA ALA A 96 7.83 8.42 3.76
C ALA A 96 6.71 8.19 4.80
N ASN A 97 5.94 7.08 4.62
CA ASN A 97 4.74 6.80 5.45
C ASN A 97 4.21 5.38 5.16
N THR A 98 3.00 5.05 5.67
CA THR A 98 2.30 3.79 5.37
C THR A 98 1.01 4.08 4.56
N LEU A 99 0.95 3.53 3.33
CA LEU A 99 -0.22 3.66 2.44
C LEU A 99 -1.28 2.62 2.83
N TYR A 100 -2.57 3.00 2.75
CA TYR A 100 -3.72 2.12 3.06
C TYR A 100 -4.62 1.96 1.85
N ILE A 101 -4.56 0.76 1.25
CA ILE A 101 -5.32 0.37 0.06
C ILE A 101 -6.39 -0.66 0.47
N PHE A 102 -7.55 -0.63 -0.20
CA PHE A 102 -8.65 -1.58 0.04
C PHE A 102 -8.90 -2.37 -1.25
N ALA A 103 -8.79 -3.70 -1.15
CA ALA A 103 -8.96 -4.62 -2.29
C ALA A 103 -10.32 -5.33 -2.23
N PRO A 104 -11.02 -5.53 -3.40
CA PRO A 104 -12.39 -6.09 -3.44
C PRO A 104 -12.51 -7.50 -2.81
N SER A 105 -11.87 -8.47 -3.47
CA SER A 105 -11.98 -9.89 -3.12
C SER A 105 -10.88 -10.30 -2.10
N PRO A 106 -11.08 -11.43 -1.34
CA PRO A 106 -10.01 -12.07 -0.53
C PRO A 106 -8.82 -12.55 -1.39
N GLN A 107 -9.08 -12.65 -2.71
CA GLN A 107 -8.09 -13.09 -3.70
C GLN A 107 -7.29 -11.89 -4.18
N SER A 108 -7.99 -10.74 -4.32
CA SER A 108 -7.41 -9.48 -4.79
C SER A 108 -6.36 -8.95 -3.80
N ARG A 109 -6.75 -8.91 -2.49
CA ARG A 109 -5.85 -8.45 -1.41
C ARG A 109 -4.58 -9.31 -1.34
N ASP A 110 -4.76 -10.64 -1.51
CA ASP A 110 -3.68 -11.61 -1.37
C ASP A 110 -2.72 -11.50 -2.55
N LEU A 111 -3.29 -11.34 -3.77
CA LEU A 111 -2.52 -11.28 -5.01
C LEU A 111 -1.66 -10.02 -5.06
N TRP A 112 -2.23 -8.89 -4.60
CA TRP A 112 -1.51 -7.62 -4.47
C TRP A 112 -0.38 -7.69 -3.43
N VAL A 113 -0.69 -8.17 -2.21
CA VAL A 113 0.33 -8.36 -1.14
C VAL A 113 1.46 -9.25 -1.67
N LYS A 114 1.08 -10.34 -2.37
CA LYS A 114 1.98 -11.33 -2.99
C LYS A 114 2.94 -10.66 -3.98
N LYS A 115 2.37 -9.95 -4.98
CA LYS A 115 3.14 -9.30 -6.05
C LYS A 115 4.05 -8.19 -5.54
N LEU A 116 3.68 -7.57 -4.43
CA LEU A 116 4.49 -6.51 -3.79
C LEU A 116 5.67 -7.11 -3.00
N LYS A 117 5.37 -8.06 -2.08
CA LYS A 117 6.38 -8.71 -1.22
C LYS A 117 7.44 -9.52 -2.02
N GLU A 118 7.03 -10.13 -3.16
CA GLU A 118 7.97 -10.86 -4.04
C GLU A 118 8.88 -9.91 -4.84
N GLU A 119 8.47 -8.64 -4.98
CA GLU A 119 9.30 -7.59 -5.61
C GLU A 119 10.27 -6.97 -4.60
N ILE A 120 9.77 -6.73 -3.38
CA ILE A 120 10.59 -6.08 -2.32
C ILE A 120 11.51 -7.09 -1.62
N LYS A 121 11.58 -8.34 -2.16
CA LYS A 121 12.59 -9.33 -1.73
C LYS A 121 14.01 -8.85 -2.10
N ASN A 122 14.09 -8.04 -3.18
CA ASN A 122 15.36 -7.51 -3.72
C ASN A 122 15.85 -6.29 -2.91
N ASN A 123 15.03 -5.84 -1.94
CA ASN A 123 15.35 -4.70 -1.05
C ASN A 123 16.33 -5.11 0.07
N ASN A 124 16.70 -4.12 0.91
CA ASN A 124 17.53 -4.33 2.12
C ASN A 124 16.91 -3.60 3.33
N ASN A 125 15.71 -3.03 3.13
CA ASN A 125 15.02 -2.17 4.12
C ASN A 125 13.76 -2.86 4.67
N ILE A 126 13.70 -4.20 4.54
CA ILE A 126 12.51 -4.97 4.91
C ILE A 126 12.47 -5.16 6.42
N MET A 127 11.48 -4.51 7.07
CA MET A 127 11.33 -4.52 8.53
C MET A 127 11.03 -5.95 9.00
N ILE A 128 11.65 -6.33 10.12
CA ILE A 128 11.51 -7.67 10.72
C ILE A 128 10.08 -7.85 11.30
N LYS A 129 9.38 -6.72 11.52
CA LYS A 129 8.00 -6.68 12.05
C LYS A 129 7.13 -5.67 11.25
N TYR A 130 5.81 -5.69 11.52
CA TYR A 130 4.85 -4.70 10.99
C TYR A 130 3.82 -4.37 12.10
N HIS A 131 2.94 -3.39 11.83
CA HIS A 131 1.85 -3.01 12.75
C HIS A 131 0.52 -3.53 12.20
N PRO A 132 -0.24 -4.37 12.97
CA PRO A 132 -1.46 -5.05 12.45
C PRO A 132 -2.66 -4.09 12.26
N LYS A 133 -2.64 -2.94 12.94
CA LYS A 133 -3.79 -2.00 12.99
C LYS A 133 -3.56 -0.78 12.09
N PHE A 134 -4.56 0.12 12.04
CA PHE A 134 -4.57 1.29 11.15
C PHE A 134 -3.74 2.44 11.76
N TRP A 135 -2.73 2.90 11.01
CA TRP A 135 -1.91 4.07 11.34
C TRP A 135 -2.77 5.34 11.29
N THR A 136 -3.31 5.71 12.45
CA THR A 136 -4.12 6.90 12.66
C THR A 136 -3.77 7.48 14.04
N ASP A 137 -3.41 8.77 14.10
CA ASP A 137 -2.88 9.39 15.31
C ASP A 137 -4.01 9.78 16.27
N GLY A 138 -4.00 9.18 17.46
CA GLY A 138 -5.08 9.37 18.45
C GLY A 138 -5.95 8.13 18.58
N SER A 139 -5.85 7.22 17.60
CA SER A 139 -6.58 5.94 17.63
C SER A 139 -5.87 4.92 18.52
N TYR A 140 -6.66 4.07 19.20
CA TYR A 140 -6.12 2.93 19.99
C TYR A 140 -5.76 1.78 19.03
N GLN A 141 -4.64 1.96 18.31
CA GLN A 141 -4.04 0.91 17.46
C GLN A 141 -3.21 -0.05 18.36
N CYS A 142 -2.25 -0.78 17.77
CA CYS A 142 -1.39 -1.71 18.52
C CYS A 142 -0.51 -0.97 19.55
N CYS A 143 0.49 -0.22 19.07
CA CYS A 143 1.48 0.46 19.92
C CYS A 143 1.02 1.89 20.32
N ARG A 144 0.10 2.46 19.51
CA ARG A 144 -0.35 3.88 19.62
C ARG A 144 0.78 4.86 19.16
N GLN A 145 1.82 4.35 18.47
CA GLN A 145 2.93 5.20 17.98
C GLN A 145 2.46 6.01 16.75
N THR A 146 2.50 5.37 15.54
CA THR A 146 2.07 5.90 14.20
C THR A 146 2.76 7.22 13.69
N GLU A 147 3.24 8.09 14.62
CA GLU A 147 3.88 9.37 14.29
C GLU A 147 5.23 9.13 13.59
N LYS A 148 6.06 8.29 14.23
CA LYS A 148 7.38 7.90 13.70
C LYS A 148 7.29 6.53 13.05
N LEU A 149 8.19 6.28 12.10
CA LEU A 149 8.34 5.01 11.38
C LEU A 149 8.80 3.91 12.36
N ALA A 150 7.83 3.24 12.99
CA ALA A 150 8.09 2.23 14.01
C ALA A 150 8.37 0.85 13.35
N PRO A 151 9.45 0.11 13.80
CA PRO A 151 9.88 -1.19 13.20
C PRO A 151 8.80 -2.29 13.17
N GLY A 152 7.79 -2.15 14.04
CA GLY A 152 6.64 -3.06 14.10
C GLY A 152 6.49 -3.75 15.44
N CYS A 153 5.24 -4.06 15.82
CA CYS A 153 4.90 -4.74 17.08
C CYS A 153 4.75 -6.25 16.88
N GLU A 154 4.13 -6.65 15.77
CA GLU A 154 3.88 -8.06 15.43
C GLU A 154 4.86 -8.48 14.34
N LYS A 155 5.37 -9.71 14.43
CA LYS A 155 6.42 -10.23 13.52
C LYS A 155 5.94 -10.24 12.05
N TYR A 156 6.81 -9.77 11.15
CA TYR A 156 6.60 -9.81 9.70
C TYR A 156 7.71 -10.65 9.07
N ASN A 157 7.36 -11.85 8.64
CA ASN A 157 8.26 -12.77 7.93
C ASN A 157 7.95 -12.76 6.42
N LEU A 158 8.86 -12.13 5.64
CA LEU A 158 8.66 -11.81 4.21
C LEU A 158 8.31 -13.05 3.33
N PHE A 159 8.83 -14.24 3.69
CA PHE A 159 8.50 -15.53 3.00
C PHE A 159 8.29 -16.65 4.05
N GLU A 160 7.49 -16.33 5.10
CA GLU A 160 7.25 -17.20 6.27
C GLU A 160 8.59 -17.59 6.95
N SER A 161 9.54 -16.63 6.91
CA SER A 161 10.86 -16.74 7.53
C SER A 161 10.73 -16.77 9.06
N SER A 162 10.50 -17.98 9.59
CA SER A 162 10.31 -18.21 11.01
C SER A 162 11.66 -18.13 11.72
N ILE A 163 11.92 -16.97 12.32
CA ILE A 163 13.20 -16.67 12.98
C ILE A 163 13.14 -17.11 14.45
N ARG A 164 13.86 -18.19 14.78
CA ARG A 164 14.07 -18.65 16.16
C ARG A 164 15.48 -18.18 16.61
N MET A 1 -19.57 12.32 -6.64
CA MET A 1 -19.62 13.38 -7.68
C MET A 1 -18.24 13.53 -8.32
N GLY A 2 -18.14 13.19 -9.62
CA GLY A 2 -16.90 13.35 -10.40
C GLY A 2 -17.06 14.46 -11.43
N HIS A 3 -16.85 14.10 -12.71
CA HIS A 3 -17.03 15.00 -13.85
C HIS A 3 -16.98 14.18 -15.14
N HIS A 4 -17.88 14.47 -16.10
CA HIS A 4 -17.83 13.89 -17.47
C HIS A 4 -16.64 14.53 -18.21
N HIS A 5 -15.52 13.79 -18.28
CA HIS A 5 -14.21 14.35 -18.68
C HIS A 5 -13.46 13.39 -19.63
N HIS A 6 -12.19 13.72 -19.92
CA HIS A 6 -11.28 12.80 -20.62
C HIS A 6 -10.80 11.74 -19.61
N HIS A 7 -11.40 10.54 -19.72
CA HIS A 7 -11.12 9.40 -18.82
C HIS A 7 -9.80 8.72 -19.21
N HIS A 8 -9.01 8.35 -18.20
CA HIS A 8 -7.62 7.86 -18.38
C HIS A 8 -7.55 6.39 -18.82
N SER A 9 -6.37 5.99 -19.29
CA SER A 9 -6.09 4.61 -19.71
C SER A 9 -4.65 4.25 -19.27
N HIS A 10 -4.09 3.14 -19.79
CA HIS A 10 -2.69 2.78 -19.59
C HIS A 10 -2.19 1.93 -20.76
N MET A 11 -1.00 2.29 -21.28
CA MET A 11 -0.29 1.51 -22.30
C MET A 11 0.54 0.40 -21.62
N ASN A 12 1.39 -0.30 -22.40
CA ASN A 12 2.21 -1.42 -21.87
C ASN A 12 3.48 -0.87 -21.14
N PHE A 13 3.28 -0.50 -19.85
CA PHE A 13 4.36 0.07 -18.99
C PHE A 13 5.17 -1.05 -18.27
N ASN A 14 5.08 -2.29 -18.79
CA ASN A 14 5.69 -3.50 -18.20
C ASN A 14 5.09 -3.77 -16.80
N THR A 15 3.76 -3.99 -16.78
CA THR A 15 2.99 -4.22 -15.56
C THR A 15 3.16 -5.67 -15.07
N ILE A 16 3.30 -5.83 -13.76
CA ILE A 16 3.25 -7.13 -13.08
C ILE A 16 1.77 -7.50 -12.83
N LEU A 17 0.97 -6.50 -12.41
CA LEU A 17 -0.44 -6.68 -12.03
C LEU A 17 -1.15 -5.31 -11.99
N GLU A 18 -2.44 -5.27 -12.40
CA GLU A 18 -3.28 -4.05 -12.32
C GLU A 18 -4.69 -4.41 -11.81
N GLU A 19 -5.32 -3.49 -11.05
CA GLU A 19 -6.66 -3.72 -10.46
C GLU A 19 -7.31 -2.39 -10.03
N ILE A 20 -8.65 -2.39 -10.00
CA ILE A 20 -9.47 -1.29 -9.49
C ILE A 20 -9.58 -1.43 -7.96
N LEU A 21 -8.73 -0.69 -7.25
CA LEU A 21 -8.65 -0.71 -5.78
C LEU A 21 -9.05 0.67 -5.23
N ILE A 22 -9.61 0.70 -4.03
CA ILE A 22 -10.02 1.97 -3.38
C ILE A 22 -8.89 2.44 -2.42
N LYS A 23 -8.46 3.68 -2.64
CA LYS A 23 -7.32 4.27 -1.94
C LYS A 23 -7.78 5.12 -0.75
N ARG A 24 -7.12 4.92 0.41
CA ARG A 24 -7.18 5.84 1.54
C ARG A 24 -6.12 6.94 1.33
N SER A 25 -6.52 8.21 1.46
CA SER A 25 -5.62 9.36 1.32
C SER A 25 -5.24 9.96 2.69
N GLN A 26 -4.00 10.50 2.73
CA GLN A 26 -3.39 11.06 3.94
C GLN A 26 -4.10 12.37 4.39
N GLN A 27 -4.21 12.55 5.71
CA GLN A 27 -4.94 13.69 6.32
C GLN A 27 -4.30 14.06 7.66
N LYS A 28 -4.62 15.28 8.13
CA LYS A 28 -4.18 15.78 9.45
C LYS A 28 -5.35 16.48 10.17
N LYS A 29 -6.57 16.04 9.82
CA LYS A 29 -7.86 16.44 10.46
C LYS A 29 -8.29 17.88 10.17
N LYS A 30 -7.39 18.72 9.64
CA LYS A 30 -7.67 20.12 9.33
C LYS A 30 -8.47 20.22 8.02
N THR A 31 -9.78 19.92 8.13
CA THR A 31 -10.74 19.78 7.02
C THR A 31 -10.56 18.45 6.25
N SER A 32 -9.31 17.96 6.16
CA SER A 32 -8.95 16.72 5.47
C SER A 32 -9.34 15.46 6.29
N PRO A 33 -10.23 14.57 5.75
CA PRO A 33 -10.52 13.23 6.32
C PRO A 33 -9.75 12.09 5.58
N LEU A 34 -9.81 10.87 6.13
CA LEU A 34 -9.31 9.65 5.44
C LEU A 34 -10.35 9.26 4.39
N ASN A 35 -10.34 9.95 3.24
CA ASN A 35 -11.33 9.72 2.18
C ASN A 35 -10.98 8.48 1.33
N TYR A 36 -12.03 7.75 0.94
CA TYR A 36 -11.93 6.46 0.22
C TYR A 36 -12.51 6.62 -1.20
N LYS A 37 -11.65 6.51 -2.22
CA LYS A 37 -12.04 6.72 -3.62
C LYS A 37 -11.53 5.58 -4.51
N GLU A 38 -12.26 5.33 -5.62
CA GLU A 38 -12.03 4.19 -6.52
C GLU A 38 -10.94 4.55 -7.56
N ARG A 39 -9.82 3.82 -7.53
CA ARG A 39 -8.58 4.17 -8.29
C ARG A 39 -8.07 2.93 -9.05
N LEU A 40 -7.36 3.19 -10.15
CA LEU A 40 -6.72 2.14 -10.96
C LEU A 40 -5.22 2.05 -10.61
N PHE A 41 -4.86 1.07 -9.77
CA PHE A 41 -3.47 0.79 -9.41
C PHE A 41 -2.84 -0.16 -10.43
N VAL A 42 -1.81 0.33 -11.12
CA VAL A 42 -1.00 -0.46 -12.06
C VAL A 42 0.40 -0.60 -11.45
N LEU A 43 0.85 -1.83 -11.21
CA LEU A 43 2.16 -2.12 -10.62
C LEU A 43 3.11 -2.46 -11.75
N THR A 44 4.28 -1.81 -11.77
CA THR A 44 5.35 -2.07 -12.74
C THR A 44 6.62 -2.44 -11.97
N LYS A 45 7.71 -2.71 -12.71
CA LYS A 45 8.98 -3.20 -12.14
C LYS A 45 9.65 -2.18 -11.19
N SER A 46 9.62 -0.90 -11.56
CA SER A 46 10.33 0.16 -10.81
C SER A 46 9.42 0.79 -9.72
N MET A 47 8.11 0.94 -10.02
CA MET A 47 7.18 1.75 -9.18
C MET A 47 5.74 1.18 -9.23
N LEU A 48 4.97 1.50 -8.19
CA LEU A 48 3.53 1.23 -8.12
C LEU A 48 2.80 2.50 -8.56
N THR A 49 2.33 2.49 -9.80
CA THR A 49 1.61 3.60 -10.43
C THR A 49 0.11 3.52 -10.09
N TYR A 50 -0.58 4.67 -10.06
CA TYR A 50 -2.02 4.74 -9.83
C TYR A 50 -2.62 5.97 -10.55
N TYR A 51 -3.66 5.70 -11.34
CA TYR A 51 -4.40 6.69 -12.13
C TYR A 51 -5.77 6.93 -11.47
N GLU A 52 -6.15 8.22 -11.36
CA GLU A 52 -7.38 8.65 -10.67
C GLU A 52 -8.07 9.81 -11.42
N GLY A 53 -9.39 9.99 -11.20
CA GLY A 53 -10.18 11.01 -11.93
C GLY A 53 -10.78 12.09 -11.05
N ARG A 54 -9.99 12.66 -10.12
CA ARG A 54 -10.39 13.86 -9.34
C ARG A 54 -9.98 15.11 -10.12
N ALA A 55 -10.96 15.99 -10.44
CA ALA A 55 -10.74 17.20 -11.26
C ALA A 55 -9.88 18.24 -10.52
N GLU A 56 -9.90 18.19 -9.18
CA GLU A 56 -9.14 19.09 -8.32
C GLU A 56 -7.73 18.52 -8.14
N LYS A 57 -6.68 19.29 -8.52
CA LYS A 57 -5.27 18.84 -8.47
C LYS A 57 -4.74 19.04 -7.03
N LYS A 58 -5.18 18.15 -6.12
CA LYS A 58 -4.72 18.09 -4.72
C LYS A 58 -4.58 16.63 -4.30
N TYR A 59 -5.43 15.76 -4.86
CA TYR A 59 -5.43 14.31 -4.58
C TYR A 59 -4.13 13.66 -5.12
N ARG A 60 -3.69 12.59 -4.44
CA ARG A 60 -2.49 11.85 -4.83
C ARG A 60 -2.73 10.96 -6.06
N LYS A 61 -2.11 11.35 -7.18
CA LYS A 61 -1.90 10.45 -8.33
C LYS A 61 -0.41 10.44 -8.66
N GLY A 62 0.06 9.34 -9.24
CA GLY A 62 1.44 9.22 -9.70
C GLY A 62 2.00 7.83 -9.43
N PHE A 63 2.97 7.74 -8.49
CA PHE A 63 3.72 6.51 -8.25
C PHE A 63 4.33 6.49 -6.84
N ILE A 64 4.71 5.28 -6.40
CA ILE A 64 5.55 5.03 -5.20
C ILE A 64 6.64 4.04 -5.60
N ASP A 65 7.90 4.30 -5.20
CA ASP A 65 9.06 3.45 -5.56
C ASP A 65 8.97 2.11 -4.82
N VAL A 66 9.03 1.00 -5.59
CA VAL A 66 9.01 -0.39 -5.03
C VAL A 66 10.25 -0.64 -4.17
N SER A 67 11.37 0.00 -4.54
CA SER A 67 12.64 -0.09 -3.79
C SER A 67 12.51 0.52 -2.38
N LYS A 68 11.63 1.52 -2.23
CA LYS A 68 11.44 2.25 -0.95
C LYS A 68 10.41 1.56 -0.04
N ILE A 69 9.71 0.56 -0.59
CA ILE A 69 8.74 -0.23 0.17
C ILE A 69 9.49 -1.25 1.06
N LYS A 70 9.28 -1.13 2.38
CA LYS A 70 9.98 -1.93 3.40
C LYS A 70 9.14 -3.14 3.86
N CYS A 71 7.81 -3.05 3.63
CA CYS A 71 6.84 -4.06 4.09
C CYS A 71 5.54 -3.93 3.27
N VAL A 72 4.98 -5.06 2.82
CA VAL A 72 3.59 -5.13 2.28
C VAL A 72 2.89 -6.32 2.93
N GLU A 73 1.84 -6.04 3.69
CA GLU A 73 1.15 -7.05 4.48
C GLU A 73 -0.35 -6.74 4.50
N ILE A 74 -1.17 -7.74 4.84
CA ILE A 74 -2.60 -7.55 5.09
C ILE A 74 -2.81 -6.76 6.40
N VAL A 75 -3.97 -6.10 6.55
CA VAL A 75 -4.28 -5.30 7.75
C VAL A 75 -5.10 -6.16 8.73
N LYS A 76 -4.50 -6.53 9.88
CA LYS A 76 -5.17 -7.27 10.95
C LYS A 76 -5.86 -6.27 11.88
N ASN A 77 -7.16 -6.07 11.69
CA ASN A 77 -7.97 -5.19 12.57
C ASN A 77 -8.46 -6.02 13.78
N ASP A 78 -9.02 -5.33 14.80
CA ASP A 78 -9.56 -5.99 16.01
C ASP A 78 -10.78 -6.86 15.64
N ASP A 79 -11.54 -6.39 14.66
CA ASP A 79 -12.73 -7.09 14.14
C ASP A 79 -12.96 -6.68 12.68
N GLY A 80 -13.74 -7.50 11.94
CA GLY A 80 -14.01 -7.27 10.53
C GLY A 80 -15.09 -6.22 10.26
N VAL A 81 -14.90 -4.98 10.75
CA VAL A 81 -15.69 -3.80 10.37
C VAL A 81 -14.70 -2.79 9.77
N ILE A 82 -14.81 -2.55 8.46
CA ILE A 82 -13.88 -1.71 7.70
C ILE A 82 -14.68 -0.54 7.08
N PRO A 83 -14.22 0.75 7.24
CA PRO A 83 -14.94 1.94 6.73
C PRO A 83 -14.78 2.14 5.20
N CYS A 84 -15.23 1.14 4.42
CA CYS A 84 -15.16 1.14 2.96
C CYS A 84 -16.00 -0.02 2.42
N GLN A 85 -16.59 0.17 1.23
CA GLN A 85 -17.30 -0.90 0.48
C GLN A 85 -16.31 -2.03 0.11
N ASN A 86 -15.07 -1.63 -0.18
CA ASN A 86 -13.95 -2.54 -0.39
C ASN A 86 -13.38 -2.97 0.97
N LYS A 87 -13.75 -4.18 1.41
CA LYS A 87 -13.23 -4.77 2.66
C LYS A 87 -12.04 -5.69 2.36
N TYR A 88 -11.37 -6.12 3.44
CA TYR A 88 -10.08 -6.84 3.39
C TYR A 88 -9.01 -5.94 2.72
N PRO A 89 -8.52 -4.88 3.45
CA PRO A 89 -7.47 -4.00 2.94
C PRO A 89 -6.06 -4.56 3.20
N PHE A 90 -5.12 -4.16 2.35
CA PHE A 90 -3.70 -4.41 2.55
C PHE A 90 -2.98 -3.06 2.64
N GLN A 91 -1.84 -3.05 3.31
CA GLN A 91 -1.05 -1.84 3.55
C GLN A 91 0.31 -1.97 2.85
N VAL A 92 0.74 -0.86 2.25
CA VAL A 92 2.03 -0.73 1.61
C VAL A 92 2.85 0.23 2.48
N VAL A 93 3.71 -0.33 3.31
CA VAL A 93 4.52 0.44 4.26
C VAL A 93 5.82 0.81 3.56
N HIS A 94 5.88 2.04 3.07
CA HIS A 94 7.09 2.62 2.45
C HIS A 94 7.65 3.70 3.37
N ASP A 95 8.91 4.10 3.14
CA ASP A 95 9.70 4.88 4.10
C ASP A 95 9.19 6.34 4.28
N ALA A 96 8.33 6.81 3.36
CA ALA A 96 7.69 8.13 3.49
C ALA A 96 6.53 8.08 4.51
N ASN A 97 5.65 7.09 4.34
CA ASN A 97 4.47 6.86 5.22
C ASN A 97 3.82 5.52 4.88
N THR A 98 2.84 5.10 5.67
CA THR A 98 2.10 3.84 5.45
C THR A 98 0.82 4.11 4.62
N LEU A 99 0.77 3.55 3.40
CA LEU A 99 -0.40 3.66 2.51
C LEU A 99 -1.37 2.49 2.82
N TYR A 100 -2.68 2.74 2.68
CA TYR A 100 -3.73 1.72 2.87
C TYR A 100 -4.59 1.62 1.62
N ILE A 101 -4.53 0.44 0.98
CA ILE A 101 -5.25 0.13 -0.25
C ILE A 101 -6.31 -0.95 0.04
N PHE A 102 -7.58 -0.58 -0.13
CA PHE A 102 -8.75 -1.42 0.15
C PHE A 102 -9.17 -2.14 -1.14
N ALA A 103 -9.13 -3.48 -1.12
CA ALA A 103 -9.40 -4.31 -2.30
C ALA A 103 -10.89 -4.68 -2.39
N PRO A 104 -11.50 -4.73 -3.63
CA PRO A 104 -12.91 -5.17 -3.83
C PRO A 104 -13.04 -6.70 -3.86
N SER A 105 -11.94 -7.39 -3.53
CA SER A 105 -11.81 -8.82 -3.62
C SER A 105 -10.67 -9.27 -2.67
N PRO A 106 -10.99 -10.07 -1.60
CA PRO A 106 -9.97 -10.62 -0.65
C PRO A 106 -8.87 -11.46 -1.32
N GLN A 107 -9.16 -12.01 -2.52
CA GLN A 107 -8.20 -12.87 -3.26
C GLN A 107 -7.27 -11.99 -4.10
N SER A 108 -7.81 -10.85 -4.61
CA SER A 108 -7.03 -9.84 -5.34
C SER A 108 -5.99 -9.24 -4.39
N ARG A 109 -6.47 -8.80 -3.20
CA ARG A 109 -5.64 -8.35 -2.06
C ARG A 109 -4.47 -9.31 -1.83
N ASP A 110 -4.80 -10.60 -1.70
CA ASP A 110 -3.83 -11.67 -1.39
C ASP A 110 -2.71 -11.74 -2.44
N LEU A 111 -3.11 -11.58 -3.71
CA LEU A 111 -2.17 -11.59 -4.85
C LEU A 111 -1.25 -10.36 -4.80
N TRP A 112 -1.83 -9.17 -4.52
CA TRP A 112 -1.06 -7.90 -4.41
C TRP A 112 0.00 -7.98 -3.29
N VAL A 113 -0.40 -8.46 -2.10
CA VAL A 113 0.49 -8.58 -0.93
C VAL A 113 1.69 -9.45 -1.26
N LYS A 114 1.40 -10.61 -1.87
CA LYS A 114 2.39 -11.60 -2.28
C LYS A 114 3.36 -11.05 -3.35
N LYS A 115 2.80 -10.51 -4.45
CA LYS A 115 3.60 -9.96 -5.57
C LYS A 115 4.59 -8.89 -5.10
N LEU A 116 4.06 -7.89 -4.37
CA LEU A 116 4.83 -6.75 -3.85
C LEU A 116 5.97 -7.21 -2.90
N LYS A 117 5.66 -8.09 -1.92
CA LYS A 117 6.69 -8.59 -0.97
C LYS A 117 7.76 -9.45 -1.68
N GLU A 118 7.37 -10.21 -2.72
CA GLU A 118 8.32 -11.01 -3.52
C GLU A 118 9.22 -10.15 -4.43
N GLU A 119 8.84 -8.87 -4.65
CA GLU A 119 9.71 -7.92 -5.35
C GLU A 119 10.74 -7.30 -4.38
N ILE A 120 10.26 -6.95 -3.18
CA ILE A 120 11.08 -6.23 -2.17
C ILE A 120 11.89 -7.20 -1.28
N LYS A 121 11.69 -8.53 -1.46
CA LYS A 121 12.40 -9.57 -0.66
C LYS A 121 13.93 -9.58 -0.90
N ASN A 122 14.37 -9.00 -2.03
CA ASN A 122 15.81 -8.88 -2.37
C ASN A 122 16.39 -7.55 -1.84
N ASN A 123 15.53 -6.64 -1.35
CA ASN A 123 15.96 -5.34 -0.79
C ASN A 123 16.40 -5.52 0.67
N ASN A 124 17.42 -4.73 1.08
CA ASN A 124 17.99 -4.75 2.46
C ASN A 124 17.32 -3.67 3.35
N ASN A 125 16.14 -3.17 2.91
CA ASN A 125 15.40 -2.10 3.62
C ASN A 125 14.23 -2.67 4.46
N ILE A 126 14.12 -4.01 4.48
CA ILE A 126 12.95 -4.71 5.02
C ILE A 126 12.89 -4.60 6.55
N MET A 127 11.70 -4.28 7.05
CA MET A 127 11.39 -4.35 8.49
C MET A 127 10.73 -5.71 8.74
N ILE A 128 11.31 -6.49 9.67
CA ILE A 128 10.81 -7.84 10.04
C ILE A 128 9.54 -7.73 10.92
N LYS A 129 9.10 -6.47 11.20
CA LYS A 129 7.85 -6.16 11.92
C LYS A 129 7.06 -5.08 11.12
N TYR A 130 5.76 -5.00 11.39
CA TYR A 130 4.83 -3.99 10.84
C TYR A 130 3.75 -3.68 11.91
N HIS A 131 2.88 -2.69 11.64
CA HIS A 131 1.74 -2.37 12.51
C HIS A 131 0.47 -3.03 11.95
N PRO A 132 -0.22 -3.91 12.75
CA PRO A 132 -1.38 -4.70 12.26
C PRO A 132 -2.60 -3.82 11.93
N LYS A 133 -2.79 -2.74 12.71
CA LYS A 133 -3.95 -1.84 12.59
C LYS A 133 -3.64 -0.72 11.57
N PHE A 134 -4.55 0.27 11.51
CA PHE A 134 -4.46 1.39 10.57
C PHE A 134 -3.71 2.56 11.21
N TRP A 135 -2.74 3.15 10.49
CA TRP A 135 -2.15 4.45 10.82
C TRP A 135 -3.23 5.53 10.60
N THR A 136 -4.13 5.63 11.59
CA THR A 136 -5.23 6.58 11.59
C THR A 136 -4.91 7.63 12.66
N ASP A 137 -4.43 8.79 12.19
CA ASP A 137 -3.99 9.91 13.04
C ASP A 137 -5.10 10.38 13.99
N GLY A 138 -4.76 10.48 15.29
CA GLY A 138 -5.70 10.85 16.34
C GLY A 138 -6.79 9.82 16.57
N SER A 139 -6.40 8.53 16.48
CA SER A 139 -7.29 7.40 16.77
C SER A 139 -6.51 6.27 17.46
N TYR A 140 -7.24 5.41 18.17
CA TYR A 140 -6.68 4.35 18.99
C TYR A 140 -6.41 3.10 18.16
N GLN A 141 -5.28 3.12 17.42
CA GLN A 141 -4.80 1.95 16.67
C GLN A 141 -3.90 1.10 17.58
N CYS A 142 -3.24 0.08 16.99
CA CYS A 142 -2.55 -1.01 17.72
C CYS A 142 -1.72 -0.53 18.94
N CYS A 143 -0.74 0.36 18.71
CA CYS A 143 0.07 0.97 19.78
C CYS A 143 -0.12 2.51 19.81
N ARG A 144 -1.02 3.01 18.91
CA ARG A 144 -1.37 4.46 18.76
C ARG A 144 -0.18 5.29 18.21
N GLN A 145 0.87 4.58 17.70
CA GLN A 145 2.13 5.22 17.24
C GLN A 145 2.05 5.65 15.76
N THR A 146 0.89 6.19 15.36
CA THR A 146 0.70 6.87 14.07
C THR A 146 1.20 8.33 14.20
N GLU A 147 2.54 8.45 14.27
CA GLU A 147 3.24 9.70 14.58
C GLU A 147 4.45 9.86 13.67
N LYS A 148 5.27 8.80 13.63
CA LYS A 148 6.51 8.76 12.82
C LYS A 148 6.91 7.28 12.58
N LEU A 149 7.91 7.05 11.71
CA LEU A 149 8.35 5.70 11.26
C LEU A 149 8.68 4.78 12.46
N ALA A 150 7.65 4.10 12.97
CA ALA A 150 7.79 3.10 14.04
C ALA A 150 7.97 1.73 13.37
N PRO A 151 9.02 0.94 13.76
CA PRO A 151 9.44 -0.28 13.02
C PRO A 151 8.47 -1.49 13.13
N GLY A 152 7.40 -1.32 13.92
CA GLY A 152 6.29 -2.29 13.99
C GLY A 152 6.22 -3.06 15.30
N CYS A 153 5.04 -3.64 15.58
CA CYS A 153 4.76 -4.41 16.81
C CYS A 153 4.41 -5.87 16.51
N GLU A 154 3.80 -6.13 15.36
CA GLU A 154 3.50 -7.51 14.89
C GLU A 154 4.60 -7.98 13.94
N LYS A 155 4.91 -9.28 13.99
CA LYS A 155 5.91 -9.90 13.11
C LYS A 155 5.41 -9.91 11.64
N TYR A 156 6.22 -9.34 10.74
CA TYR A 156 5.94 -9.31 9.30
C TYR A 156 6.53 -10.55 8.62
N ASN A 157 5.66 -11.46 8.14
CA ASN A 157 6.12 -12.70 7.47
C ASN A 157 6.50 -12.43 5.99
N LEU A 158 7.81 -12.19 5.76
CA LEU A 158 8.38 -12.06 4.40
C LEU A 158 8.73 -13.44 3.82
N PHE A 159 9.17 -14.35 4.70
CA PHE A 159 9.52 -15.74 4.33
C PHE A 159 8.71 -16.73 5.18
N GLU A 160 8.75 -16.53 6.52
CA GLU A 160 8.10 -17.43 7.48
C GLU A 160 7.37 -16.62 8.57
N SER A 161 6.43 -17.28 9.25
CA SER A 161 5.76 -16.74 10.43
C SER A 161 6.75 -16.77 11.61
N SER A 162 7.67 -15.78 11.64
CA SER A 162 8.78 -15.74 12.60
C SER A 162 8.24 -15.52 14.03
N ILE A 163 8.29 -16.58 14.84
CA ILE A 163 7.75 -16.58 16.21
C ILE A 163 8.73 -15.87 17.14
N ARG A 164 8.31 -14.70 17.66
CA ARG A 164 9.13 -13.92 18.61
C ARG A 164 9.26 -14.65 19.98
N MET A 1 -17.46 19.18 -13.49
CA MET A 1 -17.64 17.97 -14.33
C MET A 1 -19.11 17.51 -14.23
N GLY A 2 -19.53 16.59 -15.13
CA GLY A 2 -20.90 16.07 -15.10
C GLY A 2 -21.06 14.81 -15.94
N HIS A 3 -20.40 14.79 -17.12
CA HIS A 3 -20.40 13.64 -18.04
C HIS A 3 -18.98 13.41 -18.56
N HIS A 4 -18.68 12.14 -18.93
CA HIS A 4 -17.36 11.74 -19.43
C HIS A 4 -17.48 10.41 -20.20
N HIS A 5 -17.42 10.50 -21.55
CA HIS A 5 -17.43 9.33 -22.46
C HIS A 5 -16.06 9.14 -23.13
N HIS A 6 -15.12 10.08 -22.88
CA HIS A 6 -13.75 9.99 -23.40
C HIS A 6 -12.88 9.25 -22.38
N HIS A 7 -12.72 7.93 -22.61
CA HIS A 7 -12.03 7.00 -21.70
C HIS A 7 -10.62 7.52 -21.32
N HIS A 8 -10.36 7.61 -19.99
CA HIS A 8 -9.15 8.21 -19.45
C HIS A 8 -7.90 7.41 -19.86
N SER A 9 -7.22 7.92 -20.90
CA SER A 9 -5.97 7.38 -21.40
C SER A 9 -4.87 7.48 -20.33
N HIS A 10 -4.17 6.37 -20.12
CA HIS A 10 -3.09 6.26 -19.14
C HIS A 10 -1.87 5.59 -19.81
N MET A 11 -0.73 5.61 -19.12
CA MET A 11 0.51 5.02 -19.65
C MET A 11 0.40 3.49 -19.63
N ASN A 12 0.55 2.88 -20.81
CA ASN A 12 0.45 1.43 -20.99
C ASN A 12 1.85 0.81 -21.15
N PHE A 13 2.66 0.92 -20.09
CA PHE A 13 3.95 0.23 -19.99
C PHE A 13 3.72 -1.25 -19.68
N ASN A 14 4.76 -2.10 -19.87
CA ASN A 14 4.68 -3.53 -19.58
C ASN A 14 4.44 -3.72 -18.06
N THR A 15 3.17 -3.94 -17.71
CA THR A 15 2.71 -4.05 -16.33
C THR A 15 2.93 -5.49 -15.80
N ILE A 16 2.80 -5.62 -14.48
CA ILE A 16 2.84 -6.89 -13.76
C ILE A 16 1.41 -7.25 -13.32
N LEU A 17 0.70 -6.25 -12.78
CA LEU A 17 -0.62 -6.44 -12.18
C LEU A 17 -1.33 -5.08 -12.06
N GLU A 18 -2.63 -5.02 -12.39
CA GLU A 18 -3.43 -3.78 -12.33
C GLU A 18 -4.88 -4.09 -11.90
N GLU A 19 -5.45 -3.20 -11.06
CA GLU A 19 -6.84 -3.37 -10.57
C GLU A 19 -7.35 -2.05 -9.98
N ILE A 20 -8.68 -1.91 -9.98
CA ILE A 20 -9.40 -0.82 -9.33
C ILE A 20 -9.44 -1.11 -7.81
N LEU A 21 -8.46 -0.54 -7.09
CA LEU A 21 -8.35 -0.68 -5.62
C LEU A 21 -8.72 0.66 -4.99
N ILE A 22 -9.28 0.63 -3.77
CA ILE A 22 -9.63 1.87 -3.04
C ILE A 22 -8.53 2.23 -2.02
N LYS A 23 -7.88 3.36 -2.27
CA LYS A 23 -6.80 3.91 -1.46
C LYS A 23 -7.39 4.76 -0.31
N ARG A 24 -6.79 4.68 0.89
CA ARG A 24 -7.03 5.65 1.97
C ARG A 24 -6.08 6.83 1.72
N SER A 25 -6.65 8.03 1.56
CA SER A 25 -5.90 9.23 1.20
C SER A 25 -5.10 9.74 2.41
N GLN A 26 -3.83 10.09 2.16
CA GLN A 26 -2.95 10.73 3.16
C GLN A 26 -3.41 12.17 3.44
N GLN A 27 -2.90 12.73 4.54
CA GLN A 27 -3.24 14.08 5.00
C GLN A 27 -2.11 14.62 5.87
N LYS A 28 -1.89 15.93 5.82
CA LYS A 28 -1.01 16.62 6.76
C LYS A 28 -1.86 17.12 7.94
N LYS A 29 -3.00 17.76 7.59
CA LYS A 29 -3.92 18.40 8.57
C LYS A 29 -5.40 18.15 8.19
N LYS A 30 -6.31 18.92 8.85
CA LYS A 30 -7.78 18.84 8.66
C LYS A 30 -8.26 19.34 7.27
N THR A 31 -7.31 19.76 6.40
CA THR A 31 -7.59 20.14 5.00
C THR A 31 -8.18 18.94 4.22
N SER A 32 -7.76 17.73 4.61
CA SER A 32 -8.25 16.46 4.06
C SER A 32 -8.52 15.48 5.21
N PRO A 33 -9.70 14.78 5.23
CA PRO A 33 -9.93 13.63 6.12
C PRO A 33 -9.23 12.37 5.58
N LEU A 34 -9.46 11.22 6.24
CA LEU A 34 -9.02 9.91 5.72
C LEU A 34 -10.07 9.41 4.70
N ASN A 35 -10.22 10.18 3.61
CA ASN A 35 -11.19 9.90 2.55
C ASN A 35 -10.72 8.71 1.71
N TYR A 36 -11.66 7.87 1.32
CA TYR A 36 -11.39 6.67 0.52
C TYR A 36 -11.53 7.00 -0.96
N LYS A 37 -10.38 7.09 -1.63
CA LYS A 37 -10.25 7.51 -3.01
C LYS A 37 -9.99 6.27 -3.89
N GLU A 38 -10.93 5.98 -4.79
CA GLU A 38 -10.82 4.86 -5.73
C GLU A 38 -9.72 5.20 -6.77
N ARG A 39 -8.85 4.22 -7.05
CA ARG A 39 -7.72 4.37 -7.99
C ARG A 39 -7.48 3.08 -8.79
N LEU A 40 -7.01 3.26 -10.04
CA LEU A 40 -6.49 2.19 -10.89
C LEU A 40 -4.98 2.05 -10.60
N PHE A 41 -4.62 1.14 -9.68
CA PHE A 41 -3.21 0.86 -9.34
C PHE A 41 -2.59 -0.03 -10.41
N VAL A 42 -1.59 0.50 -11.12
CA VAL A 42 -0.79 -0.23 -12.11
C VAL A 42 0.61 -0.48 -11.52
N LEU A 43 0.99 -1.76 -11.39
CA LEU A 43 2.24 -2.17 -10.75
C LEU A 43 3.26 -2.54 -11.84
N THR A 44 4.36 -1.77 -11.90
CA THR A 44 5.53 -2.10 -12.71
C THR A 44 6.67 -2.59 -11.79
N LYS A 45 7.83 -2.96 -12.38
CA LYS A 45 8.95 -3.56 -11.62
C LYS A 45 9.61 -2.54 -10.65
N SER A 46 9.39 -1.23 -10.90
CA SER A 46 10.06 -0.14 -10.14
C SER A 46 9.05 0.82 -9.49
N MET A 47 7.82 0.92 -10.04
CA MET A 47 6.84 1.95 -9.63
C MET A 47 5.41 1.36 -9.56
N LEU A 48 4.74 1.56 -8.42
CA LEU A 48 3.30 1.36 -8.31
C LEU A 48 2.63 2.73 -8.52
N THR A 49 2.14 2.95 -9.74
CA THR A 49 1.56 4.22 -10.18
C THR A 49 0.04 4.08 -10.31
N TYR A 50 -0.70 4.93 -9.57
CA TYR A 50 -2.17 4.87 -9.55
C TYR A 50 -2.79 6.08 -10.25
N TYR A 51 -3.75 5.80 -11.14
CA TYR A 51 -4.49 6.82 -11.88
C TYR A 51 -5.89 6.94 -11.30
N GLU A 52 -6.44 8.14 -11.37
CA GLU A 52 -7.83 8.42 -11.03
C GLU A 52 -8.69 8.26 -12.29
N GLY A 53 -9.97 7.96 -12.11
CA GLY A 53 -10.93 7.84 -13.20
C GLY A 53 -11.53 9.18 -13.59
N ARG A 54 -10.67 10.22 -13.68
CA ARG A 54 -11.06 11.57 -14.12
C ARG A 54 -10.39 11.82 -15.48
N ALA A 55 -11.20 12.16 -16.49
CA ALA A 55 -10.71 12.54 -17.84
C ALA A 55 -9.88 13.84 -17.77
N GLU A 56 -10.12 14.63 -16.72
CA GLU A 56 -9.38 15.85 -16.42
C GLU A 56 -8.11 15.51 -15.60
N LYS A 57 -6.99 16.20 -15.89
CA LYS A 57 -5.66 15.88 -15.36
C LYS A 57 -5.26 16.82 -14.20
N LYS A 58 -6.14 17.82 -13.90
CA LYS A 58 -5.84 18.87 -12.90
C LYS A 58 -5.78 18.30 -11.46
N TYR A 59 -6.52 17.20 -11.21
CA TYR A 59 -6.43 16.47 -9.94
C TYR A 59 -5.09 15.71 -9.88
N ARG A 60 -4.45 15.77 -8.69
CA ARG A 60 -3.16 15.12 -8.41
C ARG A 60 -3.26 13.59 -8.54
N LYS A 61 -2.31 13.02 -9.29
CA LYS A 61 -2.06 11.57 -9.32
C LYS A 61 -0.67 11.34 -8.71
N GLY A 62 -0.42 10.12 -8.23
CA GLY A 62 0.82 9.81 -7.51
C GLY A 62 1.37 8.44 -7.86
N PHE A 63 2.49 8.11 -7.19
CA PHE A 63 3.23 6.87 -7.39
C PHE A 63 4.11 6.60 -6.17
N ILE A 64 4.38 5.32 -5.94
CA ILE A 64 5.30 4.85 -4.89
C ILE A 64 6.30 3.94 -5.58
N ASP A 65 7.59 4.09 -5.25
CA ASP A 65 8.63 3.21 -5.78
C ASP A 65 8.57 1.90 -4.99
N VAL A 66 8.63 0.77 -5.71
CA VAL A 66 8.61 -0.57 -5.10
C VAL A 66 9.87 -0.77 -4.22
N SER A 67 10.96 -0.07 -4.58
CA SER A 67 12.22 -0.06 -3.83
C SER A 67 12.11 0.71 -2.49
N LYS A 68 11.14 1.65 -2.38
CA LYS A 68 10.89 2.44 -1.15
C LYS A 68 10.07 1.64 -0.11
N ILE A 69 9.45 0.53 -0.55
CA ILE A 69 8.59 -0.30 0.30
C ILE A 69 9.45 -1.18 1.24
N LYS A 70 9.12 -1.13 2.54
CA LYS A 70 9.83 -1.90 3.58
C LYS A 70 8.99 -3.08 4.10
N CYS A 71 7.69 -3.08 3.77
CA CYS A 71 6.76 -4.12 4.26
C CYS A 71 5.41 -3.97 3.55
N VAL A 72 4.85 -5.11 3.09
CA VAL A 72 3.45 -5.21 2.63
C VAL A 72 2.86 -6.46 3.26
N GLU A 73 1.67 -6.32 3.84
CA GLU A 73 0.95 -7.43 4.48
C GLU A 73 -0.51 -7.06 4.62
N ILE A 74 -1.40 -8.08 4.73
CA ILE A 74 -2.83 -7.85 4.99
C ILE A 74 -3.01 -7.27 6.41
N VAL A 75 -4.16 -6.62 6.62
CA VAL A 75 -4.47 -5.91 7.86
C VAL A 75 -5.55 -6.70 8.62
N LYS A 76 -5.31 -6.94 9.91
CA LYS A 76 -6.29 -7.57 10.80
C LYS A 76 -7.50 -6.62 10.96
N ASN A 77 -8.56 -6.89 10.19
CA ASN A 77 -9.82 -6.12 10.24
C ASN A 77 -10.69 -6.66 11.39
N ASP A 78 -10.77 -5.91 12.50
CA ASP A 78 -11.50 -6.30 13.72
C ASP A 78 -12.24 -5.09 14.27
N ASP A 79 -11.47 -4.04 14.56
CA ASP A 79 -11.95 -2.80 15.19
C ASP A 79 -12.43 -1.81 14.14
N GLY A 80 -11.55 -1.56 13.14
CA GLY A 80 -11.82 -0.60 12.08
C GLY A 80 -12.81 -1.12 11.06
N VAL A 81 -14.11 -1.01 11.39
CA VAL A 81 -15.22 -1.40 10.49
C VAL A 81 -15.10 -0.60 9.18
N ILE A 82 -14.93 -1.34 8.06
CA ILE A 82 -14.63 -0.75 6.75
C ILE A 82 -15.79 0.16 6.28
N PRO A 83 -15.56 1.51 6.15
CA PRO A 83 -16.61 2.47 5.74
C PRO A 83 -16.64 2.69 4.22
N CYS A 84 -16.32 1.62 3.46
CA CYS A 84 -16.26 1.65 2.01
C CYS A 84 -16.60 0.25 1.44
N GLN A 85 -16.82 0.17 0.12
CA GLN A 85 -17.29 -1.06 -0.57
C GLN A 85 -16.21 -2.17 -0.62
N ASN A 86 -14.93 -1.78 -0.79
CA ASN A 86 -13.79 -2.73 -0.90
C ASN A 86 -13.38 -3.22 0.49
N LYS A 87 -13.12 -4.54 0.59
CA LYS A 87 -12.83 -5.24 1.86
C LYS A 87 -11.51 -6.02 1.75
N TYR A 88 -11.09 -6.59 2.88
CA TYR A 88 -9.81 -7.30 3.04
C TYR A 88 -8.62 -6.40 2.62
N PRO A 89 -8.32 -5.35 3.45
CA PRO A 89 -7.27 -4.37 3.12
C PRO A 89 -5.86 -4.92 3.35
N PHE A 90 -4.92 -4.43 2.56
CA PHE A 90 -3.49 -4.66 2.72
C PHE A 90 -2.78 -3.32 2.85
N GLN A 91 -1.79 -3.26 3.73
CA GLN A 91 -1.05 -2.05 4.03
C GLN A 91 0.34 -2.09 3.39
N VAL A 92 0.76 -0.94 2.85
CA VAL A 92 2.05 -0.73 2.20
C VAL A 92 2.84 0.27 3.04
N VAL A 93 3.79 -0.23 3.83
CA VAL A 93 4.63 0.58 4.71
C VAL A 93 5.87 1.06 3.93
N HIS A 94 6.06 2.38 3.92
CA HIS A 94 7.19 3.05 3.25
C HIS A 94 7.55 4.31 4.05
N ASP A 95 8.74 4.86 3.80
CA ASP A 95 9.21 6.08 4.48
C ASP A 95 8.51 7.34 3.89
N ALA A 96 7.25 7.50 4.31
CA ALA A 96 6.42 8.69 4.09
C ALA A 96 5.19 8.56 4.99
N ASN A 97 4.53 7.39 4.90
CA ASN A 97 3.36 7.04 5.73
C ASN A 97 3.04 5.54 5.58
N THR A 98 2.25 5.01 6.52
CA THR A 98 1.69 3.66 6.42
C THR A 98 0.41 3.74 5.57
N LEU A 99 0.50 3.29 4.30
CA LEU A 99 -0.63 3.37 3.34
C LEU A 99 -1.56 2.16 3.55
N TYR A 100 -2.88 2.38 3.35
CA TYR A 100 -3.90 1.32 3.46
C TYR A 100 -4.73 1.27 2.18
N ILE A 101 -4.56 0.17 1.43
CA ILE A 101 -5.27 -0.09 0.16
C ILE A 101 -6.26 -1.24 0.38
N PHE A 102 -7.50 -1.05 -0.10
CA PHE A 102 -8.62 -1.98 0.14
C PHE A 102 -8.93 -2.71 -1.18
N ALA A 103 -8.97 -4.05 -1.12
CA ALA A 103 -9.11 -4.91 -2.31
C ALA A 103 -10.61 -5.13 -2.66
N PRO A 104 -10.97 -5.27 -3.98
CA PRO A 104 -12.37 -5.57 -4.38
C PRO A 104 -12.80 -7.02 -4.02
N SER A 105 -11.82 -7.90 -3.72
CA SER A 105 -12.07 -9.31 -3.40
C SER A 105 -11.01 -9.89 -2.43
N PRO A 106 -11.38 -10.95 -1.62
CA PRO A 106 -10.40 -11.75 -0.83
C PRO A 106 -9.36 -12.48 -1.71
N GLN A 107 -9.68 -12.60 -3.02
CA GLN A 107 -8.75 -13.17 -4.01
C GLN A 107 -7.73 -12.09 -4.42
N SER A 108 -8.25 -10.85 -4.64
CA SER A 108 -7.46 -9.70 -5.07
C SER A 108 -6.34 -9.37 -4.07
N ARG A 109 -6.70 -9.29 -2.76
CA ARG A 109 -5.74 -8.98 -1.67
C ARG A 109 -4.49 -9.89 -1.74
N ASP A 110 -4.73 -11.21 -2.01
CA ASP A 110 -3.69 -12.24 -1.93
C ASP A 110 -2.57 -11.98 -2.94
N LEU A 111 -2.96 -11.75 -4.21
CA LEU A 111 -2.00 -11.57 -5.31
C LEU A 111 -1.29 -10.22 -5.20
N TRP A 112 -2.00 -9.18 -4.74
CA TRP A 112 -1.41 -7.84 -4.53
C TRP A 112 -0.36 -7.85 -3.40
N VAL A 113 -0.68 -8.55 -2.29
CA VAL A 113 0.24 -8.69 -1.14
C VAL A 113 1.48 -9.48 -1.55
N LYS A 114 1.25 -10.69 -2.11
CA LYS A 114 2.32 -11.62 -2.44
C LYS A 114 3.28 -11.01 -3.48
N LYS A 115 2.71 -10.30 -4.49
CA LYS A 115 3.49 -9.62 -5.54
C LYS A 115 4.43 -8.58 -4.96
N LEU A 116 3.89 -7.64 -4.17
CA LEU A 116 4.70 -6.57 -3.57
C LEU A 116 5.82 -7.15 -2.68
N LYS A 117 5.46 -8.12 -1.81
CA LYS A 117 6.43 -8.87 -0.96
C LYS A 117 7.58 -9.52 -1.77
N GLU A 118 7.25 -10.23 -2.86
CA GLU A 118 8.27 -10.94 -3.68
C GLU A 118 9.09 -9.96 -4.55
N GLU A 119 8.52 -8.81 -4.92
CA GLU A 119 9.26 -7.77 -5.67
C GLU A 119 10.27 -7.04 -4.75
N ILE A 120 9.95 -6.94 -3.44
CA ILE A 120 10.79 -6.21 -2.46
C ILE A 120 11.76 -7.15 -1.70
N LYS A 121 11.60 -8.48 -1.84
CA LYS A 121 12.32 -9.47 -1.01
C LYS A 121 13.84 -9.50 -1.25
N ASN A 122 14.28 -8.97 -2.40
CA ASN A 122 15.72 -8.92 -2.78
C ASN A 122 16.41 -7.66 -2.23
N ASN A 123 15.63 -6.77 -1.60
CA ASN A 123 16.13 -5.51 -1.01
C ASN A 123 16.39 -5.71 0.50
N ASN A 124 17.33 -4.93 1.04
CA ASN A 124 17.76 -5.03 2.46
C ASN A 124 17.15 -3.88 3.31
N ASN A 125 16.05 -3.30 2.84
CA ASN A 125 15.34 -2.20 3.55
C ASN A 125 14.10 -2.74 4.28
N ILE A 126 13.93 -4.07 4.24
CA ILE A 126 12.70 -4.72 4.69
C ILE A 126 12.76 -4.89 6.21
N MET A 127 11.74 -4.39 6.89
CA MET A 127 11.66 -4.39 8.35
C MET A 127 11.30 -5.78 8.87
N ILE A 128 11.92 -6.15 9.99
CA ILE A 128 11.67 -7.42 10.70
C ILE A 128 10.37 -7.31 11.54
N LYS A 129 9.86 -6.06 11.70
CA LYS A 129 8.62 -5.74 12.47
C LYS A 129 7.64 -4.93 11.59
N TYR A 130 6.32 -5.09 11.85
CA TYR A 130 5.27 -4.24 11.22
C TYR A 130 4.09 -4.05 12.22
N HIS A 131 3.13 -3.19 11.83
CA HIS A 131 1.93 -2.88 12.63
C HIS A 131 0.72 -3.64 12.04
N PRO A 132 0.12 -4.62 12.77
CA PRO A 132 -0.89 -5.54 12.18
C PRO A 132 -2.31 -4.94 12.04
N LYS A 133 -2.62 -3.90 12.83
CA LYS A 133 -3.94 -3.22 12.81
C LYS A 133 -3.87 -1.94 11.96
N PHE A 134 -4.89 -1.08 12.08
CA PHE A 134 -5.01 0.15 11.29
C PHE A 134 -4.27 1.30 11.98
N TRP A 135 -3.31 1.90 11.26
CA TRP A 135 -2.61 3.12 11.67
C TRP A 135 -3.45 4.35 11.30
N THR A 136 -4.60 4.44 11.97
CA THR A 136 -5.50 5.58 11.90
C THR A 136 -4.94 6.64 12.86
N ASP A 137 -4.16 7.59 12.29
CA ASP A 137 -3.32 8.55 13.04
C ASP A 137 -4.15 9.33 14.09
N GLY A 138 -3.78 9.16 15.36
CA GLY A 138 -4.45 9.82 16.49
C GLY A 138 -5.68 9.07 16.96
N SER A 139 -5.65 7.74 16.83
CA SER A 139 -6.74 6.84 17.27
C SER A 139 -6.17 5.63 18.02
N TYR A 140 -7.06 4.77 18.52
CA TYR A 140 -6.68 3.47 19.09
C TYR A 140 -6.24 2.55 17.94
N GLN A 141 -4.93 2.43 17.78
CA GLN A 141 -4.30 1.58 16.75
C GLN A 141 -3.88 0.25 17.39
N CYS A 142 -2.96 -0.47 16.71
CA CYS A 142 -2.31 -1.69 17.23
C CYS A 142 -1.62 -1.41 18.58
N CYS A 143 -0.52 -0.65 18.54
CA CYS A 143 0.22 -0.21 19.74
C CYS A 143 -0.19 1.21 20.15
N ARG A 144 -1.11 1.83 19.37
CA ARG A 144 -1.53 3.24 19.53
C ARG A 144 -0.34 4.23 19.32
N GLN A 145 0.75 3.74 18.70
CA GLN A 145 1.92 4.58 18.38
C GLN A 145 1.57 5.52 17.21
N THR A 146 1.47 6.81 17.52
CA THR A 146 1.16 7.86 16.54
C THR A 146 1.80 9.18 17.01
N GLU A 147 2.96 9.48 16.41
CA GLU A 147 3.73 10.71 16.67
C GLU A 147 4.40 11.14 15.36
N LYS A 148 5.17 10.21 14.79
CA LYS A 148 5.86 10.40 13.49
C LYS A 148 5.75 9.08 12.69
N LEU A 149 6.77 8.20 12.79
CA LEU A 149 6.79 6.87 12.16
C LEU A 149 7.43 5.89 13.14
N ALA A 150 6.86 4.68 13.26
CA ALA A 150 7.39 3.61 14.11
C ALA A 150 7.71 2.39 13.24
N PRO A 151 8.79 1.59 13.56
CA PRO A 151 9.14 0.37 12.79
C PRO A 151 8.00 -0.65 12.74
N GLY A 152 7.56 -1.08 13.92
CA GLY A 152 6.54 -2.10 14.04
C GLY A 152 6.41 -2.57 15.48
N CYS A 153 5.17 -2.79 15.91
CA CYS A 153 4.87 -3.27 17.27
C CYS A 153 5.00 -4.78 17.32
N GLU A 154 4.47 -5.45 16.28
CA GLU A 154 4.52 -6.92 16.16
C GLU A 154 5.59 -7.29 15.16
N LYS A 155 6.07 -8.54 15.20
CA LYS A 155 7.09 -9.00 14.26
C LYS A 155 6.44 -9.34 12.89
N TYR A 156 7.16 -9.00 11.83
CA TYR A 156 6.79 -9.29 10.44
C TYR A 156 7.82 -10.26 9.84
N ASN A 157 7.35 -11.44 9.44
CA ASN A 157 8.17 -12.39 8.66
C ASN A 157 7.87 -12.21 7.15
N LEU A 158 8.89 -11.74 6.41
CA LEU A 158 8.77 -11.41 4.98
C LEU A 158 8.43 -12.64 4.12
N PHE A 159 9.20 -13.72 4.26
CA PHE A 159 9.00 -14.96 3.47
C PHE A 159 8.07 -15.93 4.25
N GLU A 160 7.17 -15.34 5.10
CA GLU A 160 6.45 -16.03 6.21
C GLU A 160 7.42 -16.91 7.05
N SER A 161 8.67 -16.43 7.15
CA SER A 161 9.82 -17.15 7.71
C SER A 161 9.64 -17.49 9.21
N SER A 162 10.19 -18.65 9.59
CA SER A 162 10.30 -19.06 11.01
C SER A 162 11.63 -18.57 11.62
N ILE A 163 12.45 -17.88 10.80
CA ILE A 163 13.74 -17.30 11.22
C ILE A 163 13.53 -16.24 12.34
N ARG A 164 14.34 -16.36 13.39
CA ARG A 164 14.32 -15.45 14.54
C ARG A 164 15.78 -15.16 14.96
N MET A 1 39.30 -13.66 -17.84
CA MET A 1 38.37 -13.43 -16.70
C MET A 1 36.92 -13.59 -17.19
N GLY A 2 36.11 -14.38 -16.46
CA GLY A 2 34.70 -14.59 -16.80
C GLY A 2 33.81 -13.47 -16.27
N HIS A 3 33.71 -12.37 -17.05
CA HIS A 3 32.80 -11.24 -16.74
C HIS A 3 31.36 -11.70 -17.02
N HIS A 4 30.48 -11.55 -16.01
CA HIS A 4 29.12 -12.10 -16.01
C HIS A 4 28.24 -11.45 -17.09
N HIS A 5 28.18 -12.10 -18.27
CA HIS A 5 27.40 -11.63 -19.42
C HIS A 5 25.90 -11.71 -19.14
N HIS A 6 25.23 -10.57 -19.26
CA HIS A 6 23.76 -10.45 -19.28
C HIS A 6 23.42 -9.17 -20.05
N HIS A 7 23.05 -9.33 -21.33
CA HIS A 7 22.69 -8.20 -22.20
C HIS A 7 21.21 -7.81 -22.00
N HIS A 8 20.96 -6.52 -21.72
CA HIS A 8 19.60 -5.95 -21.66
C HIS A 8 19.33 -5.18 -22.97
N SER A 9 18.09 -5.32 -23.49
CA SER A 9 17.65 -4.59 -24.70
C SER A 9 16.67 -3.47 -24.29
N HIS A 10 16.33 -2.59 -25.25
CA HIS A 10 15.37 -1.48 -25.03
C HIS A 10 13.94 -2.03 -24.85
N MET A 11 13.62 -2.42 -23.60
CA MET A 11 12.36 -3.12 -23.26
C MET A 11 11.56 -2.32 -22.23
N ASN A 12 10.22 -2.38 -22.34
CA ASN A 12 9.32 -1.66 -21.41
C ASN A 12 9.22 -2.40 -20.07
N PHE A 13 9.08 -1.61 -18.98
CA PHE A 13 8.81 -2.14 -17.64
C PHE A 13 7.33 -2.57 -17.58
N ASN A 14 7.11 -3.88 -17.81
CA ASN A 14 5.77 -4.44 -18.00
C ASN A 14 4.99 -4.52 -16.69
N THR A 15 3.67 -4.38 -16.82
CA THR A 15 2.74 -4.49 -15.69
C THR A 15 2.60 -5.96 -15.25
N ILE A 16 2.91 -6.19 -13.98
CA ILE A 16 2.70 -7.47 -13.30
C ILE A 16 1.20 -7.69 -13.07
N LEU A 17 0.50 -6.58 -12.77
CA LEU A 17 -0.88 -6.62 -12.26
C LEU A 17 -1.45 -5.19 -12.19
N GLU A 18 -2.70 -4.99 -12.68
CA GLU A 18 -3.43 -3.72 -12.50
C GLU A 18 -4.90 -4.00 -12.11
N GLU A 19 -5.43 -3.19 -11.18
CA GLU A 19 -6.76 -3.40 -10.58
C GLU A 19 -7.28 -2.07 -10.02
N ILE A 20 -8.62 -1.95 -9.92
CA ILE A 20 -9.27 -0.79 -9.32
C ILE A 20 -9.26 -0.98 -7.78
N LEU A 21 -8.25 -0.38 -7.13
CA LEU A 21 -8.04 -0.44 -5.68
C LEU A 21 -8.39 0.92 -5.05
N ILE A 22 -8.80 0.91 -3.78
CA ILE A 22 -9.10 2.14 -3.03
C ILE A 22 -7.90 2.56 -2.18
N LYS A 23 -7.44 3.81 -2.37
CA LYS A 23 -6.43 4.42 -1.51
C LYS A 23 -7.13 5.20 -0.39
N ARG A 24 -6.70 4.98 0.87
CA ARG A 24 -7.20 5.73 2.03
C ARG A 24 -6.40 7.04 2.14
N SER A 25 -7.03 8.10 2.65
CA SER A 25 -6.41 9.42 2.77
C SER A 25 -5.38 9.42 3.92
N GLN A 26 -4.14 9.79 3.59
CA GLN A 26 -3.13 10.12 4.60
C GLN A 26 -3.50 11.49 5.22
N GLN A 27 -4.37 11.41 6.23
CA GLN A 27 -5.03 12.56 6.87
C GLN A 27 -4.05 13.61 7.43
N LYS A 28 -4.51 14.87 7.47
CA LYS A 28 -3.77 16.02 8.01
C LYS A 28 -3.72 15.99 9.56
N LYS A 29 -3.07 17.01 10.15
CA LYS A 29 -2.84 17.11 11.61
C LYS A 29 -4.13 17.59 12.35
N LYS A 30 -5.15 16.72 12.38
CA LYS A 30 -6.43 16.94 13.10
C LYS A 30 -7.34 15.70 12.95
N THR A 31 -8.55 15.76 13.55
CA THR A 31 -9.61 14.80 13.27
C THR A 31 -10.20 15.08 11.87
N SER A 32 -10.01 14.12 10.98
CA SER A 32 -10.44 14.22 9.57
C SER A 32 -11.07 12.88 9.16
N PRO A 33 -12.28 12.90 8.51
CA PRO A 33 -12.90 11.67 7.97
C PRO A 33 -11.96 11.00 6.94
N LEU A 34 -11.71 9.70 7.12
CA LEU A 34 -10.82 8.93 6.23
C LEU A 34 -11.47 8.86 4.83
N ASN A 35 -10.99 9.71 3.91
CA ASN A 35 -11.47 9.75 2.53
C ASN A 35 -10.94 8.51 1.79
N TYR A 36 -11.86 7.78 1.16
CA TYR A 36 -11.55 6.61 0.35
C TYR A 36 -11.65 7.01 -1.11
N LYS A 37 -10.67 6.59 -1.92
CA LYS A 37 -10.56 7.01 -3.33
C LYS A 37 -10.37 5.79 -4.23
N GLU A 38 -11.42 5.44 -4.98
CA GLU A 38 -11.45 4.26 -5.84
C GLU A 38 -10.72 4.57 -7.18
N ARG A 39 -9.51 4.02 -7.36
CA ARG A 39 -8.57 4.40 -8.44
C ARG A 39 -7.94 3.16 -9.10
N LEU A 40 -7.22 3.40 -10.22
CA LEU A 40 -6.49 2.34 -10.95
C LEU A 40 -5.03 2.31 -10.49
N PHE A 41 -4.61 1.18 -9.91
CA PHE A 41 -3.22 0.93 -9.51
C PHE A 41 -2.59 -0.06 -10.48
N VAL A 42 -1.48 0.36 -11.11
CA VAL A 42 -0.69 -0.48 -12.04
C VAL A 42 0.68 -0.74 -11.41
N LEU A 43 1.02 -2.02 -11.24
CA LEU A 43 2.29 -2.45 -10.65
C LEU A 43 3.21 -2.92 -11.76
N THR A 44 4.40 -2.32 -11.84
CA THR A 44 5.52 -2.81 -12.67
C THR A 44 6.61 -3.31 -11.71
N LYS A 45 7.61 -4.00 -12.26
CA LYS A 45 8.69 -4.63 -11.47
C LYS A 45 9.61 -3.62 -10.77
N SER A 46 9.46 -2.32 -11.07
CA SER A 46 10.33 -1.25 -10.56
C SER A 46 9.54 -0.19 -9.76
N MET A 47 8.28 0.10 -10.17
CA MET A 47 7.42 1.12 -9.51
C MET A 47 5.94 0.70 -9.52
N LEU A 48 5.22 1.03 -8.45
CA LEU A 48 3.76 0.95 -8.39
C LEU A 48 3.19 2.34 -8.72
N THR A 49 2.74 2.51 -9.96
CA THR A 49 2.21 3.77 -10.49
C THR A 49 0.69 3.71 -10.54
N TYR A 50 0.02 4.64 -9.84
CA TYR A 50 -1.44 4.73 -9.81
C TYR A 50 -1.91 5.89 -10.70
N TYR A 51 -3.23 5.92 -10.96
CA TYR A 51 -3.85 6.87 -11.87
C TYR A 51 -5.03 7.53 -11.18
N GLU A 52 -4.93 8.86 -11.02
CA GLU A 52 -5.95 9.69 -10.39
C GLU A 52 -6.15 10.91 -11.29
N GLY A 53 -6.97 10.71 -12.36
CA GLY A 53 -7.14 11.72 -13.42
C GLY A 53 -7.93 12.94 -12.98
N ARG A 54 -7.26 13.82 -12.20
CA ARG A 54 -7.84 15.06 -11.66
C ARG A 54 -6.95 16.23 -12.10
N ALA A 55 -7.39 16.93 -13.15
CA ALA A 55 -6.78 18.19 -13.59
C ALA A 55 -7.56 19.39 -13.04
N GLU A 56 -8.67 19.09 -12.32
CA GLU A 56 -9.49 20.09 -11.63
C GLU A 56 -8.83 20.42 -10.28
N LYS A 57 -8.68 19.38 -9.44
CA LYS A 57 -7.90 19.43 -8.20
C LYS A 57 -6.45 19.04 -8.51
N LYS A 58 -5.48 19.77 -7.93
CA LYS A 58 -4.06 19.42 -8.03
C LYS A 58 -3.79 18.20 -7.14
N TYR A 59 -4.16 17.03 -7.66
CA TYR A 59 -4.23 15.78 -6.90
C TYR A 59 -3.11 14.84 -7.37
N ARG A 60 -2.35 14.32 -6.40
CA ARG A 60 -1.12 13.55 -6.64
C ARG A 60 -1.44 12.22 -7.33
N LYS A 61 -1.22 12.15 -8.65
CA LYS A 61 -1.38 10.93 -9.45
C LYS A 61 0.01 10.45 -9.90
N GLY A 62 0.84 10.11 -8.91
CA GLY A 62 2.23 9.73 -9.15
C GLY A 62 2.47 8.25 -8.99
N PHE A 63 3.43 7.90 -8.12
CA PHE A 63 3.92 6.53 -7.96
C PHE A 63 4.64 6.37 -6.62
N ILE A 64 4.91 5.12 -6.27
CA ILE A 64 5.80 4.72 -5.18
C ILE A 64 6.78 3.70 -5.79
N ASP A 65 8.07 3.85 -5.51
CA ASP A 65 9.11 2.94 -6.03
C ASP A 65 9.10 1.66 -5.19
N VAL A 66 9.30 0.51 -5.84
CA VAL A 66 9.28 -0.82 -5.18
C VAL A 66 10.42 -0.94 -4.14
N SER A 67 11.59 -0.35 -4.45
CA SER A 67 12.74 -0.34 -3.54
C SER A 67 12.57 0.70 -2.41
N LYS A 68 11.62 1.63 -2.56
CA LYS A 68 11.25 2.59 -1.50
C LYS A 68 10.23 1.96 -0.53
N ILE A 69 9.60 0.85 -0.94
CA ILE A 69 8.69 0.08 -0.07
C ILE A 69 9.52 -0.80 0.89
N LYS A 70 9.25 -0.64 2.19
CA LYS A 70 9.89 -1.43 3.26
C LYS A 70 9.13 -2.75 3.47
N CYS A 71 7.83 -2.67 3.80
CA CYS A 71 7.01 -3.86 4.10
C CYS A 71 5.57 -3.71 3.56
N VAL A 72 5.12 -4.68 2.75
CA VAL A 72 3.70 -4.83 2.37
C VAL A 72 3.12 -6.01 3.15
N GLU A 73 1.91 -5.84 3.69
CA GLU A 73 1.22 -6.89 4.44
C GLU A 73 -0.28 -6.60 4.44
N ILE A 74 -1.09 -7.58 4.86
CA ILE A 74 -2.52 -7.39 5.10
C ILE A 74 -2.73 -6.54 6.37
N VAL A 75 -3.90 -5.87 6.46
CA VAL A 75 -4.30 -5.13 7.66
C VAL A 75 -5.19 -6.05 8.49
N LYS A 76 -4.80 -6.32 9.74
CA LYS A 76 -5.54 -7.20 10.65
C LYS A 76 -6.74 -6.44 11.25
N ASN A 77 -7.92 -6.68 10.66
CA ASN A 77 -9.19 -6.05 11.06
C ASN A 77 -9.92 -6.93 12.08
N ASP A 78 -10.93 -6.34 12.74
CA ASP A 78 -11.80 -7.02 13.70
C ASP A 78 -12.94 -7.75 12.96
N ASP A 79 -12.61 -8.95 12.43
CA ASP A 79 -13.53 -9.84 11.69
C ASP A 79 -14.20 -9.12 10.49
N GLY A 80 -15.44 -8.64 10.67
CA GLY A 80 -16.25 -8.09 9.58
C GLY A 80 -16.40 -6.58 9.64
N VAL A 81 -15.63 -5.94 10.52
CA VAL A 81 -15.60 -4.48 10.64
C VAL A 81 -14.59 -3.92 9.61
N ILE A 82 -15.09 -3.60 8.40
CA ILE A 82 -14.28 -2.94 7.34
C ILE A 82 -14.90 -1.56 7.08
N PRO A 83 -14.17 -0.43 7.33
CA PRO A 83 -14.72 0.94 7.12
C PRO A 83 -14.69 1.39 5.62
N CYS A 84 -14.85 0.44 4.69
CA CYS A 84 -14.83 0.68 3.24
C CYS A 84 -15.56 -0.48 2.52
N GLN A 85 -16.01 -0.23 1.28
CA GLN A 85 -16.78 -1.23 0.49
C GLN A 85 -15.88 -2.40 0.01
N ASN A 86 -14.55 -2.16 0.04
CA ASN A 86 -13.53 -3.12 -0.37
C ASN A 86 -13.13 -4.00 0.83
N LYS A 87 -13.50 -5.30 0.75
CA LYS A 87 -13.33 -6.26 1.86
C LYS A 87 -11.90 -6.86 1.83
N TYR A 88 -11.25 -6.91 3.02
CA TYR A 88 -9.83 -7.27 3.19
C TYR A 88 -8.89 -6.24 2.53
N PRO A 89 -8.53 -5.16 3.28
CA PRO A 89 -7.47 -4.22 2.85
C PRO A 89 -6.05 -4.75 3.14
N PHE A 90 -5.08 -4.26 2.37
CA PHE A 90 -3.67 -4.39 2.70
C PHE A 90 -3.06 -3.00 2.89
N GLN A 91 -1.77 -2.99 3.22
CA GLN A 91 -1.00 -1.78 3.51
C GLN A 91 0.36 -1.86 2.82
N VAL A 92 0.84 -0.70 2.35
CA VAL A 92 2.16 -0.55 1.75
C VAL A 92 2.93 0.45 2.61
N VAL A 93 3.80 -0.06 3.49
CA VAL A 93 4.67 0.78 4.32
C VAL A 93 5.88 1.16 3.47
N HIS A 94 5.84 2.36 2.88
CA HIS A 94 6.95 2.90 2.08
C HIS A 94 7.82 3.81 2.97
N ASP A 95 8.85 4.41 2.36
CA ASP A 95 9.90 5.21 3.03
C ASP A 95 9.33 6.25 4.03
N ALA A 96 8.29 7.00 3.59
CA ALA A 96 7.66 8.05 4.41
C ALA A 96 6.71 7.45 5.48
N ASN A 97 5.47 7.10 5.09
CA ASN A 97 4.43 6.63 6.03
C ASN A 97 3.85 5.28 5.59
N THR A 98 2.96 4.73 6.44
CA THR A 98 2.19 3.52 6.11
C THR A 98 0.95 3.92 5.28
N LEU A 99 0.98 3.56 3.99
CA LEU A 99 -0.16 3.73 3.08
C LEU A 99 -1.12 2.54 3.26
N TYR A 100 -2.43 2.77 3.09
CA TYR A 100 -3.46 1.72 3.24
C TYR A 100 -4.26 1.63 1.94
N ILE A 101 -4.12 0.50 1.23
CA ILE A 101 -4.82 0.24 -0.02
C ILE A 101 -5.82 -0.90 0.18
N PHE A 102 -7.11 -0.56 0.11
CA PHE A 102 -8.24 -1.49 0.24
C PHE A 102 -8.46 -2.24 -1.09
N ALA A 103 -8.51 -3.57 -1.00
CA ALA A 103 -8.70 -4.44 -2.17
C ALA A 103 -10.15 -4.91 -2.24
N PRO A 104 -10.81 -4.93 -3.46
CA PRO A 104 -12.27 -5.24 -3.62
C PRO A 104 -12.68 -6.58 -3.01
N SER A 105 -11.77 -7.56 -3.13
CA SER A 105 -11.98 -8.93 -2.65
C SER A 105 -10.71 -9.43 -1.94
N PRO A 106 -10.81 -10.46 -1.04
CA PRO A 106 -9.62 -11.23 -0.54
C PRO A 106 -8.83 -11.94 -1.68
N GLN A 107 -9.46 -12.02 -2.88
CA GLN A 107 -8.84 -12.61 -4.08
C GLN A 107 -7.82 -11.64 -4.66
N SER A 108 -8.31 -10.40 -4.94
CA SER A 108 -7.47 -9.28 -5.40
C SER A 108 -6.38 -8.99 -4.37
N ARG A 109 -6.81 -8.92 -3.09
CA ARG A 109 -5.92 -8.74 -1.92
C ARG A 109 -4.77 -9.73 -1.92
N ASP A 110 -5.08 -11.04 -2.02
CA ASP A 110 -4.08 -12.11 -1.94
C ASP A 110 -3.04 -12.00 -3.05
N LEU A 111 -3.52 -11.70 -4.26
CA LEU A 111 -2.68 -11.57 -5.45
C LEU A 111 -1.75 -10.34 -5.33
N TRP A 112 -2.32 -9.18 -4.92
CA TRP A 112 -1.56 -7.93 -4.72
C TRP A 112 -0.50 -8.03 -3.61
N VAL A 113 -0.91 -8.52 -2.42
CA VAL A 113 0.00 -8.71 -1.26
C VAL A 113 1.16 -9.64 -1.67
N LYS A 114 0.83 -10.71 -2.41
CA LYS A 114 1.82 -11.65 -2.95
C LYS A 114 2.82 -10.94 -3.88
N LYS A 115 2.30 -10.32 -4.95
CA LYS A 115 3.13 -9.70 -6.01
C LYS A 115 4.07 -8.63 -5.44
N LEU A 116 3.52 -7.75 -4.58
CA LEU A 116 4.26 -6.66 -3.93
C LEU A 116 5.41 -7.22 -3.05
N LYS A 117 5.09 -8.17 -2.15
CA LYS A 117 6.09 -8.85 -1.28
C LYS A 117 7.18 -9.59 -2.08
N GLU A 118 6.80 -10.24 -3.19
CA GLU A 118 7.75 -10.98 -4.06
C GLU A 118 8.70 -10.04 -4.83
N GLU A 119 8.28 -8.78 -5.02
CA GLU A 119 9.14 -7.76 -5.64
C GLU A 119 10.05 -7.10 -4.59
N ILE A 120 9.48 -6.72 -3.43
CA ILE A 120 10.23 -6.00 -2.38
C ILE A 120 11.18 -6.95 -1.62
N LYS A 121 11.06 -8.29 -1.83
CA LYS A 121 11.91 -9.28 -1.13
C LYS A 121 13.36 -9.24 -1.66
N ASN A 122 13.55 -8.56 -2.81
CA ASN A 122 14.88 -8.31 -3.41
C ASN A 122 15.58 -7.11 -2.73
N ASN A 123 14.79 -6.28 -2.03
CA ASN A 123 15.28 -5.07 -1.32
C ASN A 123 15.87 -5.45 0.04
N ASN A 124 16.63 -4.52 0.63
CA ASN A 124 17.25 -4.66 1.97
C ASN A 124 16.57 -3.69 2.96
N ASN A 125 15.37 -3.23 2.59
CA ASN A 125 14.59 -2.22 3.36
C ASN A 125 13.56 -2.90 4.27
N ILE A 126 13.63 -4.23 4.34
CA ILE A 126 12.58 -5.06 4.94
C ILE A 126 12.66 -4.97 6.48
N MET A 127 11.68 -4.28 7.08
CA MET A 127 11.55 -4.20 8.54
C MET A 127 11.10 -5.55 9.09
N ILE A 128 11.59 -5.86 10.29
CA ILE A 128 11.21 -7.08 11.03
C ILE A 128 9.84 -6.88 11.72
N LYS A 129 9.34 -5.61 11.73
CA LYS A 129 8.05 -5.22 12.34
C LYS A 129 7.15 -4.47 11.33
N TYR A 130 5.81 -4.52 11.55
CA TYR A 130 4.80 -3.73 10.81
C TYR A 130 3.63 -3.34 11.76
N HIS A 131 2.67 -2.52 11.26
CA HIS A 131 1.48 -2.07 12.03
C HIS A 131 0.19 -2.76 11.51
N PRO A 132 -0.41 -3.72 12.29
CA PRO A 132 -1.62 -4.48 11.86
C PRO A 132 -2.94 -3.64 11.80
N LYS A 133 -2.93 -2.40 12.30
CA LYS A 133 -4.16 -1.56 12.38
C LYS A 133 -4.01 -0.28 11.52
N PHE A 134 -5.02 0.62 11.58
CA PHE A 134 -5.07 1.86 10.76
C PHE A 134 -4.55 3.07 11.53
N TRP A 135 -3.49 3.70 11.00
CA TRP A 135 -2.95 4.98 11.49
C TRP A 135 -4.03 6.11 11.42
N THR A 136 -4.70 6.40 12.54
CA THR A 136 -5.80 7.39 12.61
C THR A 136 -5.74 8.22 13.92
N ASP A 137 -6.21 9.47 13.84
CA ASP A 137 -6.12 10.49 14.92
C ASP A 137 -6.81 10.05 16.25
N GLY A 138 -5.99 9.92 17.33
CA GLY A 138 -6.50 9.61 18.68
C GLY A 138 -7.32 8.32 18.78
N SER A 139 -7.21 7.47 17.76
CA SER A 139 -8.03 6.27 17.60
C SER A 139 -7.35 5.08 18.27
N TYR A 140 -8.15 4.05 18.58
CA TYR A 140 -7.62 2.77 19.04
C TYR A 140 -6.94 2.08 17.84
N GLN A 141 -5.62 2.13 17.85
CA GLN A 141 -4.76 1.55 16.82
C GLN A 141 -3.98 0.37 17.43
N CYS A 142 -2.97 -0.08 16.70
CA CYS A 142 -2.08 -1.16 17.09
C CYS A 142 -1.26 -0.77 18.35
N CYS A 143 -0.23 0.09 18.16
CA CYS A 143 0.53 0.68 19.28
C CYS A 143 0.16 2.15 19.48
N ARG A 144 -0.86 2.60 18.72
CA ARG A 144 -1.41 3.99 18.75
C ARG A 144 -0.42 5.01 18.12
N GLN A 145 0.61 4.51 17.42
CA GLN A 145 1.51 5.34 16.60
C GLN A 145 0.84 5.61 15.24
N THR A 146 1.12 6.80 14.68
CA THR A 146 0.48 7.29 13.46
C THR A 146 1.38 8.37 12.79
N GLU A 147 0.77 9.20 11.89
CA GLU A 147 1.35 10.45 11.35
C GLU A 147 2.35 10.17 10.21
N LYS A 148 3.58 9.74 10.54
CA LYS A 148 4.69 9.70 9.58
C LYS A 148 5.58 8.45 9.76
N LEU A 149 6.38 8.42 10.84
CA LEU A 149 7.42 7.38 11.04
C LEU A 149 7.15 6.57 12.31
N ALA A 150 7.13 5.25 12.13
CA ALA A 150 7.04 4.25 13.20
C ALA A 150 7.41 2.88 12.60
N PRO A 151 8.39 2.12 13.20
CA PRO A 151 8.83 0.80 12.66
C PRO A 151 7.71 -0.26 12.64
N GLY A 152 7.14 -0.58 13.83
CA GLY A 152 6.06 -1.56 13.91
C GLY A 152 5.89 -2.13 15.31
N CYS A 153 4.67 -2.61 15.57
CA CYS A 153 4.26 -3.12 16.89
C CYS A 153 4.14 -4.65 16.90
N GLU A 154 3.79 -5.24 15.74
CA GLU A 154 3.80 -6.71 15.54
C GLU A 154 4.96 -7.07 14.62
N LYS A 155 5.46 -8.31 14.74
CA LYS A 155 6.54 -8.82 13.86
C LYS A 155 5.97 -9.20 12.47
N TYR A 156 6.79 -8.97 11.46
CA TYR A 156 6.44 -9.13 10.03
C TYR A 156 7.15 -10.37 9.47
N ASN A 157 6.43 -11.14 8.63
CA ASN A 157 6.98 -12.31 7.92
C ASN A 157 6.97 -12.08 6.39
N LEU A 158 8.12 -12.33 5.74
CA LEU A 158 8.29 -12.11 4.28
C LEU A 158 8.63 -13.44 3.59
N PHE A 159 9.49 -14.24 4.22
CA PHE A 159 9.92 -15.57 3.71
C PHE A 159 9.29 -16.67 4.60
N GLU A 160 8.06 -16.39 5.11
CA GLU A 160 7.46 -17.12 6.25
C GLU A 160 8.43 -17.00 7.44
N SER A 161 8.79 -15.73 7.71
CA SER A 161 9.87 -15.36 8.62
C SER A 161 9.50 -15.62 10.09
N SER A 162 9.93 -16.78 10.60
CA SER A 162 9.93 -17.08 12.04
C SER A 162 11.16 -16.37 12.64
N ILE A 163 10.92 -15.54 13.67
CA ILE A 163 11.92 -14.60 14.18
C ILE A 163 13.10 -15.34 14.85
N ARG A 164 14.28 -15.18 14.25
CA ARG A 164 15.54 -15.81 14.70
C ARG A 164 16.42 -14.73 15.37
N MET A 1 6.83 25.35 -17.40
CA MET A 1 6.11 26.02 -16.29
C MET A 1 5.56 27.36 -16.80
N GLY A 2 4.43 27.80 -16.22
CA GLY A 2 3.81 29.09 -16.55
C GLY A 2 3.07 29.04 -17.88
N HIS A 3 3.58 29.78 -18.88
CA HIS A 3 3.03 29.79 -20.25
C HIS A 3 3.79 28.81 -21.17
N HIS A 4 4.90 28.24 -20.66
CA HIS A 4 5.72 27.28 -21.42
C HIS A 4 5.46 25.85 -20.93
N HIS A 5 4.37 25.23 -21.43
CA HIS A 5 4.08 23.81 -21.12
C HIS A 5 4.87 22.89 -22.08
N HIS A 6 5.83 22.15 -21.50
CA HIS A 6 6.60 21.11 -22.22
C HIS A 6 5.93 19.74 -22.04
N HIS A 7 6.28 18.79 -22.90
CA HIS A 7 5.79 17.41 -22.82
C HIS A 7 7.00 16.45 -22.66
N HIS A 8 7.26 16.08 -21.40
CA HIS A 8 8.31 15.13 -21.03
C HIS A 8 7.68 14.08 -20.10
N SER A 9 7.13 13.03 -20.72
CA SER A 9 6.46 11.93 -20.02
C SER A 9 7.19 10.61 -20.33
N HIS A 10 6.57 9.47 -19.99
CA HIS A 10 7.12 8.13 -20.26
C HIS A 10 6.06 7.27 -20.97
N MET A 11 6.50 6.17 -21.61
CA MET A 11 5.59 5.18 -22.24
C MET A 11 4.97 4.26 -21.17
N ASN A 12 3.99 3.43 -21.57
CA ASN A 12 3.31 2.51 -20.63
C ASN A 12 4.35 1.52 -20.04
N PHE A 13 4.48 1.52 -18.72
CA PHE A 13 5.50 0.74 -18.00
C PHE A 13 5.13 -0.75 -17.99
N ASN A 14 6.15 -1.59 -17.79
CA ASN A 14 5.98 -3.06 -17.73
C ASN A 14 5.33 -3.44 -16.38
N THR A 15 4.00 -3.58 -16.42
CA THR A 15 3.18 -3.90 -15.24
C THR A 15 3.22 -5.39 -14.90
N ILE A 16 3.37 -5.67 -13.60
CA ILE A 16 3.24 -7.02 -13.02
C ILE A 16 1.75 -7.35 -12.84
N LEU A 17 0.98 -6.32 -12.44
CA LEU A 17 -0.43 -6.49 -12.03
C LEU A 17 -1.10 -5.10 -11.92
N GLU A 18 -2.34 -4.97 -12.42
CA GLU A 18 -3.15 -3.73 -12.28
C GLU A 18 -4.60 -4.10 -11.95
N GLU A 19 -5.26 -3.24 -11.14
CA GLU A 19 -6.66 -3.44 -10.71
C GLU A 19 -7.26 -2.14 -10.16
N ILE A 20 -8.61 -2.06 -10.18
CA ILE A 20 -9.36 -0.96 -9.59
C ILE A 20 -9.50 -1.22 -8.07
N LEU A 21 -8.65 -0.55 -7.29
CA LEU A 21 -8.59 -0.68 -5.83
C LEU A 21 -9.00 0.64 -5.16
N ILE A 22 -9.52 0.57 -3.92
CA ILE A 22 -9.95 1.77 -3.17
C ILE A 22 -8.86 2.21 -2.18
N LYS A 23 -8.34 3.40 -2.41
CA LYS A 23 -7.30 4.02 -1.58
C LYS A 23 -7.94 4.76 -0.38
N ARG A 24 -7.35 4.60 0.81
CA ARG A 24 -7.60 5.51 1.93
C ARG A 24 -6.67 6.73 1.75
N SER A 25 -7.25 7.92 1.81
CA SER A 25 -6.48 9.16 1.76
C SER A 25 -6.07 9.50 3.19
N GLN A 26 -4.80 9.20 3.52
CA GLN A 26 -4.21 9.52 4.82
C GLN A 26 -4.08 11.04 4.88
N GLN A 27 -4.89 11.67 5.77
CA GLN A 27 -5.06 13.12 5.82
C GLN A 27 -3.73 13.86 6.03
N LYS A 28 -3.54 14.93 5.25
CA LYS A 28 -2.53 15.96 5.54
C LYS A 28 -2.83 16.49 6.95
N LYS A 29 -1.76 16.65 7.76
CA LYS A 29 -1.86 16.65 9.25
C LYS A 29 -2.75 17.79 9.80
N LYS A 30 -4.06 17.51 9.80
CA LYS A 30 -5.15 18.45 10.14
C LYS A 30 -6.38 17.65 10.59
N THR A 31 -7.40 18.37 11.10
CA THR A 31 -8.75 17.81 11.31
C THR A 31 -9.46 17.68 9.93
N SER A 32 -9.12 16.61 9.20
CA SER A 32 -9.51 16.42 7.80
C SER A 32 -10.13 15.01 7.58
N PRO A 33 -11.27 14.91 6.83
CA PRO A 33 -12.00 13.62 6.64
C PRO A 33 -11.20 12.58 5.80
N LEU A 34 -11.22 11.32 6.25
CA LEU A 34 -10.67 10.16 5.51
C LEU A 34 -11.56 9.87 4.29
N ASN A 35 -11.17 10.44 3.14
CA ASN A 35 -11.83 10.15 1.86
C ASN A 35 -11.27 8.83 1.29
N TYR A 36 -12.15 8.01 0.72
CA TYR A 36 -11.76 6.77 0.05
C TYR A 36 -11.88 6.95 -1.46
N LYS A 37 -10.72 6.93 -2.15
CA LYS A 37 -10.64 7.23 -3.58
C LYS A 37 -10.35 5.95 -4.38
N GLU A 38 -11.36 5.47 -5.10
CA GLU A 38 -11.29 4.28 -5.93
C GLU A 38 -10.57 4.60 -7.25
N ARG A 39 -9.31 4.13 -7.41
CA ARG A 39 -8.47 4.43 -8.60
C ARG A 39 -7.88 3.15 -9.20
N LEU A 40 -7.25 3.32 -10.38
CA LEU A 40 -6.58 2.24 -11.11
C LEU A 40 -5.13 2.13 -10.61
N PHE A 41 -4.90 1.23 -9.65
CA PHE A 41 -3.57 0.92 -9.13
C PHE A 41 -2.83 0.01 -10.11
N VAL A 42 -1.69 0.48 -10.59
CA VAL A 42 -0.82 -0.27 -11.50
C VAL A 42 0.52 -0.49 -10.80
N LEU A 43 0.90 -1.76 -10.64
CA LEU A 43 2.18 -2.16 -10.06
C LEU A 43 3.09 -2.53 -11.21
N THR A 44 4.11 -1.71 -11.42
CA THR A 44 5.10 -1.93 -12.47
C THR A 44 6.38 -2.48 -11.82
N LYS A 45 7.34 -2.87 -12.66
CA LYS A 45 8.59 -3.50 -12.20
C LYS A 45 9.61 -2.46 -11.65
N SER A 46 9.22 -1.18 -11.56
CA SER A 46 10.06 -0.12 -10.95
C SER A 46 9.32 0.60 -9.80
N MET A 47 8.00 0.85 -9.97
CA MET A 47 7.18 1.63 -8.98
C MET A 47 5.72 1.15 -8.93
N LEU A 48 5.05 1.45 -7.82
CA LEU A 48 3.60 1.28 -7.65
C LEU A 48 2.94 2.66 -7.86
N THR A 49 2.26 2.84 -8.99
CA THR A 49 1.62 4.11 -9.36
C THR A 49 0.13 3.92 -9.68
N TYR A 50 -0.73 4.74 -9.07
CA TYR A 50 -2.17 4.76 -9.38
C TYR A 50 -2.47 5.97 -10.27
N TYR A 51 -3.26 5.74 -11.33
CA TYR A 51 -3.59 6.77 -12.32
C TYR A 51 -5.00 7.31 -12.11
N GLU A 52 -5.12 8.62 -12.34
CA GLU A 52 -6.32 9.41 -12.15
C GLU A 52 -6.32 10.61 -13.13
N GLY A 53 -7.50 11.18 -13.40
CA GLY A 53 -7.61 12.37 -14.26
C GLY A 53 -8.32 13.52 -13.57
N ARG A 54 -7.78 13.97 -12.41
CA ARG A 54 -8.34 15.11 -11.67
C ARG A 54 -7.61 16.41 -12.09
N ALA A 55 -7.94 16.89 -13.29
CA ALA A 55 -7.34 18.10 -13.88
C ALA A 55 -8.02 19.38 -13.35
N GLU A 56 -9.37 19.34 -13.24
CA GLU A 56 -10.19 20.50 -12.85
C GLU A 56 -9.93 20.90 -11.40
N LYS A 57 -10.11 19.95 -10.47
CA LYS A 57 -9.68 20.10 -9.06
C LYS A 57 -8.52 19.13 -8.83
N LYS A 58 -7.44 19.59 -8.17
CA LYS A 58 -6.21 18.79 -8.00
C LYS A 58 -6.42 17.68 -6.97
N TYR A 59 -5.80 16.54 -7.22
CA TYR A 59 -5.76 15.39 -6.32
C TYR A 59 -4.32 14.87 -6.23
N ARG A 60 -3.97 14.24 -5.09
CA ARG A 60 -2.64 13.69 -4.88
C ARG A 60 -2.49 12.34 -5.60
N LYS A 61 -1.73 12.35 -6.71
CA LYS A 61 -1.35 11.13 -7.43
C LYS A 61 0.15 10.88 -7.17
N GLY A 62 0.41 10.04 -6.17
CA GLY A 62 1.76 9.67 -5.81
C GLY A 62 2.24 8.41 -6.51
N PHE A 63 3.39 7.92 -6.04
CA PHE A 63 4.03 6.70 -6.54
C PHE A 63 4.99 6.20 -5.45
N ILE A 64 5.10 4.89 -5.30
CA ILE A 64 5.89 4.26 -4.24
C ILE A 64 6.94 3.37 -4.89
N ASP A 65 8.21 3.71 -4.67
CA ASP A 65 9.35 2.98 -5.26
C ASP A 65 9.41 1.58 -4.60
N VAL A 66 9.62 0.53 -5.42
CA VAL A 66 9.58 -0.89 -4.96
C VAL A 66 10.75 -1.18 -3.98
N SER A 67 11.92 -0.55 -4.22
CA SER A 67 13.10 -0.65 -3.32
C SER A 67 12.90 0.20 -2.04
N LYS A 68 11.84 1.02 -2.00
CA LYS A 68 11.44 1.81 -0.82
C LYS A 68 10.24 1.18 -0.10
N ILE A 69 9.59 0.17 -0.70
CA ILE A 69 8.52 -0.59 -0.03
C ILE A 69 9.18 -1.54 1.01
N LYS A 70 9.14 -1.11 2.28
CA LYS A 70 9.82 -1.80 3.39
C LYS A 70 8.97 -2.96 3.96
N CYS A 71 7.68 -3.00 3.58
CA CYS A 71 6.70 -3.97 4.10
C CYS A 71 5.38 -3.89 3.32
N VAL A 72 4.84 -5.06 2.93
CA VAL A 72 3.46 -5.21 2.45
C VAL A 72 2.83 -6.38 3.20
N GLU A 73 1.79 -6.08 3.97
CA GLU A 73 1.02 -7.07 4.72
C GLU A 73 -0.42 -6.54 4.85
N ILE A 74 -1.35 -7.43 5.16
CA ILE A 74 -2.73 -7.05 5.45
C ILE A 74 -2.83 -6.34 6.80
N VAL A 75 -3.93 -5.65 6.99
CA VAL A 75 -4.24 -4.95 8.23
C VAL A 75 -5.15 -5.88 9.05
N LYS A 76 -4.65 -6.40 10.18
CA LYS A 76 -5.46 -7.25 11.07
C LYS A 76 -6.54 -6.35 11.67
N ASN A 77 -7.73 -6.38 11.06
CA ASN A 77 -8.85 -5.51 11.46
C ASN A 77 -9.56 -6.09 12.67
N ASP A 78 -10.23 -5.22 13.42
CA ASP A 78 -11.09 -5.62 14.54
C ASP A 78 -12.36 -6.30 14.02
N ASP A 79 -12.77 -7.37 14.71
CA ASP A 79 -13.99 -8.18 14.44
C ASP A 79 -14.16 -8.59 12.95
N GLY A 80 -14.65 -7.66 12.11
CA GLY A 80 -14.97 -7.96 10.71
C GLY A 80 -15.28 -6.71 9.88
N VAL A 81 -15.69 -5.61 10.55
CA VAL A 81 -16.10 -4.36 9.88
C VAL A 81 -14.91 -3.69 9.16
N ILE A 82 -15.02 -3.58 7.83
CA ILE A 82 -14.07 -2.86 6.97
C ILE A 82 -14.69 -1.50 6.58
N PRO A 83 -13.97 -0.35 6.78
CA PRO A 83 -14.50 1.00 6.45
C PRO A 83 -14.47 1.34 4.93
N CYS A 84 -15.15 0.49 4.13
CA CYS A 84 -15.21 0.61 2.66
C CYS A 84 -16.27 -0.37 2.12
N GLN A 85 -16.67 -0.21 0.84
CA GLN A 85 -17.52 -1.21 0.13
C GLN A 85 -16.67 -2.45 -0.21
N ASN A 86 -15.35 -2.22 -0.38
CA ASN A 86 -14.33 -3.26 -0.54
C ASN A 86 -13.98 -3.86 0.84
N LYS A 87 -13.36 -5.05 0.83
CA LYS A 87 -13.10 -5.83 2.05
C LYS A 87 -11.67 -6.42 2.01
N TYR A 88 -11.05 -6.53 3.21
CA TYR A 88 -9.66 -6.98 3.41
C TYR A 88 -8.66 -5.93 2.86
N PRO A 89 -8.26 -4.92 3.69
CA PRO A 89 -7.24 -3.93 3.32
C PRO A 89 -5.82 -4.45 3.56
N PHE A 90 -4.90 -4.11 2.65
CA PHE A 90 -3.46 -4.31 2.82
C PHE A 90 -2.76 -2.94 2.78
N GLN A 91 -1.56 -2.88 3.35
CA GLN A 91 -0.81 -1.63 3.51
C GLN A 91 0.57 -1.73 2.86
N VAL A 92 1.06 -0.59 2.37
CA VAL A 92 2.34 -0.45 1.70
C VAL A 92 3.17 0.61 2.47
N VAL A 93 4.13 0.14 3.26
CA VAL A 93 4.96 0.98 4.14
C VAL A 93 6.18 1.49 3.36
N HIS A 94 6.45 2.81 3.43
CA HIS A 94 7.56 3.46 2.69
C HIS A 94 8.08 4.70 3.45
N ASP A 95 8.90 5.54 2.75
CA ASP A 95 9.57 6.73 3.35
C ASP A 95 8.58 7.69 4.02
N ALA A 96 7.42 7.87 3.37
CA ALA A 96 6.36 8.78 3.83
C ALA A 96 5.23 7.99 4.54
N ASN A 97 3.99 8.50 4.45
CA ASN A 97 2.79 7.89 5.05
C ASN A 97 2.49 6.49 4.47
N THR A 98 2.06 5.57 5.35
CA THR A 98 1.71 4.19 4.96
C THR A 98 0.39 4.19 4.15
N LEU A 99 0.42 3.59 2.94
CA LEU A 99 -0.72 3.60 2.00
C LEU A 99 -1.63 2.39 2.27
N TYR A 100 -2.86 2.66 2.71
CA TYR A 100 -3.88 1.63 3.01
C TYR A 100 -4.80 1.44 1.80
N ILE A 101 -4.57 0.34 1.08
CA ILE A 101 -5.32 -0.03 -0.12
C ILE A 101 -6.34 -1.14 0.24
N PHE A 102 -7.59 -0.98 -0.23
CA PHE A 102 -8.71 -1.88 0.06
C PHE A 102 -9.05 -2.68 -1.21
N ALA A 103 -9.02 -4.02 -1.09
CA ALA A 103 -9.22 -4.93 -2.23
C ALA A 103 -10.72 -5.28 -2.39
N PRO A 104 -11.26 -5.35 -3.67
CA PRO A 104 -12.68 -5.72 -3.92
C PRO A 104 -13.01 -7.18 -3.53
N SER A 105 -11.97 -8.02 -3.43
CA SER A 105 -12.11 -9.45 -3.09
C SER A 105 -10.85 -9.95 -2.35
N PRO A 106 -10.95 -11.11 -1.59
CA PRO A 106 -9.76 -11.82 -1.05
C PRO A 106 -8.85 -12.40 -2.17
N GLN A 107 -9.37 -12.40 -3.41
CA GLN A 107 -8.62 -12.85 -4.60
C GLN A 107 -7.61 -11.75 -4.99
N SER A 108 -8.14 -10.50 -5.04
CA SER A 108 -7.35 -9.29 -5.31
C SER A 108 -6.32 -9.07 -4.19
N ARG A 109 -6.79 -9.15 -2.92
CA ARG A 109 -5.95 -9.07 -1.71
C ARG A 109 -4.73 -10.01 -1.80
N ASP A 110 -5.01 -11.32 -1.97
CA ASP A 110 -3.99 -12.38 -1.94
C ASP A 110 -2.93 -12.18 -3.04
N LEU A 111 -3.41 -11.85 -4.26
CA LEU A 111 -2.55 -11.69 -5.45
C LEU A 111 -1.66 -10.43 -5.36
N TRP A 112 -2.25 -9.30 -4.93
CA TRP A 112 -1.52 -8.03 -4.75
C TRP A 112 -0.44 -8.13 -3.66
N VAL A 113 -0.81 -8.60 -2.46
CA VAL A 113 0.14 -8.79 -1.33
C VAL A 113 1.27 -9.76 -1.75
N LYS A 114 0.91 -10.80 -2.52
CA LYS A 114 1.85 -11.79 -3.07
C LYS A 114 2.90 -11.11 -3.97
N LYS A 115 2.43 -10.45 -5.05
CA LYS A 115 3.30 -9.83 -6.07
C LYS A 115 4.24 -8.75 -5.47
N LEU A 116 3.67 -7.92 -4.58
CA LEU A 116 4.41 -6.87 -3.87
C LEU A 116 5.56 -7.49 -3.04
N LYS A 117 5.24 -8.49 -2.18
CA LYS A 117 6.25 -9.25 -1.40
C LYS A 117 7.30 -9.95 -2.28
N GLU A 118 6.86 -10.58 -3.40
CA GLU A 118 7.75 -11.31 -4.33
C GLU A 118 8.88 -10.43 -4.90
N GLU A 119 8.62 -9.13 -5.03
CA GLU A 119 9.63 -8.19 -5.50
C GLU A 119 10.49 -7.70 -4.32
N ILE A 120 9.83 -7.18 -3.26
CA ILE A 120 10.52 -6.47 -2.16
C ILE A 120 11.32 -7.43 -1.25
N LYS A 121 11.08 -8.74 -1.39
CA LYS A 121 11.80 -9.78 -0.60
C LYS A 121 13.29 -9.86 -0.98
N ASN A 122 13.60 -9.31 -2.16
CA ASN A 122 14.95 -9.28 -2.73
C ASN A 122 15.70 -7.98 -2.32
N ASN A 123 14.96 -7.02 -1.73
CA ASN A 123 15.52 -5.74 -1.24
C ASN A 123 16.05 -5.88 0.20
N ASN A 124 16.92 -4.95 0.62
CA ASN A 124 17.55 -4.95 1.96
C ASN A 124 16.91 -3.90 2.89
N ASN A 125 15.75 -3.35 2.47
CA ASN A 125 15.04 -2.30 3.21
C ASN A 125 13.91 -2.88 4.09
N ILE A 126 13.84 -4.21 4.17
CA ILE A 126 12.69 -4.91 4.76
C ILE A 126 12.74 -4.80 6.29
N MET A 127 11.77 -4.04 6.83
CA MET A 127 11.56 -3.91 8.26
C MET A 127 10.91 -5.22 8.75
N ILE A 128 11.60 -5.90 9.68
CA ILE A 128 11.23 -7.25 10.17
C ILE A 128 9.86 -7.23 10.89
N LYS A 129 9.40 -6.02 11.27
CA LYS A 129 8.15 -5.78 12.02
C LYS A 129 7.26 -4.77 11.26
N TYR A 130 5.95 -4.79 11.55
CA TYR A 130 4.96 -3.81 11.05
C TYR A 130 3.88 -3.59 12.14
N HIS A 131 2.95 -2.65 11.90
CA HIS A 131 1.81 -2.40 12.82
C HIS A 131 0.52 -2.96 12.18
N PRO A 132 -0.30 -3.77 12.93
CA PRO A 132 -1.46 -4.49 12.35
C PRO A 132 -2.73 -3.62 12.20
N LYS A 133 -2.66 -2.36 12.66
CA LYS A 133 -3.80 -1.41 12.62
C LYS A 133 -3.44 -0.18 11.75
N PHE A 134 -4.39 0.78 11.67
CA PHE A 134 -4.32 1.91 10.72
C PHE A 134 -3.49 3.10 11.27
N TRP A 135 -2.49 3.50 10.48
CA TRP A 135 -1.73 4.75 10.65
C TRP A 135 -2.57 5.92 10.12
N THR A 136 -3.19 6.64 11.05
CA THR A 136 -4.09 7.75 10.77
C THR A 136 -4.02 8.73 11.94
N ASP A 137 -3.98 10.05 11.63
CA ASP A 137 -3.96 11.14 12.63
C ASP A 137 -5.22 11.08 13.52
N GLY A 138 -5.03 10.62 14.78
CA GLY A 138 -6.12 10.60 15.78
C GLY A 138 -6.61 9.20 16.12
N SER A 139 -6.26 8.21 15.29
CA SER A 139 -6.70 6.82 15.48
C SER A 139 -5.86 6.12 16.58
N TYR A 140 -6.56 5.53 17.57
CA TYR A 140 -5.94 4.68 18.59
C TYR A 140 -5.69 3.30 17.99
N GLN A 141 -4.56 3.18 17.29
CA GLN A 141 -4.14 1.92 16.64
C GLN A 141 -3.65 0.89 17.70
N CYS A 142 -2.83 -0.07 17.27
CA CYS A 142 -2.25 -1.10 18.13
C CYS A 142 -1.52 -0.51 19.36
N CYS A 143 -0.34 0.10 19.14
CA CYS A 143 0.48 0.68 20.23
C CYS A 143 0.36 2.22 20.29
N ARG A 144 -0.48 2.80 19.39
CA ARG A 144 -0.77 4.26 19.30
C ARG A 144 0.48 5.05 18.80
N GLN A 145 1.43 4.34 18.18
CA GLN A 145 2.70 4.92 17.70
C GLN A 145 2.59 5.42 16.24
N THR A 146 1.41 5.99 15.90
CA THR A 146 1.19 6.63 14.58
C THR A 146 1.94 7.99 14.50
N GLU A 147 2.45 8.47 15.66
CA GLU A 147 3.16 9.76 15.83
C GLU A 147 4.31 9.94 14.82
N LYS A 148 5.11 8.88 14.64
CA LYS A 148 6.23 8.87 13.67
C LYS A 148 6.60 7.41 13.35
N LEU A 149 7.23 7.20 12.17
CA LEU A 149 7.52 5.88 11.59
C LEU A 149 8.34 4.98 12.55
N ALA A 150 7.60 4.20 13.35
CA ALA A 150 8.17 3.23 14.29
C ALA A 150 8.61 1.94 13.55
N PRO A 151 9.71 1.25 14.03
CA PRO A 151 10.22 -0.02 13.41
C PRO A 151 9.17 -1.16 13.33
N GLY A 152 8.06 -1.01 14.10
CA GLY A 152 6.96 -1.97 14.10
C GLY A 152 6.78 -2.66 15.44
N CYS A 153 5.57 -3.17 15.70
CA CYS A 153 5.20 -3.84 16.97
C CYS A 153 5.00 -5.34 16.77
N GLU A 154 4.33 -5.71 15.67
CA GLU A 154 4.03 -7.11 15.32
C GLU A 154 5.04 -7.63 14.30
N LYS A 155 5.30 -8.95 14.32
CA LYS A 155 6.22 -9.60 13.38
C LYS A 155 5.66 -9.50 11.94
N TYR A 156 6.51 -9.05 11.02
CA TYR A 156 6.26 -9.10 9.58
C TYR A 156 7.04 -10.29 9.01
N ASN A 157 6.32 -11.38 8.69
CA ASN A 157 6.91 -12.57 8.09
C ASN A 157 7.00 -12.36 6.57
N LEU A 158 8.19 -12.00 6.13
CA LEU A 158 8.52 -11.88 4.70
C LEU A 158 8.44 -13.27 4.04
N PHE A 159 8.91 -14.29 4.78
CA PHE A 159 8.82 -15.72 4.38
C PHE A 159 8.19 -16.52 5.53
N GLU A 160 8.90 -16.61 6.67
CA GLU A 160 8.46 -17.41 7.83
C GLU A 160 8.37 -16.54 9.09
N SER A 161 7.37 -16.83 9.93
CA SER A 161 7.21 -16.21 11.25
C SER A 161 8.20 -16.87 12.23
N SER A 162 9.45 -16.36 12.22
CA SER A 162 10.54 -16.88 13.04
C SER A 162 10.23 -16.76 14.55
N ILE A 163 10.16 -17.91 15.23
CA ILE A 163 9.88 -17.98 16.67
C ILE A 163 11.10 -17.46 17.45
N ARG A 164 11.04 -16.18 17.82
CA ARG A 164 12.16 -15.46 18.50
C ARG A 164 12.18 -15.69 20.03
N MET A 1 -20.25 14.67 -13.03
CA MET A 1 -21.05 15.69 -13.73
C MET A 1 -21.11 15.38 -15.24
N GLY A 2 -22.06 16.01 -15.94
CA GLY A 2 -22.12 15.96 -17.40
C GLY A 2 -20.94 16.69 -18.03
N HIS A 3 -20.30 16.07 -19.02
CA HIS A 3 -19.07 16.57 -19.65
C HIS A 3 -18.99 16.02 -21.06
N HIS A 4 -18.55 16.86 -22.03
CA HIS A 4 -18.36 16.44 -23.42
C HIS A 4 -17.13 15.49 -23.48
N HIS A 5 -17.38 14.21 -23.17
CA HIS A 5 -16.34 13.17 -23.10
C HIS A 5 -16.39 12.36 -24.40
N HIS A 6 -15.63 12.86 -25.40
CA HIS A 6 -15.58 12.30 -26.76
C HIS A 6 -15.01 10.87 -26.75
N HIS A 7 -13.96 10.66 -25.93
CA HIS A 7 -13.32 9.35 -25.74
C HIS A 7 -12.37 9.37 -24.53
N HIS A 8 -11.72 8.22 -24.28
CA HIS A 8 -10.78 8.05 -23.13
C HIS A 8 -9.64 7.11 -23.51
N SER A 9 -8.61 7.01 -22.65
CA SER A 9 -7.42 6.20 -22.92
C SER A 9 -7.59 4.75 -22.39
N HIS A 10 -7.38 3.77 -23.29
CA HIS A 10 -7.26 2.34 -22.93
C HIS A 10 -5.79 1.91 -23.11
N MET A 11 -4.90 2.50 -22.32
CA MET A 11 -3.46 2.20 -22.39
C MET A 11 -3.12 0.97 -21.55
N ASN A 12 -2.48 0.00 -22.21
CA ASN A 12 -1.93 -1.21 -21.58
C ASN A 12 -0.49 -0.93 -21.13
N PHE A 13 -0.25 -1.00 -19.81
CA PHE A 13 1.07 -0.75 -19.22
C PHE A 13 1.79 -2.09 -18.98
N ASN A 14 3.12 -2.08 -19.16
CA ASN A 14 3.98 -3.24 -18.89
C ASN A 14 4.09 -3.44 -17.36
N THR A 15 3.12 -4.17 -16.81
CA THR A 15 2.90 -4.28 -15.36
C THR A 15 2.90 -5.75 -14.90
N ILE A 16 3.16 -5.93 -13.60
CA ILE A 16 3.01 -7.22 -12.90
C ILE A 16 1.51 -7.52 -12.73
N LEU A 17 0.76 -6.49 -12.30
CA LEU A 17 -0.68 -6.58 -12.00
C LEU A 17 -1.29 -5.16 -11.96
N GLU A 18 -2.53 -5.05 -12.43
CA GLU A 18 -3.33 -3.81 -12.37
C GLU A 18 -4.76 -4.13 -11.87
N GLU A 19 -5.32 -3.23 -11.05
CA GLU A 19 -6.66 -3.40 -10.46
C GLU A 19 -7.18 -2.05 -9.95
N ILE A 20 -8.51 -1.87 -9.95
CA ILE A 20 -9.16 -0.66 -9.42
C ILE A 20 -9.32 -0.81 -7.89
N LEU A 21 -8.39 -0.18 -7.15
CA LEU A 21 -8.30 -0.28 -5.68
C LEU A 21 -8.67 1.06 -5.02
N ILE A 22 -9.00 1.00 -3.71
CA ILE A 22 -9.32 2.21 -2.92
C ILE A 22 -8.10 2.64 -2.08
N LYS A 23 -7.68 3.90 -2.25
CA LYS A 23 -6.64 4.52 -1.42
C LYS A 23 -7.29 5.17 -0.18
N ARG A 24 -6.84 4.78 1.02
CA ARG A 24 -7.01 5.61 2.21
C ARG A 24 -5.87 6.62 2.19
N SER A 25 -6.20 7.90 2.02
CA SER A 25 -5.20 8.97 1.94
C SER A 25 -4.71 9.32 3.35
N GLN A 26 -3.39 9.55 3.47
CA GLN A 26 -2.75 9.88 4.75
C GLN A 26 -2.97 11.36 5.05
N GLN A 27 -3.51 11.66 6.24
CA GLN A 27 -3.88 13.03 6.65
C GLN A 27 -2.60 13.82 6.90
N LYS A 28 -2.20 14.59 5.87
CA LYS A 28 -0.98 15.38 5.85
C LYS A 28 -0.99 16.38 7.02
N LYS A 29 -2.16 17.02 7.22
CA LYS A 29 -2.45 17.86 8.39
C LYS A 29 -3.93 17.69 8.79
N LYS A 30 -4.37 18.54 9.73
CA LYS A 30 -5.80 18.69 10.07
C LYS A 30 -6.55 19.39 8.91
N THR A 31 -7.91 19.36 8.98
CA THR A 31 -8.80 19.75 7.86
C THR A 31 -8.59 18.75 6.67
N SER A 32 -8.47 17.47 7.05
CA SER A 32 -8.31 16.35 6.11
C SER A 32 -9.01 15.11 6.71
N PRO A 33 -10.14 14.64 6.10
CA PRO A 33 -10.88 13.45 6.57
C PRO A 33 -10.22 12.13 6.12
N LEU A 34 -10.69 11.00 6.69
CA LEU A 34 -10.34 9.66 6.18
C LEU A 34 -10.99 9.50 4.80
N ASN A 35 -10.29 9.94 3.75
CA ASN A 35 -10.82 9.96 2.38
C ASN A 35 -10.49 8.61 1.69
N TYR A 36 -11.52 8.00 1.10
CA TYR A 36 -11.42 6.70 0.43
C TYR A 36 -11.74 6.91 -1.04
N LYS A 37 -10.72 6.83 -1.90
CA LYS A 37 -10.84 7.19 -3.32
C LYS A 37 -10.42 6.01 -4.20
N GLU A 38 -11.34 5.59 -5.07
CA GLU A 38 -11.24 4.32 -5.84
C GLU A 38 -10.74 4.60 -7.25
N ARG A 39 -9.51 4.18 -7.56
CA ARG A 39 -8.83 4.49 -8.84
C ARG A 39 -7.97 3.30 -9.30
N LEU A 40 -7.32 3.47 -10.47
CA LEU A 40 -6.47 2.42 -11.07
C LEU A 40 -5.11 2.41 -10.38
N PHE A 41 -4.66 1.21 -9.97
CA PHE A 41 -3.31 0.99 -9.43
C PHE A 41 -2.57 0.01 -10.36
N VAL A 42 -1.43 0.45 -10.88
CA VAL A 42 -0.58 -0.34 -11.79
C VAL A 42 0.77 -0.57 -11.10
N LEU A 43 1.12 -1.83 -10.87
CA LEU A 43 2.35 -2.23 -10.17
C LEU A 43 3.39 -2.71 -11.18
N THR A 44 4.38 -1.87 -11.46
CA THR A 44 5.57 -2.27 -12.23
C THR A 44 6.70 -2.59 -11.23
N LYS A 45 7.75 -3.29 -11.71
CA LYS A 45 8.88 -3.74 -10.84
C LYS A 45 9.71 -2.56 -10.30
N SER A 46 9.53 -1.37 -10.89
CA SER A 46 10.22 -0.15 -10.45
C SER A 46 9.32 0.71 -9.54
N MET A 47 8.01 0.79 -9.89
CA MET A 47 7.07 1.79 -9.30
C MET A 47 5.64 1.23 -9.19
N LEU A 48 4.97 1.55 -8.09
CA LEU A 48 3.52 1.37 -7.94
C LEU A 48 2.87 2.73 -8.26
N THR A 49 2.40 2.88 -9.50
CA THR A 49 1.87 4.13 -10.05
C THR A 49 0.35 4.04 -10.15
N TYR A 50 -0.34 4.97 -9.49
CA TYR A 50 -1.81 5.01 -9.47
C TYR A 50 -2.33 6.13 -10.39
N TYR A 51 -3.28 5.77 -11.27
CA TYR A 51 -3.85 6.67 -12.29
C TYR A 51 -5.25 7.13 -11.89
N GLU A 52 -5.54 8.39 -12.20
CA GLU A 52 -6.84 9.04 -11.94
C GLU A 52 -7.54 9.45 -13.25
N GLY A 53 -8.87 9.58 -13.18
CA GLY A 53 -9.68 10.03 -14.32
C GLY A 53 -10.22 11.43 -14.10
N ARG A 54 -9.37 12.33 -13.55
CA ARG A 54 -9.78 13.71 -13.19
C ARG A 54 -8.91 14.74 -13.94
N ALA A 55 -9.35 15.15 -15.15
CA ALA A 55 -8.65 16.17 -15.97
C ALA A 55 -9.33 17.55 -15.87
N GLU A 56 -10.62 17.54 -15.47
CA GLU A 56 -11.44 18.76 -15.34
C GLU A 56 -11.20 19.45 -13.97
N LYS A 57 -10.85 18.64 -12.97
CA LYS A 57 -10.44 19.12 -11.64
C LYS A 57 -9.22 18.30 -11.24
N LYS A 58 -8.10 18.97 -10.95
CA LYS A 58 -6.80 18.32 -10.75
C LYS A 58 -6.77 17.37 -9.52
N TYR A 59 -6.23 16.16 -9.74
CA TYR A 59 -5.98 15.16 -8.68
C TYR A 59 -4.46 14.93 -8.59
N ARG A 60 -3.91 14.96 -7.37
CA ARG A 60 -2.49 14.67 -7.14
C ARG A 60 -2.23 13.16 -7.21
N LYS A 61 -1.55 12.74 -8.29
CA LYS A 61 -1.20 11.33 -8.51
C LYS A 61 0.32 11.21 -8.71
N GLY A 62 0.92 10.21 -8.06
CA GLY A 62 2.35 9.96 -8.19
C GLY A 62 2.66 8.49 -8.26
N PHE A 63 3.62 8.03 -7.44
CA PHE A 63 4.12 6.66 -7.45
C PHE A 63 4.79 6.33 -6.13
N ILE A 64 4.94 5.02 -5.87
CA ILE A 64 5.72 4.50 -4.74
C ILE A 64 6.82 3.61 -5.30
N ASP A 65 8.08 3.96 -5.08
CA ASP A 65 9.23 3.16 -5.55
C ASP A 65 9.23 1.80 -4.84
N VAL A 66 9.21 0.70 -5.63
CA VAL A 66 9.15 -0.68 -5.10
C VAL A 66 10.38 -1.02 -4.23
N SER A 67 11.54 -0.45 -4.60
CA SER A 67 12.79 -0.57 -3.82
C SER A 67 12.69 0.14 -2.45
N LYS A 68 11.83 1.16 -2.37
CA LYS A 68 11.65 1.97 -1.14
C LYS A 68 10.53 1.40 -0.25
N ILE A 69 9.83 0.35 -0.73
CA ILE A 69 8.82 -0.36 0.07
C ILE A 69 9.53 -1.28 1.09
N LYS A 70 9.14 -1.15 2.36
CA LYS A 70 9.80 -1.82 3.50
C LYS A 70 9.00 -3.05 3.98
N CYS A 71 7.70 -3.08 3.69
CA CYS A 71 6.79 -4.16 4.14
C CYS A 71 5.49 -4.09 3.32
N VAL A 72 4.98 -5.26 2.89
CA VAL A 72 3.60 -5.38 2.37
C VAL A 72 2.95 -6.63 2.95
N GLU A 73 1.86 -6.41 3.68
CA GLU A 73 1.06 -7.48 4.26
C GLU A 73 -0.41 -7.03 4.31
N ILE A 74 -1.32 -7.97 4.55
CA ILE A 74 -2.74 -7.66 4.77
C ILE A 74 -2.93 -6.89 6.09
N VAL A 75 -4.10 -6.26 6.26
CA VAL A 75 -4.42 -5.52 7.49
C VAL A 75 -5.28 -6.41 8.38
N LYS A 76 -4.81 -6.69 9.60
CA LYS A 76 -5.58 -7.40 10.61
C LYS A 76 -6.62 -6.42 11.19
N ASN A 77 -7.87 -6.55 10.71
CA ASN A 77 -8.98 -5.65 11.06
C ASN A 77 -9.23 -5.58 12.58
N ASP A 78 -9.67 -4.42 13.06
CA ASP A 78 -10.01 -4.21 14.48
C ASP A 78 -11.52 -4.39 14.65
N ASP A 79 -11.90 -5.50 15.33
CA ASP A 79 -13.30 -5.94 15.55
C ASP A 79 -13.93 -6.54 14.28
N GLY A 80 -13.57 -5.99 13.10
CA GLY A 80 -14.15 -6.40 11.82
C GLY A 80 -14.67 -5.21 11.04
N VAL A 81 -14.64 -4.01 11.68
CA VAL A 81 -15.17 -2.77 11.09
C VAL A 81 -14.23 -2.26 9.99
N ILE A 82 -14.61 -2.57 8.73
CA ILE A 82 -13.95 -2.02 7.54
C ILE A 82 -14.77 -0.80 7.06
N PRO A 83 -14.19 0.44 7.11
CA PRO A 83 -14.89 1.68 6.71
C PRO A 83 -14.82 1.93 5.19
N CYS A 84 -15.27 0.92 4.41
CA CYS A 84 -15.11 0.89 2.96
C CYS A 84 -15.91 -0.26 2.36
N GLN A 85 -16.44 -0.05 1.13
CA GLN A 85 -17.17 -1.07 0.35
C GLN A 85 -16.27 -2.29 0.04
N ASN A 86 -14.99 -1.99 -0.21
CA ASN A 86 -13.95 -2.99 -0.52
C ASN A 86 -13.53 -3.72 0.77
N LYS A 87 -13.67 -5.06 0.77
CA LYS A 87 -13.47 -5.90 1.98
C LYS A 87 -12.07 -6.56 1.99
N TYR A 88 -11.50 -6.66 3.20
CA TYR A 88 -10.15 -7.18 3.45
C TYR A 88 -9.06 -6.31 2.74
N PRO A 89 -8.65 -5.18 3.38
CA PRO A 89 -7.59 -4.30 2.85
C PRO A 89 -6.19 -4.90 3.05
N PHE A 90 -5.23 -4.42 2.25
CA PHE A 90 -3.81 -4.68 2.44
C PHE A 90 -3.06 -3.36 2.59
N GLN A 91 -2.04 -3.36 3.44
CA GLN A 91 -1.20 -2.18 3.70
C GLN A 91 0.16 -2.30 3.02
N VAL A 92 0.62 -1.17 2.46
CA VAL A 92 1.93 -1.05 1.86
C VAL A 92 2.73 -0.08 2.73
N VAL A 93 3.61 -0.62 3.58
CA VAL A 93 4.48 0.18 4.43
C VAL A 93 5.74 0.49 3.61
N HIS A 94 5.79 1.70 3.06
CA HIS A 94 6.95 2.20 2.29
C HIS A 94 7.80 3.12 3.19
N ASP A 95 8.89 3.67 2.63
CA ASP A 95 9.88 4.49 3.39
C ASP A 95 9.20 5.68 4.11
N ALA A 96 8.13 6.22 3.49
CA ALA A 96 7.29 7.29 4.06
C ALA A 96 6.19 6.68 4.97
N ASN A 97 5.10 7.45 5.19
CA ASN A 97 3.96 7.01 6.03
C ASN A 97 3.24 5.80 5.39
N THR A 98 2.65 4.94 6.25
CA THR A 98 2.06 3.66 5.84
C THR A 98 0.76 3.85 5.03
N LEU A 99 0.74 3.27 3.81
CA LEU A 99 -0.43 3.33 2.92
C LEU A 99 -1.38 2.17 3.22
N TYR A 100 -2.70 2.45 3.14
CA TYR A 100 -3.75 1.44 3.36
C TYR A 100 -4.64 1.37 2.12
N ILE A 101 -4.43 0.32 1.32
CA ILE A 101 -5.17 0.09 0.08
C ILE A 101 -6.26 -0.97 0.33
N PHE A 102 -7.52 -0.57 0.23
CA PHE A 102 -8.67 -1.48 0.38
C PHE A 102 -8.91 -2.22 -0.95
N ALA A 103 -8.71 -3.56 -0.91
CA ALA A 103 -8.90 -4.44 -2.07
C ALA A 103 -10.37 -4.81 -2.20
N PRO A 104 -10.97 -4.83 -3.44
CA PRO A 104 -12.41 -5.14 -3.64
C PRO A 104 -12.82 -6.50 -3.07
N SER A 105 -11.92 -7.49 -3.23
CA SER A 105 -12.19 -8.88 -2.87
C SER A 105 -11.03 -9.47 -2.03
N PRO A 106 -11.33 -10.48 -1.14
CA PRO A 106 -10.31 -11.26 -0.39
C PRO A 106 -9.32 -12.05 -1.29
N GLN A 107 -9.62 -12.13 -2.59
CA GLN A 107 -8.69 -12.72 -3.58
C GLN A 107 -7.68 -11.66 -4.06
N SER A 108 -8.20 -10.42 -4.24
CA SER A 108 -7.42 -9.28 -4.74
C SER A 108 -6.30 -8.94 -3.76
N ARG A 109 -6.64 -8.87 -2.44
CA ARG A 109 -5.65 -8.58 -1.37
C ARG A 109 -4.44 -9.53 -1.45
N ASP A 110 -4.71 -10.84 -1.70
CA ASP A 110 -3.71 -11.89 -1.58
C ASP A 110 -2.71 -11.82 -2.73
N LEU A 111 -3.24 -11.66 -3.95
CA LEU A 111 -2.43 -11.60 -5.17
C LEU A 111 -1.52 -10.36 -5.15
N TRP A 112 -2.08 -9.21 -4.75
CA TRP A 112 -1.32 -7.95 -4.62
C TRP A 112 -0.19 -8.07 -3.57
N VAL A 113 -0.51 -8.52 -2.35
CA VAL A 113 0.49 -8.68 -1.25
C VAL A 113 1.60 -9.64 -1.66
N LYS A 114 1.21 -10.74 -2.32
CA LYS A 114 2.12 -11.81 -2.75
C LYS A 114 3.14 -11.30 -3.77
N LYS A 115 2.64 -10.69 -4.86
CA LYS A 115 3.51 -10.07 -5.89
C LYS A 115 4.47 -9.05 -5.27
N LEU A 116 3.92 -8.16 -4.42
CA LEU A 116 4.68 -7.10 -3.74
C LEU A 116 5.84 -7.65 -2.87
N LYS A 117 5.56 -8.58 -1.92
CA LYS A 117 6.63 -9.20 -1.09
C LYS A 117 7.66 -9.99 -1.93
N GLU A 118 7.21 -10.63 -3.03
CA GLU A 118 8.13 -11.33 -3.97
C GLU A 118 9.08 -10.37 -4.70
N GLU A 119 8.66 -9.11 -4.92
CA GLU A 119 9.52 -8.08 -5.55
C GLU A 119 10.42 -7.41 -4.50
N ILE A 120 9.85 -7.10 -3.32
CA ILE A 120 10.58 -6.35 -2.29
C ILE A 120 11.42 -7.27 -1.39
N LYS A 121 11.36 -8.60 -1.61
CA LYS A 121 12.25 -9.56 -0.90
C LYS A 121 13.69 -9.41 -1.39
N ASN A 122 13.85 -8.74 -2.54
CA ASN A 122 15.15 -8.40 -3.11
C ASN A 122 15.64 -7.02 -2.61
N ASN A 123 14.91 -6.42 -1.64
CA ASN A 123 15.31 -5.14 -0.99
C ASN A 123 16.02 -5.42 0.35
N ASN A 124 16.88 -4.47 0.76
CA ASN A 124 17.59 -4.49 2.06
C ASN A 124 17.11 -3.34 2.95
N ASN A 125 15.88 -2.83 2.65
CA ASN A 125 15.22 -1.77 3.44
C ASN A 125 13.98 -2.34 4.16
N ILE A 126 13.89 -3.68 4.21
CA ILE A 126 12.70 -4.38 4.71
C ILE A 126 12.71 -4.43 6.25
N MET A 127 11.66 -3.86 6.88
CA MET A 127 11.53 -3.82 8.34
C MET A 127 11.09 -5.18 8.89
N ILE A 128 11.60 -5.49 10.08
CA ILE A 128 11.31 -6.75 10.79
C ILE A 128 9.93 -6.66 11.50
N LYS A 129 9.39 -5.43 11.64
CA LYS A 129 8.09 -5.16 12.33
C LYS A 129 7.19 -4.30 11.42
N TYR A 130 5.86 -4.38 11.65
CA TYR A 130 4.84 -3.51 11.03
C TYR A 130 3.65 -3.38 12.01
N HIS A 131 2.68 -2.50 11.67
CA HIS A 131 1.48 -2.29 12.49
C HIS A 131 0.30 -3.07 11.87
N PRO A 132 -0.25 -4.11 12.57
CA PRO A 132 -1.33 -4.97 12.01
C PRO A 132 -2.67 -4.23 11.86
N LYS A 133 -2.90 -3.21 12.72
CA LYS A 133 -4.13 -2.39 12.69
C LYS A 133 -3.98 -1.20 11.70
N PHE A 134 -4.93 -0.25 11.74
CA PHE A 134 -4.95 0.90 10.84
C PHE A 134 -4.12 2.08 11.39
N TRP A 135 -2.81 2.04 11.12
CA TRP A 135 -1.87 3.12 11.44
C TRP A 135 -2.24 4.37 10.63
N THR A 136 -3.05 5.25 11.23
CA THR A 136 -3.61 6.43 10.56
C THR A 136 -3.92 7.51 11.62
N ASP A 137 -4.10 8.78 11.17
CA ASP A 137 -4.39 9.94 12.02
C ASP A 137 -5.65 9.73 12.90
N GLY A 138 -5.42 9.58 14.22
CA GLY A 138 -6.50 9.47 15.22
C GLY A 138 -7.31 8.18 15.12
N SER A 139 -6.73 7.16 14.48
CA SER A 139 -7.42 5.89 14.19
C SER A 139 -7.33 4.90 15.34
N TYR A 140 -8.29 3.98 15.35
CA TYR A 140 -8.31 2.79 16.21
C TYR A 140 -7.11 1.87 15.87
N GLN A 141 -6.07 1.92 16.73
CA GLN A 141 -4.77 1.27 16.50
C GLN A 141 -4.43 0.33 17.65
N CYS A 142 -3.39 -0.47 17.40
CA CYS A 142 -2.88 -1.46 18.34
C CYS A 142 -2.13 -0.77 19.52
N CYS A 143 -0.94 -0.20 19.21
CA CYS A 143 -0.13 0.54 20.21
C CYS A 143 -0.31 2.06 20.06
N ARG A 144 -1.16 2.48 19.09
CA ARG A 144 -1.58 3.90 18.88
C ARG A 144 -0.41 4.81 18.42
N GLN A 145 0.73 4.20 18.03
CA GLN A 145 1.97 4.94 17.75
C GLN A 145 1.99 5.53 16.33
N THR A 146 1.13 6.53 16.07
CA THR A 146 1.15 7.32 14.82
C THR A 146 1.85 8.67 15.10
N GLU A 147 2.85 8.60 16.00
CA GLU A 147 3.65 9.74 16.44
C GLU A 147 4.54 10.30 15.31
N LYS A 148 5.08 9.40 14.48
CA LYS A 148 6.05 9.74 13.44
C LYS A 148 6.13 8.59 12.42
N LEU A 149 6.93 7.56 12.77
CA LEU A 149 7.23 6.42 11.90
C LEU A 149 7.67 5.25 12.80
N ALA A 150 6.78 4.81 13.71
CA ALA A 150 7.03 3.64 14.56
C ALA A 150 7.18 2.37 13.68
N PRO A 151 8.32 1.59 13.83
CA PRO A 151 8.59 0.38 13.01
C PRO A 151 7.39 -0.58 12.97
N GLY A 152 6.90 -0.94 14.17
CA GLY A 152 5.80 -1.87 14.29
C GLY A 152 5.78 -2.56 15.64
N CYS A 153 4.64 -3.18 15.92
CA CYS A 153 4.40 -3.94 17.16
C CYS A 153 4.41 -5.45 16.88
N GLU A 154 4.00 -5.82 15.66
CA GLU A 154 3.94 -7.22 15.20
C GLU A 154 5.03 -7.45 14.16
N LYS A 155 5.71 -8.63 14.21
CA LYS A 155 6.81 -8.90 13.27
C LYS A 155 6.28 -9.21 11.86
N TYR A 156 7.02 -8.76 10.83
CA TYR A 156 6.66 -8.95 9.42
C TYR A 156 7.37 -10.18 8.84
N ASN A 157 6.62 -10.98 8.07
CA ASN A 157 7.17 -12.12 7.33
C ASN A 157 7.41 -11.73 5.87
N LEU A 158 8.68 -11.46 5.53
CA LEU A 158 9.09 -11.25 4.14
C LEU A 158 9.27 -12.63 3.48
N PHE A 159 10.21 -13.41 4.04
CA PHE A 159 10.47 -14.79 3.61
C PHE A 159 9.64 -15.77 4.44
N GLU A 160 8.37 -15.93 4.05
CA GLU A 160 7.50 -17.01 4.54
C GLU A 160 7.14 -17.96 3.38
N SER A 161 7.61 -17.60 2.17
CA SER A 161 7.33 -18.35 0.93
C SER A 161 8.12 -19.68 0.92
N SER A 162 7.58 -20.66 1.65
CA SER A 162 8.19 -21.99 1.79
C SER A 162 7.90 -22.84 0.54
N ILE A 163 8.94 -23.50 0.00
CA ILE A 163 8.81 -24.33 -1.22
C ILE A 163 8.07 -25.63 -0.85
N ARG A 164 6.73 -25.56 -0.95
CA ARG A 164 5.80 -26.59 -0.45
C ARG A 164 5.90 -27.91 -1.29
N MET A 1 33.84 -21.38 -27.93
CA MET A 1 32.58 -20.63 -27.93
C MET A 1 32.47 -19.77 -26.66
N GLY A 2 31.45 -18.90 -26.61
CA GLY A 2 31.21 -18.02 -25.46
C GLY A 2 30.47 -16.77 -25.87
N HIS A 3 29.30 -16.99 -26.51
CA HIS A 3 28.52 -15.91 -27.13
C HIS A 3 27.93 -14.96 -26.08
N HIS A 4 27.12 -15.55 -25.17
CA HIS A 4 26.28 -14.81 -24.22
C HIS A 4 25.26 -13.95 -24.98
N HIS A 5 24.16 -14.59 -25.44
CA HIS A 5 23.08 -13.89 -26.14
C HIS A 5 22.17 -13.21 -25.10
N HIS A 6 22.71 -12.12 -24.52
CA HIS A 6 22.07 -11.38 -23.44
C HIS A 6 20.88 -10.56 -23.97
N HIS A 7 19.68 -11.13 -23.84
CA HIS A 7 18.44 -10.44 -24.19
C HIS A 7 18.15 -9.34 -23.14
N HIS A 8 18.52 -8.10 -23.49
CA HIS A 8 18.11 -6.91 -22.72
C HIS A 8 16.71 -6.48 -23.19
N SER A 9 16.01 -5.70 -22.36
CA SER A 9 14.67 -5.21 -22.69
C SER A 9 14.76 -4.08 -23.75
N HIS A 10 13.92 -4.22 -24.78
CA HIS A 10 13.65 -3.17 -25.78
C HIS A 10 12.14 -3.21 -26.08
N MET A 11 11.40 -3.86 -25.16
CA MET A 11 10.02 -4.30 -25.37
C MET A 11 9.03 -3.23 -24.87
N ASN A 12 7.73 -3.52 -25.01
CA ASN A 12 6.67 -2.68 -24.42
C ASN A 12 6.74 -2.73 -22.89
N PHE A 13 6.03 -1.81 -22.22
CA PHE A 13 6.04 -1.73 -20.75
C PHE A 13 5.06 -2.77 -20.17
N ASN A 14 5.55 -4.01 -20.09
CA ASN A 14 4.79 -5.14 -19.53
C ASN A 14 4.60 -4.93 -18.02
N THR A 15 3.36 -4.62 -17.61
CA THR A 15 3.01 -4.44 -16.18
C THR A 15 2.98 -5.82 -15.48
N ILE A 16 3.22 -5.81 -14.16
CA ILE A 16 3.08 -7.00 -13.32
C ILE A 16 1.59 -7.29 -13.12
N LEU A 17 0.87 -6.26 -12.63
CA LEU A 17 -0.52 -6.42 -12.17
C LEU A 17 -1.17 -5.03 -12.02
N GLU A 18 -2.42 -4.90 -12.47
CA GLU A 18 -3.23 -3.67 -12.30
C GLU A 18 -4.68 -4.03 -11.94
N GLU A 19 -5.28 -3.20 -11.08
CA GLU A 19 -6.66 -3.40 -10.58
C GLU A 19 -7.23 -2.09 -10.05
N ILE A 20 -8.57 -2.00 -10.03
CA ILE A 20 -9.28 -0.89 -9.42
C ILE A 20 -9.30 -1.08 -7.89
N LEU A 21 -8.32 -0.45 -7.22
CA LEU A 21 -8.17 -0.49 -5.76
C LEU A 21 -8.53 0.90 -5.19
N ILE A 22 -9.11 0.92 -3.98
CA ILE A 22 -9.47 2.18 -3.31
C ILE A 22 -8.38 2.54 -2.29
N LYS A 23 -7.83 3.76 -2.41
CA LYS A 23 -6.87 4.30 -1.44
C LYS A 23 -7.59 5.31 -0.53
N ARG A 24 -7.46 5.14 0.79
CA ARG A 24 -8.00 6.10 1.77
C ARG A 24 -6.98 7.23 1.99
N SER A 25 -7.49 8.41 2.38
CA SER A 25 -6.67 9.56 2.73
C SER A 25 -6.22 9.43 4.19
N GLN A 26 -4.93 9.14 4.40
CA GLN A 26 -4.33 9.03 5.75
C GLN A 26 -4.08 10.43 6.33
N GLN A 27 -4.40 10.61 7.63
CA GLN A 27 -4.25 11.91 8.32
C GLN A 27 -3.46 11.74 9.62
N LYS A 28 -2.56 12.69 9.89
CA LYS A 28 -1.87 12.84 11.17
C LYS A 28 -2.21 14.24 11.74
N LYS A 29 -3.49 14.60 11.54
CA LYS A 29 -4.03 15.95 11.81
C LYS A 29 -5.55 15.93 11.67
N LYS A 30 -6.20 17.04 12.07
CA LYS A 30 -7.66 17.20 11.94
C LYS A 30 -8.00 18.17 10.80
N THR A 31 -9.33 18.40 10.61
CA THR A 31 -9.92 19.20 9.50
C THR A 31 -9.75 18.49 8.12
N SER A 32 -9.33 17.22 8.20
CA SER A 32 -9.04 16.37 7.03
C SER A 32 -10.02 15.18 7.01
N PRO A 33 -10.62 14.80 5.84
CA PRO A 33 -11.48 13.60 5.75
C PRO A 33 -10.69 12.29 5.50
N LEU A 34 -11.08 11.20 6.18
CA LEU A 34 -10.61 9.83 5.89
C LEU A 34 -11.38 9.29 4.66
N ASN A 35 -11.29 10.01 3.54
CA ASN A 35 -12.10 9.71 2.34
C ASN A 35 -11.50 8.52 1.56
N TYR A 36 -12.38 7.57 1.24
CA TYR A 36 -12.05 6.39 0.44
C TYR A 36 -12.22 6.77 -1.03
N LYS A 37 -11.10 6.92 -1.75
CA LYS A 37 -11.11 7.39 -3.15
C LYS A 37 -10.61 6.27 -4.06
N GLU A 38 -11.33 6.07 -5.18
CA GLU A 38 -11.18 4.90 -6.06
C GLU A 38 -10.16 5.18 -7.17
N ARG A 39 -9.27 4.20 -7.42
CA ARG A 39 -8.11 4.36 -8.33
C ARG A 39 -7.81 3.07 -9.08
N LEU A 40 -7.00 3.20 -10.15
CA LEU A 40 -6.35 2.08 -10.85
C LEU A 40 -4.87 2.08 -10.45
N PHE A 41 -4.49 1.14 -9.60
CA PHE A 41 -3.09 0.93 -9.20
C PHE A 41 -2.43 -0.01 -10.22
N VAL A 42 -1.38 0.50 -10.87
CA VAL A 42 -0.57 -0.25 -11.85
C VAL A 42 0.80 -0.53 -11.22
N LEU A 43 1.16 -1.81 -11.10
CA LEU A 43 2.41 -2.25 -10.48
C LEU A 43 3.41 -2.64 -11.57
N THR A 44 4.58 -2.00 -11.54
CA THR A 44 5.74 -2.35 -12.38
C THR A 44 6.89 -2.74 -11.43
N LYS A 45 8.00 -3.23 -12.02
CA LYS A 45 9.18 -3.67 -11.25
C LYS A 45 9.93 -2.49 -10.57
N SER A 46 9.61 -1.24 -10.96
CA SER A 46 10.25 -0.03 -10.38
C SER A 46 9.27 0.72 -9.48
N MET A 47 7.98 0.81 -9.88
CA MET A 47 7.00 1.70 -9.20
C MET A 47 5.57 1.11 -9.19
N LEU A 48 4.86 1.34 -8.07
CA LEU A 48 3.40 1.15 -7.97
C LEU A 48 2.73 2.52 -8.18
N THR A 49 2.25 2.75 -9.40
CA THR A 49 1.56 3.99 -9.81
C THR A 49 0.05 3.87 -9.54
N TYR A 50 -0.65 5.02 -9.49
CA TYR A 50 -2.12 5.07 -9.42
C TYR A 50 -2.67 6.15 -10.36
N TYR A 51 -3.92 5.93 -10.78
CA TYR A 51 -4.67 6.85 -11.64
C TYR A 51 -6.06 7.00 -11.07
N GLU A 52 -6.44 8.24 -10.79
CA GLU A 52 -7.76 8.58 -10.27
C GLU A 52 -8.77 8.74 -11.42
N GLY A 53 -10.06 8.53 -11.09
CA GLY A 53 -11.17 8.83 -12.01
C GLY A 53 -11.16 10.26 -12.52
N ARG A 54 -10.64 11.17 -11.69
CA ARG A 54 -10.29 12.55 -12.08
C ARG A 54 -8.89 12.54 -12.73
N ALA A 55 -8.82 12.33 -14.06
CA ALA A 55 -7.56 12.33 -14.84
C ALA A 55 -6.90 13.71 -14.77
N GLU A 56 -7.67 14.73 -15.15
CA GLU A 56 -7.28 16.14 -15.05
C GLU A 56 -8.46 16.95 -14.48
N LYS A 57 -8.43 17.16 -13.16
CA LYS A 57 -9.44 17.90 -12.41
C LYS A 57 -8.82 18.35 -11.07
N LYS A 58 -7.62 18.97 -11.17
CA LYS A 58 -6.94 19.69 -10.06
C LYS A 58 -6.52 18.72 -8.91
N TYR A 59 -6.52 17.40 -9.19
CA TYR A 59 -6.32 16.34 -8.18
C TYR A 59 -4.97 15.61 -8.41
N ARG A 60 -4.47 14.95 -7.34
CA ARG A 60 -3.16 14.24 -7.32
C ARG A 60 -3.02 13.19 -8.44
N LYS A 61 -1.78 13.05 -8.92
CA LYS A 61 -1.28 11.89 -9.69
C LYS A 61 0.09 11.52 -9.13
N GLY A 62 0.40 10.23 -8.98
CA GLY A 62 1.67 9.82 -8.39
C GLY A 62 1.91 8.32 -8.38
N PHE A 63 2.89 7.92 -7.56
CA PHE A 63 3.42 6.55 -7.52
C PHE A 63 4.19 6.32 -6.21
N ILE A 64 4.63 5.07 -6.00
CA ILE A 64 5.54 4.67 -4.92
C ILE A 64 6.67 3.85 -5.54
N ASP A 65 7.92 4.14 -5.16
CA ASP A 65 9.06 3.33 -5.58
C ASP A 65 9.09 2.02 -4.75
N VAL A 66 9.29 0.88 -5.44
CA VAL A 66 9.21 -0.47 -4.84
C VAL A 66 10.37 -0.72 -3.84
N SER A 67 11.55 -0.14 -4.12
CA SER A 67 12.74 -0.28 -3.25
C SER A 67 12.59 0.48 -1.92
N LYS A 68 11.65 1.47 -1.89
CA LYS A 68 11.33 2.24 -0.68
C LYS A 68 10.48 1.41 0.30
N ILE A 69 9.77 0.41 -0.25
CA ILE A 69 8.82 -0.41 0.53
C ILE A 69 9.60 -1.30 1.51
N LYS A 70 9.39 -1.01 2.81
CA LYS A 70 10.03 -1.74 3.93
C LYS A 70 9.15 -2.90 4.44
N CYS A 71 7.89 -2.99 3.96
CA CYS A 71 6.94 -4.05 4.38
C CYS A 71 5.62 -3.96 3.60
N VAL A 72 5.12 -5.13 3.15
CA VAL A 72 3.73 -5.30 2.66
C VAL A 72 3.11 -6.49 3.39
N GLU A 73 1.99 -6.23 4.05
CA GLU A 73 1.19 -7.22 4.79
C GLU A 73 -0.24 -6.65 4.86
N ILE A 74 -1.24 -7.51 5.10
CA ILE A 74 -2.63 -7.05 5.23
C ILE A 74 -2.89 -6.47 6.63
N VAL A 75 -4.01 -5.74 6.73
CA VAL A 75 -4.41 -5.05 7.95
C VAL A 75 -5.49 -5.91 8.62
N LYS A 76 -5.25 -6.31 9.87
CA LYS A 76 -6.20 -7.13 10.66
C LYS A 76 -6.92 -6.22 11.65
N ASN A 77 -8.15 -5.82 11.28
CA ASN A 77 -9.00 -4.98 12.12
C ASN A 77 -9.58 -5.76 13.30
N ASP A 78 -10.20 -5.02 14.22
CA ASP A 78 -10.93 -5.56 15.38
C ASP A 78 -12.41 -5.80 15.03
N ASP A 79 -12.79 -5.35 13.81
CA ASP A 79 -14.14 -5.51 13.24
C ASP A 79 -14.07 -6.28 11.91
N GLY A 80 -15.26 -6.65 11.39
CA GLY A 80 -15.37 -7.24 10.07
C GLY A 80 -16.24 -6.40 9.14
N VAL A 81 -16.52 -5.15 9.55
CA VAL A 81 -17.41 -4.22 8.82
C VAL A 81 -16.60 -3.00 8.39
N ILE A 82 -15.87 -3.15 7.27
CA ILE A 82 -15.02 -2.09 6.72
C ILE A 82 -15.91 -0.99 6.10
N PRO A 83 -15.73 0.32 6.47
CA PRO A 83 -16.55 1.45 5.91
C PRO A 83 -16.18 1.81 4.45
N CYS A 84 -16.41 0.82 3.57
CA CYS A 84 -16.15 0.88 2.12
C CYS A 84 -16.65 -0.44 1.47
N GLN A 85 -16.61 -0.51 0.13
CA GLN A 85 -17.05 -1.73 -0.62
C GLN A 85 -15.98 -2.84 -0.59
N ASN A 86 -14.77 -2.48 -0.14
CA ASN A 86 -13.58 -3.34 -0.18
C ASN A 86 -13.55 -4.31 1.02
N LYS A 87 -12.98 -5.50 0.78
CA LYS A 87 -12.74 -6.53 1.81
C LYS A 87 -11.23 -6.80 1.93
N TYR A 88 -10.74 -6.77 3.18
CA TYR A 88 -9.33 -7.08 3.53
C TYR A 88 -8.33 -6.11 2.84
N PRO A 89 -8.11 -4.90 3.43
CA PRO A 89 -7.09 -3.95 2.93
C PRO A 89 -5.66 -4.44 3.21
N PHE A 90 -4.72 -4.09 2.34
CA PHE A 90 -3.30 -4.31 2.57
C PHE A 90 -2.60 -2.96 2.74
N GLN A 91 -1.55 -2.94 3.56
CA GLN A 91 -0.73 -1.75 3.78
C GLN A 91 0.58 -1.86 3.02
N VAL A 92 1.07 -0.70 2.57
CA VAL A 92 2.35 -0.54 1.93
C VAL A 92 3.15 0.43 2.80
N VAL A 93 4.08 -0.11 3.60
CA VAL A 93 4.99 0.68 4.42
C VAL A 93 6.21 0.99 3.54
N HIS A 94 6.50 2.28 3.34
CA HIS A 94 7.60 2.74 2.48
C HIS A 94 8.27 3.98 3.08
N ASP A 95 9.42 4.37 2.48
CA ASP A 95 10.19 5.55 2.92
C ASP A 95 9.54 6.87 2.44
N ALA A 96 8.39 7.17 3.07
CA ALA A 96 7.62 8.42 2.93
C ALA A 96 6.52 8.41 4.00
N ASN A 97 5.78 7.29 4.04
CA ASN A 97 4.65 7.08 4.97
C ASN A 97 4.18 5.61 4.98
N THR A 98 3.28 5.29 5.92
CA THR A 98 2.60 3.98 5.96
C THR A 98 1.24 4.11 5.24
N LEU A 99 1.21 3.72 3.97
CA LEU A 99 0.01 3.85 3.12
C LEU A 99 -0.92 2.64 3.30
N TYR A 100 -2.25 2.86 3.09
CA TYR A 100 -3.29 1.81 3.22
C TYR A 100 -4.14 1.76 1.94
N ILE A 101 -3.94 0.68 1.17
CA ILE A 101 -4.65 0.43 -0.10
C ILE A 101 -5.67 -0.72 0.10
N PHE A 102 -6.95 -0.38 0.00
CA PHE A 102 -8.07 -1.31 0.19
C PHE A 102 -8.32 -2.13 -1.09
N ALA A 103 -8.28 -3.46 -0.93
CA ALA A 103 -8.53 -4.41 -2.02
C ALA A 103 -10.04 -4.77 -2.05
N PRO A 104 -10.72 -4.76 -3.25
CA PRO A 104 -12.20 -4.97 -3.36
C PRO A 104 -12.68 -6.30 -2.75
N SER A 105 -11.82 -7.32 -2.86
CA SER A 105 -12.14 -8.69 -2.47
C SER A 105 -10.94 -9.35 -1.73
N PRO A 106 -11.17 -10.45 -0.94
CA PRO A 106 -10.06 -11.28 -0.38
C PRO A 106 -9.30 -12.06 -1.49
N GLN A 107 -9.85 -12.01 -2.71
CA GLN A 107 -9.23 -12.55 -3.92
C GLN A 107 -8.06 -11.63 -4.34
N SER A 108 -8.41 -10.35 -4.57
CA SER A 108 -7.44 -9.29 -4.92
C SER A 108 -6.36 -9.12 -3.84
N ARG A 109 -6.79 -9.24 -2.57
CA ARG A 109 -5.90 -9.23 -1.38
C ARG A 109 -4.64 -10.12 -1.58
N ASP A 110 -4.87 -11.44 -1.71
CA ASP A 110 -3.81 -12.46 -1.66
C ASP A 110 -2.86 -12.32 -2.88
N LEU A 111 -3.44 -11.98 -4.05
CA LEU A 111 -2.66 -11.81 -5.28
C LEU A 111 -1.76 -10.56 -5.22
N TRP A 112 -2.34 -9.40 -4.84
CA TRP A 112 -1.58 -8.13 -4.71
C TRP A 112 -0.47 -8.19 -3.65
N VAL A 113 -0.78 -8.72 -2.46
CA VAL A 113 0.21 -8.85 -1.36
C VAL A 113 1.38 -9.75 -1.79
N LYS A 114 1.05 -10.82 -2.57
CA LYS A 114 2.05 -11.71 -3.16
C LYS A 114 2.95 -10.94 -4.15
N LYS A 115 2.32 -10.23 -5.10
CA LYS A 115 3.01 -9.50 -6.18
C LYS A 115 3.89 -8.35 -5.66
N LEU A 116 3.56 -7.82 -4.48
CA LEU A 116 4.38 -6.79 -3.82
C LEU A 116 5.55 -7.44 -3.07
N LYS A 117 5.26 -8.49 -2.27
CA LYS A 117 6.26 -9.23 -1.49
C LYS A 117 7.36 -9.88 -2.35
N GLU A 118 6.99 -10.50 -3.49
CA GLU A 118 7.96 -11.17 -4.39
C GLU A 118 8.90 -10.17 -5.09
N GLU A 119 8.51 -8.89 -5.09
CA GLU A 119 9.39 -7.78 -5.53
C GLU A 119 10.27 -7.31 -4.36
N ILE A 120 9.65 -7.01 -3.20
CA ILE A 120 10.34 -6.36 -2.05
C ILE A 120 11.18 -7.38 -1.23
N LYS A 121 11.13 -8.67 -1.60
CA LYS A 121 12.00 -9.70 -0.99
C LYS A 121 13.47 -9.48 -1.40
N ASN A 122 13.67 -8.72 -2.49
CA ASN A 122 15.00 -8.34 -3.00
C ASN A 122 15.51 -7.04 -2.35
N ASN A 123 14.65 -6.40 -1.53
CA ASN A 123 15.03 -5.19 -0.76
C ASN A 123 15.68 -5.62 0.57
N ASN A 124 16.79 -4.98 0.94
CA ASN A 124 17.49 -5.23 2.23
C ASN A 124 16.97 -4.30 3.34
N ASN A 125 15.97 -3.47 3.00
CA ASN A 125 15.44 -2.42 3.90
C ASN A 125 14.11 -2.87 4.51
N ILE A 126 13.89 -4.19 4.58
CA ILE A 126 12.64 -4.77 5.07
C ILE A 126 12.70 -4.92 6.60
N MET A 127 11.74 -4.31 7.30
CA MET A 127 11.65 -4.34 8.76
C MET A 127 11.27 -5.76 9.23
N ILE A 128 11.82 -6.15 10.38
CA ILE A 128 11.57 -7.47 11.00
C ILE A 128 10.14 -7.53 11.58
N LYS A 129 9.60 -6.33 11.91
CA LYS A 129 8.26 -6.16 12.49
C LYS A 129 7.40 -5.28 11.55
N TYR A 130 6.07 -5.33 11.73
CA TYR A 130 5.12 -4.40 11.08
C TYR A 130 3.99 -4.02 12.07
N HIS A 131 3.12 -3.09 11.62
CA HIS A 131 1.92 -2.66 12.37
C HIS A 131 0.65 -3.29 11.72
N PRO A 132 -0.12 -4.17 12.47
CA PRO A 132 -1.34 -4.84 11.91
C PRO A 132 -2.60 -3.95 11.87
N LYS A 133 -2.52 -2.69 12.35
CA LYS A 133 -3.66 -1.74 12.36
C LYS A 133 -3.38 -0.49 11.49
N PHE A 134 -4.32 0.48 11.54
CA PHE A 134 -4.25 1.74 10.76
C PHE A 134 -3.50 2.83 11.57
N TRP A 135 -2.50 3.45 10.93
CA TRP A 135 -1.80 4.62 11.46
C TRP A 135 -2.65 5.88 11.23
N THR A 136 -3.11 6.46 12.33
CA THR A 136 -3.84 7.74 12.36
C THR A 136 -3.52 8.45 13.71
N ASP A 137 -3.39 9.79 13.71
CA ASP A 137 -2.86 10.57 14.86
C ASP A 137 -3.57 10.26 16.20
N GLY A 138 -2.87 9.49 17.07
CA GLY A 138 -3.34 9.18 18.44
C GLY A 138 -4.62 8.33 18.49
N SER A 139 -5.05 7.83 17.31
CA SER A 139 -6.27 7.02 17.16
C SER A 139 -6.03 5.58 17.62
N TYR A 140 -7.08 4.73 17.54
CA TYR A 140 -7.00 3.30 17.88
C TYR A 140 -6.11 2.56 16.85
N GLN A 141 -4.81 2.67 17.08
CA GLN A 141 -3.77 1.97 16.32
C GLN A 141 -3.37 0.70 17.10
N CYS A 142 -2.41 -0.03 16.56
CA CYS A 142 -1.88 -1.25 17.19
C CYS A 142 -1.10 -0.89 18.47
N CYS A 143 0.04 -0.20 18.30
CA CYS A 143 0.88 0.27 19.43
C CYS A 143 0.65 1.77 19.75
N ARG A 144 -0.29 2.40 19.00
CA ARG A 144 -0.72 3.82 19.18
C ARG A 144 0.39 4.78 18.71
N GLN A 145 1.41 4.23 18.03
CA GLN A 145 2.60 4.97 17.59
C GLN A 145 2.40 5.50 16.16
N THR A 146 2.59 6.81 16.01
CA THR A 146 2.70 7.47 14.71
C THR A 146 4.08 8.14 14.64
N GLU A 147 5.12 7.30 14.82
CA GLU A 147 6.54 7.72 14.79
C GLU A 147 7.05 7.78 13.34
N LYS A 148 8.31 8.21 13.15
CA LYS A 148 8.94 8.24 11.82
C LYS A 148 9.20 6.79 11.33
N LEU A 149 8.18 6.22 10.65
CA LEU A 149 8.25 4.90 10.00
C LEU A 149 8.69 3.80 10.99
N ALA A 150 8.08 3.86 12.21
CA ALA A 150 8.40 2.99 13.37
C ALA A 150 8.61 1.51 12.94
N PRO A 151 9.70 0.83 13.46
CA PRO A 151 10.14 -0.51 12.96
C PRO A 151 9.07 -1.62 13.06
N GLY A 152 8.01 -1.37 13.87
CA GLY A 152 6.86 -2.26 13.98
C GLY A 152 6.62 -2.69 15.42
N CYS A 153 5.52 -3.39 15.65
CA CYS A 153 5.14 -3.88 16.99
C CYS A 153 4.99 -5.41 16.98
N GLU A 154 4.39 -5.94 15.92
CA GLU A 154 4.15 -7.39 15.74
C GLU A 154 5.07 -7.94 14.67
N LYS A 155 5.45 -9.23 14.78
CA LYS A 155 6.45 -9.84 13.88
C LYS A 155 5.94 -9.96 12.42
N TYR A 156 6.79 -9.61 11.47
CA TYR A 156 6.53 -9.73 10.02
C TYR A 156 7.37 -10.87 9.44
N ASN A 157 6.84 -11.61 8.46
CA ASN A 157 7.59 -12.63 7.72
C ASN A 157 7.59 -12.24 6.24
N LEU A 158 8.78 -11.83 5.76
CA LEU A 158 9.02 -11.49 4.35
C LEU A 158 9.08 -12.80 3.53
N PHE A 159 9.93 -13.72 4.00
CA PHE A 159 9.96 -15.11 3.54
C PHE A 159 9.18 -15.98 4.54
N GLU A 160 9.00 -17.25 4.19
CA GLU A 160 8.26 -18.21 5.03
C GLU A 160 8.63 -19.62 4.57
N SER A 161 9.63 -20.22 5.24
CA SER A 161 10.11 -21.59 4.92
C SER A 161 9.02 -22.63 5.27
N SER A 162 8.25 -23.02 4.25
CA SER A 162 7.19 -24.02 4.36
C SER A 162 7.61 -25.26 3.56
N ILE A 163 8.22 -26.22 4.25
CA ILE A 163 8.67 -27.48 3.65
C ILE A 163 7.53 -28.51 3.74
N ARG A 164 6.93 -28.82 2.60
CA ARG A 164 5.81 -29.76 2.50
C ARG A 164 6.31 -31.22 2.76
N MET A 1 40.22 -7.86 -16.85
CA MET A 1 38.81 -8.22 -17.17
C MET A 1 37.85 -7.63 -16.11
N GLY A 2 36.58 -7.41 -16.50
CA GLY A 2 35.54 -6.98 -15.56
C GLY A 2 34.69 -5.86 -16.08
N HIS A 3 33.71 -6.18 -16.93
CA HIS A 3 32.66 -5.25 -17.34
C HIS A 3 31.62 -5.14 -16.20
N HIS A 4 31.82 -4.17 -15.29
CA HIS A 4 30.89 -3.92 -14.16
C HIS A 4 29.56 -3.38 -14.72
N HIS A 5 28.47 -4.16 -14.52
CA HIS A 5 27.14 -3.89 -15.12
C HIS A 5 26.61 -2.49 -14.73
N HIS A 6 26.81 -1.53 -15.63
CA HIS A 6 26.22 -0.18 -15.55
C HIS A 6 24.72 -0.27 -15.90
N HIS A 7 23.89 0.44 -15.13
CA HIS A 7 22.43 0.47 -15.34
C HIS A 7 22.09 1.28 -16.62
N HIS A 8 22.07 0.57 -17.77
CA HIS A 8 21.80 1.18 -19.09
C HIS A 8 20.33 1.61 -19.18
N SER A 9 20.06 2.61 -20.06
CA SER A 9 18.72 3.17 -20.27
C SER A 9 17.69 2.07 -20.65
N HIS A 10 16.72 1.85 -19.75
CA HIS A 10 15.59 0.92 -19.93
C HIS A 10 14.27 1.69 -20.03
N MET A 11 13.25 1.03 -20.58
CA MET A 11 11.87 1.56 -20.66
C MET A 11 11.10 1.24 -19.37
N ASN A 12 9.84 1.72 -19.28
CA ASN A 12 8.91 1.26 -18.23
C ASN A 12 8.38 -0.14 -18.65
N PHE A 13 8.57 -1.14 -17.79
CA PHE A 13 8.24 -2.55 -18.09
C PHE A 13 6.73 -2.81 -17.90
N ASN A 14 6.25 -3.92 -18.50
CA ASN A 14 4.82 -4.33 -18.44
C ASN A 14 4.41 -4.62 -16.99
N THR A 15 3.25 -4.07 -16.61
CA THR A 15 2.66 -4.20 -15.27
C THR A 15 2.50 -5.68 -14.86
N ILE A 16 2.94 -5.99 -13.64
CA ILE A 16 2.80 -7.30 -13.00
C ILE A 16 1.31 -7.61 -12.75
N LEU A 17 0.61 -6.58 -12.25
CA LEU A 17 -0.79 -6.66 -11.88
C LEU A 17 -1.39 -5.25 -11.86
N GLU A 18 -2.62 -5.13 -12.38
CA GLU A 18 -3.33 -3.84 -12.49
C GLU A 18 -4.81 -4.07 -12.13
N GLU A 19 -5.34 -3.24 -11.23
CA GLU A 19 -6.66 -3.46 -10.62
C GLU A 19 -7.21 -2.13 -10.11
N ILE A 20 -8.55 -2.01 -10.11
CA ILE A 20 -9.25 -0.87 -9.54
C ILE A 20 -9.34 -1.10 -8.01
N LEU A 21 -8.37 -0.53 -7.28
CA LEU A 21 -8.26 -0.63 -5.82
C LEU A 21 -8.70 0.68 -5.18
N ILE A 22 -8.88 0.68 -3.85
CA ILE A 22 -9.31 1.88 -3.11
C ILE A 22 -8.11 2.51 -2.39
N LYS A 23 -7.81 3.76 -2.78
CA LYS A 23 -6.77 4.58 -2.18
C LYS A 23 -7.31 5.32 -0.94
N ARG A 24 -6.52 5.30 0.14
CA ARG A 24 -6.76 6.11 1.33
C ARG A 24 -6.15 7.51 1.15
N SER A 25 -6.92 8.55 1.55
CA SER A 25 -6.44 9.94 1.58
C SER A 25 -5.62 10.14 2.86
N GLN A 26 -4.49 10.83 2.75
CA GLN A 26 -3.45 10.87 3.81
C GLN A 26 -3.19 12.34 4.21
N GLN A 27 -3.40 12.65 5.51
CA GLN A 27 -3.25 14.02 6.04
C GLN A 27 -1.94 14.17 6.84
N LYS A 28 -0.96 14.83 6.22
CA LYS A 28 0.32 15.20 6.87
C LYS A 28 0.27 16.65 7.39
N LYS A 29 -0.72 17.43 6.91
CA LYS A 29 -0.90 18.85 7.29
C LYS A 29 -2.20 19.04 8.10
N LYS A 30 -2.94 17.92 8.35
CA LYS A 30 -4.25 17.92 9.05
C LYS A 30 -5.30 18.81 8.34
N THR A 31 -5.12 18.94 7.01
CA THR A 31 -6.00 19.76 6.16
C THR A 31 -6.97 18.85 5.37
N SER A 32 -6.45 17.69 4.93
CA SER A 32 -7.19 16.71 4.13
C SER A 32 -8.00 15.76 5.06
N PRO A 33 -9.28 15.43 4.71
CA PRO A 33 -10.04 14.36 5.40
C PRO A 33 -9.58 12.94 4.96
N LEU A 34 -9.70 11.95 5.86
CA LEU A 34 -9.36 10.55 5.57
C LEU A 34 -10.53 9.89 4.80
N ASN A 35 -10.63 10.19 3.50
CA ASN A 35 -11.66 9.60 2.62
C ASN A 35 -11.09 8.40 1.84
N TYR A 36 -12.00 7.57 1.31
CA TYR A 36 -11.65 6.36 0.55
C TYR A 36 -12.22 6.47 -0.86
N LYS A 37 -11.38 6.25 -1.88
CA LYS A 37 -11.72 6.48 -3.29
C LYS A 37 -11.24 5.29 -4.14
N GLU A 38 -12.06 4.86 -5.11
CA GLU A 38 -11.84 3.58 -5.82
C GLU A 38 -11.35 3.88 -7.25
N ARG A 39 -10.04 3.70 -7.48
CA ARG A 39 -9.32 4.17 -8.68
C ARG A 39 -8.27 3.12 -9.15
N LEU A 40 -7.55 3.42 -10.25
CA LEU A 40 -6.67 2.44 -10.93
C LEU A 40 -5.25 2.43 -10.32
N PHE A 41 -4.77 1.23 -9.99
CA PHE A 41 -3.40 0.98 -9.48
C PHE A 41 -2.64 0.08 -10.47
N VAL A 42 -1.39 0.46 -10.78
CA VAL A 42 -0.52 -0.23 -11.73
C VAL A 42 0.82 -0.57 -11.04
N LEU A 43 1.14 -1.87 -10.92
CA LEU A 43 2.37 -2.36 -10.27
C LEU A 43 3.37 -2.81 -11.35
N THR A 44 4.60 -2.30 -11.26
CA THR A 44 5.74 -2.75 -12.09
C THR A 44 6.86 -3.24 -11.16
N LYS A 45 7.88 -3.89 -11.73
CA LYS A 45 9.02 -4.45 -10.98
C LYS A 45 9.96 -3.35 -10.42
N SER A 46 9.72 -2.09 -10.81
CA SER A 46 10.57 -0.95 -10.42
C SER A 46 9.79 0.05 -9.54
N MET A 47 8.50 0.28 -9.88
CA MET A 47 7.65 1.27 -9.17
C MET A 47 6.23 0.75 -8.92
N LEU A 48 5.63 1.18 -7.80
CA LEU A 48 4.18 1.07 -7.55
C LEU A 48 3.53 2.42 -7.89
N THR A 49 2.89 2.50 -9.06
CA THR A 49 2.23 3.70 -9.57
C THR A 49 0.70 3.60 -9.37
N TYR A 50 0.00 4.74 -9.34
CA TYR A 50 -1.47 4.79 -9.29
C TYR A 50 -2.01 6.07 -9.95
N TYR A 51 -3.33 6.11 -10.15
CA TYR A 51 -4.04 7.17 -10.87
C TYR A 51 -5.42 7.33 -10.25
N GLU A 52 -5.84 8.57 -9.97
CA GLU A 52 -7.21 8.85 -9.55
C GLU A 52 -7.99 9.28 -10.78
N GLY A 53 -8.66 8.31 -11.42
CA GLY A 53 -9.50 8.53 -12.60
C GLY A 53 -10.40 9.76 -12.47
N ARG A 54 -9.97 10.85 -13.12
CA ARG A 54 -10.58 12.17 -13.03
C ARG A 54 -9.98 13.04 -14.14
N ALA A 55 -10.83 13.57 -15.04
CA ALA A 55 -10.39 14.36 -16.22
C ALA A 55 -9.68 15.66 -15.79
N GLU A 56 -10.21 16.29 -14.74
CA GLU A 56 -9.59 17.47 -14.11
C GLU A 56 -8.53 17.00 -13.10
N LYS A 57 -7.36 17.65 -13.10
CA LYS A 57 -6.17 17.18 -12.37
C LYS A 57 -6.16 17.59 -10.88
N LYS A 58 -7.31 18.07 -10.35
CA LYS A 58 -7.38 18.60 -8.96
C LYS A 58 -7.33 17.52 -7.86
N TYR A 59 -6.99 16.27 -8.23
CA TYR A 59 -6.62 15.20 -7.27
C TYR A 59 -5.08 15.08 -7.23
N ARG A 60 -4.53 14.42 -6.19
CA ARG A 60 -3.08 14.32 -5.95
C ARG A 60 -2.58 12.87 -6.07
N LYS A 61 -1.86 12.55 -7.16
CA LYS A 61 -1.13 11.27 -7.32
C LYS A 61 0.39 11.50 -7.18
N GLY A 62 1.05 10.51 -6.58
CA GLY A 62 2.51 10.48 -6.44
C GLY A 62 2.99 9.04 -6.39
N PHE A 63 3.91 8.66 -7.29
CA PHE A 63 4.29 7.24 -7.49
C PHE A 63 5.43 6.87 -6.54
N ILE A 64 5.56 5.57 -6.29
CA ILE A 64 6.41 5.00 -5.23
C ILE A 64 7.40 4.03 -5.90
N ASP A 65 8.62 3.92 -5.37
CA ASP A 65 9.59 2.90 -5.83
C ASP A 65 9.36 1.64 -5.01
N VAL A 66 9.41 0.48 -5.67
CA VAL A 66 9.37 -0.84 -4.99
C VAL A 66 10.57 -0.99 -4.03
N SER A 67 11.68 -0.29 -4.37
CA SER A 67 12.94 -0.31 -3.63
C SER A 67 12.83 0.40 -2.27
N LYS A 68 11.97 1.42 -2.20
CA LYS A 68 11.79 2.24 -0.98
C LYS A 68 10.85 1.55 0.03
N ILE A 69 10.10 0.54 -0.43
CA ILE A 69 9.07 -0.14 0.39
C ILE A 69 9.73 -0.99 1.50
N LYS A 70 9.38 -0.65 2.74
CA LYS A 70 9.85 -1.34 3.95
C LYS A 70 9.09 -2.67 4.18
N CYS A 71 7.78 -2.66 3.87
CA CYS A 71 6.86 -3.77 4.21
C CYS A 71 5.57 -3.69 3.37
N VAL A 72 5.10 -4.84 2.87
CA VAL A 72 3.72 -5.01 2.36
C VAL A 72 3.16 -6.31 2.95
N GLU A 73 2.02 -6.18 3.60
CA GLU A 73 1.32 -7.30 4.23
C GLU A 73 -0.18 -6.96 4.24
N ILE A 74 -1.03 -7.95 4.55
CA ILE A 74 -2.47 -7.70 4.77
C ILE A 74 -2.65 -6.82 6.01
N VAL A 75 -3.76 -6.10 6.05
CA VAL A 75 -4.14 -5.32 7.23
C VAL A 75 -5.08 -6.20 8.04
N LYS A 76 -4.59 -6.73 9.17
CA LYS A 76 -5.43 -7.46 10.12
C LYS A 76 -6.46 -6.46 10.67
N ASN A 77 -7.64 -6.46 10.06
CA ASN A 77 -8.67 -5.44 10.27
C ASN A 77 -9.72 -5.92 11.26
N ASP A 78 -10.63 -5.01 11.62
CA ASP A 78 -11.73 -5.28 12.55
C ASP A 78 -12.77 -6.20 11.88
N ASP A 79 -13.45 -7.03 12.71
CA ASP A 79 -14.34 -8.14 12.25
C ASP A 79 -15.35 -7.70 11.18
N GLY A 80 -15.97 -6.54 11.39
CA GLY A 80 -16.92 -5.97 10.44
C GLY A 80 -16.91 -4.45 10.43
N VAL A 81 -15.90 -3.83 11.08
CA VAL A 81 -15.76 -2.37 11.10
C VAL A 81 -14.86 -1.94 9.93
N ILE A 82 -15.49 -1.76 8.78
CA ILE A 82 -14.86 -1.19 7.58
C ILE A 82 -15.83 -0.12 7.02
N PRO A 83 -15.39 1.16 6.85
CA PRO A 83 -16.28 2.24 6.34
C PRO A 83 -16.34 2.29 4.79
N CYS A 84 -16.35 1.12 4.13
CA CYS A 84 -16.35 1.01 2.66
C CYS A 84 -16.86 -0.36 2.18
N GLN A 85 -17.34 -0.38 0.91
CA GLN A 85 -17.82 -1.58 0.22
C GLN A 85 -16.70 -2.66 0.13
N ASN A 86 -15.49 -2.23 -0.23
CA ASN A 86 -14.31 -3.11 -0.30
C ASN A 86 -13.70 -3.22 1.09
N LYS A 87 -13.21 -4.42 1.40
CA LYS A 87 -12.70 -4.76 2.73
C LYS A 87 -11.70 -5.91 2.62
N TYR A 88 -11.14 -6.29 3.79
CA TYR A 88 -9.96 -7.16 3.89
C TYR A 88 -8.81 -6.52 3.08
N PRO A 89 -8.28 -5.34 3.54
CA PRO A 89 -7.33 -4.54 2.76
C PRO A 89 -5.86 -4.98 2.95
N PHE A 90 -4.95 -4.39 2.16
CA PHE A 90 -3.50 -4.53 2.35
C PHE A 90 -2.90 -3.14 2.55
N GLN A 91 -1.67 -3.13 3.08
CA GLN A 91 -0.94 -1.90 3.38
C GLN A 91 0.43 -1.95 2.70
N VAL A 92 0.92 -0.77 2.31
CA VAL A 92 2.23 -0.59 1.71
C VAL A 92 2.98 0.42 2.56
N VAL A 93 3.84 -0.09 3.46
CA VAL A 93 4.72 0.74 4.28
C VAL A 93 5.97 1.00 3.46
N HIS A 94 6.08 2.22 2.93
CA HIS A 94 7.24 2.66 2.16
C HIS A 94 8.07 3.65 3.00
N ASP A 95 9.25 4.03 2.48
CA ASP A 95 10.28 4.78 3.24
C ASP A 95 9.78 6.17 3.71
N ALA A 96 8.79 6.71 2.98
CA ALA A 96 8.16 7.99 3.33
C ALA A 96 7.13 7.82 4.47
N ASN A 97 6.19 6.86 4.30
CA ASN A 97 5.04 6.68 5.22
C ASN A 97 4.31 5.34 4.93
N THR A 98 3.13 5.13 5.56
CA THR A 98 2.30 3.93 5.35
C THR A 98 0.99 4.28 4.59
N LEU A 99 0.81 3.66 3.41
CA LEU A 99 -0.42 3.80 2.58
C LEU A 99 -1.35 2.57 2.80
N TYR A 100 -2.67 2.78 2.75
CA TYR A 100 -3.68 1.71 2.92
C TYR A 100 -4.56 1.62 1.68
N ILE A 101 -4.73 0.38 1.17
CA ILE A 101 -5.38 0.11 -0.11
C ILE A 101 -6.37 -1.07 0.04
N PHE A 102 -7.68 -0.79 -0.17
CA PHE A 102 -8.77 -1.79 -0.04
C PHE A 102 -9.07 -2.42 -1.41
N ALA A 103 -8.95 -3.75 -1.49
CA ALA A 103 -9.15 -4.50 -2.74
C ALA A 103 -10.63 -4.91 -2.91
N PRO A 104 -11.16 -5.07 -4.18
CA PRO A 104 -12.57 -5.48 -4.45
C PRO A 104 -12.92 -6.85 -3.82
N SER A 105 -11.89 -7.66 -3.56
CA SER A 105 -12.02 -8.98 -2.96
C SER A 105 -10.83 -9.26 -2.02
N PRO A 106 -11.02 -10.07 -0.91
CA PRO A 106 -9.89 -10.65 -0.12
C PRO A 106 -9.00 -11.61 -0.95
N GLN A 107 -9.50 -11.99 -2.14
CA GLN A 107 -8.81 -12.86 -3.09
C GLN A 107 -7.82 -11.99 -3.88
N SER A 108 -8.36 -10.84 -4.37
CA SER A 108 -7.60 -9.83 -5.10
C SER A 108 -6.47 -9.28 -4.22
N ARG A 109 -6.81 -9.02 -2.93
CA ARG A 109 -5.89 -8.47 -1.95
C ARG A 109 -4.73 -9.43 -1.66
N ASP A 110 -5.08 -10.71 -1.44
CA ASP A 110 -4.11 -11.77 -1.10
C ASP A 110 -3.07 -11.93 -2.23
N LEU A 111 -3.52 -11.73 -3.48
CA LEU A 111 -2.65 -11.75 -4.67
C LEU A 111 -1.75 -10.50 -4.72
N TRP A 112 -2.32 -9.30 -4.42
CA TRP A 112 -1.55 -8.04 -4.37
C TRP A 112 -0.44 -8.06 -3.31
N VAL A 113 -0.73 -8.66 -2.14
CA VAL A 113 0.28 -8.83 -1.07
C VAL A 113 1.41 -9.74 -1.57
N LYS A 114 1.02 -10.86 -2.23
CA LYS A 114 1.94 -11.83 -2.82
C LYS A 114 2.90 -11.14 -3.79
N LYS A 115 2.33 -10.41 -4.76
CA LYS A 115 3.09 -9.72 -5.82
C LYS A 115 4.14 -8.78 -5.20
N LEU A 116 3.67 -7.89 -4.30
CA LEU A 116 4.47 -6.84 -3.69
C LEU A 116 5.58 -7.41 -2.79
N LYS A 117 5.24 -8.31 -1.83
CA LYS A 117 6.23 -8.93 -0.92
C LYS A 117 7.34 -9.70 -1.66
N GLU A 118 6.99 -10.37 -2.80
CA GLU A 118 7.99 -11.09 -3.63
C GLU A 118 8.85 -10.12 -4.47
N GLU A 119 8.40 -8.88 -4.66
CA GLU A 119 9.20 -7.83 -5.31
C GLU A 119 10.12 -7.13 -4.27
N ILE A 120 9.56 -6.80 -3.11
CA ILE A 120 10.26 -5.96 -2.11
C ILE A 120 11.25 -6.80 -1.26
N LYS A 121 11.26 -8.13 -1.44
CA LYS A 121 12.24 -8.99 -0.75
C LYS A 121 13.64 -8.82 -1.34
N ASN A 122 13.71 -8.12 -2.49
CA ASN A 122 14.98 -7.72 -3.14
C ASN A 122 15.61 -6.48 -2.44
N ASN A 123 14.85 -5.85 -1.51
CA ASN A 123 15.28 -4.59 -0.82
C ASN A 123 16.19 -4.86 0.38
N ASN A 124 16.80 -3.78 0.88
CA ASN A 124 17.53 -3.75 2.16
C ASN A 124 16.87 -2.71 3.10
N ASN A 125 15.65 -2.27 2.74
CA ASN A 125 14.87 -1.27 3.52
C ASN A 125 13.82 -1.99 4.40
N ILE A 126 13.87 -3.34 4.41
CA ILE A 126 12.83 -4.18 5.01
C ILE A 126 12.85 -4.11 6.55
N MET A 127 11.69 -3.81 7.13
CA MET A 127 11.48 -3.89 8.57
C MET A 127 11.19 -5.35 8.99
N ILE A 128 11.80 -5.75 10.12
CA ILE A 128 11.65 -7.12 10.70
C ILE A 128 10.23 -7.29 11.33
N LYS A 129 9.56 -6.16 11.62
CA LYS A 129 8.19 -6.09 12.18
C LYS A 129 7.35 -5.08 11.35
N TYR A 130 6.01 -5.06 11.56
CA TYR A 130 5.10 -4.07 10.96
C TYR A 130 3.91 -3.80 11.92
N HIS A 131 3.07 -2.80 11.57
CA HIS A 131 1.82 -2.48 12.30
C HIS A 131 0.61 -2.97 11.47
N PRO A 132 -0.08 -4.07 11.89
CA PRO A 132 -1.15 -4.74 11.11
C PRO A 132 -2.52 -3.99 11.12
N LYS A 133 -2.63 -2.95 11.95
CA LYS A 133 -3.84 -2.09 11.99
C LYS A 133 -3.62 -0.81 11.17
N PHE A 134 -4.59 0.12 11.23
CA PHE A 134 -4.61 1.34 10.42
C PHE A 134 -3.86 2.49 11.12
N TRP A 135 -2.78 2.97 10.47
CA TRP A 135 -2.06 4.18 10.88
C TRP A 135 -2.96 5.43 10.81
N THR A 136 -3.52 5.80 11.97
CA THR A 136 -4.29 7.03 12.16
C THR A 136 -3.74 7.69 13.43
N ASP A 137 -2.88 8.72 13.24
CA ASP A 137 -2.14 9.36 14.34
C ASP A 137 -3.09 10.19 15.25
N GLY A 138 -3.18 9.74 16.52
CA GLY A 138 -4.13 10.29 17.49
C GLY A 138 -5.36 9.40 17.68
N SER A 139 -5.26 8.13 17.26
CA SER A 139 -6.36 7.16 17.33
C SER A 139 -5.88 5.77 17.78
N TYR A 140 -6.83 4.84 17.95
CA TYR A 140 -6.54 3.46 18.32
C TYR A 140 -6.08 2.64 17.11
N GLN A 141 -4.92 2.00 17.25
CA GLN A 141 -4.47 0.91 16.38
C GLN A 141 -3.83 -0.17 17.26
N CYS A 142 -3.11 -1.09 16.62
CA CYS A 142 -2.49 -2.27 17.22
C CYS A 142 -1.79 -1.98 18.57
N CYS A 143 -0.82 -1.05 18.55
CA CYS A 143 -0.11 -0.58 19.77
C CYS A 143 -0.24 0.95 19.96
N ARG A 144 -0.99 1.62 19.05
CA ARG A 144 -1.23 3.08 19.04
C ARG A 144 0.05 3.91 18.84
N GLN A 145 1.14 3.25 18.37
CA GLN A 145 2.42 3.91 18.07
C GLN A 145 2.37 4.51 16.66
N THR A 146 1.96 5.79 16.61
CA THR A 146 1.69 6.51 15.36
C THR A 146 1.90 8.04 15.56
N GLU A 147 3.15 8.46 15.34
CA GLU A 147 3.60 9.87 15.32
C GLU A 147 4.67 9.98 14.22
N LYS A 148 5.70 9.14 14.37
CA LYS A 148 6.77 8.96 13.39
C LYS A 148 6.81 7.45 13.03
N LEU A 149 7.58 7.08 11.99
CA LEU A 149 7.65 5.69 11.50
C LEU A 149 8.22 4.73 12.56
N ALA A 150 7.29 4.13 13.34
CA ALA A 150 7.60 3.07 14.31
C ALA A 150 7.85 1.75 13.56
N PRO A 151 8.96 1.00 13.90
CA PRO A 151 9.39 -0.22 13.15
C PRO A 151 8.27 -1.29 13.02
N GLY A 152 7.53 -1.53 14.10
CA GLY A 152 6.38 -2.45 14.08
C GLY A 152 6.10 -3.09 15.42
N CYS A 153 4.87 -3.61 15.60
CA CYS A 153 4.43 -4.28 16.84
C CYS A 153 4.44 -5.81 16.67
N GLU A 154 3.94 -6.32 15.52
CA GLU A 154 3.92 -7.78 15.21
C GLU A 154 4.95 -8.08 14.13
N LYS A 155 5.58 -9.26 14.21
CA LYS A 155 6.69 -9.67 13.32
C LYS A 155 6.24 -9.80 11.84
N TYR A 156 7.06 -9.25 10.94
CA TYR A 156 6.80 -9.24 9.50
C TYR A 156 7.45 -10.47 8.84
N ASN A 157 6.63 -11.29 8.15
CA ASN A 157 7.06 -12.55 7.50
C ASN A 157 7.30 -12.31 6.00
N LEU A 158 8.49 -11.76 5.68
CA LEU A 158 8.91 -11.49 4.30
C LEU A 158 9.15 -12.80 3.51
N PHE A 159 10.15 -13.58 3.96
CA PHE A 159 10.47 -14.90 3.38
C PHE A 159 9.65 -15.98 4.10
N GLU A 160 9.66 -15.91 5.43
CA GLU A 160 9.04 -16.92 6.32
C GLU A 160 9.65 -18.32 6.03
N SER A 161 10.85 -18.54 6.55
CA SER A 161 11.63 -19.78 6.39
C SER A 161 12.80 -19.72 7.37
N SER A 162 12.63 -20.35 8.54
CA SER A 162 13.57 -20.25 9.66
C SER A 162 14.93 -20.88 9.31
N ILE A 163 15.85 -20.01 8.85
CA ILE A 163 17.25 -20.38 8.58
C ILE A 163 18.08 -20.05 9.85
N ARG A 164 18.79 -21.05 10.35
CA ARG A 164 19.68 -20.94 11.52
C ARG A 164 20.76 -19.84 11.30
N MET A 1 7.98 -24.78 -44.01
CA MET A 1 9.24 -24.61 -44.77
C MET A 1 10.18 -23.66 -44.01
N GLY A 2 9.76 -22.38 -43.90
CA GLY A 2 10.56 -21.37 -43.21
C GLY A 2 9.75 -20.10 -42.95
N HIS A 3 10.22 -19.27 -42.01
CA HIS A 3 9.58 -17.99 -41.66
C HIS A 3 10.64 -17.01 -41.15
N HIS A 4 10.43 -15.71 -41.41
CA HIS A 4 11.30 -14.64 -40.90
C HIS A 4 10.68 -14.02 -39.62
N HIS A 5 11.54 -13.77 -38.62
CA HIS A 5 11.15 -13.11 -37.36
C HIS A 5 11.12 -11.57 -37.54
N HIS A 6 10.50 -10.88 -36.56
CA HIS A 6 10.43 -9.41 -36.54
C HIS A 6 10.25 -8.94 -35.10
N HIS A 7 10.93 -7.84 -34.73
CA HIS A 7 10.78 -7.22 -33.41
C HIS A 7 9.42 -6.50 -33.31
N HIS A 8 8.61 -6.92 -32.33
CA HIS A 8 7.25 -6.38 -32.11
C HIS A 8 7.28 -4.88 -31.79
N SER A 9 6.13 -4.21 -32.01
CA SER A 9 5.96 -2.77 -31.77
C SER A 9 6.16 -2.43 -30.28
N HIS A 10 6.62 -1.18 -30.02
CA HIS A 10 6.92 -0.68 -28.67
C HIS A 10 5.65 -0.68 -27.80
N MET A 11 5.59 -1.65 -26.87
CA MET A 11 4.45 -1.89 -25.96
C MET A 11 4.43 -0.85 -24.82
N ASN A 12 3.49 -1.03 -23.88
CA ASN A 12 3.41 -0.19 -22.66
C ASN A 12 4.38 -0.71 -21.59
N PHE A 13 4.46 0.01 -20.45
CA PHE A 13 5.34 -0.35 -19.31
C PHE A 13 4.98 -1.75 -18.77
N ASN A 14 6.01 -2.61 -18.66
CA ASN A 14 5.84 -4.06 -18.34
C ASN A 14 5.26 -4.24 -16.93
N THR A 15 3.95 -4.51 -16.87
CA THR A 15 3.20 -4.70 -15.62
C THR A 15 3.36 -6.14 -15.10
N ILE A 16 3.01 -6.30 -13.82
CA ILE A 16 2.97 -7.58 -13.09
C ILE A 16 1.49 -7.88 -12.79
N LEU A 17 0.78 -6.82 -12.36
CA LEU A 17 -0.61 -6.90 -11.93
C LEU A 17 -1.20 -5.48 -11.83
N GLU A 18 -2.46 -5.35 -12.27
CA GLU A 18 -3.23 -4.10 -12.19
C GLU A 18 -4.67 -4.41 -11.75
N GLU A 19 -5.29 -3.47 -11.00
CA GLU A 19 -6.64 -3.61 -10.45
C GLU A 19 -7.20 -2.24 -10.03
N ILE A 20 -8.53 -2.15 -9.99
CA ILE A 20 -9.26 -1.00 -9.46
C ILE A 20 -9.35 -1.15 -7.92
N LEU A 21 -8.40 -0.52 -7.23
CA LEU A 21 -8.29 -0.54 -5.75
C LEU A 21 -8.66 0.84 -5.19
N ILE A 22 -9.29 0.88 -4.01
CA ILE A 22 -9.70 2.14 -3.39
C ILE A 22 -8.67 2.57 -2.34
N LYS A 23 -8.01 3.70 -2.61
CA LYS A 23 -6.98 4.29 -1.73
C LYS A 23 -7.67 5.15 -0.65
N ARG A 24 -7.32 4.89 0.62
CA ARG A 24 -7.79 5.70 1.76
C ARG A 24 -6.87 6.93 1.92
N SER A 25 -7.41 8.01 2.48
CA SER A 25 -6.65 9.20 2.86
C SER A 25 -6.68 9.28 4.38
N GLN A 26 -5.55 8.91 5.03
CA GLN A 26 -5.47 8.79 6.50
C GLN A 26 -5.24 10.18 7.17
N GLN A 27 -5.04 10.14 8.50
CA GLN A 27 -5.02 11.33 9.37
C GLN A 27 -3.78 12.21 9.11
N LYS A 28 -3.98 13.52 9.30
CA LYS A 28 -2.94 14.57 9.23
C LYS A 28 -3.17 15.54 10.39
N LYS A 29 -2.14 16.32 10.77
CA LYS A 29 -2.28 17.36 11.84
C LYS A 29 -2.97 18.64 11.25
N LYS A 30 -4.25 18.44 10.89
CA LYS A 30 -5.12 19.39 10.16
C LYS A 30 -6.57 18.86 10.25
N THR A 31 -7.50 19.54 9.56
CA THR A 31 -8.85 19.02 9.33
C THR A 31 -8.74 17.83 8.34
N SER A 32 -8.65 16.61 8.90
CA SER A 32 -8.38 15.39 8.14
C SER A 32 -9.66 14.85 7.48
N PRO A 33 -9.77 14.88 6.11
CA PRO A 33 -10.88 14.27 5.39
C PRO A 33 -10.53 12.82 4.99
N LEU A 34 -11.09 11.85 5.74
CA LEU A 34 -10.87 10.41 5.49
C LEU A 34 -11.63 9.99 4.21
N ASN A 35 -11.07 10.37 3.06
CA ASN A 35 -11.69 10.14 1.76
C ASN A 35 -11.22 8.79 1.24
N TYR A 36 -12.18 7.94 0.89
CA TYR A 36 -11.95 6.69 0.17
C TYR A 36 -12.16 7.02 -1.31
N LYS A 37 -11.05 7.14 -2.04
CA LYS A 37 -11.05 7.52 -3.45
C LYS A 37 -10.50 6.35 -4.27
N GLU A 38 -11.12 6.10 -5.43
CA GLU A 38 -10.91 4.90 -6.22
C GLU A 38 -9.85 5.15 -7.32
N ARG A 39 -8.83 4.27 -7.36
CA ARG A 39 -7.62 4.42 -8.21
C ARG A 39 -7.44 3.14 -9.06
N LEU A 40 -6.78 3.31 -10.23
CA LEU A 40 -6.22 2.20 -11.01
C LEU A 40 -4.75 2.03 -10.60
N PHE A 41 -4.47 1.06 -9.73
CA PHE A 41 -3.11 0.71 -9.31
C PHE A 41 -2.51 -0.30 -10.32
N VAL A 42 -1.44 0.13 -11.01
CA VAL A 42 -0.65 -0.72 -11.90
C VAL A 42 0.75 -0.90 -11.27
N LEU A 43 1.15 -2.16 -11.07
CA LEU A 43 2.45 -2.52 -10.48
C LEU A 43 3.39 -2.99 -11.60
N THR A 44 4.47 -2.24 -11.83
CA THR A 44 5.58 -2.70 -12.69
C THR A 44 6.68 -3.32 -11.82
N LYS A 45 7.73 -3.84 -12.47
CA LYS A 45 8.86 -4.51 -11.77
C LYS A 45 9.81 -3.48 -11.09
N SER A 46 9.54 -2.17 -11.33
CA SER A 46 10.37 -1.07 -10.82
C SER A 46 9.58 -0.17 -9.86
N MET A 47 8.28 0.06 -10.15
CA MET A 47 7.44 1.03 -9.40
C MET A 47 5.98 0.53 -9.26
N LEU A 48 5.17 1.30 -8.52
CA LEU A 48 3.73 1.05 -8.31
C LEU A 48 3.00 2.38 -8.53
N THR A 49 2.39 2.53 -9.71
CA THR A 49 1.74 3.77 -10.16
C THR A 49 0.23 3.69 -9.91
N TYR A 50 -0.40 4.80 -9.49
CA TYR A 50 -1.86 4.86 -9.37
C TYR A 50 -2.42 6.09 -10.11
N TYR A 51 -3.45 5.83 -10.92
CA TYR A 51 -4.13 6.84 -11.73
C TYR A 51 -5.49 7.16 -11.10
N GLU A 52 -5.85 8.46 -11.08
CA GLU A 52 -7.18 8.90 -10.60
C GLU A 52 -8.12 9.12 -11.80
N GLY A 53 -9.43 8.96 -11.56
CA GLY A 53 -10.45 9.21 -12.56
C GLY A 53 -11.08 10.58 -12.39
N ARG A 54 -10.24 11.60 -12.18
CA ARG A 54 -10.67 12.99 -11.99
C ARG A 54 -10.40 13.75 -13.30
N ALA A 55 -11.49 14.00 -14.06
CA ALA A 55 -11.43 14.58 -15.42
C ALA A 55 -10.83 15.99 -15.46
N GLU A 56 -11.30 16.85 -14.53
CA GLU A 56 -10.99 18.30 -14.52
C GLU A 56 -10.05 18.67 -13.35
N LYS A 57 -10.07 17.85 -12.28
CA LYS A 57 -9.24 18.09 -11.08
C LYS A 57 -7.87 17.41 -11.25
N LYS A 58 -6.79 18.18 -10.99
CA LYS A 58 -5.40 17.67 -10.94
C LYS A 58 -5.13 17.08 -9.55
N TYR A 59 -5.92 16.04 -9.21
CA TYR A 59 -5.91 15.41 -7.87
C TYR A 59 -4.66 14.53 -7.69
N ARG A 60 -4.36 14.20 -6.41
CA ARG A 60 -3.12 13.49 -6.03
C ARG A 60 -2.99 12.14 -6.75
N LYS A 61 -1.91 12.02 -7.51
CA LYS A 61 -1.49 10.77 -8.14
C LYS A 61 0.00 10.82 -8.43
N GLY A 62 0.58 9.63 -8.53
CA GLY A 62 1.93 9.46 -9.04
C GLY A 62 2.35 8.00 -9.01
N PHE A 63 3.43 7.70 -8.27
CA PHE A 63 4.01 6.35 -8.20
C PHE A 63 4.87 6.22 -6.94
N ILE A 64 5.04 4.98 -6.48
CA ILE A 64 5.90 4.63 -5.35
C ILE A 64 6.86 3.55 -5.84
N ASP A 65 8.16 3.79 -5.68
CA ASP A 65 9.21 2.88 -6.17
C ASP A 65 9.23 1.63 -5.27
N VAL A 66 9.43 0.44 -5.88
CA VAL A 66 9.40 -0.84 -5.18
C VAL A 66 10.46 -0.90 -4.07
N SER A 67 11.66 -0.34 -4.33
CA SER A 67 12.79 -0.33 -3.38
C SER A 67 12.61 0.79 -2.31
N LYS A 68 11.60 1.67 -2.48
CA LYS A 68 11.23 2.66 -1.45
C LYS A 68 10.21 2.10 -0.44
N ILE A 69 9.65 0.91 -0.72
CA ILE A 69 8.67 0.26 0.18
C ILE A 69 9.39 -0.44 1.35
N LYS A 70 8.91 -0.13 2.57
CA LYS A 70 9.38 -0.73 3.83
C LYS A 70 8.72 -2.11 4.06
N CYS A 71 7.37 -2.15 4.13
CA CYS A 71 6.61 -3.43 4.31
C CYS A 71 5.24 -3.38 3.63
N VAL A 72 4.81 -4.52 3.02
CA VAL A 72 3.42 -4.71 2.56
C VAL A 72 2.82 -5.96 3.21
N GLU A 73 1.72 -5.76 3.93
CA GLU A 73 0.94 -6.85 4.56
C GLU A 73 -0.47 -6.32 4.85
N ILE A 74 -1.45 -7.22 4.99
CA ILE A 74 -2.83 -6.83 5.32
C ILE A 74 -2.96 -6.46 6.80
N VAL A 75 -4.07 -5.77 7.08
CA VAL A 75 -4.38 -5.22 8.39
C VAL A 75 -5.54 -6.01 8.97
N LYS A 76 -5.31 -6.65 10.13
CA LYS A 76 -6.38 -7.34 10.88
C LYS A 76 -7.29 -6.26 11.49
N ASN A 77 -8.40 -6.01 10.79
CA ASN A 77 -9.31 -4.88 11.06
C ASN A 77 -9.95 -5.00 12.45
N ASP A 78 -9.84 -3.93 13.25
CA ASP A 78 -10.37 -3.87 14.63
C ASP A 78 -11.69 -3.09 14.66
N ASP A 79 -11.88 -2.24 13.65
CA ASP A 79 -13.08 -1.41 13.49
C ASP A 79 -14.29 -2.29 13.12
N GLY A 80 -14.01 -3.40 12.42
CA GLY A 80 -15.03 -4.36 12.00
C GLY A 80 -15.76 -3.88 10.76
N VAL A 81 -16.62 -2.86 10.95
CA VAL A 81 -17.36 -2.22 9.85
C VAL A 81 -16.38 -1.40 8.98
N ILE A 82 -15.95 -2.01 7.86
CA ILE A 82 -15.16 -1.31 6.82
C ILE A 82 -16.03 -0.21 6.17
N PRO A 83 -15.57 1.09 6.19
CA PRO A 83 -16.29 2.23 5.57
C PRO A 83 -16.02 2.34 4.04
N CYS A 84 -16.15 1.19 3.36
CA CYS A 84 -15.92 1.06 1.91
C CYS A 84 -16.54 -0.26 1.41
N GLN A 85 -16.85 -0.32 0.09
CA GLN A 85 -17.27 -1.58 -0.58
C GLN A 85 -16.09 -2.57 -0.63
N ASN A 86 -14.89 -2.03 -0.94
CA ASN A 86 -13.63 -2.77 -0.95
C ASN A 86 -13.21 -3.09 0.50
N LYS A 87 -12.80 -4.33 0.72
CA LYS A 87 -12.46 -4.89 2.03
C LYS A 87 -11.02 -5.41 2.01
N TYR A 88 -10.64 -6.16 3.06
CA TYR A 88 -9.30 -6.79 3.20
C TYR A 88 -8.16 -5.76 2.94
N PRO A 89 -8.12 -4.64 3.73
CA PRO A 89 -7.22 -3.51 3.45
C PRO A 89 -5.77 -3.88 3.74
N PHE A 90 -4.91 -3.81 2.71
CA PHE A 90 -3.48 -4.01 2.87
C PHE A 90 -2.80 -2.64 3.01
N GLN A 91 -1.78 -2.61 3.87
CA GLN A 91 -1.01 -1.41 4.13
C GLN A 91 0.31 -1.52 3.36
N VAL A 92 0.68 -0.41 2.72
CA VAL A 92 1.96 -0.27 2.04
C VAL A 92 2.72 0.80 2.82
N VAL A 93 3.60 0.35 3.71
CA VAL A 93 4.51 1.23 4.43
C VAL A 93 5.65 1.55 3.48
N HIS A 94 5.85 2.82 3.17
CA HIS A 94 6.89 3.28 2.22
C HIS A 94 7.78 4.34 2.88
N ASP A 95 8.78 4.83 2.12
CA ASP A 95 9.87 5.69 2.61
C ASP A 95 9.36 6.98 3.28
N ALA A 96 8.30 7.56 2.71
CA ALA A 96 7.68 8.79 3.25
C ALA A 96 6.85 8.49 4.51
N ASN A 97 5.84 7.63 4.36
CA ASN A 97 4.85 7.34 5.43
C ASN A 97 4.14 6.00 5.16
N THR A 98 3.09 5.70 5.94
CA THR A 98 2.27 4.50 5.75
C THR A 98 1.03 4.83 4.90
N LEU A 99 0.66 3.91 3.99
CA LEU A 99 -0.50 4.06 3.08
C LEU A 99 -1.47 2.88 3.29
N TYR A 100 -2.78 3.12 3.10
CA TYR A 100 -3.83 2.10 3.28
C TYR A 100 -4.67 1.99 2.01
N ILE A 101 -4.71 0.77 1.44
CA ILE A 101 -5.38 0.48 0.17
C ILE A 101 -6.34 -0.72 0.38
N PHE A 102 -7.60 -0.56 -0.05
CA PHE A 102 -8.66 -1.56 0.10
C PHE A 102 -8.85 -2.33 -1.21
N ALA A 103 -8.92 -3.66 -1.10
CA ALA A 103 -9.05 -4.59 -2.24
C ALA A 103 -10.51 -5.04 -2.43
N PRO A 104 -11.04 -5.15 -3.70
CA PRO A 104 -12.43 -5.60 -3.97
C PRO A 104 -12.83 -6.92 -3.26
N SER A 105 -11.86 -7.85 -3.19
CA SER A 105 -12.08 -9.22 -2.71
C SER A 105 -10.78 -9.80 -2.08
N PRO A 106 -10.84 -10.99 -1.37
CA PRO A 106 -9.63 -11.73 -0.96
C PRO A 106 -8.91 -12.42 -2.14
N GLN A 107 -9.50 -12.29 -3.36
CA GLN A 107 -8.87 -12.71 -4.63
C GLN A 107 -7.82 -11.67 -5.00
N SER A 108 -8.25 -10.39 -5.00
CA SER A 108 -7.38 -9.24 -5.21
C SER A 108 -6.28 -9.18 -4.13
N ARG A 109 -6.70 -9.33 -2.85
CA ARG A 109 -5.80 -9.41 -1.69
C ARG A 109 -4.68 -10.44 -1.89
N ASP A 110 -5.08 -11.67 -2.27
CA ASP A 110 -4.17 -12.83 -2.38
C ASP A 110 -3.00 -12.52 -3.30
N LEU A 111 -3.31 -12.09 -4.53
CA LEU A 111 -2.30 -11.89 -5.58
C LEU A 111 -1.49 -10.59 -5.35
N TRP A 112 -2.16 -9.50 -4.88
CA TRP A 112 -1.49 -8.18 -4.66
C TRP A 112 -0.44 -8.23 -3.56
N VAL A 113 -0.86 -8.59 -2.33
CA VAL A 113 0.03 -8.61 -1.14
C VAL A 113 1.22 -9.56 -1.38
N LYS A 114 0.93 -10.69 -2.03
CA LYS A 114 1.91 -11.72 -2.40
C LYS A 114 2.97 -11.18 -3.38
N LYS A 115 2.52 -10.57 -4.50
CA LYS A 115 3.44 -10.00 -5.52
C LYS A 115 4.32 -8.90 -4.92
N LEU A 116 3.69 -8.02 -4.12
CA LEU A 116 4.37 -6.86 -3.50
C LEU A 116 5.49 -7.33 -2.54
N LYS A 117 5.16 -8.23 -1.59
CA LYS A 117 6.18 -8.80 -0.66
C LYS A 117 7.24 -9.66 -1.36
N GLU A 118 6.89 -10.31 -2.48
CA GLU A 118 7.86 -11.06 -3.33
C GLU A 118 8.79 -10.10 -4.12
N GLU A 119 8.30 -8.89 -4.42
CA GLU A 119 9.12 -7.84 -5.04
C GLU A 119 10.12 -7.27 -4.02
N ILE A 120 9.58 -6.87 -2.86
CA ILE A 120 10.34 -6.11 -1.85
C ILE A 120 11.20 -7.02 -0.95
N LYS A 121 11.12 -8.36 -1.11
CA LYS A 121 12.01 -9.28 -0.36
C LYS A 121 13.47 -9.15 -0.84
N ASN A 122 13.66 -8.46 -1.99
CA ASN A 122 14.97 -8.20 -2.61
C ASN A 122 15.55 -6.82 -2.16
N ASN A 123 14.77 -6.08 -1.34
CA ASN A 123 15.17 -4.74 -0.81
C ASN A 123 16.14 -4.86 0.38
N ASN A 124 16.69 -3.70 0.78
CA ASN A 124 17.55 -3.56 1.98
C ASN A 124 16.91 -2.61 3.02
N ASN A 125 15.71 -2.08 2.73
CA ASN A 125 15.01 -1.09 3.60
C ASN A 125 13.76 -1.72 4.25
N ILE A 126 13.71 -3.07 4.30
CA ILE A 126 12.54 -3.77 4.83
C ILE A 126 12.64 -3.85 6.36
N MET A 127 11.56 -3.46 7.03
CA MET A 127 11.38 -3.68 8.46
C MET A 127 11.02 -5.16 8.69
N ILE A 128 11.81 -5.83 9.54
CA ILE A 128 11.63 -7.26 9.88
C ILE A 128 10.22 -7.52 10.52
N LYS A 129 9.65 -6.44 11.09
CA LYS A 129 8.34 -6.46 11.76
C LYS A 129 7.38 -5.50 11.02
N TYR A 130 6.08 -5.60 11.30
CA TYR A 130 5.04 -4.70 10.78
C TYR A 130 4.01 -4.39 11.88
N HIS A 131 3.05 -3.53 11.56
CA HIS A 131 1.94 -3.16 12.46
C HIS A 131 0.63 -3.78 11.92
N PRO A 132 -0.03 -4.72 12.67
CA PRO A 132 -1.27 -5.41 12.20
C PRO A 132 -2.55 -4.54 12.28
N LYS A 133 -2.43 -3.30 12.78
CA LYS A 133 -3.57 -2.35 12.93
C LYS A 133 -3.34 -1.07 12.11
N PHE A 134 -4.33 -0.13 12.16
CA PHE A 134 -4.35 1.06 11.31
C PHE A 134 -3.57 2.24 11.94
N TRP A 135 -2.72 2.89 11.13
CA TRP A 135 -2.03 4.12 11.51
C TRP A 135 -3.00 5.30 11.41
N THR A 136 -3.57 5.63 12.56
CA THR A 136 -4.51 6.73 12.75
C THR A 136 -4.08 7.49 14.00
N ASP A 137 -3.77 8.79 13.82
CA ASP A 137 -3.15 9.63 14.86
C ASP A 137 -4.14 9.90 16.01
N GLY A 138 -3.69 9.68 17.26
CA GLY A 138 -4.54 9.84 18.43
C GLY A 138 -5.64 8.79 18.49
N SER A 139 -5.23 7.52 18.34
CA SER A 139 -6.15 6.36 18.27
C SER A 139 -5.50 5.09 18.84
N TYR A 140 -6.37 4.13 19.20
CA TYR A 140 -5.96 2.84 19.76
C TYR A 140 -5.66 1.84 18.63
N GLN A 141 -4.45 1.93 18.07
CA GLN A 141 -3.93 0.93 17.12
C GLN A 141 -3.16 -0.16 17.89
N CYS A 142 -2.28 -0.90 17.18
CA CYS A 142 -1.56 -2.06 17.70
C CYS A 142 -0.70 -1.72 18.94
N CYS A 143 0.41 -0.99 18.72
CA CYS A 143 1.35 -0.59 19.80
C CYS A 143 1.23 0.91 20.13
N ARG A 144 0.26 1.60 19.45
CA ARG A 144 -0.04 3.06 19.62
C ARG A 144 0.96 3.92 18.83
N GLN A 145 1.94 3.26 18.16
CA GLN A 145 3.02 3.94 17.43
C GLN A 145 2.53 4.38 16.05
N THR A 146 1.93 5.58 16.01
CA THR A 146 1.32 6.14 14.79
C THR A 146 2.04 7.45 14.39
N GLU A 147 3.19 7.74 15.05
CA GLU A 147 3.95 8.99 14.85
C GLU A 147 4.76 8.96 13.54
N LYS A 148 5.75 8.05 13.47
CA LYS A 148 6.67 7.95 12.31
C LYS A 148 7.22 6.50 12.24
N LEU A 149 7.87 6.13 11.10
CA LEU A 149 8.13 4.72 10.69
C LEU A 149 8.81 3.88 11.79
N ALA A 150 7.97 3.25 12.63
CA ALA A 150 8.41 2.32 13.67
C ALA A 150 8.74 0.96 13.02
N PRO A 151 9.84 0.26 13.46
CA PRO A 151 10.26 -1.06 12.88
C PRO A 151 9.15 -2.13 12.93
N GLY A 152 8.18 -1.93 13.85
CA GLY A 152 7.00 -2.78 13.94
C GLY A 152 6.82 -3.36 15.34
N CYS A 153 5.63 -3.91 15.59
CA CYS A 153 5.25 -4.51 16.89
C CYS A 153 5.13 -6.04 16.79
N GLU A 154 4.58 -6.51 15.66
CA GLU A 154 4.41 -7.96 15.37
C GLU A 154 5.32 -8.34 14.21
N LYS A 155 5.86 -9.56 14.22
CA LYS A 155 6.82 -10.02 13.21
C LYS A 155 6.18 -10.08 11.79
N TYR A 156 6.90 -9.54 10.80
CA TYR A 156 6.47 -9.53 9.39
C TYR A 156 7.15 -10.67 8.65
N ASN A 157 6.33 -11.58 8.08
CA ASN A 157 6.79 -12.76 7.35
C ASN A 157 7.11 -12.39 5.88
N LEU A 158 8.15 -11.55 5.70
CA LEU A 158 8.65 -11.11 4.39
C LEU A 158 8.98 -12.33 3.52
N PHE A 159 9.84 -13.19 4.07
CA PHE A 159 10.09 -14.52 3.54
C PHE A 159 9.03 -15.46 4.14
N GLU A 160 7.83 -15.42 3.53
CA GLU A 160 6.66 -16.16 4.01
C GLU A 160 6.82 -17.67 3.71
N SER A 161 7.59 -18.33 4.58
CA SER A 161 7.95 -19.75 4.49
C SER A 161 8.35 -20.26 5.88
N SER A 162 8.14 -21.56 6.13
CA SER A 162 8.65 -22.25 7.32
C SER A 162 9.48 -23.45 6.85
N ILE A 163 10.80 -23.23 6.79
CA ILE A 163 11.77 -24.19 6.23
C ILE A 163 11.88 -25.42 7.14
N ARG A 164 11.77 -26.61 6.51
CA ARG A 164 11.87 -27.91 7.18
C ARG A 164 13.33 -28.19 7.60
N MET A 1 6.80 -33.43 -32.10
CA MET A 1 7.49 -32.83 -30.92
C MET A 1 7.37 -31.31 -31.01
N GLY A 2 6.53 -30.72 -30.14
CA GLY A 2 6.27 -29.28 -30.16
C GLY A 2 6.17 -28.68 -28.76
N HIS A 3 6.91 -27.59 -28.54
CA HIS A 3 6.79 -26.73 -27.37
C HIS A 3 7.12 -25.28 -27.79
N HIS A 4 6.27 -24.34 -27.39
CA HIS A 4 6.47 -22.91 -27.66
C HIS A 4 7.01 -22.20 -26.40
N HIS A 5 7.20 -20.90 -26.53
CA HIS A 5 7.56 -20.00 -25.43
C HIS A 5 6.80 -18.68 -25.61
N HIS A 6 6.80 -17.86 -24.57
CA HIS A 6 6.22 -16.52 -24.61
C HIS A 6 7.14 -15.58 -25.40
N HIS A 7 6.58 -14.95 -26.43
CA HIS A 7 7.22 -13.84 -27.15
C HIS A 7 7.40 -12.69 -26.14
N HIS A 8 8.64 -12.50 -25.64
CA HIS A 8 8.97 -11.45 -24.67
C HIS A 8 8.83 -10.08 -25.36
N SER A 9 7.60 -9.52 -25.31
CA SER A 9 7.26 -8.26 -25.96
C SER A 9 7.94 -7.11 -25.20
N HIS A 10 9.08 -6.65 -25.74
CA HIS A 10 9.92 -5.57 -25.15
C HIS A 10 9.21 -4.21 -25.33
N MET A 11 8.24 -3.98 -24.44
CA MET A 11 7.40 -2.77 -24.42
C MET A 11 7.85 -1.83 -23.28
N ASN A 12 6.94 -0.95 -22.84
CA ASN A 12 7.10 -0.14 -21.60
C ASN A 12 7.34 -1.08 -20.38
N PHE A 13 7.78 -0.49 -19.23
CA PHE A 13 8.02 -1.21 -17.96
C PHE A 13 6.86 -2.19 -17.65
N ASN A 14 7.14 -3.52 -17.82
CA ASN A 14 6.10 -4.57 -17.79
C ASN A 14 5.30 -4.51 -16.50
N THR A 15 4.04 -4.04 -16.62
CA THR A 15 3.09 -4.06 -15.52
C THR A 15 2.80 -5.53 -15.13
N ILE A 16 3.21 -5.86 -13.92
CA ILE A 16 3.04 -7.17 -13.29
C ILE A 16 1.53 -7.45 -13.09
N LEU A 17 0.81 -6.41 -12.64
CA LEU A 17 -0.61 -6.50 -12.31
C LEU A 17 -1.19 -5.09 -12.17
N GLU A 18 -2.36 -4.87 -12.76
CA GLU A 18 -3.15 -3.63 -12.59
C GLU A 18 -4.60 -3.99 -12.22
N GLU A 19 -5.20 -3.17 -11.35
CA GLU A 19 -6.59 -3.37 -10.88
C GLU A 19 -7.13 -2.08 -10.24
N ILE A 20 -8.46 -1.94 -10.29
CA ILE A 20 -9.19 -0.83 -9.69
C ILE A 20 -9.33 -1.09 -8.15
N LEU A 21 -8.46 -0.44 -7.37
CA LEU A 21 -8.44 -0.58 -5.90
C LEU A 21 -8.75 0.78 -5.27
N ILE A 22 -9.22 0.79 -4.00
CA ILE A 22 -9.51 2.05 -3.28
C ILE A 22 -8.32 2.41 -2.37
N LYS A 23 -8.08 3.71 -2.16
CA LYS A 23 -7.02 4.21 -1.29
C LYS A 23 -7.63 5.07 -0.17
N ARG A 24 -7.21 4.83 1.08
CA ARG A 24 -7.52 5.73 2.21
C ARG A 24 -6.41 6.78 2.33
N SER A 25 -6.80 8.03 2.55
CA SER A 25 -5.86 9.10 2.93
C SER A 25 -5.63 8.98 4.45
N GLN A 26 -4.36 8.76 4.87
CA GLN A 26 -4.02 8.65 6.29
C GLN A 26 -4.17 10.03 6.99
N GLN A 27 -4.78 10.01 8.17
CA GLN A 27 -5.19 11.21 8.91
C GLN A 27 -4.12 11.57 9.94
N LYS A 28 -3.88 12.88 10.13
CA LYS A 28 -2.97 13.39 11.18
C LYS A 28 -3.79 14.13 12.25
N LYS A 29 -3.11 14.70 13.28
CA LYS A 29 -3.78 15.49 14.33
C LYS A 29 -4.12 16.93 13.82
N LYS A 30 -4.85 16.97 12.70
CA LYS A 30 -5.27 18.20 11.98
C LYS A 30 -6.53 17.83 11.16
N THR A 31 -7.19 18.85 10.55
CA THR A 31 -8.33 18.61 9.65
C THR A 31 -7.84 17.86 8.38
N SER A 32 -8.17 16.56 8.31
CA SER A 32 -7.80 15.68 7.20
C SER A 32 -8.93 14.64 7.04
N PRO A 33 -9.97 14.93 6.18
CA PRO A 33 -11.09 13.98 5.94
C PRO A 33 -10.59 12.64 5.39
N LEU A 34 -10.94 11.53 6.08
CA LEU A 34 -10.63 10.16 5.64
C LEU A 34 -11.34 9.89 4.29
N ASN A 35 -10.66 10.25 3.19
CA ASN A 35 -11.20 10.10 1.84
C ASN A 35 -10.86 8.70 1.32
N TYR A 36 -11.89 7.98 0.87
CA TYR A 36 -11.77 6.68 0.23
C TYR A 36 -11.91 6.91 -1.27
N LYS A 37 -10.78 6.85 -1.99
CA LYS A 37 -10.72 7.19 -3.41
C LYS A 37 -10.32 5.96 -4.25
N GLU A 38 -11.32 5.50 -5.00
CA GLU A 38 -11.20 4.42 -5.96
C GLU A 38 -10.34 4.88 -7.17
N ARG A 39 -9.29 4.11 -7.47
CA ARG A 39 -8.24 4.47 -8.44
C ARG A 39 -7.77 3.21 -9.19
N LEU A 40 -7.09 3.40 -10.31
CA LEU A 40 -6.42 2.33 -11.07
C LEU A 40 -4.98 2.23 -10.58
N PHE A 41 -4.70 1.22 -9.75
CA PHE A 41 -3.35 0.90 -9.28
C PHE A 41 -2.64 0.02 -10.31
N VAL A 42 -1.45 0.45 -10.73
CA VAL A 42 -0.59 -0.25 -11.69
C VAL A 42 0.74 -0.57 -11.00
N LEU A 43 1.10 -1.87 -10.95
CA LEU A 43 2.38 -2.34 -10.40
C LEU A 43 3.27 -2.74 -11.57
N THR A 44 4.32 -1.97 -11.79
CA THR A 44 5.41 -2.31 -12.71
C THR A 44 6.56 -2.95 -11.92
N LYS A 45 7.58 -3.42 -12.63
CA LYS A 45 8.75 -4.11 -12.03
C LYS A 45 9.73 -3.12 -11.34
N SER A 46 9.42 -1.81 -11.36
CA SER A 46 10.28 -0.77 -10.76
C SER A 46 9.48 0.13 -9.79
N MET A 47 8.21 0.42 -10.14
CA MET A 47 7.35 1.37 -9.37
C MET A 47 5.95 0.78 -9.11
N LEU A 48 5.28 1.37 -8.09
CA LEU A 48 3.85 1.19 -7.82
C LEU A 48 3.18 2.57 -7.95
N THR A 49 2.43 2.78 -9.05
CA THR A 49 1.79 4.07 -9.37
C THR A 49 0.29 3.87 -9.64
N TYR A 50 -0.55 4.66 -8.96
CA TYR A 50 -2.01 4.64 -9.15
C TYR A 50 -2.45 5.83 -10.01
N TYR A 51 -3.73 5.83 -10.42
CA TYR A 51 -4.31 6.81 -11.37
C TYR A 51 -5.77 7.10 -11.00
N GLU A 52 -6.15 8.38 -10.88
CA GLU A 52 -7.53 8.78 -10.58
C GLU A 52 -8.27 8.99 -11.91
N GLY A 53 -9.51 8.46 -12.02
CA GLY A 53 -10.35 8.66 -13.21
C GLY A 53 -11.03 10.03 -13.20
N ARG A 54 -10.21 11.08 -13.20
CA ARG A 54 -10.63 12.48 -13.02
C ARG A 54 -10.65 13.18 -14.39
N ALA A 55 -11.73 13.94 -14.69
CA ALA A 55 -11.91 14.64 -15.99
C ALA A 55 -10.71 15.57 -16.26
N GLU A 56 -10.41 16.41 -15.28
CA GLU A 56 -9.14 17.16 -15.21
C GLU A 56 -8.26 16.49 -14.14
N LYS A 57 -7.26 15.69 -14.57
CA LYS A 57 -6.32 15.04 -13.64
C LYS A 57 -5.42 16.11 -12.96
N LYS A 58 -5.90 16.59 -11.81
CA LYS A 58 -5.24 17.61 -10.97
C LYS A 58 -5.36 17.21 -9.50
N TYR A 59 -5.78 15.96 -9.27
CA TYR A 59 -5.99 15.38 -7.95
C TYR A 59 -4.61 15.01 -7.36
N ARG A 60 -4.47 15.10 -6.02
CA ARG A 60 -3.29 14.66 -5.28
C ARG A 60 -2.96 13.19 -5.60
N LYS A 61 -1.74 12.96 -6.09
CA LYS A 61 -1.20 11.64 -6.36
C LYS A 61 0.24 11.60 -5.84
N GLY A 62 0.63 10.45 -5.29
CA GLY A 62 1.98 10.23 -4.79
C GLY A 62 2.43 8.81 -5.07
N PHE A 63 3.36 8.66 -6.01
CA PHE A 63 3.81 7.33 -6.46
C PHE A 63 4.95 6.83 -5.56
N ILE A 64 5.16 5.52 -5.60
CA ILE A 64 6.10 4.80 -4.73
C ILE A 64 7.04 3.99 -5.63
N ASP A 65 8.28 3.81 -5.21
CA ASP A 65 9.22 2.89 -5.83
C ASP A 65 9.22 1.60 -5.01
N VAL A 66 9.41 0.44 -5.67
CA VAL A 66 9.40 -0.88 -5.01
C VAL A 66 10.47 -0.96 -3.88
N SER A 67 11.61 -0.28 -4.07
CA SER A 67 12.73 -0.25 -3.10
C SER A 67 12.48 0.74 -1.95
N LYS A 68 11.42 1.57 -2.06
CA LYS A 68 10.94 2.41 -0.95
C LYS A 68 10.09 1.59 0.02
N ILE A 69 9.50 0.49 -0.49
CA ILE A 69 8.62 -0.38 0.30
C ILE A 69 9.46 -1.25 1.28
N LYS A 70 8.92 -1.40 2.49
CA LYS A 70 9.58 -2.07 3.63
C LYS A 70 8.73 -3.28 4.12
N CYS A 71 7.41 -3.22 3.87
CA CYS A 71 6.45 -4.27 4.28
C CYS A 71 5.18 -4.18 3.42
N VAL A 72 4.63 -5.36 3.04
CA VAL A 72 3.28 -5.49 2.45
C VAL A 72 2.55 -6.69 3.08
N GLU A 73 1.50 -6.40 3.83
CA GLU A 73 0.63 -7.40 4.51
C GLU A 73 -0.76 -6.78 4.72
N ILE A 74 -1.73 -7.59 5.16
CA ILE A 74 -3.07 -7.09 5.51
C ILE A 74 -3.03 -6.28 6.82
N VAL A 75 -4.10 -5.52 7.01
CA VAL A 75 -4.42 -4.85 8.26
C VAL A 75 -5.28 -5.85 9.05
N LYS A 76 -4.78 -6.32 10.21
CA LYS A 76 -5.47 -7.32 11.03
C LYS A 76 -6.80 -6.71 11.55
N ASN A 77 -7.89 -7.04 10.85
CA ASN A 77 -9.22 -6.46 11.10
C ASN A 77 -9.98 -7.33 12.14
N ASP A 78 -10.43 -6.66 13.19
CA ASP A 78 -11.21 -7.26 14.29
C ASP A 78 -12.72 -7.15 13.97
N ASP A 79 -13.57 -7.23 15.03
CA ASP A 79 -15.04 -7.17 14.90
C ASP A 79 -15.52 -5.80 14.36
N GLY A 80 -14.70 -4.75 14.60
CA GLY A 80 -14.93 -3.43 14.02
C GLY A 80 -14.61 -3.42 12.53
N VAL A 81 -15.53 -4.00 11.74
CA VAL A 81 -15.41 -4.15 10.28
C VAL A 81 -15.22 -2.78 9.59
N ILE A 82 -14.34 -2.76 8.59
CA ILE A 82 -13.90 -1.55 7.87
C ILE A 82 -15.11 -0.73 7.32
N PRO A 83 -15.14 0.64 7.49
CA PRO A 83 -16.23 1.49 6.95
C PRO A 83 -16.09 1.79 5.44
N CYS A 84 -15.50 0.86 4.68
CA CYS A 84 -15.34 0.94 3.22
C CYS A 84 -16.26 -0.09 2.54
N GLN A 85 -16.57 0.14 1.26
CA GLN A 85 -17.38 -0.78 0.44
C GLN A 85 -16.57 -2.02 0.00
N ASN A 86 -15.22 -1.92 0.07
CA ASN A 86 -14.30 -3.02 -0.29
C ASN A 86 -13.95 -3.88 0.92
N LYS A 87 -13.15 -4.94 0.68
CA LYS A 87 -12.88 -6.02 1.64
C LYS A 87 -11.41 -6.46 1.59
N TYR A 88 -10.86 -6.77 2.78
CA TYR A 88 -9.43 -7.07 2.99
C TYR A 88 -8.54 -5.87 2.56
N PRO A 89 -8.40 -4.86 3.47
CA PRO A 89 -7.43 -3.77 3.27
C PRO A 89 -5.99 -4.28 3.50
N PHE A 90 -5.15 -4.23 2.47
CA PHE A 90 -3.74 -4.54 2.61
C PHE A 90 -2.95 -3.23 2.62
N GLN A 91 -1.96 -3.18 3.50
CA GLN A 91 -1.12 -2.02 3.76
C GLN A 91 0.24 -2.21 3.10
N VAL A 92 0.83 -1.09 2.66
CA VAL A 92 2.17 -1.05 2.07
C VAL A 92 2.98 -0.04 2.87
N VAL A 93 3.79 -0.54 3.83
CA VAL A 93 4.62 0.31 4.68
C VAL A 93 5.86 0.69 3.88
N HIS A 94 5.84 1.90 3.31
CA HIS A 94 6.94 2.45 2.49
C HIS A 94 7.71 3.51 3.30
N ASP A 95 8.79 4.06 2.69
CA ASP A 95 9.77 4.97 3.34
C ASP A 95 9.10 6.12 4.11
N ALA A 96 8.22 6.87 3.40
CA ALA A 96 7.56 8.05 3.95
C ALA A 96 6.56 7.70 5.08
N ASN A 97 5.80 6.60 4.89
CA ASN A 97 4.67 6.24 5.81
C ASN A 97 4.06 4.88 5.41
N THR A 98 2.97 4.49 6.09
CA THR A 98 2.21 3.28 5.74
C THR A 98 1.00 3.66 4.85
N LEU A 99 0.97 3.10 3.64
CA LEU A 99 -0.14 3.24 2.68
C LEU A 99 -1.23 2.20 3.00
N TYR A 100 -2.51 2.52 2.69
CA TYR A 100 -3.66 1.62 2.95
C TYR A 100 -4.54 1.51 1.71
N ILE A 101 -4.55 0.30 1.13
CA ILE A 101 -5.25 -0.02 -0.12
C ILE A 101 -6.32 -1.10 0.16
N PHE A 102 -7.56 -0.86 -0.30
CA PHE A 102 -8.69 -1.78 -0.15
C PHE A 102 -8.90 -2.58 -1.43
N ALA A 103 -8.83 -3.90 -1.31
CA ALA A 103 -9.05 -4.82 -2.45
C ALA A 103 -10.56 -5.11 -2.60
N PRO A 104 -11.07 -5.42 -3.84
CA PRO A 104 -12.50 -5.82 -4.03
C PRO A 104 -12.75 -7.31 -3.73
N SER A 105 -11.69 -8.02 -3.28
CA SER A 105 -11.71 -9.47 -3.11
C SER A 105 -10.51 -9.93 -2.24
N PRO A 106 -10.65 -11.05 -1.45
CA PRO A 106 -9.48 -11.71 -0.78
C PRO A 106 -8.52 -12.38 -1.80
N GLN A 107 -8.97 -12.50 -3.06
CA GLN A 107 -8.20 -13.11 -4.16
C GLN A 107 -7.29 -12.02 -4.76
N SER A 108 -7.92 -10.83 -4.96
CA SER A 108 -7.23 -9.62 -5.42
C SER A 108 -6.15 -9.21 -4.42
N ARG A 109 -6.55 -9.19 -3.12
CA ARG A 109 -5.63 -8.95 -2.00
C ARG A 109 -4.43 -9.91 -2.07
N ASP A 110 -4.73 -11.21 -2.17
CA ASP A 110 -3.72 -12.28 -2.08
C ASP A 110 -2.68 -12.15 -3.19
N LEU A 111 -3.15 -11.89 -4.42
CA LEU A 111 -2.27 -11.79 -5.60
C LEU A 111 -1.41 -10.51 -5.51
N TRP A 112 -2.03 -9.35 -5.20
CA TRP A 112 -1.31 -8.06 -5.04
C TRP A 112 -0.19 -8.14 -3.98
N VAL A 113 -0.55 -8.61 -2.77
CA VAL A 113 0.39 -8.75 -1.63
C VAL A 113 1.54 -9.71 -1.98
N LYS A 114 1.19 -10.84 -2.64
CA LYS A 114 2.15 -11.88 -3.03
C LYS A 114 3.19 -11.31 -4.00
N LYS A 115 2.69 -10.62 -5.05
CA LYS A 115 3.54 -9.96 -6.07
C LYS A 115 4.50 -8.95 -5.43
N LEU A 116 3.93 -8.06 -4.59
CA LEU A 116 4.69 -6.99 -3.90
C LEU A 116 5.81 -7.58 -3.03
N LYS A 117 5.49 -8.60 -2.19
CA LYS A 117 6.48 -9.35 -1.38
C LYS A 117 7.62 -9.93 -2.22
N GLU A 118 7.27 -10.54 -3.37
CA GLU A 118 8.25 -11.14 -4.31
C GLU A 118 9.18 -10.06 -4.92
N GLU A 119 8.67 -8.83 -5.03
CA GLU A 119 9.44 -7.68 -5.52
C GLU A 119 10.33 -7.08 -4.42
N ILE A 120 9.76 -6.94 -3.20
CA ILE A 120 10.41 -6.19 -2.11
C ILE A 120 11.37 -7.04 -1.29
N LYS A 121 11.36 -8.38 -1.50
CA LYS A 121 12.27 -9.29 -0.78
C LYS A 121 13.74 -9.08 -1.22
N ASN A 122 13.92 -8.36 -2.34
CA ASN A 122 15.24 -8.03 -2.90
C ASN A 122 15.76 -6.68 -2.36
N ASN A 123 14.96 -6.02 -1.50
CA ASN A 123 15.31 -4.72 -0.89
C ASN A 123 16.24 -4.91 0.33
N ASN A 124 16.79 -3.79 0.83
CA ASN A 124 17.69 -3.77 2.00
C ASN A 124 17.06 -2.98 3.17
N ASN A 125 15.82 -2.48 2.97
CA ASN A 125 15.12 -1.62 3.96
C ASN A 125 13.88 -2.30 4.56
N ILE A 126 13.83 -3.65 4.47
CA ILE A 126 12.64 -4.41 4.88
C ILE A 126 12.51 -4.46 6.41
N MET A 127 11.37 -3.96 6.91
CA MET A 127 11.01 -4.03 8.33
C MET A 127 10.59 -5.47 8.66
N ILE A 128 11.25 -6.05 9.67
CA ILE A 128 10.96 -7.43 10.15
C ILE A 128 9.64 -7.46 10.95
N LYS A 129 9.09 -6.26 11.27
CA LYS A 129 7.77 -6.09 11.93
C LYS A 129 6.95 -5.03 11.14
N TYR A 130 5.62 -5.12 11.20
CA TYR A 130 4.68 -4.12 10.64
C TYR A 130 3.62 -3.74 11.71
N HIS A 131 2.79 -2.74 11.40
CA HIS A 131 1.71 -2.26 12.30
C HIS A 131 0.35 -2.82 11.83
N PRO A 132 -0.32 -3.71 12.63
CA PRO A 132 -1.55 -4.43 12.21
C PRO A 132 -2.84 -3.56 12.17
N LYS A 133 -2.73 -2.27 12.48
CA LYS A 133 -3.85 -1.31 12.45
C LYS A 133 -3.55 -0.14 11.51
N PHE A 134 -4.48 0.83 11.48
CA PHE A 134 -4.41 2.01 10.60
C PHE A 134 -3.62 3.14 11.28
N TRP A 135 -2.64 3.68 10.54
CA TRP A 135 -1.91 4.90 10.89
C TRP A 135 -2.85 6.11 10.79
N THR A 136 -3.61 6.30 11.86
CA THR A 136 -4.48 7.45 12.05
C THR A 136 -3.94 8.20 13.27
N ASP A 137 -3.09 9.19 12.98
CA ASP A 137 -2.38 9.97 13.99
C ASP A 137 -3.38 10.80 14.83
N GLY A 138 -3.63 10.34 16.07
CA GLY A 138 -4.64 10.93 16.96
C GLY A 138 -5.67 9.90 17.44
N SER A 139 -5.60 8.66 16.92
CA SER A 139 -6.58 7.60 17.16
C SER A 139 -6.02 6.46 18.04
N TYR A 140 -6.95 5.58 18.44
CA TYR A 140 -6.63 4.27 18.99
C TYR A 140 -6.21 3.34 17.83
N GLN A 141 -5.22 2.47 18.08
CA GLN A 141 -4.66 1.56 17.06
C GLN A 141 -3.78 0.52 17.76
N CYS A 142 -2.89 -0.11 16.98
CA CYS A 142 -2.03 -1.22 17.43
C CYS A 142 -1.22 -0.87 18.70
N CYS A 143 -0.30 0.08 18.55
CA CYS A 143 0.58 0.53 19.63
C CYS A 143 0.56 2.06 19.75
N ARG A 144 -0.12 2.74 18.79
CA ARG A 144 -0.22 4.23 18.70
C ARG A 144 1.16 4.82 18.35
N GLN A 145 2.04 3.98 17.74
CA GLN A 145 3.41 4.40 17.33
C GLN A 145 3.41 4.91 15.87
N THR A 146 2.27 5.47 15.45
CA THR A 146 2.12 6.24 14.20
C THR A 146 2.80 7.63 14.34
N GLU A 147 3.20 7.96 15.59
CA GLU A 147 3.89 9.23 15.97
C GLU A 147 5.14 9.47 15.09
N LYS A 148 5.85 8.38 14.79
CA LYS A 148 7.06 8.39 13.97
C LYS A 148 7.13 7.05 13.21
N LEU A 149 8.08 6.94 12.25
CA LEU A 149 8.36 5.69 11.52
C LEU A 149 8.95 4.64 12.46
N ALA A 150 8.05 3.98 13.22
CA ALA A 150 8.41 2.90 14.15
C ALA A 150 8.70 1.62 13.33
N PRO A 151 9.64 0.73 13.80
CA PRO A 151 10.02 -0.51 13.07
C PRO A 151 8.99 -1.65 13.24
N GLY A 152 7.69 -1.28 13.20
CA GLY A 152 6.60 -2.22 13.42
C GLY A 152 6.35 -2.48 14.89
N CYS A 153 5.44 -3.41 15.16
CA CYS A 153 5.11 -3.85 16.52
C CYS A 153 4.75 -5.36 16.51
N GLU A 154 4.05 -5.79 15.45
CA GLU A 154 3.70 -7.20 15.21
C GLU A 154 4.60 -7.75 14.11
N LYS A 155 5.05 -9.01 14.27
CA LYS A 155 6.06 -9.62 13.38
C LYS A 155 5.55 -9.76 11.93
N TYR A 156 6.35 -9.25 10.99
CA TYR A 156 6.11 -9.31 9.55
C TYR A 156 6.80 -10.55 8.98
N ASN A 157 6.01 -11.43 8.37
CA ASN A 157 6.51 -12.65 7.73
C ASN A 157 6.63 -12.43 6.22
N LEU A 158 7.86 -12.13 5.77
CA LEU A 158 8.19 -11.93 4.35
C LEU A 158 8.22 -13.29 3.61
N PHE A 159 8.63 -14.34 4.35
CA PHE A 159 8.67 -15.73 3.86
C PHE A 159 7.90 -16.64 4.84
N GLU A 160 8.24 -16.52 6.12
CA GLU A 160 7.63 -17.30 7.22
C GLU A 160 7.85 -16.52 8.55
N SER A 161 6.99 -16.78 9.55
CA SER A 161 7.11 -16.19 10.89
C SER A 161 8.41 -16.67 11.55
N SER A 162 9.44 -15.80 11.52
CA SER A 162 10.79 -16.09 12.02
C SER A 162 10.79 -16.22 13.56
N ILE A 163 10.91 -17.47 14.03
CA ILE A 163 11.02 -17.79 15.46
C ILE A 163 12.42 -17.35 15.96
N ARG A 164 12.44 -16.21 16.64
CA ARG A 164 13.67 -15.49 17.05
C ARG A 164 14.42 -16.26 18.18
N MET A 1 -7.02 26.94 -23.06
CA MET A 1 -6.57 26.47 -24.38
C MET A 1 -6.19 24.98 -24.32
N GLY A 2 -6.25 24.31 -25.48
CA GLY A 2 -5.85 22.90 -25.61
C GLY A 2 -6.86 22.06 -26.40
N HIS A 3 -7.56 22.70 -27.35
CA HIS A 3 -8.43 22.01 -28.33
C HIS A 3 -7.56 21.15 -29.25
N HIS A 4 -6.39 21.69 -29.65
CA HIS A 4 -5.35 20.91 -30.34
C HIS A 4 -4.64 20.07 -29.26
N HIS A 5 -5.14 18.84 -29.07
CA HIS A 5 -4.68 17.94 -28.02
C HIS A 5 -3.33 17.36 -28.38
N HIS A 6 -2.28 17.81 -27.66
CA HIS A 6 -0.94 17.23 -27.73
C HIS A 6 -0.99 15.85 -27.04
N HIS A 7 -1.54 14.89 -27.78
CA HIS A 7 -1.83 13.54 -27.30
C HIS A 7 -0.52 12.78 -27.06
N HIS A 8 -0.42 12.13 -25.90
CA HIS A 8 0.76 11.34 -25.55
C HIS A 8 0.71 9.99 -26.29
N SER A 9 1.87 9.59 -26.82
CA SER A 9 2.07 8.23 -27.30
C SER A 9 2.13 7.30 -26.08
N HIS A 10 1.47 6.13 -26.15
CA HIS A 10 1.36 5.20 -24.99
C HIS A 10 2.73 4.87 -24.37
N MET A 11 3.04 5.46 -23.19
CA MET A 11 4.18 5.05 -22.36
C MET A 11 3.82 3.71 -21.69
N ASN A 12 3.89 2.64 -22.51
CA ASN A 12 3.47 1.30 -22.11
C ASN A 12 4.59 0.63 -21.29
N PHE A 13 4.62 0.97 -20.00
CA PHE A 13 5.43 0.26 -19.01
C PHE A 13 4.65 -1.02 -18.64
N ASN A 14 4.98 -2.13 -19.33
CA ASN A 14 4.34 -3.45 -19.13
C ASN A 14 4.35 -3.82 -17.63
N THR A 15 3.14 -3.87 -17.05
CA THR A 15 2.95 -4.05 -15.61
C THR A 15 2.95 -5.54 -15.22
N ILE A 16 3.43 -5.79 -13.99
CA ILE A 16 3.41 -7.11 -13.34
C ILE A 16 1.94 -7.49 -13.02
N LEU A 17 1.14 -6.47 -12.65
CA LEU A 17 -0.24 -6.64 -12.16
C LEU A 17 -0.94 -5.27 -12.07
N GLU A 18 -2.20 -5.21 -12.55
CA GLU A 18 -3.07 -4.02 -12.43
C GLU A 18 -4.46 -4.44 -11.91
N GLU A 19 -5.11 -3.53 -11.14
CA GLU A 19 -6.44 -3.78 -10.53
C GLU A 19 -7.07 -2.45 -10.08
N ILE A 20 -8.41 -2.44 -10.00
CA ILE A 20 -9.18 -1.32 -9.47
C ILE A 20 -9.33 -1.51 -7.95
N LEU A 21 -8.40 -0.89 -7.19
CA LEU A 21 -8.36 -0.94 -5.73
C LEU A 21 -8.82 0.41 -5.15
N ILE A 22 -9.14 0.48 -3.86
CA ILE A 22 -9.48 1.75 -3.18
C ILE A 22 -8.27 2.28 -2.41
N LYS A 23 -7.89 3.52 -2.73
CA LYS A 23 -6.88 4.29 -2.00
C LYS A 23 -7.53 4.97 -0.78
N ARG A 24 -6.94 4.77 0.41
CA ARG A 24 -7.31 5.55 1.60
C ARG A 24 -6.45 6.80 1.65
N SER A 25 -7.07 7.94 1.98
CA SER A 25 -6.37 9.22 2.16
C SER A 25 -6.37 9.53 3.65
N GLN A 26 -5.20 9.35 4.31
CA GLN A 26 -5.03 9.71 5.72
C GLN A 26 -5.04 11.24 5.86
N GLN A 27 -5.47 11.72 7.02
CA GLN A 27 -5.57 13.17 7.27
C GLN A 27 -4.47 13.60 8.25
N LYS A 28 -3.56 14.45 7.76
CA LYS A 28 -2.55 15.12 8.57
C LYS A 28 -3.27 16.16 9.45
N LYS A 29 -4.12 16.97 8.77
CA LYS A 29 -5.08 17.91 9.39
C LYS A 29 -6.48 17.65 8.78
N LYS A 30 -7.52 18.18 9.45
CA LYS A 30 -8.94 17.90 9.11
C LYS A 30 -9.42 18.69 7.87
N THR A 31 -8.51 19.49 7.26
CA THR A 31 -8.73 20.08 5.92
C THR A 31 -8.94 18.98 4.86
N SER A 32 -8.29 17.83 5.10
CA SER A 32 -8.50 16.60 4.34
C SER A 32 -9.38 15.66 5.19
N PRO A 33 -10.53 15.16 4.64
CA PRO A 33 -11.25 14.01 5.24
C PRO A 33 -10.51 12.68 4.98
N LEU A 34 -11.01 11.60 5.61
CA LEU A 34 -10.58 10.24 5.28
C LEU A 34 -11.33 9.79 4.01
N ASN A 35 -10.77 10.15 2.84
CA ASN A 35 -11.41 9.86 1.54
C ASN A 35 -11.01 8.46 1.06
N TYR A 36 -12.02 7.67 0.68
CA TYR A 36 -11.83 6.31 0.14
C TYR A 36 -12.25 6.38 -1.34
N LYS A 37 -11.26 6.36 -2.25
CA LYS A 37 -11.52 6.57 -3.69
C LYS A 37 -10.91 5.40 -4.50
N GLU A 38 -11.62 4.96 -5.53
CA GLU A 38 -11.38 3.65 -6.17
C GLU A 38 -10.72 3.87 -7.54
N ARG A 39 -9.40 3.55 -7.64
CA ARG A 39 -8.55 3.90 -8.80
C ARG A 39 -7.82 2.68 -9.39
N LEU A 40 -7.11 2.92 -10.51
CA LEU A 40 -6.33 1.90 -11.22
C LEU A 40 -4.89 1.92 -10.71
N PHE A 41 -4.53 0.92 -9.90
CA PHE A 41 -3.16 0.71 -9.41
C PHE A 41 -2.40 -0.19 -10.41
N VAL A 42 -1.22 0.29 -10.83
CA VAL A 42 -0.38 -0.37 -11.85
C VAL A 42 1.02 -0.59 -11.24
N LEU A 43 1.41 -1.87 -11.08
CA LEU A 43 2.66 -2.25 -10.41
C LEU A 43 3.73 -2.64 -11.44
N THR A 44 4.74 -1.78 -11.60
CA THR A 44 5.96 -2.09 -12.37
C THR A 44 7.12 -2.32 -11.39
N LYS A 45 8.26 -2.82 -11.89
CA LYS A 45 9.45 -3.13 -11.07
C LYS A 45 10.12 -1.87 -10.49
N SER A 46 9.75 -0.67 -10.97
CA SER A 46 10.29 0.60 -10.46
C SER A 46 9.29 1.27 -9.50
N MET A 47 7.98 1.25 -9.83
CA MET A 47 6.94 2.01 -9.08
C MET A 47 5.55 1.36 -9.19
N LEU A 48 4.77 1.50 -8.11
CA LEU A 48 3.34 1.24 -8.08
C LEU A 48 2.62 2.59 -8.26
N THR A 49 2.15 2.85 -9.49
CA THR A 49 1.53 4.13 -9.87
C THR A 49 0.02 3.97 -10.02
N TYR A 50 -0.74 4.82 -9.33
CA TYR A 50 -2.20 4.87 -9.45
C TYR A 50 -2.62 6.10 -10.27
N TYR A 51 -3.50 5.88 -11.26
CA TYR A 51 -3.99 6.93 -12.16
C TYR A 51 -5.42 7.34 -11.78
N GLU A 52 -5.65 8.66 -11.80
CA GLU A 52 -6.92 9.28 -11.41
C GLU A 52 -7.68 9.82 -12.63
N GLY A 53 -9.01 9.95 -12.47
CA GLY A 53 -9.87 10.58 -13.47
C GLY A 53 -9.88 12.10 -13.36
N ARG A 54 -9.00 12.65 -12.50
CA ARG A 54 -8.76 14.09 -12.34
C ARG A 54 -7.39 14.44 -12.96
N ALA A 55 -7.00 15.72 -12.87
CA ALA A 55 -5.69 16.20 -13.31
C ALA A 55 -5.04 17.02 -12.19
N GLU A 56 -5.84 17.89 -11.57
CA GLU A 56 -5.38 18.86 -10.54
C GLU A 56 -5.21 18.18 -9.17
N LYS A 57 -4.57 18.91 -8.24
CA LYS A 57 -4.17 18.38 -6.91
C LYS A 57 -5.31 18.55 -5.86
N LYS A 58 -6.57 18.66 -6.34
CA LYS A 58 -7.76 18.46 -5.50
C LYS A 58 -7.86 16.99 -5.05
N TYR A 59 -7.28 16.09 -5.86
CA TYR A 59 -7.10 14.69 -5.52
C TYR A 59 -5.60 14.33 -5.60
N ARG A 60 -5.14 13.49 -4.65
CA ARG A 60 -3.74 13.09 -4.52
C ARG A 60 -3.36 12.08 -5.60
N LYS A 61 -2.57 12.54 -6.59
CA LYS A 61 -1.92 11.67 -7.60
C LYS A 61 -0.53 11.30 -7.09
N GLY A 62 -0.12 10.05 -7.30
CA GLY A 62 1.19 9.59 -6.87
C GLY A 62 1.59 8.22 -7.35
N PHE A 63 2.73 7.77 -6.80
CA PHE A 63 3.42 6.53 -7.17
C PHE A 63 4.37 6.14 -6.03
N ILE A 64 4.63 4.85 -5.86
CA ILE A 64 5.50 4.36 -4.78
C ILE A 64 6.63 3.51 -5.38
N ASP A 65 7.88 3.93 -5.14
CA ASP A 65 9.07 3.18 -5.59
C ASP A 65 9.16 1.86 -4.81
N VAL A 66 9.46 0.76 -5.54
CA VAL A 66 9.48 -0.61 -4.98
C VAL A 66 10.56 -0.79 -3.88
N SER A 67 11.70 -0.09 -4.03
CA SER A 67 12.78 -0.12 -3.03
C SER A 67 12.48 0.82 -1.82
N LYS A 68 11.41 1.64 -1.93
CA LYS A 68 10.91 2.45 -0.79
C LYS A 68 9.89 1.65 0.03
N ILE A 69 9.31 0.60 -0.59
CA ILE A 69 8.38 -0.32 0.08
C ILE A 69 9.17 -1.29 0.99
N LYS A 70 9.08 -1.07 2.30
CA LYS A 70 9.80 -1.84 3.33
C LYS A 70 9.02 -3.08 3.79
N CYS A 71 7.69 -3.05 3.65
CA CYS A 71 6.81 -4.12 4.18
C CYS A 71 5.43 -4.03 3.55
N VAL A 72 4.85 -5.20 3.17
CA VAL A 72 3.45 -5.31 2.69
C VAL A 72 2.80 -6.53 3.34
N GLU A 73 1.73 -6.26 4.07
CA GLU A 73 0.90 -7.28 4.72
C GLU A 73 -0.53 -6.74 4.82
N ILE A 74 -1.51 -7.63 5.00
CA ILE A 74 -2.89 -7.25 5.30
C ILE A 74 -3.00 -6.63 6.70
N VAL A 75 -4.11 -5.93 6.92
CA VAL A 75 -4.45 -5.36 8.23
C VAL A 75 -5.30 -6.39 8.96
N LYS A 76 -4.83 -6.88 10.12
CA LYS A 76 -5.59 -7.84 10.93
C LYS A 76 -6.68 -7.09 11.73
N ASN A 77 -7.89 -7.12 11.16
CA ASN A 77 -9.07 -6.40 11.65
C ASN A 77 -9.60 -7.07 12.94
N ASP A 78 -9.35 -6.43 14.08
CA ASP A 78 -9.95 -6.83 15.38
C ASP A 78 -11.40 -6.33 15.44
N ASP A 79 -11.62 -5.15 14.85
CA ASP A 79 -12.94 -4.56 14.64
C ASP A 79 -13.24 -4.63 13.13
N GLY A 80 -14.36 -5.29 12.77
CA GLY A 80 -14.71 -5.54 11.38
C GLY A 80 -15.49 -4.41 10.70
N VAL A 81 -15.81 -3.35 11.46
CA VAL A 81 -16.56 -2.20 10.95
C VAL A 81 -15.58 -1.24 10.23
N ILE A 82 -15.33 -1.53 8.95
CA ILE A 82 -14.46 -0.72 8.08
C ILE A 82 -15.34 0.18 7.18
N PRO A 83 -15.11 1.53 7.17
CA PRO A 83 -15.90 2.48 6.35
C PRO A 83 -15.43 2.54 4.88
N CYS A 84 -15.46 1.39 4.21
CA CYS A 84 -15.09 1.24 2.81
C CYS A 84 -15.83 0.04 2.20
N GLN A 85 -16.42 0.24 1.00
CA GLN A 85 -17.22 -0.78 0.30
C GLN A 85 -16.39 -2.03 -0.06
N ASN A 86 -15.09 -1.81 -0.39
CA ASN A 86 -14.14 -2.91 -0.64
C ASN A 86 -13.52 -3.34 0.70
N LYS A 87 -13.63 -4.63 1.00
CA LYS A 87 -13.17 -5.23 2.26
C LYS A 87 -11.76 -5.82 2.09
N TYR A 88 -11.19 -6.35 3.19
CA TYR A 88 -9.83 -6.90 3.24
C TYR A 88 -8.77 -5.83 2.83
N PRO A 89 -8.49 -4.83 3.74
CA PRO A 89 -7.44 -3.83 3.51
C PRO A 89 -6.04 -4.43 3.68
N PHE A 90 -5.15 -4.14 2.71
CA PHE A 90 -3.71 -4.42 2.85
C PHE A 90 -2.95 -3.09 2.90
N GLN A 91 -1.84 -3.09 3.62
CA GLN A 91 -1.03 -1.91 3.90
C GLN A 91 0.38 -2.06 3.31
N VAL A 92 0.87 -0.94 2.78
CA VAL A 92 2.16 -0.82 2.09
C VAL A 92 2.98 0.26 2.83
N VAL A 93 3.93 -0.20 3.67
CA VAL A 93 4.81 0.71 4.42
C VAL A 93 5.89 1.22 3.46
N HIS A 94 5.68 2.43 2.94
CA HIS A 94 6.61 3.09 2.02
C HIS A 94 7.41 4.17 2.75
N ASP A 95 8.24 4.93 2.00
CA ASP A 95 9.20 5.90 2.56
C ASP A 95 8.51 6.96 3.46
N ALA A 96 7.45 7.58 2.94
CA ALA A 96 6.72 8.65 3.66
C ALA A 96 5.99 8.09 4.90
N ASN A 97 5.09 7.11 4.68
CA ASN A 97 4.25 6.53 5.76
C ASN A 97 3.77 5.13 5.35
N THR A 98 2.83 4.57 6.12
CA THR A 98 2.13 3.33 5.76
C THR A 98 0.82 3.69 5.02
N LEU A 99 0.77 3.36 3.72
CA LEU A 99 -0.44 3.55 2.88
C LEU A 99 -1.41 2.37 3.09
N TYR A 100 -2.73 2.65 3.09
CA TYR A 100 -3.78 1.62 3.25
C TYR A 100 -4.62 1.57 1.97
N ILE A 101 -4.70 0.36 1.40
CA ILE A 101 -5.38 0.09 0.13
C ILE A 101 -6.38 -1.07 0.35
N PHE A 102 -7.62 -0.91 -0.16
CA PHE A 102 -8.69 -1.90 0.02
C PHE A 102 -8.89 -2.68 -1.29
N ALA A 103 -8.93 -4.01 -1.20
CA ALA A 103 -9.10 -4.89 -2.36
C ALA A 103 -10.60 -5.16 -2.63
N PRO A 104 -11.07 -5.18 -3.92
CA PRO A 104 -12.48 -5.50 -4.26
C PRO A 104 -12.85 -6.98 -3.99
N SER A 105 -11.81 -7.80 -3.81
CA SER A 105 -11.94 -9.23 -3.55
C SER A 105 -10.75 -9.73 -2.70
N PRO A 106 -10.92 -10.84 -1.91
CA PRO A 106 -9.77 -11.54 -1.25
C PRO A 106 -8.80 -12.18 -2.27
N GLN A 107 -9.18 -12.16 -3.57
CA GLN A 107 -8.36 -12.68 -4.68
C GLN A 107 -7.31 -11.62 -5.04
N SER A 108 -7.77 -10.36 -5.15
CA SER A 108 -6.91 -9.19 -5.39
C SER A 108 -5.98 -8.98 -4.19
N ARG A 109 -6.58 -8.96 -2.98
CA ARG A 109 -5.86 -8.93 -1.69
C ARG A 109 -4.66 -9.89 -1.66
N ASP A 110 -4.90 -11.17 -2.00
CA ASP A 110 -3.88 -12.23 -1.91
C ASP A 110 -2.74 -11.98 -2.91
N LEU A 111 -3.12 -11.71 -4.17
CA LEU A 111 -2.18 -11.59 -5.30
C LEU A 111 -1.34 -10.30 -5.21
N TRP A 112 -1.96 -9.20 -4.73
CA TRP A 112 -1.29 -7.90 -4.55
C TRP A 112 -0.27 -7.92 -3.42
N VAL A 113 -0.68 -8.40 -2.22
CA VAL A 113 0.25 -8.55 -1.08
C VAL A 113 1.45 -9.40 -1.52
N LYS A 114 1.12 -10.50 -2.23
CA LYS A 114 2.11 -11.47 -2.75
C LYS A 114 3.11 -10.79 -3.70
N LYS A 115 2.63 -10.15 -4.78
CA LYS A 115 3.50 -9.53 -5.81
C LYS A 115 4.45 -8.50 -5.20
N LEU A 116 3.89 -7.63 -4.34
CA LEU A 116 4.65 -6.56 -3.68
C LEU A 116 5.78 -7.13 -2.79
N LYS A 117 5.45 -8.05 -1.86
CA LYS A 117 6.45 -8.68 -0.96
C LYS A 117 7.52 -9.50 -1.72
N GLU A 118 7.11 -10.19 -2.81
CA GLU A 118 8.04 -11.01 -3.61
C GLU A 118 8.97 -10.16 -4.50
N GLU A 119 8.62 -8.88 -4.73
CA GLU A 119 9.53 -7.91 -5.39
C GLU A 119 10.51 -7.35 -4.35
N ILE A 120 9.95 -6.83 -3.25
CA ILE A 120 10.71 -6.07 -2.24
C ILE A 120 11.65 -6.95 -1.40
N LYS A 121 11.49 -8.30 -1.53
CA LYS A 121 12.28 -9.28 -0.77
C LYS A 121 13.79 -9.15 -1.11
N ASN A 122 14.06 -8.69 -2.34
CA ASN A 122 15.43 -8.55 -2.88
C ASN A 122 16.11 -7.25 -2.39
N ASN A 123 15.44 -6.50 -1.50
CA ASN A 123 15.97 -5.26 -0.91
C ASN A 123 16.27 -5.48 0.59
N ASN A 124 17.26 -4.73 1.11
CA ASN A 124 17.71 -4.81 2.52
C ASN A 124 16.97 -3.77 3.39
N ASN A 125 15.77 -3.37 2.96
CA ASN A 125 14.94 -2.36 3.68
C ASN A 125 13.78 -3.05 4.43
N ILE A 126 13.78 -4.40 4.41
CA ILE A 126 12.65 -5.21 4.88
C ILE A 126 12.43 -5.02 6.39
N MET A 127 11.22 -4.56 6.73
CA MET A 127 10.75 -4.51 8.10
C MET A 127 10.26 -5.90 8.50
N ILE A 128 11.08 -6.58 9.32
CA ILE A 128 10.80 -7.92 9.88
C ILE A 128 9.51 -7.90 10.75
N LYS A 129 9.15 -6.69 11.21
CA LYS A 129 7.95 -6.42 12.03
C LYS A 129 7.10 -5.36 11.31
N TYR A 130 5.76 -5.46 11.43
CA TYR A 130 4.82 -4.49 10.82
C TYR A 130 3.81 -4.04 11.90
N HIS A 131 2.95 -3.06 11.56
CA HIS A 131 1.92 -2.54 12.48
C HIS A 131 0.52 -3.09 12.11
N PRO A 132 -0.22 -3.71 13.08
CA PRO A 132 -1.49 -4.44 12.79
C PRO A 132 -2.71 -3.53 12.53
N LYS A 133 -2.68 -2.29 13.08
CA LYS A 133 -3.84 -1.37 13.05
C LYS A 133 -3.61 -0.22 12.04
N PHE A 134 -4.61 0.67 11.95
CA PHE A 134 -4.63 1.78 10.98
C PHE A 134 -3.85 3.01 11.50
N TRP A 135 -2.61 3.17 10.99
CA TRP A 135 -1.76 4.36 11.19
C TRP A 135 -2.50 5.63 10.73
N THR A 136 -3.12 6.31 11.70
CA THR A 136 -3.85 7.58 11.46
C THR A 136 -3.68 8.47 12.71
N ASP A 137 -3.90 9.79 12.52
CA ASP A 137 -3.66 10.80 13.56
C ASP A 137 -4.57 10.59 14.80
N GLY A 138 -3.99 10.00 15.87
CA GLY A 138 -4.70 9.76 17.15
C GLY A 138 -5.72 8.65 17.09
N SER A 139 -5.48 7.66 16.21
CA SER A 139 -6.44 6.58 15.92
C SER A 139 -6.31 5.37 16.88
N TYR A 140 -7.26 4.44 16.73
CA TYR A 140 -7.27 3.10 17.36
C TYR A 140 -6.07 2.25 16.84
N GLN A 141 -4.88 2.56 17.34
CA GLN A 141 -3.63 1.95 16.87
C GLN A 141 -3.03 1.03 17.93
N CYS A 142 -1.98 0.30 17.55
CA CYS A 142 -1.24 -0.55 18.47
C CYS A 142 -0.29 0.31 19.34
N CYS A 143 0.68 0.95 18.68
CA CYS A 143 1.72 1.77 19.33
C CYS A 143 1.40 3.28 19.26
N ARG A 144 0.54 3.66 18.27
CA ARG A 144 0.13 5.06 17.99
C ARG A 144 1.27 5.86 17.33
N GLN A 145 2.31 5.16 16.84
CA GLN A 145 3.54 5.78 16.29
C GLN A 145 3.43 6.03 14.77
N THR A 146 2.33 6.70 14.37
CA THR A 146 2.02 7.01 12.97
C THR A 146 2.88 8.18 12.41
N GLU A 147 3.53 8.92 13.33
CA GLU A 147 4.32 10.12 13.02
C GLU A 147 5.50 9.81 12.08
N LYS A 148 6.22 8.73 12.38
CA LYS A 148 7.41 8.34 11.64
C LYS A 148 7.48 6.80 11.56
N LEU A 149 8.31 6.32 10.63
CA LEU A 149 8.53 4.89 10.36
C LEU A 149 9.07 4.18 11.62
N ALA A 150 8.14 3.60 12.40
CA ALA A 150 8.48 2.77 13.55
C ALA A 150 8.78 1.33 13.07
N PRO A 151 9.79 0.62 13.68
CA PRO A 151 10.28 -0.71 13.16
C PRO A 151 9.21 -1.83 13.17
N GLY A 152 8.08 -1.61 13.86
CA GLY A 152 6.95 -2.55 13.86
C GLY A 152 6.71 -3.16 15.22
N CYS A 153 5.51 -3.72 15.42
CA CYS A 153 5.06 -4.25 16.71
C CYS A 153 4.70 -5.75 16.63
N GLU A 154 4.14 -6.18 15.49
CA GLU A 154 3.78 -7.60 15.24
C GLU A 154 4.76 -8.24 14.28
N LYS A 155 4.94 -9.56 14.39
CA LYS A 155 5.84 -10.33 13.51
C LYS A 155 5.30 -10.36 12.06
N TYR A 156 6.22 -10.17 11.10
CA TYR A 156 5.95 -10.28 9.66
C TYR A 156 6.95 -11.28 9.04
N ASN A 157 6.43 -12.43 8.59
CA ASN A 157 7.22 -13.42 7.83
C ASN A 157 7.19 -13.06 6.33
N LEU A 158 8.33 -12.52 5.84
CA LEU A 158 8.51 -12.16 4.42
C LEU A 158 8.50 -13.41 3.54
N PHE A 159 9.32 -14.40 3.93
CA PHE A 159 9.34 -15.71 3.27
C PHE A 159 8.31 -16.63 3.96
N GLU A 160 7.10 -16.71 3.38
CA GLU A 160 6.00 -17.57 3.88
C GLU A 160 6.42 -19.05 3.83
N SER A 161 7.19 -19.41 2.80
CA SER A 161 7.93 -20.67 2.76
C SER A 161 9.02 -20.63 3.84
N SER A 162 8.79 -21.37 4.94
CA SER A 162 9.78 -21.57 5.99
C SER A 162 11.02 -22.27 5.39
N ILE A 163 12.12 -21.49 5.30
CA ILE A 163 13.33 -21.88 4.54
C ILE A 163 13.99 -23.15 5.17
N ARG A 164 13.55 -24.32 4.66
CA ARG A 164 13.97 -25.64 5.15
C ARG A 164 15.24 -26.12 4.40
N MET A 1 29.73 16.21 -4.52
CA MET A 1 30.18 17.48 -3.89
C MET A 1 29.02 18.25 -3.25
N GLY A 2 27.79 17.68 -3.30
CA GLY A 2 26.61 18.30 -2.73
C GLY A 2 25.37 17.44 -2.87
N HIS A 3 24.19 18.06 -2.65
CA HIS A 3 22.89 17.37 -2.67
C HIS A 3 22.46 17.03 -4.12
N HIS A 4 21.79 15.88 -4.28
CA HIS A 4 21.28 15.37 -5.58
C HIS A 4 19.74 15.23 -5.53
N HIS A 5 19.16 14.63 -6.60
CA HIS A 5 17.71 14.33 -6.66
C HIS A 5 17.48 13.02 -7.44
N HIS A 6 16.25 12.48 -7.33
CA HIS A 6 15.88 11.15 -7.86
C HIS A 6 15.06 11.27 -9.16
N HIS A 7 14.82 10.12 -9.81
CA HIS A 7 14.14 10.03 -11.13
C HIS A 7 12.61 10.16 -10.99
N HIS A 8 11.96 10.53 -12.10
CA HIS A 8 10.49 10.67 -12.21
C HIS A 8 10.10 10.73 -13.71
N SER A 9 9.16 9.87 -14.12
CA SER A 9 8.65 9.83 -15.50
C SER A 9 7.30 9.11 -15.56
N HIS A 10 6.38 9.64 -16.38
CA HIS A 10 5.09 9.01 -16.67
C HIS A 10 5.23 8.13 -17.92
N MET A 11 5.55 6.85 -17.68
CA MET A 11 5.80 5.84 -18.73
C MET A 11 5.26 4.48 -18.25
N ASN A 12 4.61 3.72 -19.15
CA ASN A 12 4.03 2.41 -18.83
C ASN A 12 5.11 1.30 -18.81
N PHE A 13 5.87 1.26 -17.70
CA PHE A 13 6.91 0.24 -17.45
C PHE A 13 6.23 -1.14 -17.20
N ASN A 14 7.03 -2.23 -17.29
CA ASN A 14 6.57 -3.65 -17.16
C ASN A 14 5.61 -3.83 -15.96
N THR A 15 4.30 -3.85 -16.26
CA THR A 15 3.25 -3.94 -15.23
C THR A 15 3.13 -5.39 -14.73
N ILE A 16 3.26 -5.51 -13.41
CA ILE A 16 3.10 -6.77 -12.68
C ILE A 16 1.61 -7.14 -12.58
N LEU A 17 0.79 -6.12 -12.25
CA LEU A 17 -0.64 -6.27 -11.99
C LEU A 17 -1.32 -4.89 -11.94
N GLU A 18 -2.48 -4.78 -12.60
CA GLU A 18 -3.35 -3.59 -12.55
C GLU A 18 -4.76 -4.02 -12.11
N GLU A 19 -5.37 -3.23 -11.20
CA GLU A 19 -6.68 -3.57 -10.60
C GLU A 19 -7.38 -2.31 -10.07
N ILE A 20 -8.72 -2.35 -10.04
CA ILE A 20 -9.57 -1.28 -9.49
C ILE A 20 -9.65 -1.42 -7.95
N LEU A 21 -8.81 -0.66 -7.25
CA LEU A 21 -8.73 -0.65 -5.78
C LEU A 21 -9.12 0.73 -5.23
N ILE A 22 -9.68 0.78 -4.02
CA ILE A 22 -10.04 2.05 -3.35
C ILE A 22 -8.93 2.47 -2.36
N LYS A 23 -8.55 3.74 -2.41
CA LYS A 23 -7.43 4.31 -1.65
C LYS A 23 -7.93 5.20 -0.50
N ARG A 24 -7.28 5.11 0.68
CA ARG A 24 -7.50 6.06 1.80
C ARG A 24 -6.59 7.30 1.61
N SER A 25 -7.16 8.50 1.80
CA SER A 25 -6.41 9.77 1.72
C SER A 25 -5.76 10.07 3.09
N GLN A 26 -4.42 9.99 3.14
CA GLN A 26 -3.66 10.20 4.39
C GLN A 26 -3.33 11.69 4.62
N GLN A 27 -3.06 12.07 5.89
CA GLN A 27 -2.75 13.47 6.28
C GLN A 27 -1.66 13.49 7.35
N LYS A 28 -0.77 14.51 7.28
CA LYS A 28 0.29 14.76 8.28
C LYS A 28 0.07 16.17 8.87
N LYS A 29 0.30 17.22 8.04
CA LYS A 29 0.03 18.63 8.43
C LYS A 29 -1.10 19.21 7.58
N LYS A 30 -0.99 19.08 6.24
CA LYS A 30 -2.10 19.38 5.32
C LYS A 30 -3.24 18.38 5.59
N THR A 31 -4.27 18.86 6.33
CA THR A 31 -5.37 18.02 6.80
C THR A 31 -6.30 17.58 5.64
N SER A 32 -5.87 16.48 5.00
CA SER A 32 -6.63 15.79 3.95
C SER A 32 -7.49 14.69 4.63
N PRO A 33 -8.86 14.84 4.66
CA PRO A 33 -9.75 13.86 5.35
C PRO A 33 -9.53 12.43 4.84
N LEU A 34 -9.67 11.44 5.75
CA LEU A 34 -9.49 10.00 5.42
C LEU A 34 -10.63 9.55 4.48
N ASN A 35 -10.46 9.90 3.20
CA ASN A 35 -11.47 9.74 2.14
C ASN A 35 -11.13 8.53 1.29
N TYR A 36 -12.17 7.76 0.93
CA TYR A 36 -12.05 6.57 0.11
C TYR A 36 -12.39 6.93 -1.33
N LYS A 37 -11.35 6.96 -2.18
CA LYS A 37 -11.45 7.38 -3.58
C LYS A 37 -10.93 6.23 -4.46
N GLU A 38 -11.71 5.84 -5.48
CA GLU A 38 -11.48 4.60 -6.24
C GLU A 38 -10.48 4.87 -7.36
N ARG A 39 -9.59 3.90 -7.63
CA ARG A 39 -8.44 4.09 -8.54
C ARG A 39 -8.15 2.81 -9.33
N LEU A 40 -7.44 3.00 -10.44
CA LEU A 40 -6.78 1.93 -11.19
C LEU A 40 -5.31 1.94 -10.74
N PHE A 41 -4.99 1.09 -9.74
CA PHE A 41 -3.62 0.91 -9.26
C PHE A 41 -2.87 0.02 -10.25
N VAL A 42 -1.88 0.61 -10.90
CA VAL A 42 -0.98 -0.08 -11.80
C VAL A 42 0.36 -0.27 -11.07
N LEU A 43 0.76 -1.53 -10.93
CA LEU A 43 2.00 -1.91 -10.28
C LEU A 43 3.00 -2.26 -11.38
N THR A 44 4.17 -1.65 -11.31
CA THR A 44 5.30 -1.98 -12.19
C THR A 44 6.45 -2.45 -11.28
N LYS A 45 7.48 -3.07 -11.88
CA LYS A 45 8.61 -3.67 -11.12
C LYS A 45 9.50 -2.60 -10.42
N SER A 46 9.19 -1.31 -10.65
CA SER A 46 9.93 -0.19 -10.05
C SER A 46 9.00 0.74 -9.24
N MET A 47 7.73 0.94 -9.70
CA MET A 47 6.79 1.93 -9.08
C MET A 47 5.33 1.42 -9.06
N LEU A 48 4.65 1.62 -7.92
CA LEU A 48 3.20 1.48 -7.77
C LEU A 48 2.58 2.88 -7.88
N THR A 49 1.81 3.12 -8.96
CA THR A 49 1.14 4.40 -9.22
C THR A 49 -0.35 4.14 -9.56
N TYR A 50 -1.23 5.02 -9.08
CA TYR A 50 -2.69 4.92 -9.27
C TYR A 50 -3.15 5.91 -10.35
N TYR A 51 -4.31 5.62 -10.96
CA TYR A 51 -4.83 6.40 -12.11
C TYR A 51 -6.36 6.60 -11.99
N GLU A 52 -6.82 7.80 -12.35
CA GLU A 52 -8.25 8.14 -12.44
C GLU A 52 -8.50 8.97 -13.71
N GLY A 53 -9.74 8.97 -14.21
CA GLY A 53 -10.08 9.63 -15.47
C GLY A 53 -10.30 11.15 -15.35
N ARG A 54 -9.47 11.84 -14.54
CA ARG A 54 -9.52 13.32 -14.38
C ARG A 54 -8.19 13.90 -14.94
N ALA A 55 -8.29 14.82 -15.91
CA ALA A 55 -7.13 15.46 -16.55
C ALA A 55 -6.84 16.83 -15.93
N GLU A 56 -7.74 17.82 -16.18
CA GLU A 56 -7.55 19.24 -15.77
C GLU A 56 -8.16 19.49 -14.35
N LYS A 57 -8.25 18.41 -13.55
CA LYS A 57 -8.47 18.52 -12.09
C LYS A 57 -7.13 18.45 -11.36
N LYS A 58 -6.08 17.94 -12.06
CA LYS A 58 -4.69 17.85 -11.55
C LYS A 58 -4.67 17.12 -10.19
N TYR A 59 -5.24 15.90 -10.18
CA TYR A 59 -5.41 15.07 -8.98
C TYR A 59 -4.04 14.67 -8.41
N ARG A 60 -3.92 14.65 -7.08
CA ARG A 60 -2.65 14.41 -6.37
C ARG A 60 -2.05 13.02 -6.72
N LYS A 61 -0.99 13.05 -7.53
CA LYS A 61 -0.32 11.86 -8.06
C LYS A 61 0.97 11.58 -7.30
N GLY A 62 0.81 10.83 -6.20
CA GLY A 62 1.93 10.22 -5.49
C GLY A 62 2.32 8.90 -6.13
N PHE A 63 3.37 8.29 -5.61
CA PHE A 63 3.94 7.05 -6.14
C PHE A 63 4.73 6.35 -5.03
N ILE A 64 4.77 5.02 -5.09
CA ILE A 64 5.51 4.21 -4.13
C ILE A 64 6.58 3.44 -4.90
N ASP A 65 7.84 3.72 -4.58
CA ASP A 65 8.99 3.01 -5.16
C ASP A 65 9.03 1.63 -4.52
N VAL A 66 9.00 0.58 -5.36
CA VAL A 66 9.10 -0.83 -4.89
C VAL A 66 10.45 -1.06 -4.16
N SER A 67 11.46 -0.26 -4.55
CA SER A 67 12.77 -0.17 -3.88
C SER A 67 12.60 0.25 -2.40
N LYS A 68 11.75 1.27 -2.19
CA LYS A 68 11.55 1.92 -0.88
C LYS A 68 10.63 1.12 0.06
N ILE A 69 9.87 0.14 -0.50
CA ILE A 69 8.91 -0.65 0.30
C ILE A 69 9.65 -1.55 1.30
N LYS A 70 9.38 -1.32 2.58
CA LYS A 70 10.01 -2.04 3.69
C LYS A 70 9.13 -3.22 4.16
N CYS A 71 7.82 -3.17 3.82
CA CYS A 71 6.84 -4.18 4.25
C CYS A 71 5.55 -4.05 3.43
N VAL A 72 5.00 -5.21 2.99
CA VAL A 72 3.62 -5.32 2.47
C VAL A 72 2.93 -6.47 3.20
N GLU A 73 1.84 -6.14 3.89
CA GLU A 73 1.06 -7.08 4.70
C GLU A 73 -0.36 -6.50 4.81
N ILE A 74 -1.35 -7.36 5.07
CA ILE A 74 -2.73 -6.93 5.24
C ILE A 74 -2.94 -6.31 6.62
N VAL A 75 -4.05 -5.60 6.76
CA VAL A 75 -4.43 -4.93 8.00
C VAL A 75 -5.57 -5.73 8.62
N LYS A 76 -5.28 -6.36 9.76
CA LYS A 76 -6.27 -7.05 10.57
C LYS A 76 -7.15 -5.98 11.25
N ASN A 77 -8.47 -6.07 11.03
CA ASN A 77 -9.45 -5.04 11.42
C ASN A 77 -9.42 -4.81 12.95
N ASP A 78 -8.79 -3.70 13.39
CA ASP A 78 -8.83 -3.29 14.81
C ASP A 78 -10.26 -2.79 15.10
N ASP A 79 -10.67 -1.77 14.34
CA ASP A 79 -12.08 -1.41 14.17
C ASP A 79 -12.66 -2.39 13.13
N GLY A 80 -13.64 -3.20 13.55
CA GLY A 80 -14.17 -4.30 12.74
C GLY A 80 -14.87 -3.85 11.47
N VAL A 81 -15.53 -2.69 11.53
CA VAL A 81 -16.34 -2.14 10.43
C VAL A 81 -15.44 -1.45 9.38
N ILE A 82 -15.44 -1.96 8.14
CA ILE A 82 -14.79 -1.28 7.01
C ILE A 82 -15.82 -0.30 6.36
N PRO A 83 -15.60 1.06 6.46
CA PRO A 83 -16.50 2.07 5.84
C PRO A 83 -16.20 2.30 4.34
N CYS A 84 -16.05 1.18 3.62
CA CYS A 84 -15.71 1.15 2.18
C CYS A 84 -16.33 -0.12 1.58
N GLN A 85 -16.86 -0.02 0.34
CA GLN A 85 -17.50 -1.18 -0.34
C GLN A 85 -16.46 -2.28 -0.64
N ASN A 86 -15.19 -1.88 -0.78
CA ASN A 86 -14.04 -2.80 -0.87
C ASN A 86 -13.60 -3.23 0.53
N LYS A 87 -13.14 -4.49 0.65
CA LYS A 87 -12.80 -5.09 1.95
C LYS A 87 -11.42 -5.78 1.85
N TYR A 88 -10.85 -6.14 3.03
CA TYR A 88 -9.48 -6.65 3.18
C TYR A 88 -8.47 -5.57 2.74
N PRO A 89 -8.28 -4.51 3.58
CA PRO A 89 -7.28 -3.46 3.31
C PRO A 89 -5.87 -4.00 3.52
N PHE A 90 -5.04 -3.96 2.47
CA PHE A 90 -3.61 -4.26 2.58
C PHE A 90 -2.85 -2.93 2.62
N GLN A 91 -1.81 -2.87 3.46
CA GLN A 91 -1.01 -1.67 3.67
C GLN A 91 0.36 -1.87 3.00
N VAL A 92 0.87 -0.80 2.41
CA VAL A 92 2.19 -0.77 1.78
C VAL A 92 3.05 0.20 2.58
N VAL A 93 3.89 -0.34 3.47
CA VAL A 93 4.80 0.45 4.31
C VAL A 93 6.09 0.69 3.54
N HIS A 94 6.48 1.96 3.40
CA HIS A 94 7.70 2.38 2.70
C HIS A 94 8.40 3.50 3.50
N ASP A 95 9.59 3.89 3.03
CA ASP A 95 10.53 4.81 3.73
C ASP A 95 9.92 6.19 4.04
N ALA A 96 8.96 6.64 3.20
CA ALA A 96 8.30 7.95 3.35
C ALA A 96 7.09 7.88 4.31
N ASN A 97 6.24 6.87 4.11
CA ASN A 97 4.94 6.73 4.82
C ASN A 97 4.36 5.31 4.60
N THR A 98 3.12 5.09 5.05
CA THR A 98 2.35 3.87 4.74
C THR A 98 1.07 4.26 3.98
N LEU A 99 0.66 3.45 2.98
CA LEU A 99 -0.56 3.69 2.20
C LEU A 99 -1.55 2.52 2.42
N TYR A 100 -2.82 2.86 2.72
CA TYR A 100 -3.88 1.88 3.00
C TYR A 100 -4.79 1.74 1.77
N ILE A 101 -4.72 0.55 1.14
CA ILE A 101 -5.41 0.23 -0.12
C ILE A 101 -6.41 -0.93 0.14
N PHE A 102 -7.63 -0.79 -0.40
CA PHE A 102 -8.75 -1.72 -0.18
C PHE A 102 -9.04 -2.48 -1.48
N ALA A 103 -9.01 -3.81 -1.43
CA ALA A 103 -9.26 -4.67 -2.61
C ALA A 103 -10.76 -5.00 -2.75
N PRO A 104 -11.29 -5.21 -4.01
CA PRO A 104 -12.71 -5.61 -4.22
C PRO A 104 -13.06 -6.94 -3.52
N SER A 105 -12.08 -7.85 -3.46
CA SER A 105 -12.23 -9.20 -2.88
C SER A 105 -10.90 -9.63 -2.21
N PRO A 106 -10.94 -10.59 -1.20
CA PRO A 106 -9.72 -11.18 -0.57
C PRO A 106 -8.81 -11.96 -1.55
N GLN A 107 -9.33 -12.23 -2.77
CA GLN A 107 -8.58 -12.99 -3.80
C GLN A 107 -7.65 -12.02 -4.55
N SER A 108 -8.18 -10.80 -4.81
CA SER A 108 -7.41 -9.67 -5.33
C SER A 108 -6.33 -9.24 -4.31
N ARG A 109 -6.77 -9.04 -3.04
CA ARG A 109 -5.90 -8.67 -1.90
C ARG A 109 -4.72 -9.65 -1.73
N ASP A 110 -5.01 -10.96 -1.82
CA ASP A 110 -4.01 -12.03 -1.65
C ASP A 110 -2.96 -11.95 -2.76
N LEU A 111 -3.44 -11.73 -3.99
CA LEU A 111 -2.60 -11.64 -5.19
C LEU A 111 -1.65 -10.43 -5.08
N TRP A 112 -2.20 -9.26 -4.68
CA TRP A 112 -1.41 -8.02 -4.48
C TRP A 112 -0.30 -8.19 -3.43
N VAL A 113 -0.62 -8.82 -2.28
CA VAL A 113 0.36 -9.07 -1.20
C VAL A 113 1.50 -9.98 -1.72
N LYS A 114 1.15 -10.98 -2.56
CA LYS A 114 2.12 -11.90 -3.20
C LYS A 114 3.03 -11.14 -4.18
N LYS A 115 2.42 -10.42 -5.14
CA LYS A 115 3.13 -9.69 -6.21
C LYS A 115 4.13 -8.68 -5.62
N LEU A 116 3.71 -7.98 -4.56
CA LEU A 116 4.51 -6.97 -3.88
C LEU A 116 5.67 -7.62 -3.07
N LYS A 117 5.35 -8.60 -2.18
CA LYS A 117 6.38 -9.24 -1.31
C LYS A 117 7.52 -9.89 -2.12
N GLU A 118 7.18 -10.51 -3.27
CA GLU A 118 8.14 -11.21 -4.14
C GLU A 118 9.10 -10.24 -4.86
N GLU A 119 8.71 -8.98 -4.99
CA GLU A 119 9.57 -7.92 -5.55
C GLU A 119 10.43 -7.29 -4.45
N ILE A 120 9.83 -7.05 -3.26
CA ILE A 120 10.48 -6.30 -2.17
C ILE A 120 11.41 -7.20 -1.33
N LYS A 121 11.37 -8.53 -1.55
CA LYS A 121 12.21 -9.48 -0.80
C LYS A 121 13.70 -9.38 -1.20
N ASN A 122 13.94 -8.67 -2.31
CA ASN A 122 15.29 -8.36 -2.80
C ASN A 122 15.84 -7.08 -2.13
N ASN A 123 14.97 -6.32 -1.41
CA ASN A 123 15.36 -5.08 -0.71
C ASN A 123 16.15 -5.40 0.57
N ASN A 124 17.16 -4.57 0.84
CA ASN A 124 17.96 -4.61 2.09
C ASN A 124 17.33 -3.71 3.19
N ASN A 125 16.20 -3.04 2.84
CA ASN A 125 15.50 -2.08 3.73
C ASN A 125 14.22 -2.69 4.32
N ILE A 126 14.11 -4.05 4.30
CA ILE A 126 12.92 -4.75 4.81
C ILE A 126 12.89 -4.67 6.35
N MET A 127 11.86 -4.00 6.89
CA MET A 127 11.67 -3.85 8.33
C MET A 127 11.17 -5.20 8.90
N ILE A 128 11.96 -5.76 9.84
CA ILE A 128 11.70 -7.06 10.51
C ILE A 128 10.36 -7.02 11.28
N LYS A 129 9.94 -5.79 11.67
CA LYS A 129 8.69 -5.52 12.42
C LYS A 129 7.82 -4.55 11.62
N TYR A 130 6.49 -4.71 11.71
CA TYR A 130 5.49 -3.80 11.14
C TYR A 130 4.36 -3.59 12.17
N HIS A 131 3.41 -2.70 11.84
CA HIS A 131 2.17 -2.50 12.62
C HIS A 131 0.99 -3.18 11.90
N PRO A 132 0.32 -4.18 12.52
CA PRO A 132 -0.77 -4.97 11.87
C PRO A 132 -2.10 -4.21 11.75
N LYS A 133 -2.18 -3.01 12.36
CA LYS A 133 -3.43 -2.21 12.45
C LYS A 133 -3.28 -0.87 11.69
N PHE A 134 -4.33 -0.02 11.78
CA PHE A 134 -4.43 1.25 11.04
C PHE A 134 -3.63 2.38 11.73
N TRP A 135 -2.80 3.08 10.93
CA TRP A 135 -2.11 4.31 11.36
C TRP A 135 -3.07 5.49 11.34
N THR A 136 -3.56 5.85 12.51
CA THR A 136 -4.40 7.02 12.75
C THR A 136 -3.98 7.60 14.11
N ASP A 137 -3.63 8.90 14.13
CA ASP A 137 -3.02 9.57 15.29
C ASP A 137 -3.94 9.54 16.53
N GLY A 138 -3.41 8.95 17.63
CA GLY A 138 -4.14 8.83 18.89
C GLY A 138 -5.40 8.01 18.78
N SER A 139 -5.27 6.77 18.32
CA SER A 139 -6.41 5.91 17.99
C SER A 139 -6.18 4.45 18.41
N TYR A 140 -7.28 3.68 18.41
CA TYR A 140 -7.27 2.24 18.71
C TYR A 140 -6.49 1.48 17.61
N GLN A 141 -5.30 0.99 17.96
CA GLN A 141 -4.48 0.14 17.09
C GLN A 141 -3.66 -0.84 17.95
N CYS A 142 -2.62 -1.44 17.33
CA CYS A 142 -1.75 -2.46 17.95
C CYS A 142 -1.01 -1.94 19.20
N CYS A 143 0.01 -1.10 18.99
CA CYS A 143 0.88 -0.58 20.07
C CYS A 143 0.38 0.76 20.63
N ARG A 144 -0.57 1.39 19.90
CA ARG A 144 -1.10 2.76 20.18
C ARG A 144 0.04 3.82 20.09
N GLN A 145 1.07 3.52 19.28
CA GLN A 145 2.19 4.44 19.00
C GLN A 145 1.81 5.33 17.79
N THR A 146 1.44 4.66 16.66
CA THR A 146 1.02 5.27 15.37
C THR A 146 1.96 6.43 14.91
N GLU A 147 3.24 6.31 15.31
CA GLU A 147 4.30 7.30 15.01
C GLU A 147 4.66 7.23 13.52
N LYS A 148 5.12 8.38 13.00
CA LYS A 148 5.34 8.63 11.56
C LYS A 148 6.07 7.49 10.82
N LEU A 149 7.14 7.02 11.44
CA LEU A 149 8.01 5.94 10.90
C LEU A 149 8.36 4.93 12.02
N ALA A 150 7.37 4.64 12.90
CA ALA A 150 7.54 3.72 14.04
C ALA A 150 8.06 2.33 13.55
N PRO A 151 9.20 1.81 14.14
CA PRO A 151 9.91 0.58 13.66
C PRO A 151 9.03 -0.68 13.58
N GLY A 152 7.93 -0.67 14.32
CA GLY A 152 6.97 -1.77 14.36
C GLY A 152 6.69 -2.19 15.79
N CYS A 153 5.83 -3.20 15.94
CA CYS A 153 5.53 -3.81 17.25
C CYS A 153 5.39 -5.34 17.09
N GLU A 154 4.87 -5.77 15.93
CA GLU A 154 4.71 -7.18 15.57
C GLU A 154 5.72 -7.56 14.48
N LYS A 155 6.26 -8.79 14.52
CA LYS A 155 7.22 -9.26 13.51
C LYS A 155 6.52 -9.48 12.15
N TYR A 156 7.12 -8.89 11.10
CA TYR A 156 6.72 -9.10 9.71
C TYR A 156 7.37 -10.40 9.21
N ASN A 157 6.54 -11.31 8.67
CA ASN A 157 6.99 -12.57 8.09
C ASN A 157 7.02 -12.47 6.56
N LEU A 158 8.19 -12.07 6.04
CA LEU A 158 8.51 -12.07 4.61
C LEU A 158 8.99 -13.48 4.21
N PHE A 159 9.81 -14.06 5.09
CA PHE A 159 10.22 -15.47 5.02
C PHE A 159 9.96 -16.10 6.39
N GLU A 160 8.71 -16.54 6.61
CA GLU A 160 8.29 -17.21 7.85
C GLU A 160 9.04 -18.55 7.99
N SER A 161 9.97 -18.59 8.95
CA SER A 161 10.83 -19.75 9.19
C SER A 161 10.09 -20.80 10.04
N SER A 162 9.35 -21.68 9.35
CA SER A 162 8.60 -22.77 9.99
C SER A 162 9.57 -23.82 10.56
N ILE A 163 9.85 -23.70 11.87
CA ILE A 163 10.83 -24.57 12.57
C ILE A 163 10.23 -25.97 12.75
N ARG A 164 10.72 -26.92 11.93
CA ARG A 164 10.29 -28.33 11.96
C ARG A 164 11.18 -29.12 12.95
N MET A 1 37.12 -0.66 -28.09
CA MET A 1 38.01 -1.81 -28.34
C MET A 1 37.27 -2.98 -29.05
N GLY A 2 35.92 -3.05 -28.91
CA GLY A 2 35.14 -4.13 -29.52
C GLY A 2 33.72 -4.22 -28.99
N HIS A 3 33.07 -3.06 -28.78
CA HIS A 3 31.65 -2.98 -28.39
C HIS A 3 31.10 -1.57 -28.73
N HIS A 4 30.25 -1.50 -29.76
CA HIS A 4 29.59 -0.27 -30.20
C HIS A 4 28.52 0.13 -29.17
N HIS A 5 28.41 1.45 -28.89
CA HIS A 5 27.41 2.00 -27.96
C HIS A 5 26.00 1.78 -28.51
N HIS A 6 25.35 0.70 -28.04
CA HIS A 6 24.02 0.26 -28.53
C HIS A 6 22.93 1.22 -28.01
N HIS A 7 21.93 1.51 -28.86
CA HIS A 7 20.77 2.33 -28.47
C HIS A 7 19.69 1.44 -27.83
N HIS A 8 19.21 1.82 -26.63
CA HIS A 8 18.13 1.07 -25.94
C HIS A 8 16.78 1.39 -26.59
N SER A 9 15.96 0.35 -26.79
CA SER A 9 14.63 0.48 -27.37
C SER A 9 13.64 0.92 -26.29
N HIS A 10 12.88 2.01 -26.56
CA HIS A 10 11.73 2.40 -25.73
C HIS A 10 10.61 1.39 -26.00
N MET A 11 10.65 0.29 -25.23
CA MET A 11 9.67 -0.80 -25.30
C MET A 11 8.69 -0.65 -24.10
N ASN A 12 7.41 -1.04 -24.34
CA ASN A 12 6.33 -0.90 -23.34
C ASN A 12 6.66 -1.66 -22.03
N PHE A 13 6.88 -0.88 -20.95
CA PHE A 13 7.20 -1.42 -19.61
C PHE A 13 6.01 -2.21 -19.05
N ASN A 14 6.23 -3.52 -18.84
CA ASN A 14 5.18 -4.48 -18.51
C ASN A 14 4.77 -4.42 -17.03
N THR A 15 3.48 -4.67 -16.80
CA THR A 15 2.87 -4.78 -15.48
C THR A 15 3.16 -6.18 -14.86
N ILE A 16 2.83 -6.28 -13.58
CA ILE A 16 2.99 -7.49 -12.75
C ILE A 16 1.58 -7.89 -12.26
N LEU A 17 0.80 -6.86 -11.89
CA LEU A 17 -0.56 -7.00 -11.35
C LEU A 17 -1.23 -5.62 -11.32
N GLU A 18 -2.51 -5.56 -11.75
CA GLU A 18 -3.30 -4.31 -11.80
C GLU A 18 -4.76 -4.59 -11.38
N GLU A 19 -5.35 -3.62 -10.67
CA GLU A 19 -6.71 -3.75 -10.12
C GLU A 19 -7.26 -2.37 -9.71
N ILE A 20 -8.60 -2.25 -9.70
CA ILE A 20 -9.31 -1.10 -9.15
C ILE A 20 -9.30 -1.21 -7.61
N LEU A 21 -8.37 -0.48 -6.99
CA LEU A 21 -8.19 -0.45 -5.54
C LEU A 21 -8.59 0.94 -5.01
N ILE A 22 -9.15 0.97 -3.79
CA ILE A 22 -9.56 2.22 -3.14
C ILE A 22 -8.51 2.57 -2.07
N LYS A 23 -7.80 3.68 -2.30
CA LYS A 23 -6.72 4.15 -1.44
C LYS A 23 -7.29 5.07 -0.36
N ARG A 24 -6.74 5.00 0.86
CA ARG A 24 -6.97 6.02 1.89
C ARG A 24 -6.00 7.18 1.63
N SER A 25 -6.52 8.40 1.69
CA SER A 25 -5.77 9.62 1.46
C SER A 25 -4.93 9.97 2.70
N GLN A 26 -3.71 10.48 2.45
CA GLN A 26 -2.78 10.91 3.49
C GLN A 26 -3.15 12.36 3.88
N GLN A 27 -4.02 12.49 4.92
CA GLN A 27 -4.67 13.75 5.32
C GLN A 27 -4.53 14.00 6.84
N LYS A 28 -3.45 13.48 7.45
CA LYS A 28 -3.21 13.62 8.90
C LYS A 28 -2.62 15.00 9.22
N LYS A 29 -1.59 15.39 8.43
CA LYS A 29 -0.86 16.66 8.63
C LYS A 29 -1.69 17.88 8.19
N LYS A 30 -2.67 17.64 7.31
CA LYS A 30 -3.74 18.61 6.98
C LYS A 30 -5.07 18.00 7.40
N THR A 31 -5.53 18.34 8.62
CA THR A 31 -6.71 17.74 9.26
C THR A 31 -7.95 17.78 8.33
N SER A 32 -8.37 16.60 7.93
CA SER A 32 -9.48 16.39 7.00
C SER A 32 -10.10 15.03 7.32
N PRO A 33 -11.42 14.81 7.05
CA PRO A 33 -12.03 13.46 7.16
C PRO A 33 -11.29 12.41 6.28
N LEU A 34 -11.16 11.16 6.79
CA LEU A 34 -10.53 10.03 6.06
C LEU A 34 -11.20 9.85 4.69
N ASN A 35 -10.58 10.43 3.65
CA ASN A 35 -11.08 10.33 2.29
C ASN A 35 -10.59 9.02 1.65
N TYR A 36 -11.53 8.27 1.08
CA TYR A 36 -11.25 7.03 0.35
C TYR A 36 -11.45 7.32 -1.14
N LYS A 37 -10.53 6.84 -1.97
CA LYS A 37 -10.39 7.29 -3.35
C LYS A 37 -10.14 6.10 -4.29
N GLU A 38 -11.09 5.85 -5.19
CA GLU A 38 -11.11 4.68 -6.08
C GLU A 38 -10.24 4.97 -7.32
N ARG A 39 -9.22 4.14 -7.56
CA ARG A 39 -8.16 4.39 -8.58
C ARG A 39 -7.70 3.06 -9.19
N LEU A 40 -7.07 3.16 -10.39
CA LEU A 40 -6.54 1.98 -11.12
C LEU A 40 -5.06 1.80 -10.77
N PHE A 41 -4.79 0.98 -9.76
CA PHE A 41 -3.41 0.67 -9.32
C PHE A 41 -2.79 -0.35 -10.26
N VAL A 42 -1.72 0.06 -10.96
CA VAL A 42 -0.93 -0.79 -11.83
C VAL A 42 0.49 -0.87 -11.24
N LEU A 43 0.95 -2.10 -11.00
CA LEU A 43 2.28 -2.39 -10.47
C LEU A 43 3.15 -2.85 -11.65
N THR A 44 4.04 -1.97 -12.09
CA THR A 44 5.06 -2.29 -13.10
C THR A 44 6.33 -2.77 -12.39
N LYS A 45 7.28 -3.30 -13.17
CA LYS A 45 8.58 -3.75 -12.64
C LYS A 45 9.49 -2.57 -12.21
N SER A 46 9.03 -1.32 -12.41
CA SER A 46 9.79 -0.12 -12.03
C SER A 46 9.14 0.58 -10.82
N MET A 47 7.79 0.74 -10.84
CA MET A 47 7.02 1.44 -9.75
C MET A 47 5.58 0.89 -9.63
N LEU A 48 4.94 1.26 -8.51
CA LEU A 48 3.50 1.12 -8.29
C LEU A 48 2.86 2.52 -8.42
N THR A 49 1.98 2.70 -9.42
CA THR A 49 1.32 4.00 -9.67
C THR A 49 -0.16 3.77 -10.00
N TYR A 50 -1.03 4.72 -9.57
CA TYR A 50 -2.48 4.66 -9.78
C TYR A 50 -2.94 5.73 -10.80
N TYR A 51 -3.98 5.37 -11.56
CA TYR A 51 -4.56 6.20 -12.63
C TYR A 51 -5.94 6.71 -12.20
N GLU A 52 -6.13 8.04 -12.33
CA GLU A 52 -7.38 8.74 -11.92
C GLU A 52 -8.24 9.14 -13.13
N GLY A 53 -9.55 9.26 -12.88
CA GLY A 53 -10.50 9.84 -13.82
C GLY A 53 -11.25 10.96 -13.15
N ARG A 54 -10.50 12.01 -12.77
CA ARG A 54 -11.03 13.15 -12.01
C ARG A 54 -11.63 14.20 -12.98
N ALA A 55 -12.92 14.54 -12.76
CA ALA A 55 -13.68 15.46 -13.62
C ALA A 55 -13.25 16.92 -13.38
N GLU A 56 -12.18 17.32 -14.09
CA GLU A 56 -11.60 18.69 -14.11
C GLU A 56 -11.37 19.26 -12.70
N LYS A 57 -10.55 18.56 -11.93
CA LYS A 57 -10.03 19.02 -10.63
C LYS A 57 -8.58 18.62 -10.54
N LYS A 58 -7.72 19.52 -10.02
CA LYS A 58 -6.26 19.31 -9.96
C LYS A 58 -5.93 18.20 -8.95
N TYR A 59 -6.07 16.95 -9.40
CA TYR A 59 -5.78 15.78 -8.59
C TYR A 59 -4.27 15.61 -8.50
N ARG A 60 -3.72 15.62 -7.28
CA ARG A 60 -2.31 15.32 -7.06
C ARG A 60 -2.13 13.81 -6.94
N LYS A 61 -1.58 13.20 -8.00
CA LYS A 61 -1.24 11.77 -7.99
C LYS A 61 0.19 11.62 -7.45
N GLY A 62 0.35 10.67 -6.54
CA GLY A 62 1.66 10.23 -6.09
C GLY A 62 2.01 8.90 -6.73
N PHE A 63 3.05 8.29 -6.19
CA PHE A 63 3.57 7.00 -6.66
C PHE A 63 4.41 6.38 -5.55
N ILE A 64 4.56 5.06 -5.58
CA ILE A 64 5.39 4.32 -4.63
C ILE A 64 6.50 3.60 -5.42
N ASP A 65 7.74 4.00 -5.17
CA ASP A 65 8.92 3.33 -5.70
C ASP A 65 9.11 2.04 -4.88
N VAL A 66 9.39 0.92 -5.59
CA VAL A 66 9.46 -0.43 -5.00
C VAL A 66 10.64 -0.55 -3.99
N SER A 67 11.71 0.22 -4.24
CA SER A 67 12.91 0.24 -3.38
C SER A 67 12.66 1.07 -2.10
N LYS A 68 11.66 1.99 -2.14
CA LYS A 68 11.31 2.84 -0.97
C LYS A 68 10.37 2.11 0.01
N ILE A 69 9.86 0.94 -0.39
CA ILE A 69 8.99 0.11 0.46
C ILE A 69 9.82 -0.62 1.53
N LYS A 70 9.23 -0.75 2.73
CA LYS A 70 9.86 -1.41 3.88
C LYS A 70 9.11 -2.71 4.24
N CYS A 71 7.81 -2.77 3.90
CA CYS A 71 6.96 -3.93 4.19
C CYS A 71 5.55 -3.76 3.60
N VAL A 72 5.02 -4.83 2.95
CA VAL A 72 3.63 -4.89 2.45
C VAL A 72 2.97 -6.13 3.03
N GLU A 73 1.87 -5.94 3.77
CA GLU A 73 1.13 -7.04 4.40
C GLU A 73 -0.31 -6.62 4.70
N ILE A 74 -1.13 -7.59 5.09
CA ILE A 74 -2.54 -7.41 5.43
C ILE A 74 -2.75 -6.38 6.56
N VAL A 75 -3.95 -5.80 6.60
CA VAL A 75 -4.39 -4.95 7.71
C VAL A 75 -5.54 -5.67 8.41
N LYS A 76 -5.33 -6.04 9.68
CA LYS A 76 -6.37 -6.59 10.54
C LYS A 76 -7.31 -5.43 10.88
N ASN A 77 -8.40 -5.33 10.11
CA ASN A 77 -9.35 -4.23 10.19
C ASN A 77 -10.38 -4.49 11.28
N ASP A 78 -11.15 -3.45 11.61
CA ASP A 78 -12.27 -3.55 12.53
C ASP A 78 -13.41 -4.33 11.87
N ASP A 79 -13.72 -5.51 12.42
CA ASP A 79 -14.70 -6.46 11.86
C ASP A 79 -16.11 -5.84 11.84
N GLY A 80 -16.63 -5.58 10.63
CA GLY A 80 -17.95 -4.96 10.44
C GLY A 80 -17.86 -3.47 10.15
N VAL A 81 -16.68 -2.85 10.43
CA VAL A 81 -16.43 -1.42 10.19
C VAL A 81 -15.44 -1.25 9.01
N ILE A 82 -16.02 -1.18 7.79
CA ILE A 82 -15.29 -0.84 6.56
C ILE A 82 -16.11 0.24 5.81
N PRO A 83 -15.68 1.54 5.87
CA PRO A 83 -16.32 2.65 5.10
C PRO A 83 -15.82 2.66 3.63
N CYS A 84 -16.00 1.52 2.96
CA CYS A 84 -15.52 1.25 1.59
C CYS A 84 -16.21 -0.03 1.06
N GLN A 85 -16.43 -0.09 -0.25
CA GLN A 85 -17.05 -1.28 -0.92
C GLN A 85 -16.03 -2.43 -0.99
N ASN A 86 -14.74 -2.04 -1.10
CA ASN A 86 -13.60 -2.97 -1.06
C ASN A 86 -13.22 -3.22 0.41
N LYS A 87 -13.07 -4.49 0.78
CA LYS A 87 -12.86 -4.93 2.17
C LYS A 87 -11.81 -6.03 2.23
N TYR A 88 -11.21 -6.19 3.44
CA TYR A 88 -9.90 -6.81 3.64
C TYR A 88 -8.82 -5.97 2.92
N PRO A 89 -8.33 -4.87 3.57
CA PRO A 89 -7.26 -4.04 3.00
C PRO A 89 -5.86 -4.63 3.27
N PHE A 90 -4.90 -4.18 2.46
CA PHE A 90 -3.47 -4.38 2.70
C PHE A 90 -2.83 -3.00 2.83
N GLN A 91 -1.62 -2.96 3.36
CA GLN A 91 -0.87 -1.71 3.60
C GLN A 91 0.51 -1.81 2.99
N VAL A 92 1.01 -0.67 2.51
CA VAL A 92 2.34 -0.53 1.97
C VAL A 92 3.05 0.50 2.85
N VAL A 93 3.87 0.02 3.79
CA VAL A 93 4.69 0.87 4.64
C VAL A 93 5.94 1.25 3.84
N HIS A 94 5.92 2.44 3.26
CA HIS A 94 7.06 3.01 2.51
C HIS A 94 7.66 4.17 3.33
N ASP A 95 8.88 4.62 2.96
CA ASP A 95 9.68 5.58 3.74
C ASP A 95 8.99 6.94 3.96
N ALA A 96 7.99 7.25 3.12
CA ALA A 96 7.16 8.46 3.28
C ALA A 96 6.12 8.28 4.40
N ASN A 97 5.37 7.15 4.34
CA ASN A 97 4.27 6.86 5.31
C ASN A 97 3.73 5.43 5.12
N THR A 98 2.90 4.99 6.09
CA THR A 98 2.13 3.74 5.99
C THR A 98 0.81 4.02 5.22
N LEU A 99 0.76 3.58 3.96
CA LEU A 99 -0.41 3.78 3.09
C LEU A 99 -1.37 2.58 3.21
N TYR A 100 -2.68 2.85 3.31
CA TYR A 100 -3.72 1.79 3.40
C TYR A 100 -4.50 1.72 2.09
N ILE A 101 -4.52 0.53 1.47
CA ILE A 101 -5.15 0.28 0.17
C ILE A 101 -6.15 -0.89 0.28
N PHE A 102 -7.43 -0.58 0.09
CA PHE A 102 -8.55 -1.55 0.16
C PHE A 102 -8.70 -2.29 -1.17
N ALA A 103 -8.56 -3.62 -1.13
CA ALA A 103 -8.68 -4.50 -2.31
C ALA A 103 -10.11 -5.09 -2.38
N PRO A 104 -10.67 -5.33 -3.62
CA PRO A 104 -12.09 -5.74 -3.81
C PRO A 104 -12.41 -7.13 -3.24
N SER A 105 -11.39 -7.97 -3.13
CA SER A 105 -11.52 -9.35 -2.65
C SER A 105 -10.31 -9.72 -1.77
N PRO A 106 -10.50 -10.46 -0.62
CA PRO A 106 -9.37 -11.02 0.19
C PRO A 106 -8.49 -12.01 -0.60
N GLN A 107 -8.97 -12.47 -1.78
CA GLN A 107 -8.23 -13.41 -2.64
C GLN A 107 -7.27 -12.61 -3.53
N SER A 108 -7.80 -11.50 -4.10
CA SER A 108 -7.04 -10.55 -4.92
C SER A 108 -6.02 -9.79 -4.04
N ARG A 109 -6.43 -9.51 -2.78
CA ARG A 109 -5.63 -8.78 -1.78
C ARG A 109 -4.39 -9.61 -1.43
N ASP A 110 -4.61 -10.93 -1.27
CA ASP A 110 -3.55 -11.89 -0.95
C ASP A 110 -2.49 -11.93 -2.05
N LEU A 111 -2.95 -11.78 -3.31
CA LEU A 111 -2.09 -11.79 -4.49
C LEU A 111 -1.26 -10.49 -4.56
N TRP A 112 -1.90 -9.34 -4.19
CA TRP A 112 -1.22 -8.03 -4.11
C TRP A 112 -0.11 -8.04 -3.05
N VAL A 113 -0.44 -8.53 -1.84
CA VAL A 113 0.51 -8.64 -0.71
C VAL A 113 1.71 -9.50 -1.13
N LYS A 114 1.40 -10.68 -1.71
CA LYS A 114 2.39 -11.67 -2.14
C LYS A 114 3.37 -11.09 -3.17
N LYS A 115 2.82 -10.53 -4.28
CA LYS A 115 3.61 -10.03 -5.41
C LYS A 115 4.50 -8.85 -5.01
N LEU A 116 3.95 -7.94 -4.19
CA LEU A 116 4.70 -6.80 -3.66
C LEU A 116 5.88 -7.26 -2.79
N LYS A 117 5.64 -8.28 -1.91
CA LYS A 117 6.71 -8.94 -1.13
C LYS A 117 7.76 -9.63 -2.03
N GLU A 118 7.28 -10.24 -3.13
CA GLU A 118 8.15 -10.90 -4.13
C GLU A 118 9.11 -9.90 -4.80
N GLU A 119 8.64 -8.65 -4.97
CA GLU A 119 9.45 -7.56 -5.52
C GLU A 119 10.44 -7.03 -4.47
N ILE A 120 9.92 -6.75 -3.26
CA ILE A 120 10.67 -6.07 -2.21
C ILE A 120 11.51 -7.05 -1.36
N LYS A 121 11.50 -8.36 -1.68
CA LYS A 121 12.39 -9.32 -0.96
C LYS A 121 13.86 -9.13 -1.39
N ASN A 122 14.08 -8.38 -2.49
CA ASN A 122 15.44 -7.97 -2.93
C ASN A 122 15.84 -6.62 -2.32
N ASN A 123 14.88 -5.96 -1.65
CA ASN A 123 15.05 -4.62 -1.02
C ASN A 123 15.74 -4.76 0.35
N ASN A 124 16.66 -3.84 0.67
CA ASN A 124 17.45 -3.88 1.94
C ASN A 124 16.81 -3.00 3.04
N ASN A 125 15.58 -2.49 2.80
CA ASN A 125 14.86 -1.60 3.74
C ASN A 125 13.75 -2.36 4.47
N ILE A 126 13.77 -3.71 4.37
CA ILE A 126 12.65 -4.54 4.85
C ILE A 126 12.69 -4.70 6.37
N MET A 127 11.60 -4.26 7.02
CA MET A 127 11.35 -4.48 8.44
C MET A 127 10.58 -5.80 8.57
N ILE A 128 11.16 -6.76 9.29
CA ILE A 128 10.57 -8.10 9.53
C ILE A 128 9.44 -8.02 10.60
N LYS A 129 9.20 -6.80 11.11
CA LYS A 129 8.08 -6.48 12.02
C LYS A 129 7.29 -5.31 11.39
N TYR A 130 5.97 -5.31 11.58
CA TYR A 130 5.05 -4.27 11.05
C TYR A 130 3.89 -4.03 12.03
N HIS A 131 3.05 -3.04 11.71
CA HIS A 131 1.87 -2.68 12.52
C HIS A 131 0.60 -3.08 11.72
N PRO A 132 -0.20 -4.09 12.18
CA PRO A 132 -1.33 -4.64 11.40
C PRO A 132 -2.64 -3.84 11.54
N LYS A 133 -2.60 -2.73 12.29
CA LYS A 133 -3.78 -1.90 12.56
C LYS A 133 -3.70 -0.56 11.81
N PHE A 134 -4.75 0.27 11.99
CA PHE A 134 -4.86 1.58 11.31
C PHE A 134 -4.22 2.67 12.18
N TRP A 135 -3.31 3.43 11.56
CA TRP A 135 -2.64 4.58 12.19
C TRP A 135 -3.59 5.78 12.28
N THR A 136 -4.54 5.67 13.21
CA THR A 136 -5.52 6.73 13.53
C THR A 136 -5.22 7.20 14.96
N ASP A 137 -4.89 8.48 15.12
CA ASP A 137 -4.32 9.01 16.38
C ASP A 137 -5.31 8.86 17.54
N GLY A 138 -4.92 8.08 18.56
CA GLY A 138 -5.75 7.85 19.75
C GLY A 138 -6.78 6.73 19.56
N SER A 139 -6.57 5.87 18.54
CA SER A 139 -7.43 4.70 18.28
C SER A 139 -6.94 3.49 19.10
N TYR A 140 -7.77 2.45 19.15
CA TYR A 140 -7.36 1.13 19.65
C TYR A 140 -6.49 0.48 18.56
N GLN A 141 -5.21 0.87 18.54
CA GLN A 141 -4.24 0.41 17.55
C GLN A 141 -3.48 -0.82 18.08
N CYS A 142 -2.39 -1.17 17.39
CA CYS A 142 -1.47 -2.22 17.79
C CYS A 142 -0.66 -1.78 19.03
N CYS A 143 0.34 -0.89 18.84
CA CYS A 143 1.12 -0.29 19.93
C CYS A 143 0.90 1.23 19.99
N ARG A 144 0.01 1.74 19.08
CA ARG A 144 -0.43 3.15 19.01
C ARG A 144 0.71 4.09 18.56
N GLN A 145 1.83 3.51 18.07
CA GLN A 145 3.02 4.26 17.62
C GLN A 145 2.82 4.73 16.17
N THR A 146 2.02 5.79 16.03
CA THR A 146 1.70 6.41 14.74
C THR A 146 2.49 7.73 14.56
N GLU A 147 3.26 8.11 15.60
CA GLU A 147 4.10 9.32 15.61
C GLU A 147 5.24 9.22 14.56
N LYS A 148 5.67 7.99 14.27
CA LYS A 148 6.80 7.72 13.37
C LYS A 148 6.63 6.33 12.75
N LEU A 149 7.36 6.08 11.65
CA LEU A 149 7.54 4.75 11.07
C LEU A 149 8.31 3.86 12.06
N ALA A 150 7.59 3.36 13.06
CA ALA A 150 8.15 2.50 14.09
C ALA A 150 8.55 1.14 13.47
N PRO A 151 9.64 0.47 13.97
CA PRO A 151 10.18 -0.78 13.36
C PRO A 151 9.20 -1.99 13.41
N GLY A 152 8.02 -1.79 14.03
CA GLY A 152 6.94 -2.77 14.03
C GLY A 152 6.75 -3.43 15.39
N CYS A 153 5.51 -3.76 15.72
CA CYS A 153 5.16 -4.48 16.96
C CYS A 153 4.95 -5.97 16.67
N GLU A 154 4.21 -6.23 15.59
CA GLU A 154 3.76 -7.56 15.20
C GLU A 154 4.67 -8.17 14.13
N LYS A 155 4.51 -9.46 13.93
CA LYS A 155 5.44 -10.28 13.15
C LYS A 155 5.08 -10.25 11.66
N TYR A 156 5.95 -9.64 10.86
CA TYR A 156 5.80 -9.55 9.40
C TYR A 156 6.54 -10.72 8.75
N ASN A 157 5.84 -11.48 7.90
CA ASN A 157 6.44 -12.63 7.19
C ASN A 157 6.65 -12.32 5.69
N LEU A 158 7.83 -11.75 5.38
CA LEU A 158 8.27 -11.45 3.99
C LEU A 158 8.29 -12.72 3.11
N PHE A 159 9.03 -13.74 3.61
CA PHE A 159 9.22 -15.02 2.91
C PHE A 159 8.19 -16.08 3.38
N GLU A 160 7.11 -15.60 4.07
CA GLU A 160 6.01 -16.45 4.61
C GLU A 160 6.47 -17.23 5.86
N SER A 161 7.49 -18.06 5.71
CA SER A 161 8.06 -18.87 6.78
C SER A 161 9.56 -18.54 6.92
N SER A 162 9.96 -18.05 8.10
CA SER A 162 11.34 -17.59 8.37
C SER A 162 12.31 -18.78 8.51
N ILE A 163 13.32 -18.80 7.61
CA ILE A 163 14.39 -19.81 7.57
C ILE A 163 15.39 -19.58 8.72
N ARG A 164 15.79 -20.66 9.40
CA ARG A 164 16.79 -20.62 10.48
C ARG A 164 18.19 -20.70 9.83
N MET A 1 -14.44 20.19 -26.96
CA MET A 1 -13.21 21.01 -27.01
C MET A 1 -11.98 20.11 -27.20
N GLY A 2 -11.00 20.58 -27.99
CA GLY A 2 -9.76 19.86 -28.23
C GLY A 2 -9.85 18.88 -29.39
N HIS A 3 -10.32 19.35 -30.57
CA HIS A 3 -10.54 18.49 -31.75
C HIS A 3 -9.26 18.32 -32.62
N HIS A 4 -8.09 18.31 -31.95
CA HIS A 4 -6.79 17.99 -32.58
C HIS A 4 -5.91 17.24 -31.57
N HIS A 5 -6.56 16.53 -30.62
CA HIS A 5 -5.88 15.80 -29.53
C HIS A 5 -4.84 14.81 -30.11
N HIS A 6 -3.55 15.00 -29.76
CA HIS A 6 -2.44 14.18 -30.29
C HIS A 6 -2.66 12.72 -29.88
N HIS A 7 -2.58 11.82 -30.89
CA HIS A 7 -2.73 10.38 -30.69
C HIS A 7 -1.65 9.89 -29.70
N HIS A 8 -2.11 9.37 -28.56
CA HIS A 8 -1.24 8.83 -27.50
C HIS A 8 -0.40 7.65 -28.03
N SER A 9 0.82 7.47 -27.48
CA SER A 9 1.65 6.29 -27.77
C SER A 9 0.91 5.02 -27.33
N HIS A 10 1.24 3.88 -27.96
CA HIS A 10 0.71 2.57 -27.54
C HIS A 10 1.56 2.01 -26.36
N MET A 11 2.20 2.94 -25.60
CA MET A 11 2.77 2.63 -24.29
C MET A 11 1.62 2.37 -23.32
N ASN A 12 1.18 1.12 -23.32
CA ASN A 12 0.21 0.61 -22.34
C ASN A 12 0.97 0.25 -21.05
N PHE A 13 0.23 -0.15 -20.01
CA PHE A 13 0.78 -0.33 -18.66
C PHE A 13 1.91 -1.40 -18.66
N ASN A 14 3.09 -1.01 -18.15
CA ASN A 14 4.29 -1.90 -18.01
C ASN A 14 4.11 -2.77 -16.75
N THR A 15 2.99 -3.49 -16.72
CA THR A 15 2.37 -3.98 -15.47
C THR A 15 2.62 -5.47 -15.21
N ILE A 16 2.85 -5.75 -13.92
CA ILE A 16 2.87 -7.09 -13.32
C ILE A 16 1.43 -7.48 -12.92
N LEU A 17 0.69 -6.48 -12.41
CA LEU A 17 -0.68 -6.62 -11.92
C LEU A 17 -1.35 -5.24 -11.85
N GLU A 18 -2.61 -5.14 -12.34
CA GLU A 18 -3.38 -3.88 -12.35
C GLU A 18 -4.85 -4.18 -11.97
N GLU A 19 -5.48 -3.28 -11.20
CA GLU A 19 -6.86 -3.44 -10.70
C GLU A 19 -7.41 -2.11 -10.16
N ILE A 20 -8.74 -1.99 -10.15
CA ILE A 20 -9.46 -0.86 -9.56
C ILE A 20 -9.54 -1.08 -8.03
N LEU A 21 -8.61 -0.45 -7.29
CA LEU A 21 -8.55 -0.51 -5.83
C LEU A 21 -9.00 0.83 -5.23
N ILE A 22 -9.57 0.80 -4.01
CA ILE A 22 -10.00 2.00 -3.30
C ILE A 22 -8.92 2.44 -2.30
N LYS A 23 -8.35 3.62 -2.54
CA LYS A 23 -7.27 4.21 -1.73
C LYS A 23 -7.86 5.05 -0.58
N ARG A 24 -7.26 4.95 0.62
CA ARG A 24 -7.52 5.90 1.71
C ARG A 24 -6.61 7.13 1.53
N SER A 25 -7.16 8.32 1.76
CA SER A 25 -6.42 9.58 1.72
C SER A 25 -5.71 9.77 3.07
N GLN A 26 -4.38 9.61 3.07
CA GLN A 26 -3.53 9.85 4.24
C GLN A 26 -3.42 11.36 4.50
N GLN A 27 -3.77 11.78 5.71
CA GLN A 27 -3.90 13.19 6.09
C GLN A 27 -2.62 13.70 6.79
N LYS A 28 -2.40 15.03 6.73
CA LYS A 28 -1.21 15.67 7.34
C LYS A 28 -1.64 17.03 7.93
N LYS A 29 -2.13 17.91 7.04
CA LYS A 29 -2.37 19.33 7.32
C LYS A 29 -3.41 19.54 8.45
N LYS A 30 -4.49 18.77 8.35
CA LYS A 30 -5.61 18.79 9.30
C LYS A 30 -5.92 17.35 9.73
N THR A 31 -6.98 17.19 10.55
CA THR A 31 -7.59 15.89 10.83
C THR A 31 -8.24 15.37 9.53
N SER A 32 -9.09 16.25 8.91
CA SER A 32 -9.67 16.05 7.57
C SER A 32 -10.61 14.80 7.51
N PRO A 33 -11.40 14.58 6.42
CA PRO A 33 -12.09 13.30 6.20
C PRO A 33 -11.14 12.25 5.56
N LEU A 34 -11.13 11.03 6.12
CA LEU A 34 -10.42 9.88 5.51
C LEU A 34 -11.18 9.45 4.24
N ASN A 35 -10.86 10.12 3.12
CA ASN A 35 -11.57 9.94 1.85
C ASN A 35 -11.14 8.64 1.16
N TYR A 36 -12.13 7.83 0.79
CA TYR A 36 -11.93 6.55 0.08
C TYR A 36 -12.28 6.76 -1.39
N LYS A 37 -11.28 6.59 -2.26
CA LYS A 37 -11.38 6.92 -3.69
C LYS A 37 -11.07 5.71 -4.57
N GLU A 38 -11.91 5.53 -5.59
CA GLU A 38 -11.87 4.39 -6.51
C GLU A 38 -10.89 4.70 -7.64
N ARG A 39 -9.72 4.03 -7.65
CA ARG A 39 -8.57 4.39 -8.52
C ARG A 39 -7.97 3.16 -9.19
N LEU A 40 -7.32 3.39 -10.35
CA LEU A 40 -6.67 2.35 -11.13
C LEU A 40 -5.20 2.24 -10.68
N PHE A 41 -4.95 1.26 -9.79
CA PHE A 41 -3.59 0.95 -9.32
C PHE A 41 -2.91 -0.01 -10.30
N VAL A 42 -1.72 0.39 -10.74
CA VAL A 42 -0.88 -0.35 -11.67
C VAL A 42 0.48 -0.57 -11.03
N LEU A 43 0.90 -1.82 -10.92
CA LEU A 43 2.21 -2.18 -10.38
C LEU A 43 3.13 -2.47 -11.56
N THR A 44 4.06 -1.56 -11.82
CA THR A 44 5.11 -1.75 -12.83
C THR A 44 6.33 -2.42 -12.19
N LYS A 45 7.38 -2.62 -13.01
CA LYS A 45 8.56 -3.44 -12.66
C LYS A 45 9.44 -2.83 -11.53
N SER A 46 9.25 -1.53 -11.23
CA SER A 46 10.03 -0.84 -10.17
C SER A 46 9.17 0.14 -9.36
N MET A 47 7.89 0.36 -9.73
CA MET A 47 7.00 1.37 -9.06
C MET A 47 5.55 0.88 -9.00
N LEU A 48 4.84 1.27 -7.92
CA LEU A 48 3.38 1.14 -7.80
C LEU A 48 2.77 2.53 -8.06
N THR A 49 2.22 2.72 -9.27
CA THR A 49 1.67 4.00 -9.74
C THR A 49 0.14 3.89 -9.94
N TYR A 50 -0.63 4.81 -9.35
CA TYR A 50 -2.10 4.88 -9.55
C TYR A 50 -2.44 6.09 -10.43
N TYR A 51 -3.27 5.84 -11.46
CA TYR A 51 -3.64 6.86 -12.46
C TYR A 51 -5.06 7.39 -12.24
N GLU A 52 -5.23 8.69 -12.59
CA GLU A 52 -6.46 9.47 -12.41
C GLU A 52 -6.59 10.52 -13.52
N GLY A 53 -7.80 11.01 -13.77
CA GLY A 53 -8.04 12.09 -14.75
C GLY A 53 -8.61 13.34 -14.10
N ARG A 54 -7.87 13.89 -13.11
CA ARG A 54 -8.26 15.15 -12.43
C ARG A 54 -7.09 16.16 -12.52
N ALA A 55 -6.89 16.66 -13.75
CA ALA A 55 -5.90 17.72 -14.04
C ALA A 55 -6.45 19.13 -13.68
N GLU A 56 -7.75 19.19 -13.31
CA GLU A 56 -8.46 20.45 -12.98
C GLU A 56 -8.81 20.52 -11.48
N LYS A 57 -8.41 19.51 -10.71
CA LYS A 57 -8.76 19.39 -9.28
C LYS A 57 -7.47 19.31 -8.43
N LYS A 58 -7.57 19.68 -7.13
CA LYS A 58 -6.47 19.50 -6.14
C LYS A 58 -6.48 18.04 -5.62
N TYR A 59 -6.44 17.08 -6.56
CA TYR A 59 -6.47 15.65 -6.24
C TYR A 59 -5.04 15.10 -6.27
N ARG A 60 -4.75 14.16 -5.35
CA ARG A 60 -3.39 13.61 -5.18
C ARG A 60 -3.18 12.36 -6.07
N LYS A 61 -2.09 12.39 -6.83
CA LYS A 61 -1.58 11.26 -7.61
C LYS A 61 -0.08 11.14 -7.39
N GLY A 62 0.41 9.90 -7.45
CA GLY A 62 1.83 9.64 -7.28
C GLY A 62 2.21 8.20 -7.58
N PHE A 63 3.35 7.79 -7.03
CA PHE A 63 3.98 6.49 -7.29
C PHE A 63 4.97 6.18 -6.18
N ILE A 64 5.16 4.87 -5.88
CA ILE A 64 6.04 4.41 -4.79
C ILE A 64 7.07 3.45 -5.39
N ASP A 65 8.36 3.72 -5.16
CA ASP A 65 9.44 2.85 -5.63
C ASP A 65 9.48 1.60 -4.74
N VAL A 66 9.44 0.42 -5.38
CA VAL A 66 9.44 -0.88 -4.69
C VAL A 66 10.78 -1.14 -3.98
N SER A 67 11.84 -0.46 -4.47
CA SER A 67 13.17 -0.42 -3.85
C SER A 67 13.11 0.25 -2.45
N LYS A 68 12.23 1.26 -2.33
CA LYS A 68 12.07 2.09 -1.12
C LYS A 68 11.06 1.47 -0.13
N ILE A 69 10.27 0.47 -0.61
CA ILE A 69 9.30 -0.26 0.24
C ILE A 69 10.03 -1.21 1.22
N LYS A 70 9.65 -1.12 2.50
CA LYS A 70 10.24 -1.92 3.60
C LYS A 70 9.34 -3.10 3.99
N CYS A 71 8.04 -3.01 3.66
CA CYS A 71 7.03 -4.01 4.07
C CYS A 71 5.72 -3.80 3.31
N VAL A 72 5.11 -4.91 2.85
CA VAL A 72 3.72 -4.94 2.36
C VAL A 72 3.04 -6.17 2.95
N GLU A 73 1.91 -5.95 3.65
CA GLU A 73 1.10 -7.03 4.20
C GLU A 73 -0.35 -6.54 4.34
N ILE A 74 -1.28 -7.48 4.53
CA ILE A 74 -2.69 -7.18 4.80
C ILE A 74 -2.86 -6.40 6.13
N VAL A 75 -4.00 -5.72 6.30
CA VAL A 75 -4.29 -4.93 7.50
C VAL A 75 -5.19 -5.75 8.44
N LYS A 76 -4.67 -6.08 9.63
CA LYS A 76 -5.44 -6.71 10.69
C LYS A 76 -6.16 -5.60 11.49
N ASN A 77 -7.41 -5.35 11.14
CA ASN A 77 -8.29 -4.38 11.83
C ASN A 77 -9.32 -5.18 12.66
N ASP A 78 -10.22 -4.46 13.36
CA ASP A 78 -11.42 -5.04 14.01
C ASP A 78 -12.10 -6.07 13.09
N ASP A 79 -12.33 -7.28 13.66
CA ASP A 79 -12.83 -8.47 12.94
C ASP A 79 -14.07 -8.16 12.07
N GLY A 80 -13.88 -8.12 10.74
CA GLY A 80 -14.97 -7.95 9.77
C GLY A 80 -15.39 -6.50 9.55
N VAL A 81 -14.94 -5.58 10.41
CA VAL A 81 -15.33 -4.16 10.38
C VAL A 81 -14.37 -3.37 9.46
N ILE A 82 -14.75 -3.24 8.17
CA ILE A 82 -13.99 -2.46 7.18
C ILE A 82 -14.87 -1.30 6.66
N PRO A 83 -14.47 -0.01 6.90
CA PRO A 83 -15.25 1.18 6.44
C PRO A 83 -15.06 1.49 4.93
N CYS A 84 -15.41 0.50 4.08
CA CYS A 84 -15.28 0.56 2.61
C CYS A 84 -15.97 -0.66 1.98
N GLN A 85 -16.54 -0.49 0.76
CA GLN A 85 -17.17 -1.61 -0.01
C GLN A 85 -16.10 -2.65 -0.42
N ASN A 86 -14.92 -2.14 -0.82
CA ASN A 86 -13.71 -2.94 -1.01
C ASN A 86 -13.16 -3.26 0.40
N LYS A 87 -13.45 -4.47 0.87
CA LYS A 87 -13.07 -4.94 2.22
C LYS A 87 -11.76 -5.72 2.15
N TYR A 88 -11.23 -6.04 3.34
CA TYR A 88 -9.99 -6.82 3.51
C TYR A 88 -8.82 -6.10 2.77
N PRO A 89 -8.29 -5.00 3.36
CA PRO A 89 -7.26 -4.17 2.70
C PRO A 89 -5.84 -4.66 2.97
N PHE A 90 -4.89 -4.01 2.30
CA PHE A 90 -3.46 -4.14 2.57
C PHE A 90 -2.83 -2.77 2.77
N GLN A 91 -1.56 -2.76 3.17
CA GLN A 91 -0.81 -1.57 3.48
C GLN A 91 0.58 -1.62 2.85
N VAL A 92 1.07 -0.45 2.46
CA VAL A 92 2.38 -0.29 1.84
C VAL A 92 3.22 0.60 2.77
N VAL A 93 4.20 -0.02 3.45
CA VAL A 93 5.17 0.69 4.29
C VAL A 93 6.42 0.90 3.43
N HIS A 94 6.89 2.14 3.39
CA HIS A 94 8.03 2.55 2.55
C HIS A 94 8.84 3.61 3.28
N ASP A 95 9.83 4.20 2.60
CA ASP A 95 10.66 5.31 3.13
C ASP A 95 9.88 6.65 3.04
N ALA A 96 8.72 6.67 3.72
CA ALA A 96 7.74 7.78 3.77
C ALA A 96 6.49 7.31 4.54
N ASN A 97 5.40 8.09 4.50
CA ASN A 97 4.16 7.81 5.27
C ASN A 97 3.50 6.49 4.80
N THR A 98 2.94 5.73 5.76
CA THR A 98 2.31 4.42 5.50
C THR A 98 0.96 4.62 4.78
N LEU A 99 0.75 3.86 3.67
CA LEU A 99 -0.47 3.97 2.83
C LEU A 99 -1.36 2.74 3.03
N TYR A 100 -2.69 2.93 2.93
CA TYR A 100 -3.69 1.87 3.09
C TYR A 100 -4.57 1.80 1.83
N ILE A 101 -4.52 0.65 1.14
CA ILE A 101 -5.22 0.41 -0.13
C ILE A 101 -6.19 -0.80 0.04
N PHE A 102 -7.43 -0.65 -0.44
CA PHE A 102 -8.53 -1.61 -0.22
C PHE A 102 -8.82 -2.38 -1.51
N ALA A 103 -8.73 -3.72 -1.43
CA ALA A 103 -8.92 -4.62 -2.58
C ALA A 103 -10.40 -5.07 -2.72
N PRO A 104 -10.90 -5.33 -3.98
CA PRO A 104 -12.33 -5.72 -4.23
C PRO A 104 -12.74 -7.05 -3.56
N SER A 105 -11.76 -7.92 -3.30
CA SER A 105 -12.01 -9.25 -2.73
C SER A 105 -10.81 -9.70 -1.86
N PRO A 106 -11.04 -10.61 -0.84
CA PRO A 106 -9.95 -11.21 -0.03
C PRO A 106 -8.97 -12.08 -0.85
N GLN A 107 -9.35 -12.45 -2.09
CA GLN A 107 -8.46 -13.23 -2.99
C GLN A 107 -7.56 -12.24 -3.78
N SER A 108 -8.15 -11.07 -4.14
CA SER A 108 -7.47 -9.98 -4.87
C SER A 108 -6.31 -9.42 -4.05
N ARG A 109 -6.58 -9.12 -2.76
CA ARG A 109 -5.57 -8.57 -1.84
C ARG A 109 -4.39 -9.53 -1.69
N ASP A 110 -4.67 -10.85 -1.70
CA ASP A 110 -3.65 -11.89 -1.54
C ASP A 110 -2.65 -11.84 -2.70
N LEU A 111 -3.19 -11.63 -3.91
CA LEU A 111 -2.39 -11.54 -5.14
C LEU A 111 -1.54 -10.24 -5.16
N TRP A 112 -2.16 -9.12 -4.75
CA TRP A 112 -1.50 -7.79 -4.67
C TRP A 112 -0.33 -7.78 -3.66
N VAL A 113 -0.64 -8.16 -2.39
CA VAL A 113 0.36 -8.24 -1.31
C VAL A 113 1.52 -9.14 -1.73
N LYS A 114 1.17 -10.29 -2.33
CA LYS A 114 2.12 -11.31 -2.78
C LYS A 114 3.11 -10.74 -3.79
N LYS A 115 2.60 -10.16 -4.90
CA LYS A 115 3.45 -9.56 -5.97
C LYS A 115 4.40 -8.48 -5.42
N LEU A 116 3.88 -7.66 -4.49
CA LEU A 116 4.63 -6.56 -3.86
C LEU A 116 5.78 -7.10 -2.97
N LYS A 117 5.44 -7.98 -2.00
CA LYS A 117 6.45 -8.57 -1.09
C LYS A 117 7.43 -9.55 -1.79
N GLU A 118 6.98 -10.21 -2.89
CA GLU A 118 7.86 -11.03 -3.76
C GLU A 118 8.98 -10.19 -4.40
N GLU A 119 8.72 -8.90 -4.61
CA GLU A 119 9.75 -7.97 -5.09
C GLU A 119 10.69 -7.56 -3.94
N ILE A 120 10.12 -7.11 -2.79
CA ILE A 120 10.91 -6.55 -1.67
C ILE A 120 11.67 -7.64 -0.88
N LYS A 121 11.38 -8.92 -1.15
CA LYS A 121 12.12 -10.05 -0.51
C LYS A 121 13.56 -10.11 -1.03
N ASN A 122 13.75 -9.62 -2.27
CA ASN A 122 15.06 -9.50 -2.93
C ASN A 122 15.86 -8.34 -2.31
N ASN A 123 15.12 -7.38 -1.71
CA ASN A 123 15.69 -6.24 -0.97
C ASN A 123 16.21 -6.70 0.40
N ASN A 124 17.04 -5.85 1.05
CA ASN A 124 17.61 -6.12 2.39
C ASN A 124 17.37 -4.90 3.30
N ASN A 125 16.46 -3.98 2.87
CA ASN A 125 16.13 -2.74 3.61
C ASN A 125 14.82 -2.94 4.41
N ILE A 126 14.52 -4.20 4.70
CA ILE A 126 13.22 -4.64 5.21
C ILE A 126 13.14 -4.50 6.74
N MET A 127 11.94 -4.18 7.22
CA MET A 127 11.62 -4.13 8.64
C MET A 127 11.02 -5.49 9.07
N ILE A 128 11.52 -6.01 10.21
CA ILE A 128 11.16 -7.36 10.73
C ILE A 128 9.72 -7.39 11.29
N LYS A 129 9.16 -6.19 11.56
CA LYS A 129 7.83 -6.00 12.16
C LYS A 129 6.99 -5.08 11.24
N TYR A 130 5.66 -5.05 11.46
CA TYR A 130 4.74 -4.11 10.82
C TYR A 130 3.65 -3.68 11.83
N HIS A 131 2.83 -2.72 11.43
CA HIS A 131 1.67 -2.24 12.22
C HIS A 131 0.39 -2.88 11.67
N PRO A 132 -0.23 -3.85 12.41
CA PRO A 132 -1.42 -4.60 11.92
C PRO A 132 -2.65 -3.71 11.67
N LYS A 133 -2.90 -2.74 12.57
CA LYS A 133 -4.09 -1.85 12.51
C LYS A 133 -3.90 -0.71 11.46
N PHE A 134 -4.84 0.26 11.48
CA PHE A 134 -4.77 1.48 10.66
C PHE A 134 -4.15 2.61 11.50
N TRP A 135 -3.24 3.38 10.88
CA TRP A 135 -2.80 4.66 11.42
C TRP A 135 -3.90 5.71 11.18
N THR A 136 -4.87 5.69 12.11
CA THR A 136 -6.05 6.56 12.10
C THR A 136 -5.70 7.97 12.61
N ASP A 137 -4.57 8.05 13.36
CA ASP A 137 -4.02 9.28 13.96
C ASP A 137 -4.89 9.76 15.13
N GLY A 138 -4.44 9.47 16.37
CA GLY A 138 -5.14 9.89 17.58
C GLY A 138 -6.31 8.99 17.94
N SER A 139 -6.06 7.66 17.92
CA SER A 139 -7.08 6.61 18.19
C SER A 139 -6.41 5.36 18.77
N TYR A 140 -7.23 4.35 19.15
CA TYR A 140 -6.71 3.02 19.52
C TYR A 140 -6.26 2.30 18.24
N GLN A 141 -4.99 2.51 17.91
CA GLN A 141 -4.31 1.79 16.82
C GLN A 141 -3.68 0.51 17.39
N CYS A 142 -2.69 -0.02 16.66
CA CYS A 142 -1.89 -1.17 17.09
C CYS A 142 -1.05 -0.82 18.33
N CYS A 143 0.05 -0.07 18.13
CA CYS A 143 0.90 0.44 19.23
C CYS A 143 0.56 1.90 19.58
N ARG A 144 -0.51 2.43 18.92
CA ARG A 144 -1.03 3.82 19.12
C ARG A 144 -0.04 4.88 18.57
N GLN A 145 0.98 4.42 17.84
CA GLN A 145 2.01 5.28 17.25
C GLN A 145 1.54 5.83 15.90
N THR A 146 1.69 7.15 15.71
CA THR A 146 1.34 7.85 14.48
C THR A 146 2.24 9.09 14.32
N GLU A 147 2.85 9.24 13.14
CA GLU A 147 3.84 10.28 12.84
C GLU A 147 4.19 10.25 11.35
N LYS A 148 4.84 9.15 10.93
CA LYS A 148 5.33 8.97 9.55
C LYS A 148 5.65 7.49 9.34
N LEU A 149 6.60 7.00 10.17
CA LEU A 149 7.06 5.61 10.21
C LEU A 149 7.29 5.19 11.67
N ALA A 150 7.53 3.90 11.85
CA ALA A 150 7.92 3.28 13.12
C ALA A 150 8.35 1.83 12.79
N PRO A 151 9.41 1.27 13.47
CA PRO A 151 9.95 -0.09 13.19
C PRO A 151 8.92 -1.26 13.23
N GLY A 152 7.69 -0.98 13.71
CA GLY A 152 6.61 -1.97 13.76
C GLY A 152 6.41 -2.50 15.18
N CYS A 153 5.22 -3.05 15.46
CA CYS A 153 4.86 -3.52 16.81
C CYS A 153 4.61 -5.04 16.83
N GLU A 154 3.89 -5.54 15.82
CA GLU A 154 3.63 -6.98 15.63
C GLU A 154 4.59 -7.51 14.57
N LYS A 155 5.04 -8.76 14.73
CA LYS A 155 6.07 -9.35 13.87
C LYS A 155 5.52 -9.53 12.43
N TYR A 156 6.35 -9.19 11.45
CA TYR A 156 6.08 -9.44 10.03
C TYR A 156 6.86 -10.69 9.59
N ASN A 157 6.22 -11.54 8.75
CA ASN A 157 6.88 -12.75 8.20
C ASN A 157 7.04 -12.59 6.67
N LEU A 158 8.18 -12.04 6.25
CA LEU A 158 8.55 -11.95 4.82
C LEU A 158 9.07 -13.32 4.38
N PHE A 159 10.20 -13.73 4.98
CA PHE A 159 10.67 -15.10 4.93
C PHE A 159 10.25 -15.79 6.22
N GLU A 160 10.94 -15.41 7.33
CA GLU A 160 10.81 -16.06 8.65
C GLU A 160 11.02 -17.58 8.47
N SER A 161 12.31 -17.97 8.41
CA SER A 161 12.77 -19.28 7.93
C SER A 161 12.05 -20.47 8.61
N SER A 162 10.92 -20.85 7.99
CA SER A 162 10.12 -22.04 8.33
C SER A 162 10.42 -23.17 7.34
N ILE A 163 11.08 -22.80 6.23
CA ILE A 163 11.44 -23.72 5.15
C ILE A 163 12.64 -24.58 5.59
N ARG A 164 12.39 -25.86 5.84
CA ARG A 164 13.40 -26.83 6.31
C ARG A 164 13.71 -27.83 5.18
N MET A 1 0.80 -31.00 -39.73
CA MET A 1 2.18 -30.90 -40.25
C MET A 1 2.73 -29.47 -40.06
N GLY A 2 1.87 -28.46 -40.36
CA GLY A 2 2.24 -27.05 -40.25
C GLY A 2 2.42 -26.59 -38.80
N HIS A 3 3.68 -26.65 -38.32
CA HIS A 3 4.04 -26.27 -36.94
C HIS A 3 4.42 -24.78 -36.86
N HIS A 4 3.51 -23.91 -37.33
CA HIS A 4 3.67 -22.46 -37.22
C HIS A 4 3.42 -22.02 -35.78
N HIS A 5 4.45 -21.38 -35.19
CA HIS A 5 4.47 -21.02 -33.76
C HIS A 5 3.74 -19.69 -33.53
N HIS A 6 3.11 -19.55 -32.35
CA HIS A 6 2.39 -18.33 -31.96
C HIS A 6 3.32 -17.10 -31.95
N HIS A 7 2.92 -16.04 -32.67
CA HIS A 7 3.66 -14.78 -32.76
C HIS A 7 3.01 -13.76 -31.81
N HIS A 8 3.79 -13.30 -30.81
CA HIS A 8 3.29 -12.36 -29.78
C HIS A 8 3.12 -10.94 -30.35
N SER A 9 2.38 -10.11 -29.59
CA SER A 9 2.35 -8.67 -29.76
C SER A 9 3.54 -8.05 -28.98
N HIS A 10 3.79 -6.75 -29.16
CA HIS A 10 4.90 -6.05 -28.52
C HIS A 10 4.37 -4.83 -27.74
N MET A 11 4.12 -5.05 -26.44
CA MET A 11 3.59 -4.02 -25.52
C MET A 11 4.75 -3.33 -24.76
N ASN A 12 4.45 -2.20 -24.11
CA ASN A 12 5.47 -1.34 -23.46
C ASN A 12 5.79 -1.85 -22.05
N PHE A 13 4.86 -1.65 -21.11
CA PHE A 13 5.06 -1.87 -19.68
C PHE A 13 4.95 -3.37 -19.35
N ASN A 14 6.07 -3.99 -18.99
CA ASN A 14 6.08 -5.33 -18.40
C ASN A 14 5.64 -5.19 -16.93
N THR A 15 4.31 -5.07 -16.76
CA THR A 15 3.67 -4.93 -15.46
C THR A 15 3.45 -6.31 -14.84
N ILE A 16 3.56 -6.37 -13.51
CA ILE A 16 3.36 -7.59 -12.72
C ILE A 16 1.86 -7.81 -12.50
N LEU A 17 1.16 -6.72 -12.19
CA LEU A 17 -0.28 -6.74 -11.89
C LEU A 17 -0.84 -5.30 -11.91
N GLU A 18 -2.02 -5.14 -12.53
CA GLU A 18 -2.74 -3.85 -12.58
C GLU A 18 -4.22 -4.10 -12.27
N GLU A 19 -4.77 -3.36 -11.30
CA GLU A 19 -6.17 -3.52 -10.83
C GLU A 19 -6.73 -2.18 -10.34
N ILE A 20 -8.05 -2.16 -10.18
CA ILE A 20 -8.79 -1.01 -9.62
C ILE A 20 -8.94 -1.24 -8.11
N LEU A 21 -8.15 -0.52 -7.31
CA LEU A 21 -8.17 -0.60 -5.84
C LEU A 21 -8.59 0.76 -5.25
N ILE A 22 -8.94 0.78 -3.96
CA ILE A 22 -9.26 2.03 -3.24
C ILE A 22 -8.04 2.50 -2.44
N LYS A 23 -7.72 3.78 -2.59
CA LYS A 23 -6.70 4.45 -1.78
C LYS A 23 -7.39 5.15 -0.60
N ARG A 24 -6.75 5.10 0.58
CA ARG A 24 -7.23 5.83 1.77
C ARG A 24 -6.73 7.29 1.68
N SER A 25 -7.56 8.23 2.16
CA SER A 25 -7.18 9.64 2.26
C SER A 25 -6.54 9.84 3.63
N GLN A 26 -5.33 10.43 3.66
CA GLN A 26 -4.57 10.63 4.92
C GLN A 26 -5.25 11.70 5.79
N GLN A 27 -5.21 11.50 7.10
CA GLN A 27 -5.75 12.45 8.08
C GLN A 27 -4.62 13.37 8.58
N LYS A 28 -5.01 14.52 9.12
CA LYS A 28 -4.08 15.48 9.74
C LYS A 28 -3.88 15.11 11.24
N LYS A 29 -3.24 16.02 12.00
CA LYS A 29 -2.97 15.81 13.45
C LYS A 29 -4.27 15.68 14.28
N LYS A 30 -5.38 16.17 13.71
CA LYS A 30 -6.74 15.97 14.25
C LYS A 30 -7.44 14.88 13.43
N THR A 31 -8.26 14.04 14.09
CA THR A 31 -8.93 12.90 13.45
C THR A 31 -9.96 13.37 12.41
N SER A 32 -9.51 13.44 11.15
CA SER A 32 -10.37 13.74 10.00
C SER A 32 -11.21 12.48 9.65
N PRO A 33 -12.40 12.62 9.00
CA PRO A 33 -13.18 11.46 8.50
C PRO A 33 -12.34 10.55 7.58
N LEU A 34 -12.44 9.23 7.81
CA LEU A 34 -11.76 8.22 7.00
C LEU A 34 -12.40 8.15 5.60
N ASN A 35 -12.03 9.11 4.74
CA ASN A 35 -12.54 9.19 3.37
C ASN A 35 -11.79 8.16 2.50
N TYR A 36 -12.55 7.44 1.66
CA TYR A 36 -12.03 6.40 0.78
C TYR A 36 -12.41 6.74 -0.66
N LYS A 37 -11.47 6.57 -1.60
CA LYS A 37 -11.71 6.88 -3.01
C LYS A 37 -11.05 5.83 -3.90
N GLU A 38 -11.64 5.61 -5.07
CA GLU A 38 -11.32 4.46 -5.94
C GLU A 38 -10.36 4.92 -7.06
N ARG A 39 -9.43 4.04 -7.44
CA ARG A 39 -8.28 4.40 -8.30
C ARG A 39 -7.72 3.17 -9.05
N LEU A 40 -6.95 3.42 -10.12
CA LEU A 40 -6.19 2.39 -10.86
C LEU A 40 -4.74 2.34 -10.31
N PHE A 41 -4.35 1.19 -9.77
CA PHE A 41 -2.97 0.91 -9.32
C PHE A 41 -2.32 -0.08 -10.29
N VAL A 42 -1.20 0.35 -10.90
CA VAL A 42 -0.38 -0.48 -11.78
C VAL A 42 0.99 -0.72 -11.12
N LEU A 43 1.35 -1.98 -10.96
CA LEU A 43 2.63 -2.41 -10.36
C LEU A 43 3.59 -2.84 -11.46
N THR A 44 4.65 -2.06 -11.67
CA THR A 44 5.80 -2.47 -12.46
C THR A 44 6.90 -2.95 -11.50
N LYS A 45 7.92 -3.62 -12.05
CA LYS A 45 9.00 -4.23 -11.26
C LYS A 45 10.03 -3.19 -10.74
N SER A 46 9.75 -1.88 -10.98
CA SER A 46 10.57 -0.77 -10.43
C SER A 46 9.71 0.16 -9.53
N MET A 47 8.44 0.38 -9.92
CA MET A 47 7.54 1.36 -9.23
C MET A 47 6.09 0.88 -9.23
N LEU A 48 5.36 1.19 -8.14
CA LEU A 48 3.91 1.05 -8.08
C LEU A 48 3.28 2.43 -8.36
N THR A 49 2.85 2.62 -9.61
CA THR A 49 2.31 3.90 -10.10
C THR A 49 0.79 3.85 -10.10
N TYR A 50 0.13 4.95 -9.73
CA TYR A 50 -1.33 4.99 -9.57
C TYR A 50 -1.95 6.25 -10.19
N TYR A 51 -2.99 6.02 -11.02
CA TYR A 51 -3.75 7.07 -11.74
C TYR A 51 -5.23 6.98 -11.35
N GLU A 52 -5.87 8.13 -11.12
CA GLU A 52 -7.34 8.18 -10.89
C GLU A 52 -8.01 8.89 -12.08
N GLY A 53 -9.31 8.63 -12.31
CA GLY A 53 -10.09 9.31 -13.35
C GLY A 53 -10.93 10.44 -12.78
N ARG A 54 -10.27 11.34 -12.03
CA ARG A 54 -10.93 12.43 -11.29
C ARG A 54 -10.81 13.74 -12.10
N ALA A 55 -11.69 13.90 -13.10
CA ALA A 55 -11.65 15.03 -14.05
C ALA A 55 -11.98 16.37 -13.35
N GLU A 56 -11.11 17.38 -13.59
CA GLU A 56 -11.27 18.78 -13.10
C GLU A 56 -10.92 18.94 -11.59
N LYS A 57 -11.30 17.96 -10.77
CA LYS A 57 -11.02 17.95 -9.32
C LYS A 57 -9.49 17.83 -9.08
N LYS A 58 -9.02 18.54 -8.04
CA LYS A 58 -7.58 18.71 -7.73
C LYS A 58 -7.06 17.58 -6.83
N TYR A 59 -7.35 16.34 -7.22
CA TYR A 59 -7.00 15.13 -6.46
C TYR A 59 -5.60 14.65 -6.89
N ARG A 60 -4.77 14.19 -5.93
CA ARG A 60 -3.36 13.85 -6.18
C ARG A 60 -3.19 12.39 -6.60
N LYS A 61 -2.35 12.18 -7.63
CA LYS A 61 -1.82 10.87 -8.03
C LYS A 61 -0.30 10.95 -8.07
N GLY A 62 0.35 9.78 -8.22
CA GLY A 62 1.80 9.71 -8.36
C GLY A 62 2.29 8.29 -8.48
N PHE A 63 3.32 7.95 -7.72
CA PHE A 63 3.94 6.62 -7.72
C PHE A 63 4.73 6.41 -6.43
N ILE A 64 4.99 5.15 -6.13
CA ILE A 64 5.81 4.73 -4.99
C ILE A 64 6.94 3.84 -5.53
N ASP A 65 8.19 4.20 -5.25
CA ASP A 65 9.36 3.40 -5.66
C ASP A 65 9.40 2.12 -4.82
N VAL A 66 9.57 0.97 -5.49
CA VAL A 66 9.76 -0.34 -4.81
C VAL A 66 11.14 -0.34 -4.08
N SER A 67 12.05 0.52 -4.57
CA SER A 67 13.33 0.84 -3.91
C SER A 67 13.12 1.56 -2.54
N LYS A 68 11.96 2.22 -2.39
CA LYS A 68 11.55 2.90 -1.14
C LYS A 68 10.51 2.12 -0.32
N ILE A 69 9.92 1.06 -0.89
CA ILE A 69 8.93 0.20 -0.18
C ILE A 69 9.67 -0.75 0.78
N LYS A 70 9.37 -0.61 2.08
CA LYS A 70 9.92 -1.46 3.16
C LYS A 70 9.16 -2.79 3.20
N CYS A 71 7.90 -2.76 3.70
CA CYS A 71 7.09 -3.96 3.91
C CYS A 71 5.66 -3.74 3.39
N VAL A 72 5.21 -4.63 2.50
CA VAL A 72 3.80 -4.74 2.11
C VAL A 72 3.23 -6.00 2.77
N GLU A 73 2.22 -5.81 3.59
CA GLU A 73 1.53 -6.89 4.28
C GLU A 73 0.04 -6.57 4.34
N ILE A 74 -0.76 -7.59 4.63
CA ILE A 74 -2.19 -7.46 4.90
C ILE A 74 -2.45 -6.59 6.17
N VAL A 75 -3.68 -6.09 6.31
CA VAL A 75 -4.15 -5.36 7.51
C VAL A 75 -5.41 -6.09 8.01
N LYS A 76 -5.26 -6.84 9.11
CA LYS A 76 -6.31 -7.72 9.62
C LYS A 76 -7.47 -6.92 10.21
N ASN A 77 -8.59 -6.95 9.49
CA ASN A 77 -9.85 -6.37 9.95
C ASN A 77 -10.50 -7.34 10.97
N ASP A 78 -10.06 -7.22 12.22
CA ASP A 78 -10.61 -7.98 13.36
C ASP A 78 -11.77 -7.20 14.00
N ASP A 79 -11.86 -5.90 13.64
CA ASP A 79 -13.00 -5.03 14.00
C ASP A 79 -14.25 -5.42 13.18
N GLY A 80 -15.45 -5.00 13.67
CA GLY A 80 -16.73 -5.40 13.10
C GLY A 80 -16.88 -5.06 11.61
N VAL A 81 -17.02 -3.76 11.29
CA VAL A 81 -17.36 -3.29 9.92
C VAL A 81 -16.40 -2.18 9.46
N ILE A 82 -15.76 -2.38 8.29
CA ILE A 82 -15.04 -1.31 7.58
C ILE A 82 -16.08 -0.41 6.86
N PRO A 83 -16.05 0.95 7.05
CA PRO A 83 -17.01 1.90 6.40
C PRO A 83 -16.64 2.24 4.93
N CYS A 84 -15.93 1.31 4.26
CA CYS A 84 -15.55 1.42 2.83
C CYS A 84 -16.33 0.36 2.03
N GLN A 85 -16.55 0.62 0.73
CA GLN A 85 -17.17 -0.37 -0.18
C GLN A 85 -16.20 -1.55 -0.45
N ASN A 86 -14.89 -1.30 -0.22
CA ASN A 86 -13.84 -2.32 -0.29
C ASN A 86 -13.36 -2.65 1.14
N LYS A 87 -13.57 -3.92 1.54
CA LYS A 87 -13.01 -4.49 2.80
C LYS A 87 -11.70 -5.22 2.49
N TYR A 88 -11.06 -5.73 3.55
CA TYR A 88 -9.78 -6.47 3.46
C TYR A 88 -8.69 -5.63 2.78
N PRO A 89 -8.15 -4.61 3.52
CA PRO A 89 -7.06 -3.77 3.00
C PRO A 89 -5.68 -4.39 3.24
N PHE A 90 -4.69 -3.83 2.55
CA PHE A 90 -3.28 -4.10 2.78
C PHE A 90 -2.52 -2.78 2.87
N GLN A 91 -1.40 -2.82 3.58
CA GLN A 91 -0.54 -1.66 3.82
C GLN A 91 0.69 -1.75 2.92
N VAL A 92 1.16 -0.59 2.50
CA VAL A 92 2.41 -0.42 1.77
C VAL A 92 3.23 0.58 2.56
N VAL A 93 4.19 0.06 3.36
CA VAL A 93 5.10 0.91 4.11
C VAL A 93 6.18 1.36 3.14
N HIS A 94 6.25 2.65 2.91
CA HIS A 94 7.25 3.28 2.04
C HIS A 94 7.96 4.40 2.81
N ASP A 95 9.08 4.88 2.24
CA ASP A 95 9.99 5.84 2.89
C ASP A 95 9.26 7.08 3.44
N ALA A 96 8.32 7.61 2.65
CA ALA A 96 7.54 8.81 3.02
C ALA A 96 6.62 8.53 4.23
N ASN A 97 5.82 7.45 4.14
CA ASN A 97 4.80 7.10 5.15
C ASN A 97 4.25 5.68 4.90
N THR A 98 3.28 5.25 5.72
CA THR A 98 2.58 3.97 5.53
C THR A 98 1.22 4.23 4.84
N LEU A 99 1.12 3.82 3.57
CA LEU A 99 -0.12 3.93 2.78
C LEU A 99 -1.02 2.70 3.06
N TYR A 100 -2.34 2.88 2.96
CA TYR A 100 -3.34 1.80 3.13
C TYR A 100 -4.26 1.77 1.92
N ILE A 101 -4.32 0.59 1.28
CA ILE A 101 -5.05 0.37 0.02
C ILE A 101 -6.09 -0.76 0.24
N PHE A 102 -7.37 -0.42 0.11
CA PHE A 102 -8.51 -1.34 0.32
C PHE A 102 -8.81 -2.09 -0.99
N ALA A 103 -8.79 -3.43 -0.94
CA ALA A 103 -8.98 -4.28 -2.12
C ALA A 103 -10.47 -4.66 -2.31
N PRO A 104 -10.97 -4.76 -3.59
CA PRO A 104 -12.39 -5.11 -3.90
C PRO A 104 -12.80 -6.51 -3.42
N SER A 105 -11.81 -7.39 -3.14
CA SER A 105 -12.05 -8.76 -2.64
C SER A 105 -10.91 -9.18 -1.67
N PRO A 106 -11.21 -10.06 -0.65
CA PRO A 106 -10.17 -10.69 0.23
C PRO A 106 -9.05 -11.43 -0.53
N GLN A 107 -9.38 -11.90 -1.76
CA GLN A 107 -8.43 -12.68 -2.58
C GLN A 107 -7.52 -11.72 -3.37
N SER A 108 -8.10 -10.55 -3.71
CA SER A 108 -7.42 -9.45 -4.42
C SER A 108 -6.34 -8.83 -3.53
N ARG A 109 -6.70 -8.62 -2.24
CA ARG A 109 -5.80 -8.19 -1.16
C ARG A 109 -4.55 -9.08 -1.12
N ASP A 110 -4.79 -10.38 -0.97
CA ASP A 110 -3.75 -11.40 -0.77
C ASP A 110 -2.85 -11.53 -2.02
N LEU A 111 -3.45 -11.32 -3.20
CA LEU A 111 -2.77 -11.35 -4.51
C LEU A 111 -1.72 -10.22 -4.61
N TRP A 112 -2.18 -8.98 -4.34
CA TRP A 112 -1.30 -7.78 -4.35
C TRP A 112 -0.18 -7.88 -3.31
N VAL A 113 -0.52 -8.35 -2.10
CA VAL A 113 0.47 -8.56 -1.01
C VAL A 113 1.52 -9.59 -1.45
N LYS A 114 1.06 -10.65 -2.12
CA LYS A 114 1.91 -11.74 -2.63
C LYS A 114 2.94 -11.20 -3.64
N LYS A 115 2.44 -10.51 -4.69
CA LYS A 115 3.27 -9.97 -5.79
C LYS A 115 4.34 -8.99 -5.27
N LEU A 116 3.89 -8.03 -4.44
CA LEU A 116 4.76 -7.00 -3.85
C LEU A 116 5.82 -7.63 -2.93
N LYS A 117 5.38 -8.56 -2.05
CA LYS A 117 6.27 -9.36 -1.16
C LYS A 117 7.39 -10.10 -1.94
N GLU A 118 6.99 -10.73 -3.07
CA GLU A 118 7.91 -11.47 -3.96
C GLU A 118 8.97 -10.55 -4.59
N GLU A 119 8.66 -9.25 -4.71
CA GLU A 119 9.60 -8.25 -5.26
C GLU A 119 10.54 -7.73 -4.18
N ILE A 120 9.97 -7.27 -3.07
CA ILE A 120 10.70 -6.52 -2.02
C ILE A 120 11.61 -7.42 -1.17
N LYS A 121 11.46 -8.76 -1.31
CA LYS A 121 12.29 -9.75 -0.58
C LYS A 121 13.77 -9.65 -1.00
N ASN A 122 14.01 -9.28 -2.27
CA ASN A 122 15.36 -9.14 -2.85
C ASN A 122 15.96 -7.75 -2.55
N ASN A 123 15.21 -6.92 -1.83
CA ASN A 123 15.66 -5.59 -1.37
C ASN A 123 16.23 -5.70 0.06
N ASN A 124 16.97 -4.65 0.49
CA ASN A 124 17.46 -4.51 1.89
C ASN A 124 16.52 -3.57 2.66
N ASN A 125 15.24 -3.58 2.27
CA ASN A 125 14.22 -2.63 2.74
C ASN A 125 13.36 -3.22 3.86
N ILE A 126 13.40 -4.55 3.99
CA ILE A 126 12.41 -5.29 4.78
C ILE A 126 12.62 -5.06 6.27
N MET A 127 11.65 -4.39 6.90
CA MET A 127 11.54 -4.35 8.36
C MET A 127 11.04 -5.72 8.82
N ILE A 128 11.61 -6.23 9.91
CA ILE A 128 11.27 -7.55 10.46
C ILE A 128 9.79 -7.57 10.96
N LYS A 129 9.22 -6.37 11.22
CA LYS A 129 7.85 -6.18 11.76
C LYS A 129 7.07 -5.16 10.89
N TYR A 130 5.73 -5.12 11.08
CA TYR A 130 4.80 -4.14 10.46
C TYR A 130 3.71 -3.76 11.50
N HIS A 131 2.86 -2.78 11.15
CA HIS A 131 1.73 -2.34 12.01
C HIS A 131 0.40 -2.94 11.51
N PRO A 132 -0.30 -3.79 12.34
CA PRO A 132 -1.53 -4.50 11.92
C PRO A 132 -2.78 -3.58 11.82
N LYS A 133 -2.64 -2.29 12.21
CA LYS A 133 -3.74 -1.29 12.17
C LYS A 133 -3.39 -0.09 11.27
N PHE A 134 -4.31 0.92 11.27
CA PHE A 134 -4.25 2.08 10.37
C PHE A 134 -3.69 3.31 11.10
N TRP A 135 -2.55 3.82 10.62
CA TRP A 135 -1.91 5.05 11.12
C TRP A 135 -2.79 6.29 10.85
N THR A 136 -3.47 6.74 11.90
CA THR A 136 -4.21 8.00 11.94
C THR A 136 -3.97 8.65 13.31
N ASP A 137 -3.73 9.96 13.33
CA ASP A 137 -3.63 10.73 14.58
C ASP A 137 -4.99 10.69 15.30
N GLY A 138 -5.02 9.99 16.45
CA GLY A 138 -6.25 9.79 17.22
C GLY A 138 -7.13 8.71 16.61
N SER A 139 -6.74 7.44 16.81
CA SER A 139 -7.44 6.28 16.22
C SER A 139 -7.23 5.01 17.06
N TYR A 140 -7.97 3.95 16.69
CA TYR A 140 -7.70 2.59 17.17
C TYR A 140 -6.55 1.97 16.36
N GLN A 141 -5.32 2.27 16.80
CA GLN A 141 -4.12 1.62 16.29
C GLN A 141 -3.71 0.49 17.23
N CYS A 142 -2.63 -0.18 16.85
CA CYS A 142 -1.99 -1.22 17.64
C CYS A 142 -1.18 -0.58 18.80
N CYS A 143 -0.25 0.34 18.45
CA CYS A 143 0.65 1.01 19.42
C CYS A 143 0.35 2.52 19.56
N ARG A 144 -0.57 3.04 18.71
CA ARG A 144 -0.99 4.48 18.67
C ARG A 144 0.12 5.41 18.13
N GLN A 145 1.24 4.83 17.67
CA GLN A 145 2.40 5.59 17.19
C GLN A 145 2.10 6.16 15.79
N THR A 146 2.18 7.49 15.67
CA THR A 146 1.78 8.22 14.46
C THR A 146 2.68 9.47 14.24
N GLU A 147 3.76 9.57 15.05
CA GLU A 147 4.75 10.65 14.96
C GLU A 147 5.92 10.22 14.05
N LYS A 148 6.86 9.41 14.60
CA LYS A 148 8.02 8.92 13.86
C LYS A 148 7.69 7.58 13.18
N LEU A 149 8.41 7.26 12.10
CA LEU A 149 8.26 6.00 11.37
C LEU A 149 8.73 4.82 12.24
N ALA A 150 7.79 4.29 13.05
CA ALA A 150 8.01 3.11 13.88
C ALA A 150 8.21 1.87 12.97
N PRO A 151 9.25 1.01 13.23
CA PRO A 151 9.56 -0.16 12.36
C PRO A 151 8.65 -1.40 12.59
N GLY A 152 7.46 -1.16 13.18
CA GLY A 152 6.44 -2.20 13.34
C GLY A 152 6.33 -2.72 14.76
N CYS A 153 5.33 -3.60 14.98
CA CYS A 153 5.14 -4.30 16.28
C CYS A 153 4.51 -5.70 16.11
N GLU A 154 4.20 -6.08 14.86
CA GLU A 154 3.63 -7.40 14.53
C GLU A 154 4.61 -8.10 13.56
N LYS A 155 4.90 -9.40 13.77
CA LYS A 155 5.94 -10.11 13.00
C LYS A 155 5.58 -10.17 11.49
N TYR A 156 6.48 -9.64 10.63
CA TYR A 156 6.27 -9.62 9.19
C TYR A 156 6.71 -10.95 8.57
N ASN A 157 5.79 -11.63 7.89
CA ASN A 157 6.07 -12.85 7.13
C ASN A 157 6.51 -12.49 5.71
N LEU A 158 7.82 -12.53 5.47
CA LEU A 158 8.39 -12.35 4.13
C LEU A 158 8.40 -13.73 3.43
N PHE A 159 9.04 -14.70 4.09
CA PHE A 159 9.05 -16.10 3.67
C PHE A 159 8.00 -16.88 4.50
N GLU A 160 7.95 -16.57 5.81
CA GLU A 160 7.02 -17.19 6.77
C GLU A 160 7.03 -16.38 8.09
N SER A 161 5.93 -16.46 8.88
CA SER A 161 5.82 -15.76 10.18
C SER A 161 6.83 -16.34 11.17
N SER A 162 8.00 -15.69 11.22
CA SER A 162 9.16 -16.15 12.00
C SER A 162 8.88 -16.06 13.50
N ILE A 163 9.18 -17.16 14.22
CA ILE A 163 9.07 -17.22 15.69
C ILE A 163 10.25 -16.43 16.30
N ARG A 164 9.93 -15.55 17.28
CA ARG A 164 10.91 -14.67 17.91
C ARG A 164 11.68 -15.43 19.01
N MET A 1 18.23 32.86 -15.74
CA MET A 1 18.91 31.74 -16.43
C MET A 1 18.68 30.41 -15.69
N GLY A 2 17.80 30.44 -14.65
CA GLY A 2 17.36 29.23 -13.96
C GLY A 2 16.56 28.32 -14.87
N HIS A 3 17.26 27.43 -15.59
CA HIS A 3 16.67 26.57 -16.62
C HIS A 3 16.10 25.27 -16.01
N HIS A 4 15.18 25.40 -15.06
CA HIS A 4 14.52 24.25 -14.42
C HIS A 4 13.34 23.81 -15.30
N HIS A 5 13.54 22.73 -16.06
CA HIS A 5 12.50 22.14 -16.93
C HIS A 5 12.68 20.62 -16.97
N HIS A 6 11.55 19.91 -17.04
CA HIS A 6 11.50 18.44 -17.06
C HIS A 6 10.16 18.03 -17.66
N HIS A 7 10.20 17.29 -18.78
CA HIS A 7 8.99 16.79 -19.46
C HIS A 7 8.45 15.54 -18.76
N HIS A 8 7.22 15.17 -19.13
CA HIS A 8 6.52 13.99 -18.58
C HIS A 8 7.27 12.67 -18.86
N SER A 9 8.09 12.24 -17.89
CA SER A 9 8.74 10.92 -17.90
C SER A 9 7.72 9.88 -17.39
N HIS A 10 6.73 9.60 -18.25
CA HIS A 10 5.58 8.73 -17.92
C HIS A 10 5.99 7.26 -18.15
N MET A 11 6.58 6.69 -17.11
CA MET A 11 7.21 5.37 -17.14
C MET A 11 6.17 4.24 -17.13
N ASN A 12 5.68 3.90 -18.33
CA ASN A 12 4.77 2.77 -18.55
C ASN A 12 5.58 1.56 -19.06
N PHE A 13 5.51 0.45 -18.32
CA PHE A 13 6.23 -0.80 -18.63
C PHE A 13 5.26 -1.97 -18.53
N ASN A 14 5.76 -3.19 -18.80
CA ASN A 14 4.96 -4.42 -18.64
C ASN A 14 4.60 -4.59 -17.14
N THR A 15 3.38 -4.15 -16.80
CA THR A 15 2.87 -4.18 -15.43
C THR A 15 2.71 -5.63 -14.94
N ILE A 16 3.16 -5.84 -13.70
CA ILE A 16 3.01 -7.10 -12.98
C ILE A 16 1.52 -7.38 -12.71
N LEU A 17 0.77 -6.30 -12.43
CA LEU A 17 -0.67 -6.38 -12.14
C LEU A 17 -1.28 -4.98 -12.15
N GLU A 18 -2.48 -4.85 -12.73
CA GLU A 18 -3.28 -3.60 -12.69
C GLU A 18 -4.72 -3.95 -12.27
N GLU A 19 -5.32 -3.10 -11.43
CA GLU A 19 -6.70 -3.28 -10.95
C GLU A 19 -7.25 -1.95 -10.44
N ILE A 20 -8.59 -1.81 -10.51
CA ILE A 20 -9.29 -0.67 -9.94
C ILE A 20 -9.48 -0.96 -8.43
N LEU A 21 -8.52 -0.48 -7.64
CA LEU A 21 -8.51 -0.65 -6.18
C LEU A 21 -9.07 0.63 -5.53
N ILE A 22 -9.06 0.66 -4.19
CA ILE A 22 -9.42 1.85 -3.41
C ILE A 22 -8.25 2.22 -2.48
N LYS A 23 -8.15 3.52 -2.14
CA LYS A 23 -7.06 4.05 -1.32
C LYS A 23 -7.59 5.16 -0.41
N ARG A 24 -7.15 5.17 0.86
CA ARG A 24 -7.48 6.23 1.82
C ARG A 24 -6.49 7.40 1.63
N SER A 25 -6.95 8.62 1.93
CA SER A 25 -6.10 9.82 1.94
C SER A 25 -5.34 9.92 3.26
N GLN A 26 -4.15 10.55 3.21
CA GLN A 26 -3.41 10.95 4.42
C GLN A 26 -4.26 11.97 5.21
N GLN A 27 -4.80 11.52 6.33
CA GLN A 27 -5.75 12.28 7.15
C GLN A 27 -5.08 13.42 7.94
N LYS A 28 -5.93 14.20 8.63
CA LYS A 28 -5.51 15.30 9.49
C LYS A 28 -5.27 14.81 10.92
N LYS A 29 -4.93 15.73 11.84
CA LYS A 29 -4.96 15.47 13.29
C LYS A 29 -6.29 16.06 13.82
N LYS A 30 -7.36 15.74 13.08
CA LYS A 30 -8.74 16.12 13.36
C LYS A 30 -9.64 14.92 13.09
N THR A 31 -10.95 15.05 13.39
CA THR A 31 -11.95 14.03 13.03
C THR A 31 -12.27 14.14 11.51
N SER A 32 -11.28 13.75 10.72
CA SER A 32 -11.30 13.86 9.25
C SER A 32 -11.88 12.58 8.65
N PRO A 33 -12.82 12.69 7.64
CA PRO A 33 -13.52 11.51 7.07
C PRO A 33 -12.57 10.44 6.50
N LEU A 34 -12.82 9.17 6.89
CA LEU A 34 -12.17 8.00 6.28
C LEU A 34 -12.67 7.85 4.84
N ASN A 35 -12.06 8.62 3.92
CA ASN A 35 -12.48 8.62 2.52
C ASN A 35 -11.88 7.40 1.81
N TYR A 36 -12.76 6.63 1.16
CA TYR A 36 -12.39 5.44 0.39
C TYR A 36 -12.59 5.80 -1.07
N LYS A 37 -11.47 6.06 -1.79
CA LYS A 37 -11.53 6.59 -3.15
C LYS A 37 -11.06 5.54 -4.17
N GLU A 38 -11.88 5.38 -5.23
CA GLU A 38 -11.70 4.35 -6.26
C GLU A 38 -10.72 4.85 -7.32
N ARG A 39 -9.56 4.16 -7.44
CA ARG A 39 -8.47 4.55 -8.36
C ARG A 39 -7.84 3.32 -9.03
N LEU A 40 -7.13 3.59 -10.15
CA LEU A 40 -6.40 2.57 -10.92
C LEU A 40 -4.96 2.47 -10.41
N PHE A 41 -4.60 1.29 -9.89
CA PHE A 41 -3.23 0.97 -9.47
C PHE A 41 -2.55 0.14 -10.54
N VAL A 42 -1.39 0.61 -11.00
CA VAL A 42 -0.54 -0.08 -11.96
C VAL A 42 0.80 -0.39 -11.27
N LEU A 43 1.12 -1.68 -11.10
CA LEU A 43 2.36 -2.11 -10.46
C LEU A 43 3.34 -2.51 -11.56
N THR A 44 4.32 -1.64 -11.81
CA THR A 44 5.45 -1.96 -12.70
C THR A 44 6.58 -2.58 -11.87
N LYS A 45 7.61 -3.05 -12.57
CA LYS A 45 8.74 -3.77 -11.95
C LYS A 45 9.71 -2.81 -11.23
N SER A 46 9.55 -1.51 -11.51
CA SER A 46 10.36 -0.44 -10.89
C SER A 46 9.56 0.29 -9.79
N MET A 47 8.23 0.48 -10.03
CA MET A 47 7.38 1.33 -9.14
C MET A 47 5.95 0.76 -9.01
N LEU A 48 5.35 0.99 -7.84
CA LEU A 48 3.89 0.88 -7.64
C LEU A 48 3.31 2.29 -7.78
N THR A 49 2.70 2.57 -8.93
CA THR A 49 2.18 3.91 -9.27
C THR A 49 0.67 3.85 -9.52
N TYR A 50 -0.07 4.69 -8.81
CA TYR A 50 -1.52 4.83 -8.97
C TYR A 50 -1.78 6.10 -9.78
N TYR A 51 -2.62 5.98 -10.83
CA TYR A 51 -3.00 7.13 -11.68
C TYR A 51 -4.43 7.57 -11.40
N GLU A 52 -4.69 8.88 -11.59
CA GLU A 52 -5.98 9.53 -11.30
C GLU A 52 -6.30 10.65 -12.30
N GLY A 53 -7.59 11.00 -12.40
CA GLY A 53 -8.04 12.23 -13.05
C GLY A 53 -8.26 13.36 -12.04
N ARG A 54 -7.62 13.25 -10.86
CA ARG A 54 -7.83 14.16 -9.71
C ARG A 54 -6.86 15.37 -9.76
N ALA A 55 -6.60 15.90 -10.96
CA ALA A 55 -6.03 17.27 -11.11
C ALA A 55 -7.14 18.32 -10.84
N GLU A 56 -8.40 17.83 -10.90
CA GLU A 56 -9.62 18.54 -10.49
C GLU A 56 -9.52 19.03 -9.03
N LYS A 57 -9.11 18.12 -8.14
CA LYS A 57 -9.10 18.32 -6.67
C LYS A 57 -7.66 18.16 -6.15
N LYS A 58 -7.33 18.73 -4.97
CA LYS A 58 -6.02 18.50 -4.34
C LYS A 58 -6.07 17.19 -3.54
N TYR A 59 -5.95 16.08 -4.28
CA TYR A 59 -5.95 14.71 -3.74
C TYR A 59 -4.52 14.16 -3.85
N ARG A 60 -4.14 13.25 -2.91
CA ARG A 60 -2.79 12.67 -2.89
C ARG A 60 -2.53 11.83 -4.16
N LYS A 61 -1.71 12.42 -5.06
CA LYS A 61 -1.16 11.75 -6.25
C LYS A 61 0.36 11.67 -6.10
N GLY A 62 0.88 10.46 -6.31
CA GLY A 62 2.30 10.25 -6.32
C GLY A 62 2.65 8.89 -6.88
N PHE A 63 3.74 8.31 -6.38
CA PHE A 63 4.27 7.02 -6.82
C PHE A 63 5.17 6.45 -5.72
N ILE A 64 5.36 5.13 -5.72
CA ILE A 64 6.24 4.44 -4.75
C ILE A 64 7.25 3.60 -5.53
N ASP A 65 8.53 3.68 -5.15
CA ASP A 65 9.57 2.77 -5.67
C ASP A 65 9.46 1.44 -4.92
N VAL A 66 9.50 0.31 -5.66
CA VAL A 66 9.44 -1.04 -5.06
C VAL A 66 10.64 -1.27 -4.12
N SER A 67 11.79 -0.69 -4.50
CA SER A 67 13.03 -0.73 -3.72
C SER A 67 12.89 0.02 -2.38
N LYS A 68 12.05 1.08 -2.39
CA LYS A 68 11.83 1.96 -1.24
C LYS A 68 10.74 1.42 -0.28
N ILE A 69 10.08 0.32 -0.68
CA ILE A 69 9.10 -0.37 0.18
C ILE A 69 9.83 -1.12 1.31
N LYS A 70 9.36 -0.91 2.55
CA LYS A 70 9.92 -1.50 3.76
C LYS A 70 9.09 -2.71 4.25
N CYS A 71 7.82 -2.80 3.82
CA CYS A 71 6.89 -3.87 4.27
C CYS A 71 5.59 -3.82 3.48
N VAL A 72 5.07 -5.00 3.11
CA VAL A 72 3.70 -5.17 2.56
C VAL A 72 3.03 -6.35 3.27
N GLU A 73 1.89 -6.08 3.92
CA GLU A 73 1.07 -7.08 4.61
C GLU A 73 -0.35 -6.52 4.77
N ILE A 74 -1.30 -7.37 5.18
CA ILE A 74 -2.69 -6.93 5.38
C ILE A 74 -2.86 -6.10 6.65
N VAL A 75 -3.99 -5.39 6.74
CA VAL A 75 -4.33 -4.58 7.91
C VAL A 75 -5.26 -5.42 8.81
N LYS A 76 -4.72 -5.97 9.91
CA LYS A 76 -5.55 -6.62 10.93
C LYS A 76 -6.29 -5.51 11.70
N ASN A 77 -7.56 -5.29 11.32
CA ASN A 77 -8.36 -4.17 11.82
C ASN A 77 -9.58 -4.68 12.59
N ASP A 78 -10.32 -3.75 13.19
CA ASP A 78 -11.51 -4.05 14.02
C ASP A 78 -12.63 -4.75 13.21
N ASP A 79 -13.47 -5.53 13.93
CA ASP A 79 -14.57 -6.34 13.36
C ASP A 79 -15.58 -5.50 12.55
N GLY A 80 -15.63 -4.19 12.85
CA GLY A 80 -16.39 -3.23 12.07
C GLY A 80 -15.92 -3.18 10.63
N VAL A 81 -16.59 -3.97 9.79
CA VAL A 81 -16.27 -4.15 8.35
C VAL A 81 -16.22 -2.78 7.63
N ILE A 82 -15.22 -2.60 6.74
CA ILE A 82 -15.01 -1.34 6.01
C ILE A 82 -16.29 -0.99 5.20
N PRO A 83 -16.95 0.21 5.49
CA PRO A 83 -18.19 0.62 4.81
C PRO A 83 -17.90 1.08 3.38
N CYS A 84 -17.65 0.09 2.53
CA CYS A 84 -17.20 0.30 1.15
C CYS A 84 -17.35 -1.01 0.34
N GLN A 85 -17.31 -0.87 -1.00
CA GLN A 85 -17.29 -2.00 -1.95
C GLN A 85 -15.97 -2.80 -1.84
N ASN A 86 -14.90 -2.09 -1.43
CA ASN A 86 -13.59 -2.66 -1.10
C ASN A 86 -13.46 -2.73 0.43
N LYS A 87 -13.64 -3.94 0.99
CA LYS A 87 -13.80 -4.15 2.45
C LYS A 87 -12.62 -4.92 3.06
N TYR A 88 -11.60 -5.29 2.26
CA TYR A 88 -10.43 -6.00 2.78
C TYR A 88 -9.15 -5.19 2.48
N PRO A 89 -8.67 -4.36 3.47
CA PRO A 89 -7.48 -3.52 3.28
C PRO A 89 -6.15 -4.29 3.48
N PHE A 90 -5.19 -3.95 2.63
CA PHE A 90 -3.77 -4.23 2.86
C PHE A 90 -3.01 -2.90 2.88
N GLN A 91 -1.75 -2.94 3.30
CA GLN A 91 -0.93 -1.75 3.46
C GLN A 91 0.46 -1.96 2.89
N VAL A 92 1.09 -0.84 2.51
CA VAL A 92 2.44 -0.80 1.95
C VAL A 92 3.21 0.25 2.74
N VAL A 93 4.04 -0.18 3.70
CA VAL A 93 4.98 0.70 4.39
C VAL A 93 6.16 0.95 3.45
N HIS A 94 6.55 2.21 3.30
CA HIS A 94 7.64 2.62 2.39
C HIS A 94 8.33 3.87 2.93
N ASP A 95 9.34 4.32 2.17
CA ASP A 95 10.26 5.43 2.50
C ASP A 95 9.55 6.69 3.09
N ALA A 96 8.38 7.05 2.55
CA ALA A 96 7.65 8.27 2.94
C ALA A 96 6.73 8.01 4.14
N ASN A 97 5.84 7.02 4.00
CA ASN A 97 4.79 6.75 5.00
C ASN A 97 4.27 5.31 4.88
N THR A 98 3.22 5.01 5.65
CA THR A 98 2.47 3.76 5.54
C THR A 98 1.18 4.02 4.73
N LEU A 99 1.13 3.49 3.50
CA LEU A 99 -0.02 3.65 2.59
C LEU A 99 -1.06 2.55 2.86
N TYR A 100 -2.36 2.85 2.65
CA TYR A 100 -3.47 1.90 2.88
C TYR A 100 -4.30 1.74 1.61
N ILE A 101 -4.15 0.58 0.97
CA ILE A 101 -4.85 0.23 -0.27
C ILE A 101 -5.91 -0.85 0.04
N PHE A 102 -7.19 -0.48 -0.08
CA PHE A 102 -8.34 -1.38 0.12
C PHE A 102 -8.58 -2.19 -1.15
N ALA A 103 -8.60 -3.52 -1.01
CA ALA A 103 -8.89 -4.45 -2.11
C ALA A 103 -10.38 -4.82 -2.13
N PRO A 104 -11.01 -5.04 -3.34
CA PRO A 104 -12.45 -5.44 -3.48
C PRO A 104 -12.84 -6.63 -2.60
N SER A 105 -11.91 -7.59 -2.49
CA SER A 105 -12.10 -8.83 -1.73
C SER A 105 -10.74 -9.31 -1.20
N PRO A 106 -10.72 -10.34 -0.27
CA PRO A 106 -9.47 -11.08 0.08
C PRO A 106 -8.88 -11.85 -1.15
N GLN A 107 -9.66 -11.97 -2.24
CA GLN A 107 -9.24 -12.66 -3.46
C GLN A 107 -8.26 -11.76 -4.24
N SER A 108 -8.73 -10.53 -4.55
CA SER A 108 -7.93 -9.47 -5.18
C SER A 108 -6.68 -9.15 -4.33
N ARG A 109 -6.91 -9.05 -3.01
CA ARG A 109 -5.86 -8.85 -1.98
C ARG A 109 -4.74 -9.88 -2.14
N ASP A 110 -5.14 -11.16 -2.26
CA ASP A 110 -4.23 -12.31 -2.23
C ASP A 110 -3.15 -12.20 -3.28
N LEU A 111 -3.56 -11.80 -4.49
CA LEU A 111 -2.66 -11.63 -5.63
C LEU A 111 -1.76 -10.39 -5.44
N TRP A 112 -2.35 -9.24 -5.04
CA TRP A 112 -1.60 -7.97 -4.86
C TRP A 112 -0.48 -8.07 -3.79
N VAL A 113 -0.85 -8.50 -2.56
CA VAL A 113 0.10 -8.61 -1.43
C VAL A 113 1.23 -9.61 -1.76
N LYS A 114 0.86 -10.72 -2.42
CA LYS A 114 1.81 -11.76 -2.86
C LYS A 114 2.85 -11.20 -3.82
N LYS A 115 2.38 -10.50 -4.88
CA LYS A 115 3.24 -9.90 -5.91
C LYS A 115 4.24 -8.90 -5.30
N LEU A 116 3.72 -8.02 -4.43
CA LEU A 116 4.50 -6.99 -3.75
C LEU A 116 5.60 -7.62 -2.86
N LYS A 117 5.21 -8.55 -1.95
CA LYS A 117 6.15 -9.32 -1.09
C LYS A 117 7.25 -10.06 -1.88
N GLU A 118 6.87 -10.65 -3.02
CA GLU A 118 7.81 -11.33 -3.92
C GLU A 118 8.81 -10.36 -4.59
N GLU A 119 8.38 -9.12 -4.84
CA GLU A 119 9.26 -8.08 -5.43
C GLU A 119 10.20 -7.48 -4.37
N ILE A 120 9.67 -7.26 -3.16
CA ILE A 120 10.39 -6.52 -2.11
C ILE A 120 11.30 -7.45 -1.28
N LYS A 121 11.18 -8.78 -1.49
CA LYS A 121 12.04 -9.76 -0.79
C LYS A 121 13.48 -9.69 -1.32
N ASN A 122 13.62 -9.18 -2.56
CA ASN A 122 14.93 -8.94 -3.20
C ASN A 122 15.56 -7.64 -2.68
N ASN A 123 14.77 -6.84 -1.95
CA ASN A 123 15.20 -5.57 -1.34
C ASN A 123 15.55 -5.82 0.13
N ASN A 124 16.64 -5.19 0.59
CA ASN A 124 17.11 -5.30 1.99
C ASN A 124 16.63 -4.11 2.83
N ASN A 125 15.52 -3.49 2.41
CA ASN A 125 14.89 -2.35 3.08
C ASN A 125 13.77 -2.85 4.04
N ILE A 126 13.65 -4.18 4.16
CA ILE A 126 12.51 -4.83 4.80
C ILE A 126 12.67 -4.85 6.31
N MET A 127 11.74 -4.18 6.99
CA MET A 127 11.67 -4.17 8.45
C MET A 127 11.14 -5.53 8.92
N ILE A 128 11.80 -6.10 9.94
CA ILE A 128 11.44 -7.40 10.53
C ILE A 128 10.07 -7.32 11.26
N LYS A 129 9.63 -6.08 11.55
CA LYS A 129 8.35 -5.76 12.21
C LYS A 129 7.62 -4.69 11.38
N TYR A 130 6.33 -4.45 11.70
CA TYR A 130 5.52 -3.35 11.12
C TYR A 130 4.37 -2.98 12.06
N HIS A 131 3.62 -1.93 11.66
CA HIS A 131 2.42 -1.46 12.37
C HIS A 131 1.17 -1.78 11.52
N PRO A 132 0.40 -2.86 11.85
CA PRO A 132 -0.68 -3.41 10.98
C PRO A 132 -2.06 -2.76 11.19
N LYS A 133 -2.11 -1.67 11.97
CA LYS A 133 -3.35 -0.90 12.21
C LYS A 133 -3.34 0.36 11.33
N PHE A 134 -4.46 1.11 11.37
CA PHE A 134 -4.66 2.30 10.53
C PHE A 134 -4.00 3.53 11.19
N TRP A 135 -2.94 4.05 10.54
CA TRP A 135 -2.29 5.29 10.93
C TRP A 135 -3.19 6.49 10.65
N THR A 136 -3.98 6.83 11.66
CA THR A 136 -4.77 8.05 11.74
C THR A 136 -4.25 8.81 12.97
N ASP A 137 -3.76 10.05 12.80
CA ASP A 137 -2.97 10.74 13.83
C ASP A 137 -3.87 11.17 15.01
N GLY A 138 -3.31 11.08 16.24
CA GLY A 138 -4.03 11.39 17.47
C GLY A 138 -5.13 10.38 17.78
N SER A 139 -4.85 9.10 17.50
CA SER A 139 -5.82 7.99 17.65
C SER A 139 -5.12 6.78 18.30
N TYR A 140 -5.83 5.63 18.38
CA TYR A 140 -5.30 4.41 18.98
C TYR A 140 -4.96 3.39 17.89
N GLN A 141 -3.67 3.32 17.54
CA GLN A 141 -3.11 2.30 16.64
C GLN A 141 -2.73 1.04 17.45
N CYS A 142 -1.91 0.17 16.83
CA CYS A 142 -1.34 -1.04 17.46
C CYS A 142 -0.59 -0.68 18.76
N CYS A 143 0.52 0.08 18.62
CA CYS A 143 1.28 0.62 19.76
C CYS A 143 0.90 2.09 20.04
N ARG A 144 -0.13 2.58 19.32
CA ARG A 144 -0.67 3.96 19.42
C ARG A 144 0.30 5.01 18.85
N GLN A 145 1.37 4.54 18.17
CA GLN A 145 2.39 5.43 17.57
C GLN A 145 1.92 5.95 16.22
N THR A 146 2.10 7.27 16.02
CA THR A 146 1.75 7.99 14.79
C THR A 146 2.57 9.29 14.71
N GLU A 147 3.84 9.14 14.31
CA GLU A 147 4.82 10.24 14.22
C GLU A 147 5.63 10.11 12.94
N LYS A 148 6.34 9.00 12.84
CA LYS A 148 7.30 8.71 11.78
C LYS A 148 7.49 7.19 11.75
N LEU A 149 8.00 6.67 10.62
CA LEU A 149 8.29 5.23 10.42
C LEU A 149 9.10 4.64 11.59
N ALA A 150 8.39 4.04 12.54
CA ALA A 150 8.99 3.30 13.65
C ALA A 150 9.20 1.84 13.18
N PRO A 151 10.26 1.11 13.70
CA PRO A 151 10.60 -0.26 13.23
C PRO A 151 9.40 -1.23 13.21
N GLY A 152 8.48 -1.06 14.18
CA GLY A 152 7.26 -1.85 14.26
C GLY A 152 7.10 -2.50 15.62
N CYS A 153 5.87 -2.91 15.93
CA CYS A 153 5.52 -3.62 17.18
C CYS A 153 5.20 -5.09 16.88
N GLU A 154 4.55 -5.33 15.73
CA GLU A 154 4.07 -6.66 15.33
C GLU A 154 5.08 -7.32 14.39
N LYS A 155 5.25 -8.65 14.52
CA LYS A 155 6.16 -9.44 13.68
C LYS A 155 5.73 -9.39 12.19
N TYR A 156 6.70 -9.16 11.29
CA TYR A 156 6.48 -9.27 9.84
C TYR A 156 7.17 -10.53 9.31
N ASN A 157 6.38 -11.53 8.89
CA ASN A 157 6.90 -12.76 8.28
C ASN A 157 6.85 -12.63 6.74
N LEU A 158 7.97 -12.18 6.17
CA LEU A 158 8.16 -12.06 4.71
C LEU A 158 8.21 -13.45 4.05
N PHE A 159 8.88 -14.39 4.75
CA PHE A 159 8.99 -15.79 4.33
C PHE A 159 8.19 -16.67 5.30
N GLU A 160 7.07 -17.17 4.80
CA GLU A 160 6.19 -18.13 5.50
C GLU A 160 6.30 -19.52 4.84
N SER A 161 7.10 -19.60 3.76
CA SER A 161 7.40 -20.84 3.05
C SER A 161 8.40 -21.68 3.86
N SER A 162 8.02 -22.93 4.19
CA SER A 162 8.81 -23.83 5.04
C SER A 162 10.05 -24.36 4.30
N ILE A 163 11.21 -23.76 4.62
CA ILE A 163 12.53 -24.16 4.10
C ILE A 163 12.94 -25.48 4.75
N ARG A 164 13.00 -26.56 3.96
CA ARG A 164 13.35 -27.90 4.44
C ARG A 164 14.88 -27.98 4.72
#